data_2N13
#
_entry.id   2N13
#
loop_
_entity.id
_entity.type
_entity.pdbx_description
1 polymer 'Unconventional myosin-VI'
2 polymer Ubiquitin
3 polymer Ubiquitin
#
loop_
_entity_poly.entity_id
_entity_poly.type
_entity_poly.pdbx_seq_one_letter_code
_entity_poly.pdbx_strand_id
1 'polypeptide(L)' GTKKYDLSKWKYAELRDTINTSCDIELLAACREEFHRRLKVYH A,D
2 'polypeptide(L)' MQIFVKTLTGKTITLEVEPSDTIENVKAKIQDKEGIPPDQQRLIFAGKQLEDGRTLSDYNIQRESTLHLVLRLRGG B
3 'polypeptide(L)' MQIFVKTLTGKTITLEVEPSDTIENVKAKIQDKEGIPPDQQRLIFAGKQLEDGRTLSDYNIQKESTLHLVLRLRGC C
#
# COMPACT_ATOMS: atom_id res chain seq x y z
N GLY A 1 -7.61 22.13 -6.63
CA GLY A 1 -6.22 22.11 -6.19
C GLY A 1 -5.83 23.44 -5.56
N THR A 2 -5.48 23.41 -4.28
CA THR A 2 -5.08 24.63 -3.57
C THR A 2 -4.55 24.29 -2.18
N LYS A 3 -3.40 24.86 -1.85
CA LYS A 3 -2.79 24.62 -0.55
C LYS A 3 -2.50 23.13 -0.36
N LYS A 4 -1.22 22.80 -0.17
CA LYS A 4 -0.83 21.41 0.02
C LYS A 4 -1.22 20.92 1.41
N TYR A 5 -0.52 19.89 1.89
CA TYR A 5 -0.80 19.33 3.21
C TYR A 5 0.49 19.20 4.02
N ASP A 6 0.41 19.51 5.31
CA ASP A 6 1.58 19.43 6.17
C ASP A 6 1.85 17.97 6.58
N LEU A 7 2.69 17.30 5.81
CA LEU A 7 3.03 15.91 6.10
C LEU A 7 4.25 15.83 6.99
N SER A 8 4.35 16.76 7.94
CA SER A 8 5.48 16.77 8.87
C SER A 8 5.29 15.74 9.98
N LYS A 9 4.03 15.50 10.35
CA LYS A 9 3.72 14.54 11.41
C LYS A 9 3.71 13.13 10.85
N TRP A 10 4.00 13.00 9.56
CA TRP A 10 4.01 11.69 8.91
C TRP A 10 5.35 10.99 9.16
N LYS A 11 5.46 9.76 8.68
CA LYS A 11 6.69 8.98 8.85
C LYS A 11 7.24 8.55 7.50
N TYR A 12 8.47 8.04 7.50
CA TYR A 12 9.11 7.60 6.27
C TYR A 12 8.32 6.44 5.64
N ALA A 13 7.97 5.46 6.47
CA ALA A 13 7.23 4.31 5.98
C ALA A 13 5.88 4.73 5.40
N GLU A 14 5.16 5.58 6.12
CA GLU A 14 3.87 6.06 5.66
C GLU A 14 3.99 6.73 4.30
N LEU A 15 4.84 7.75 4.22
CA LEU A 15 5.04 8.48 2.98
C LEU A 15 5.36 7.50 1.84
N ARG A 16 6.47 6.77 2.00
CA ARG A 16 6.88 5.81 0.99
C ARG A 16 5.73 4.87 0.67
N ASP A 17 5.17 4.26 1.71
CA ASP A 17 4.05 3.33 1.53
C ASP A 17 2.97 3.99 0.69
N THR A 18 2.56 5.19 1.11
CA THR A 18 1.52 5.93 0.39
C THR A 18 1.83 5.95 -1.10
N ILE A 19 3.05 6.35 -1.45
CA ILE A 19 3.44 6.40 -2.84
C ILE A 19 3.54 5.01 -3.45
N ASN A 20 3.69 4.00 -2.59
CA ASN A 20 3.81 2.62 -3.04
C ASN A 20 2.52 1.84 -2.79
N THR A 21 1.49 2.52 -2.28
CA THR A 21 0.22 1.85 -2.01
C THR A 21 -0.96 2.78 -2.26
N SER A 22 -0.67 4.03 -2.63
CA SER A 22 -1.73 5.01 -2.89
C SER A 22 -1.68 5.49 -4.33
N CYS A 23 -2.78 6.11 -4.76
CA CYS A 23 -2.88 6.62 -6.13
C CYS A 23 -3.57 7.98 -6.13
N ASP A 24 -2.79 9.04 -5.97
CA ASP A 24 -3.33 10.39 -5.96
C ASP A 24 -2.24 11.41 -6.26
N ILE A 25 -2.19 11.84 -7.52
CA ILE A 25 -1.19 12.80 -7.95
C ILE A 25 -0.98 13.88 -6.89
N GLU A 26 -2.07 14.29 -6.24
CA GLU A 26 -2.00 15.31 -5.21
C GLU A 26 -1.11 14.84 -4.06
N LEU A 27 -1.48 13.72 -3.45
CA LEU A 27 -0.70 13.17 -2.35
C LEU A 27 0.72 12.86 -2.81
N LEU A 28 0.83 12.19 -3.96
CA LEU A 28 2.13 11.84 -4.51
C LEU A 28 3.04 13.06 -4.54
N ALA A 29 2.49 14.19 -4.97
CA ALA A 29 3.26 15.43 -5.05
C ALA A 29 3.66 15.89 -3.65
N ALA A 30 2.68 15.93 -2.76
CA ALA A 30 2.93 16.36 -1.38
C ALA A 30 3.96 15.45 -0.73
N CYS A 31 3.79 14.15 -0.91
CA CYS A 31 4.72 13.17 -0.34
C CYS A 31 6.11 13.37 -0.92
N ARG A 32 6.18 13.55 -2.24
CA ARG A 32 7.47 13.74 -2.90
C ARG A 32 8.10 15.07 -2.45
N GLU A 33 7.26 16.02 -2.06
CA GLU A 33 7.75 17.32 -1.62
C GLU A 33 8.43 17.17 -0.26
N GLU A 34 7.67 16.74 0.73
CA GLU A 34 8.20 16.54 2.07
C GLU A 34 9.41 15.60 2.00
N PHE A 35 9.35 14.62 1.10
CA PHE A 35 10.44 13.68 0.94
C PHE A 35 11.72 14.39 0.49
N HIS A 36 11.57 15.22 -0.55
CA HIS A 36 12.71 15.97 -1.06
C HIS A 36 13.23 16.95 -0.02
N ARG A 37 12.30 17.60 0.68
CA ARG A 37 12.67 18.56 1.70
C ARG A 37 13.57 17.90 2.74
N ARG A 38 13.12 16.79 3.30
CA ARG A 38 13.89 16.07 4.29
C ARG A 38 15.34 15.93 3.86
N LEU A 39 15.54 15.78 2.55
CA LEU A 39 16.90 15.63 2.01
C LEU A 39 17.57 16.99 1.89
N LYS A 40 16.79 18.01 1.55
CA LYS A 40 17.33 19.36 1.40
C LYS A 40 17.34 20.08 2.75
N VAL A 41 16.71 19.48 3.75
CA VAL A 41 16.66 20.07 5.08
C VAL A 41 17.72 19.45 5.99
N TYR A 42 18.56 20.30 6.57
CA TYR A 42 19.63 19.84 7.46
C TYR A 42 20.16 21.00 8.30
N HIS A 43 19.68 21.09 9.54
CA HIS A 43 20.12 22.15 10.43
C HIS A 43 21.53 21.87 10.96
N MET B 1 -1.12 2.04 -30.21
CA MET B 1 -2.03 2.51 -29.12
C MET B 1 -1.42 3.73 -28.44
N GLN B 2 -2.08 4.87 -28.56
CA GLN B 2 -1.60 6.10 -27.95
C GLN B 2 -2.05 6.20 -26.51
N ILE B 3 -1.12 6.55 -25.61
CA ILE B 3 -1.44 6.67 -24.19
C ILE B 3 -0.87 7.96 -23.62
N PHE B 4 -1.55 8.52 -22.64
CA PHE B 4 -1.11 9.76 -22.00
C PHE B 4 -0.44 9.49 -20.66
N VAL B 5 0.58 10.27 -20.35
CA VAL B 5 1.31 10.10 -19.08
C VAL B 5 1.38 11.44 -18.35
N LYS B 6 0.62 11.55 -17.26
CA LYS B 6 0.60 12.78 -16.47
C LYS B 6 1.80 12.83 -15.53
N THR B 7 2.47 13.96 -15.51
CA THR B 7 3.64 14.14 -14.63
C THR B 7 3.20 14.68 -13.28
N LEU B 8 4.17 15.08 -12.47
CA LEU B 8 3.88 15.60 -11.14
C LEU B 8 3.35 17.03 -11.24
N THR B 9 4.12 17.90 -11.89
CA THR B 9 3.72 19.28 -12.04
C THR B 9 2.35 19.38 -12.72
N GLY B 10 2.19 18.64 -13.81
CA GLY B 10 0.93 18.64 -14.55
C GLY B 10 1.17 18.46 -16.04
N LYS B 11 2.43 18.37 -16.43
CA LYS B 11 2.77 18.18 -17.84
C LYS B 11 2.49 16.76 -18.28
N THR B 12 1.69 16.62 -19.33
CA THR B 12 1.34 15.30 -19.86
C THR B 12 2.23 14.94 -21.04
N ILE B 13 2.40 13.64 -21.29
CA ILE B 13 3.23 13.17 -22.39
C ILE B 13 2.52 12.07 -23.17
N THR B 14 2.46 12.24 -24.49
CA THR B 14 1.80 11.26 -25.35
C THR B 14 2.82 10.24 -25.86
N LEU B 15 2.63 8.98 -25.49
CA LEU B 15 3.54 7.91 -25.92
C LEU B 15 2.79 6.85 -26.73
N GLU B 16 3.36 6.50 -27.88
CA GLU B 16 2.75 5.50 -28.75
C GLU B 16 3.24 4.11 -28.35
N VAL B 17 2.31 3.22 -28.04
CA VAL B 17 2.65 1.86 -27.64
C VAL B 17 1.58 0.87 -28.08
N GLU B 18 1.67 -0.36 -27.57
CA GLU B 18 0.70 -1.40 -27.89
C GLU B 18 0.39 -2.23 -26.65
N PRO B 19 -0.81 -2.75 -26.55
CA PRO B 19 -1.23 -3.57 -25.37
C PRO B 19 -0.19 -4.62 -24.98
N SER B 20 0.69 -4.96 -25.92
CA SER B 20 1.72 -5.97 -25.65
C SER B 20 3.03 -5.31 -25.20
N ASP B 21 2.98 -4.02 -24.90
CA ASP B 21 4.17 -3.32 -24.45
C ASP B 21 4.39 -3.51 -22.96
N THR B 22 5.63 -3.78 -22.57
CA THR B 22 5.96 -4.00 -21.18
C THR B 22 6.21 -2.67 -20.47
N ILE B 23 5.60 -2.51 -19.30
CA ILE B 23 5.76 -1.28 -18.52
C ILE B 23 7.22 -0.84 -18.54
N GLU B 24 8.12 -1.82 -18.61
CA GLU B 24 9.55 -1.52 -18.65
C GLU B 24 9.92 -0.81 -19.94
N ASN B 25 9.31 -1.24 -21.04
CA ASN B 25 9.57 -0.63 -22.34
C ASN B 25 9.08 0.81 -22.33
N VAL B 26 7.93 1.04 -21.70
CA VAL B 26 7.37 2.38 -21.62
C VAL B 26 8.29 3.28 -20.80
N LYS B 27 8.65 2.82 -19.60
CA LYS B 27 9.53 3.59 -18.73
C LYS B 27 10.76 4.03 -19.51
N ALA B 28 11.27 3.15 -20.36
CA ALA B 28 12.45 3.46 -21.16
C ALA B 28 12.15 4.60 -22.12
N LYS B 29 11.00 4.52 -22.79
CA LYS B 29 10.61 5.56 -23.73
C LYS B 29 10.60 6.93 -23.04
N ILE B 30 10.14 6.95 -21.79
CA ILE B 30 10.08 8.19 -21.03
C ILE B 30 11.50 8.67 -20.71
N GLN B 31 12.37 7.73 -20.37
CA GLN B 31 13.75 8.06 -20.05
C GLN B 31 14.42 8.77 -21.21
N ASP B 32 13.99 8.44 -22.43
CA ASP B 32 14.55 9.05 -23.62
C ASP B 32 13.98 10.45 -23.82
N LYS B 33 12.67 10.58 -23.61
CA LYS B 33 12.01 11.87 -23.78
C LYS B 33 12.52 12.87 -22.76
N GLU B 34 12.29 12.58 -21.48
CA GLU B 34 12.73 13.47 -20.42
C GLU B 34 14.18 13.17 -20.02
N GLY B 35 14.35 12.57 -18.85
CA GLY B 35 15.68 12.22 -18.36
C GLY B 35 15.59 11.41 -17.07
N ILE B 36 14.38 10.95 -16.76
CA ILE B 36 14.16 10.16 -15.55
C ILE B 36 14.44 8.67 -15.84
N PRO B 37 15.43 8.08 -15.21
CA PRO B 37 15.75 6.65 -15.44
C PRO B 37 14.61 5.74 -14.97
N PRO B 38 14.49 4.58 -15.56
CA PRO B 38 13.42 3.60 -15.20
C PRO B 38 13.31 3.40 -13.68
N ASP B 39 14.34 2.80 -13.10
CA ASP B 39 14.35 2.55 -11.65
C ASP B 39 13.78 3.74 -10.89
N GLN B 40 13.83 4.93 -11.51
CA GLN B 40 13.33 6.14 -10.88
C GLN B 40 11.95 6.50 -11.43
N GLN B 41 11.16 5.48 -11.78
CA GLN B 41 9.83 5.71 -12.32
C GLN B 41 8.81 4.78 -11.66
N ARG B 42 7.53 5.11 -11.83
CA ARG B 42 6.45 4.31 -11.25
C ARG B 42 5.11 4.77 -11.81
N LEU B 43 4.54 3.97 -12.70
CA LEU B 43 3.26 4.32 -13.32
C LEU B 43 2.09 3.78 -12.50
N ILE B 44 1.03 4.59 -12.42
CA ILE B 44 -0.18 4.20 -11.67
C ILE B 44 -1.40 4.35 -12.56
N PHE B 45 -2.26 3.32 -12.56
CA PHE B 45 -3.47 3.35 -13.37
C PHE B 45 -4.64 2.73 -12.61
N ALA B 46 -5.86 3.10 -12.99
CA ALA B 46 -7.05 2.57 -12.34
C ALA B 46 -6.85 2.50 -10.83
N GLY B 47 -5.99 3.35 -10.31
CA GLY B 47 -5.70 3.37 -8.88
C GLY B 47 -4.90 2.13 -8.47
N LYS B 48 -3.97 1.71 -9.32
CA LYS B 48 -3.15 0.54 -9.04
C LYS B 48 -1.76 0.71 -9.64
N GLN B 49 -0.74 0.40 -8.83
CA GLN B 49 0.64 0.52 -9.30
C GLN B 49 0.93 -0.54 -10.36
N LEU B 50 1.65 -0.14 -11.41
CA LEU B 50 1.99 -1.07 -12.49
C LEU B 50 3.38 -1.66 -12.26
N GLU B 51 3.50 -2.97 -12.49
CA GLU B 51 4.77 -3.66 -12.32
C GLU B 51 5.63 -3.52 -13.57
N ASP B 52 6.92 -3.80 -13.41
CA ASP B 52 7.86 -3.69 -14.53
C ASP B 52 7.78 -4.94 -15.41
N GLY B 53 7.58 -6.09 -14.79
CA GLY B 53 7.50 -7.35 -15.52
C GLY B 53 6.07 -7.65 -15.98
N ARG B 54 5.37 -6.61 -16.43
CA ARG B 54 3.99 -6.77 -16.89
C ARG B 54 3.77 -5.92 -18.15
N THR B 55 2.61 -6.12 -18.79
CA THR B 55 2.28 -5.36 -20.00
C THR B 55 1.09 -4.44 -19.76
N LEU B 56 0.86 -3.53 -20.69
CA LEU B 56 -0.25 -2.60 -20.57
C LEU B 56 -1.58 -3.34 -20.56
N SER B 57 -1.69 -4.37 -21.39
CA SER B 57 -2.92 -5.15 -21.46
C SER B 57 -3.21 -5.85 -20.14
N ASP B 58 -2.14 -6.19 -19.41
CA ASP B 58 -2.30 -6.87 -18.14
C ASP B 58 -2.90 -5.93 -17.09
N TYR B 59 -3.37 -4.77 -17.54
CA TYR B 59 -3.97 -3.79 -16.64
C TYR B 59 -5.19 -3.14 -17.29
N ASN B 60 -5.65 -3.73 -18.39
CA ASN B 60 -6.82 -3.20 -19.09
C ASN B 60 -6.56 -1.77 -19.55
N ILE B 61 -5.28 -1.42 -19.69
CA ILE B 61 -4.93 -0.07 -20.13
C ILE B 61 -5.15 0.09 -21.63
N GLN B 62 -6.32 0.61 -21.99
CA GLN B 62 -6.66 0.80 -23.39
C GLN B 62 -6.01 2.07 -23.93
N ARG B 63 -6.58 2.62 -25.00
CA ARG B 63 -6.04 3.84 -25.60
C ARG B 63 -6.49 5.07 -24.84
N GLU B 64 -5.76 6.17 -25.02
CA GLU B 64 -6.09 7.41 -24.34
C GLU B 64 -6.17 7.20 -22.82
N SER B 65 -5.30 6.33 -22.31
CA SER B 65 -5.28 6.05 -20.88
C SER B 65 -4.37 7.03 -20.15
N THR B 66 -4.83 7.51 -18.99
CA THR B 66 -4.04 8.46 -18.21
C THR B 66 -3.19 7.72 -17.18
N LEU B 67 -1.89 7.68 -17.41
CA LEU B 67 -0.96 7.00 -16.50
C LEU B 67 -0.27 8.01 -15.59
N HIS B 68 -0.41 7.80 -14.28
CA HIS B 68 0.23 8.71 -13.31
C HIS B 68 1.69 8.34 -13.13
N LEU B 69 2.58 9.22 -13.60
CA LEU B 69 4.02 8.97 -13.50
C LEU B 69 4.56 9.54 -12.18
N VAL B 70 5.18 8.67 -11.38
CA VAL B 70 5.75 9.09 -10.10
C VAL B 70 7.23 8.75 -10.05
N LEU B 71 8.04 9.67 -9.51
CA LEU B 71 9.47 9.45 -9.41
C LEU B 71 9.80 8.58 -8.21
N ARG B 72 10.07 7.29 -8.46
CA ARG B 72 10.39 6.37 -7.39
C ARG B 72 11.61 6.86 -6.61
N LEU B 73 11.36 7.42 -5.43
CA LEU B 73 12.45 7.93 -4.60
C LEU B 73 13.28 6.77 -4.04
N ARG B 74 14.54 6.69 -4.46
CA ARG B 74 15.43 5.64 -4.00
C ARG B 74 16.09 6.04 -2.69
N GLY B 75 16.06 5.13 -1.71
CA GLY B 75 16.66 5.40 -0.41
C GLY B 75 16.48 4.22 0.53
N GLY B 76 15.29 4.11 1.11
CA GLY B 76 14.99 3.01 2.04
C GLY B 76 15.49 1.67 1.46
N MET C 1 15.97 -9.24 4.44
CA MET C 1 15.20 -7.99 4.62
C MET C 1 14.60 -7.96 6.03
N GLN C 2 14.24 -6.76 6.49
CA GLN C 2 13.65 -6.60 7.82
C GLN C 2 12.34 -5.85 7.72
N ILE C 3 11.23 -6.54 8.03
CA ILE C 3 9.92 -5.93 7.98
C ILE C 3 9.34 -5.75 9.37
N PHE C 4 8.52 -4.71 9.54
CA PHE C 4 7.91 -4.43 10.83
C PHE C 4 6.44 -4.85 10.82
N VAL C 5 5.89 -5.10 12.01
CA VAL C 5 4.48 -5.51 12.12
C VAL C 5 3.82 -4.76 13.27
N LYS C 6 2.99 -3.78 12.92
CA LYS C 6 2.29 -2.98 13.92
C LYS C 6 1.05 -3.72 14.42
N THR C 7 0.92 -3.81 15.74
CA THR C 7 -0.22 -4.50 16.34
C THR C 7 -1.38 -3.52 16.52
N LEU C 8 -2.43 -3.96 17.22
CA LEU C 8 -3.58 -3.12 17.46
C LEU C 8 -3.25 -2.01 18.44
N THR C 9 -2.83 -2.41 19.64
CA THR C 9 -2.49 -1.42 20.67
C THR C 9 -1.41 -0.48 20.16
N GLY C 10 -0.37 -1.04 19.55
CA GLY C 10 0.73 -0.23 19.02
C GLY C 10 2.03 -1.01 19.04
N LYS C 11 2.03 -2.13 19.75
CA LYS C 11 3.23 -2.96 19.86
C LYS C 11 3.70 -3.39 18.47
N THR C 12 4.92 -2.97 18.10
CA THR C 12 5.47 -3.34 16.81
C THR C 12 6.40 -4.54 16.93
N ILE C 13 6.56 -5.28 15.84
CA ILE C 13 7.42 -6.46 15.84
C ILE C 13 8.28 -6.50 14.59
N THR C 14 9.60 -6.61 14.77
CA THR C 14 10.53 -6.66 13.65
C THR C 14 10.91 -8.10 13.34
N LEU C 15 10.78 -8.48 12.07
CA LEU C 15 11.11 -9.85 11.65
C LEU C 15 11.99 -9.83 10.41
N GLU C 16 13.02 -10.67 10.41
CA GLU C 16 13.93 -10.76 9.28
C GLU C 16 13.39 -11.73 8.24
N VAL C 17 13.23 -11.26 7.01
CA VAL C 17 12.71 -12.10 5.94
C VAL C 17 13.31 -11.71 4.59
N GLU C 18 12.82 -12.34 3.53
CA GLU C 18 13.30 -12.06 2.18
C GLU C 18 12.10 -11.89 1.23
N PRO C 19 12.26 -11.12 0.18
CA PRO C 19 11.17 -10.87 -0.80
C PRO C 19 10.46 -12.16 -1.23
N SER C 20 11.17 -13.28 -1.15
CA SER C 20 10.59 -14.56 -1.55
C SER C 20 9.71 -15.13 -0.44
N ASP C 21 10.02 -14.80 0.81
CA ASP C 21 9.24 -15.30 1.94
C ASP C 21 7.76 -15.23 1.63
N THR C 22 7.04 -16.31 1.96
CA THR C 22 5.60 -16.37 1.72
C THR C 22 4.84 -15.82 2.92
N ILE C 23 3.79 -15.06 2.65
CA ILE C 23 2.98 -14.49 3.72
C ILE C 23 2.71 -15.51 4.81
N GLU C 24 2.31 -16.71 4.40
CA GLU C 24 2.02 -17.78 5.35
C GLU C 24 3.24 -18.03 6.24
N ASN C 25 4.43 -17.86 5.68
CA ASN C 25 5.66 -18.06 6.43
C ASN C 25 5.80 -16.99 7.50
N VAL C 26 5.49 -15.75 7.14
CA VAL C 26 5.59 -14.64 8.07
C VAL C 26 4.60 -14.84 9.23
N LYS C 27 3.36 -15.17 8.88
CA LYS C 27 2.34 -15.39 9.89
C LYS C 27 2.79 -16.46 10.88
N ALA C 28 3.47 -17.48 10.37
CA ALA C 28 3.97 -18.55 11.22
C ALA C 28 5.00 -18.01 12.21
N LYS C 29 5.88 -17.13 11.71
CA LYS C 29 6.91 -16.55 12.57
C LYS C 29 6.27 -15.77 13.70
N ILE C 30 5.27 -14.96 13.37
CA ILE C 30 4.57 -14.17 14.39
C ILE C 30 3.93 -15.08 15.42
N GLN C 31 3.37 -16.19 14.96
CA GLN C 31 2.73 -17.15 15.86
C GLN C 31 3.74 -17.70 16.85
N ASP C 32 5.00 -17.80 16.41
CA ASP C 32 6.05 -18.31 17.27
C ASP C 32 6.52 -17.25 18.26
N LYS C 33 6.17 -16.00 17.96
CA LYS C 33 6.56 -14.88 18.83
C LYS C 33 5.48 -14.63 19.87
N GLU C 34 4.28 -14.28 19.41
CA GLU C 34 3.16 -14.00 20.31
C GLU C 34 2.45 -15.31 20.68
N GLY C 35 1.25 -15.49 20.12
CA GLY C 35 0.47 -16.69 20.41
C GLY C 35 -0.81 -16.71 19.58
N ILE C 36 -0.84 -15.90 18.52
CA ILE C 36 -2.01 -15.84 17.65
C ILE C 36 -1.89 -16.87 16.53
N PRO C 37 -2.76 -17.86 16.49
CA PRO C 37 -2.70 -18.90 15.42
C PRO C 37 -2.87 -18.29 14.04
N PRO C 38 -2.28 -18.88 13.03
CA PRO C 38 -2.37 -18.38 11.63
C PRO C 38 -3.81 -18.04 11.24
N ASP C 39 -4.69 -19.02 11.36
CA ASP C 39 -6.10 -18.82 11.02
C ASP C 39 -6.64 -17.57 11.70
N GLN C 40 -5.97 -17.15 12.77
CA GLN C 40 -6.39 -15.97 13.52
C GLN C 40 -5.44 -14.81 13.26
N GLN C 41 -4.91 -14.75 12.03
CA GLN C 41 -3.98 -13.68 11.67
C GLN C 41 -4.36 -13.09 10.31
N ARG C 42 -4.05 -11.82 10.11
CA ARG C 42 -4.35 -11.14 8.86
C ARG C 42 -3.41 -9.95 8.66
N LEU C 43 -2.58 -10.02 7.62
CA LEU C 43 -1.63 -8.96 7.34
C LEU C 43 -2.22 -7.97 6.34
N ILE C 44 -2.20 -6.69 6.71
CA ILE C 44 -2.73 -5.64 5.84
C ILE C 44 -1.71 -4.53 5.68
N PHE C 45 -1.26 -4.32 4.44
CA PHE C 45 -0.26 -3.28 4.16
C PHE C 45 -0.91 -2.08 3.47
N ALA C 46 -1.59 -1.26 4.24
CA ALA C 46 -2.25 -0.08 3.71
C ALA C 46 -3.32 -0.46 2.69
N GLY C 47 -4.54 -0.68 3.18
CA GLY C 47 -5.65 -1.05 2.31
C GLY C 47 -5.23 -2.14 1.33
N LYS C 48 -4.50 -3.13 1.83
CA LYS C 48 -4.05 -4.24 0.98
C LYS C 48 -3.89 -5.51 1.80
N GLN C 49 -4.92 -6.37 1.76
CA GLN C 49 -4.88 -7.63 2.50
C GLN C 49 -3.99 -8.63 1.77
N LEU C 50 -2.92 -9.07 2.43
CA LEU C 50 -1.99 -10.02 1.83
C LEU C 50 -2.57 -11.44 1.87
N GLU C 51 -2.41 -12.16 0.76
CA GLU C 51 -2.91 -13.52 0.67
C GLU C 51 -1.93 -14.49 1.34
N ASP C 52 -2.43 -15.67 1.70
CA ASP C 52 -1.59 -16.67 2.35
C ASP C 52 -0.80 -17.47 1.33
N GLY C 53 -1.08 -17.25 0.05
CA GLY C 53 -0.39 -17.96 -1.03
C GLY C 53 0.40 -16.99 -1.92
N ARG C 54 1.04 -16.02 -1.29
CA ARG C 54 1.83 -15.02 -2.03
C ARG C 54 3.15 -14.76 -1.32
N THR C 55 4.00 -13.94 -1.94
CA THR C 55 5.30 -13.61 -1.36
C THR C 55 5.42 -12.12 -1.12
N LEU C 56 6.29 -11.73 -0.19
CA LEU C 56 6.48 -10.32 0.11
C LEU C 56 6.89 -9.55 -1.14
N SER C 57 7.07 -10.27 -2.24
CA SER C 57 7.46 -9.64 -3.50
C SER C 57 6.24 -9.38 -4.37
N ASP C 58 5.15 -10.09 -4.09
CA ASP C 58 3.93 -9.93 -4.86
C ASP C 58 3.14 -8.71 -4.38
N TYR C 59 3.78 -7.89 -3.54
CA TYR C 59 3.13 -6.70 -3.00
C TYR C 59 4.12 -5.54 -2.93
N ASN C 60 5.29 -5.74 -3.52
CA ASN C 60 6.31 -4.70 -3.53
C ASN C 60 6.74 -4.34 -2.11
N ILE C 61 6.37 -5.20 -1.15
CA ILE C 61 6.73 -4.96 0.24
C ILE C 61 8.24 -4.95 0.42
N GLN C 62 8.83 -3.76 0.36
CA GLN C 62 10.27 -3.63 0.50
C GLN C 62 10.68 -3.76 1.97
N LYS C 63 11.84 -3.19 2.31
CA LYS C 63 12.34 -3.26 3.67
C LYS C 63 11.73 -2.16 4.54
N GLU C 64 11.72 -2.38 5.85
CA GLU C 64 11.16 -1.40 6.78
C GLU C 64 9.69 -1.14 6.47
N SER C 65 8.99 -2.16 6.02
CA SER C 65 7.57 -2.04 5.70
C SER C 65 6.71 -2.34 6.93
N THR C 66 5.82 -1.40 7.27
CA THR C 66 4.95 -1.59 8.42
C THR C 66 3.70 -2.38 8.03
N LEU C 67 3.61 -3.60 8.54
CA LEU C 67 2.45 -4.46 8.22
C LEU C 67 1.45 -4.44 9.38
N HIS C 68 0.23 -4.01 9.08
CA HIS C 68 -0.81 -3.95 10.09
C HIS C 68 -1.35 -5.35 10.38
N LEU C 69 -1.11 -5.83 11.60
CA LEU C 69 -1.57 -7.16 11.99
C LEU C 69 -2.95 -7.08 12.62
N VAL C 70 -3.90 -7.84 12.06
CA VAL C 70 -5.27 -7.86 12.57
C VAL C 70 -5.69 -9.29 12.90
N LEU C 71 -6.38 -9.46 14.01
CA LEU C 71 -6.84 -10.78 14.44
C LEU C 71 -8.01 -11.24 13.58
N ARG C 72 -7.72 -12.16 12.65
CA ARG C 72 -8.76 -12.67 11.77
C ARG C 72 -9.84 -13.38 12.57
N LEU C 73 -11.00 -12.73 12.71
CA LEU C 73 -12.11 -13.31 13.46
C LEU C 73 -12.73 -14.47 12.70
N ARG C 74 -13.63 -15.18 13.35
CA ARG C 74 -14.30 -16.32 12.71
C ARG C 74 -15.28 -15.84 11.65
N GLY C 75 -16.02 -16.77 11.08
CA GLY C 75 -17.00 -16.44 10.05
C GLY C 75 -17.75 -17.68 9.57
N CYS C 76 -17.16 -18.38 8.60
CA CYS C 76 -17.78 -19.58 8.06
C CYS C 76 -16.83 -20.29 7.10
N GLY D 1 -9.50 5.48 25.83
CA GLY D 1 -10.85 5.77 25.32
C GLY D 1 -11.02 7.26 25.04
N THR D 2 -11.06 7.61 23.77
CA THR D 2 -11.22 9.01 23.38
C THR D 2 -11.62 9.11 21.91
N LYS D 3 -12.62 9.94 21.63
CA LYS D 3 -13.10 10.13 20.26
C LYS D 3 -13.16 8.80 19.53
N LYS D 4 -14.33 8.17 19.54
CA LYS D 4 -14.52 6.88 18.88
C LYS D 4 -15.70 6.94 17.93
N TYR D 5 -16.02 5.80 17.31
CA TYR D 5 -17.15 5.74 16.38
C TYR D 5 -18.24 4.83 16.91
N ASP D 6 -19.49 5.16 16.59
CA ASP D 6 -20.62 4.37 17.05
C ASP D 6 -20.86 3.18 16.11
N LEU D 7 -20.27 2.04 16.43
CA LEU D 7 -20.43 0.85 15.61
C LEU D 7 -21.54 -0.03 16.16
N SER D 8 -22.57 0.60 16.72
CA SER D 8 -23.70 -0.14 17.28
C SER D 8 -24.79 -0.34 16.23
N LYS D 9 -24.41 -0.19 14.95
CA LYS D 9 -25.37 -0.35 13.86
C LYS D 9 -24.70 -0.99 12.65
N TRP D 10 -23.65 -1.76 12.91
CA TRP D 10 -22.91 -2.42 11.83
C TRP D 10 -23.41 -3.86 11.66
N LYS D 11 -22.96 -4.50 10.60
CA LYS D 11 -23.35 -5.89 10.32
C LYS D 11 -22.11 -6.79 10.25
N TYR D 12 -22.34 -8.10 10.30
CA TYR D 12 -21.26 -9.07 10.25
C TYR D 12 -20.39 -8.82 9.01
N ALA D 13 -21.04 -8.69 7.86
CA ALA D 13 -20.31 -8.45 6.61
C ALA D 13 -19.57 -7.12 6.65
N GLU D 14 -20.21 -6.10 7.20
CA GLU D 14 -19.59 -4.79 7.30
C GLU D 14 -18.26 -4.86 8.05
N LEU D 15 -18.32 -5.33 9.29
CA LEU D 15 -17.11 -5.44 10.10
C LEU D 15 -16.09 -6.35 9.42
N ARG D 16 -16.50 -7.58 9.14
CA ARG D 16 -15.60 -8.54 8.51
C ARG D 16 -15.03 -7.97 7.21
N ASP D 17 -15.91 -7.51 6.33
CA ASP D 17 -15.48 -6.96 5.05
C ASP D 17 -14.63 -5.71 5.25
N THR D 18 -15.08 -4.84 6.15
CA THR D 18 -14.36 -3.60 6.42
C THR D 18 -12.94 -3.90 6.91
N ILE D 19 -12.82 -4.93 7.74
CA ILE D 19 -11.52 -5.32 8.28
C ILE D 19 -10.69 -6.00 7.19
N ASN D 20 -11.36 -6.71 6.30
CA ASN D 20 -10.68 -7.40 5.21
C ASN D 20 -10.45 -6.48 4.02
N THR D 21 -11.24 -5.41 3.94
CA THR D 21 -11.12 -4.45 2.84
C THR D 21 -10.38 -3.20 3.30
N SER D 22 -10.63 -2.78 4.54
CA SER D 22 -9.99 -1.58 5.08
C SER D 22 -8.69 -1.93 5.80
N CYS D 23 -8.02 -0.90 6.32
CA CYS D 23 -6.77 -1.10 7.04
C CYS D 23 -6.64 -0.07 8.15
N ASP D 24 -7.72 0.66 8.39
CA ASP D 24 -7.72 1.69 9.42
C ASP D 24 -7.58 1.06 10.80
N ILE D 25 -6.34 0.99 11.27
CA ILE D 25 -6.04 0.40 12.57
C ILE D 25 -7.12 0.77 13.59
N GLU D 26 -7.49 2.06 13.63
CA GLU D 26 -8.50 2.52 14.56
C GLU D 26 -9.76 1.68 14.41
N LEU D 27 -10.31 1.65 13.20
CA LEU D 27 -11.52 0.87 12.95
C LEU D 27 -11.29 -0.59 13.30
N LEU D 28 -10.15 -1.13 12.86
CA LEU D 28 -9.82 -2.51 13.14
C LEU D 28 -9.94 -2.80 14.63
N ALA D 29 -9.45 -1.89 15.45
CA ALA D 29 -9.51 -2.06 16.90
C ALA D 29 -10.96 -2.01 17.39
N ALA D 30 -11.69 -0.98 16.95
CA ALA D 30 -13.08 -0.83 17.37
C ALA D 30 -13.94 -1.95 16.77
N CYS D 31 -13.58 -2.39 15.57
CA CYS D 31 -14.33 -3.44 14.90
C CYS D 31 -14.15 -4.76 15.66
N ARG D 32 -12.92 -5.05 16.06
CA ARG D 32 -12.64 -6.28 16.78
C ARG D 32 -13.25 -6.24 18.19
N GLU D 33 -13.16 -5.09 18.84
CA GLU D 33 -13.70 -4.96 20.19
C GLU D 33 -15.22 -5.15 20.19
N GLU D 34 -15.90 -4.54 19.22
CA GLU D 34 -17.35 -4.68 19.13
C GLU D 34 -17.72 -6.10 18.72
N PHE D 35 -16.93 -6.68 17.82
CA PHE D 35 -17.20 -8.03 17.36
C PHE D 35 -17.16 -9.00 18.53
N HIS D 36 -16.14 -8.86 19.38
CA HIS D 36 -15.99 -9.74 20.54
C HIS D 36 -17.12 -9.49 21.54
N ARG D 37 -17.29 -8.23 21.92
CA ARG D 37 -18.34 -7.87 22.87
C ARG D 37 -19.65 -8.55 22.49
N ARG D 38 -20.07 -8.33 21.25
CA ARG D 38 -21.31 -8.92 20.77
C ARG D 38 -21.38 -10.40 21.13
N LEU D 39 -20.24 -11.08 21.05
CA LEU D 39 -20.18 -12.49 21.38
C LEU D 39 -20.20 -12.69 22.89
N LYS D 40 -19.33 -11.98 23.60
CA LYS D 40 -19.27 -12.09 25.05
C LYS D 40 -20.56 -11.61 25.69
N VAL D 41 -20.78 -10.29 25.66
CA VAL D 41 -21.99 -9.72 26.23
C VAL D 41 -23.17 -9.87 25.27
N TYR D 42 -24.27 -9.19 25.58
CA TYR D 42 -25.46 -9.25 24.74
C TYR D 42 -26.32 -8.01 24.93
N HIS D 43 -25.69 -6.92 25.34
CA HIS D 43 -26.41 -5.67 25.57
C HIS D 43 -25.44 -4.49 25.63
N GLY A 1 -11.81 25.31 1.20
CA GLY A 1 -11.11 24.74 0.05
C GLY A 1 -11.33 23.23 -0.01
N THR A 2 -10.33 22.51 -0.52
CA THR A 2 -10.42 21.07 -0.65
C THR A 2 -9.93 20.39 0.62
N LYS A 3 -9.48 19.16 0.49
CA LYS A 3 -8.97 18.39 1.63
C LYS A 3 -7.46 18.24 1.55
N LYS A 4 -6.74 19.02 2.34
CA LYS A 4 -5.29 18.97 2.35
C LYS A 4 -4.80 17.77 3.17
N TYR A 5 -3.51 17.71 3.42
CA TYR A 5 -2.93 16.63 4.20
C TYR A 5 -1.69 17.09 4.95
N ASP A 6 -1.79 17.14 6.28
CA ASP A 6 -0.67 17.56 7.10
C ASP A 6 0.34 16.43 7.27
N LEU A 7 1.35 16.41 6.40
CA LEU A 7 2.37 15.37 6.46
C LEU A 7 3.54 15.82 7.34
N SER A 8 3.22 16.41 8.47
CA SER A 8 4.25 16.88 9.40
C SER A 8 4.69 15.76 10.34
N LYS A 9 4.03 14.61 10.25
CA LYS A 9 4.37 13.48 11.10
C LYS A 9 4.10 12.16 10.37
N TRP A 10 5.03 11.80 9.48
CA TRP A 10 4.89 10.55 8.72
C TRP A 10 6.18 9.73 8.82
N LYS A 11 6.08 8.45 8.48
CA LYS A 11 7.23 7.55 8.54
C LYS A 11 7.72 7.22 7.13
N TYR A 12 8.94 6.70 7.04
CA TYR A 12 9.52 6.34 5.74
C TYR A 12 8.69 5.25 5.08
N ALA A 13 8.40 4.19 5.84
CA ALA A 13 7.62 3.08 5.31
C ALA A 13 6.24 3.56 4.86
N GLU A 14 5.66 4.47 5.62
CA GLU A 14 4.34 5.00 5.29
C GLU A 14 4.37 5.73 3.96
N LEU A 15 5.24 6.74 3.86
CA LEU A 15 5.36 7.52 2.64
C LEU A 15 5.61 6.61 1.44
N ARG A 16 6.69 5.84 1.51
CA ARG A 16 7.04 4.94 0.42
C ARG A 16 5.85 4.04 0.09
N ASP A 17 5.31 3.38 1.11
CA ASP A 17 4.16 2.50 0.91
C ASP A 17 3.04 3.23 0.19
N THR A 18 2.68 4.41 0.71
CA THR A 18 1.62 5.20 0.11
C THR A 18 1.86 5.40 -1.39
N ILE A 19 3.07 5.77 -1.75
CA ILE A 19 3.41 5.98 -3.15
C ILE A 19 3.56 4.66 -3.89
N ASN A 20 3.74 3.57 -3.13
CA ASN A 20 3.88 2.26 -3.73
C ASN A 20 2.57 1.47 -3.68
N THR A 21 1.55 2.05 -3.04
CA THR A 21 0.25 1.39 -2.94
C THR A 21 -0.89 2.36 -3.23
N SER A 22 -0.76 3.59 -2.73
CA SER A 22 -1.81 4.59 -2.95
C SER A 22 -1.81 5.08 -4.39
N CYS A 23 -2.86 5.81 -4.76
CA CYS A 23 -2.99 6.33 -6.11
C CYS A 23 -3.71 7.68 -6.09
N ASP A 24 -2.94 8.75 -5.93
CA ASP A 24 -3.51 10.09 -5.88
C ASP A 24 -2.43 11.14 -6.13
N ILE A 25 -2.37 11.64 -7.36
CA ILE A 25 -1.39 12.65 -7.72
C ILE A 25 -1.22 13.67 -6.60
N GLU A 26 -2.33 13.99 -5.94
CA GLU A 26 -2.30 14.95 -4.84
C GLU A 26 -1.41 14.43 -3.71
N LEU A 27 -1.76 13.27 -3.17
CA LEU A 27 -0.98 12.68 -2.10
C LEU A 27 0.45 12.41 -2.57
N LEU A 28 0.57 11.79 -3.73
CA LEU A 28 1.88 11.48 -4.30
C LEU A 28 2.74 12.74 -4.37
N ALA A 29 2.16 13.82 -4.87
CA ALA A 29 2.88 15.08 -4.99
C ALA A 29 3.35 15.55 -3.61
N ALA A 30 2.43 15.55 -2.65
CA ALA A 30 2.76 15.99 -1.30
C ALA A 30 3.83 15.07 -0.69
N CYS A 31 3.55 13.77 -0.71
CA CYS A 31 4.50 12.81 -0.16
C CYS A 31 5.89 13.03 -0.75
N ARG A 32 5.94 13.25 -2.06
CA ARG A 32 7.22 13.48 -2.73
C ARG A 32 7.86 14.79 -2.26
N GLU A 33 7.04 15.81 -2.04
CA GLU A 33 7.55 17.11 -1.61
C GLU A 33 8.24 16.99 -0.25
N GLU A 34 7.59 16.31 0.70
CA GLU A 34 8.18 16.15 2.03
C GLU A 34 9.37 15.21 1.97
N PHE A 35 9.29 14.20 1.12
CA PHE A 35 10.38 13.24 0.97
C PHE A 35 11.64 13.95 0.51
N HIS A 36 11.47 14.86 -0.44
CA HIS A 36 12.60 15.62 -0.97
C HIS A 36 13.14 16.57 0.08
N ARG A 37 12.27 17.41 0.63
CA ARG A 37 12.67 18.35 1.66
C ARG A 37 13.55 17.66 2.70
N ARG A 38 13.03 16.57 3.25
CA ARG A 38 13.77 15.82 4.27
C ARG A 38 15.21 15.59 3.81
N LEU A 39 15.37 15.27 2.54
CA LEU A 39 16.71 15.03 1.99
C LEU A 39 17.49 16.34 1.88
N LYS A 40 16.86 17.35 1.28
CA LYS A 40 17.50 18.64 1.11
C LYS A 40 18.11 19.11 2.42
N VAL A 41 17.32 19.10 3.49
CA VAL A 41 17.80 19.53 4.79
C VAL A 41 18.69 18.46 5.41
N TYR A 42 19.05 18.65 6.68
CA TYR A 42 19.91 17.70 7.37
C TYR A 42 19.10 16.47 7.80
N HIS A 43 18.60 15.73 6.82
CA HIS A 43 17.82 14.53 7.10
C HIS A 43 16.73 14.84 8.12
N MET B 1 -0.71 2.81 -30.24
CA MET B 1 -1.68 3.29 -29.23
C MET B 1 -1.10 4.52 -28.53
N GLN B 2 -1.85 5.63 -28.58
CA GLN B 2 -1.40 6.87 -27.95
C GLN B 2 -1.93 6.95 -26.52
N ILE B 3 -1.04 7.25 -25.59
CA ILE B 3 -1.43 7.36 -24.18
C ILE B 3 -0.81 8.61 -23.54
N PHE B 4 -1.54 9.20 -22.61
CA PHE B 4 -1.07 10.42 -21.92
C PHE B 4 -0.52 10.06 -20.55
N VAL B 5 0.61 10.66 -20.20
CA VAL B 5 1.24 10.41 -18.90
C VAL B 5 1.43 11.73 -18.14
N LYS B 6 0.58 11.95 -17.13
CA LYS B 6 0.65 13.17 -16.35
C LYS B 6 1.57 12.98 -15.14
N THR B 7 2.43 13.96 -14.89
CA THR B 7 3.35 13.90 -13.77
C THR B 7 2.73 14.53 -12.53
N LEU B 8 3.56 14.85 -11.54
CA LEU B 8 3.08 15.46 -10.31
C LEU B 8 3.00 16.98 -10.46
N THR B 9 3.83 17.52 -11.35
CA THR B 9 3.85 18.96 -11.58
C THR B 9 2.65 19.38 -12.44
N GLY B 10 2.41 18.63 -13.51
CA GLY B 10 1.30 18.93 -14.41
C GLY B 10 1.68 18.66 -15.86
N LYS B 11 2.90 18.16 -16.07
CA LYS B 11 3.38 17.88 -17.41
C LYS B 11 2.73 16.61 -17.95
N THR B 12 2.18 16.70 -19.16
CA THR B 12 1.53 15.55 -19.79
C THR B 12 2.33 15.09 -21.00
N ILE B 13 2.92 13.90 -20.90
CA ILE B 13 3.72 13.34 -21.98
C ILE B 13 2.89 12.36 -22.80
N THR B 14 2.96 12.49 -24.12
CA THR B 14 2.21 11.60 -25.02
C THR B 14 3.12 10.51 -25.57
N LEU B 15 2.95 9.29 -25.04
CA LEU B 15 3.77 8.17 -25.50
C LEU B 15 2.99 7.29 -26.47
N GLU B 16 3.64 6.93 -27.58
CA GLU B 16 3.01 6.08 -28.58
C GLU B 16 3.42 4.63 -28.36
N VAL B 17 2.59 3.88 -27.65
CA VAL B 17 2.87 2.48 -27.35
C VAL B 17 1.78 1.57 -27.91
N GLU B 18 1.74 0.34 -27.41
CA GLU B 18 0.76 -0.64 -27.86
C GLU B 18 0.38 -1.56 -26.69
N PRO B 19 -0.80 -2.11 -26.70
CA PRO B 19 -1.29 -3.01 -25.62
C PRO B 19 -0.25 -4.07 -25.23
N SER B 20 0.39 -4.67 -26.22
CA SER B 20 1.38 -5.71 -25.94
C SER B 20 2.70 -5.11 -25.46
N ASP B 21 2.67 -3.84 -25.06
CA ASP B 21 3.88 -3.18 -24.57
C ASP B 21 4.01 -3.34 -23.07
N THR B 22 5.21 -3.65 -22.60
CA THR B 22 5.46 -3.85 -21.18
C THR B 22 5.67 -2.51 -20.48
N ILE B 23 5.12 -2.38 -19.28
CA ILE B 23 5.26 -1.16 -18.51
C ILE B 23 6.71 -0.69 -18.51
N GLU B 24 7.63 -1.62 -18.26
CA GLU B 24 9.05 -1.29 -18.25
C GLU B 24 9.44 -0.59 -19.54
N ASN B 25 8.84 -1.03 -20.65
CA ASN B 25 9.12 -0.43 -21.95
C ASN B 25 8.66 1.02 -21.97
N VAL B 26 7.48 1.26 -21.41
CA VAL B 26 6.94 2.61 -21.35
C VAL B 26 7.86 3.52 -20.54
N LYS B 27 8.38 2.97 -19.45
CA LYS B 27 9.29 3.73 -18.59
C LYS B 27 10.53 4.15 -19.37
N ALA B 28 10.99 3.26 -20.26
CA ALA B 28 12.16 3.56 -21.06
C ALA B 28 11.87 4.71 -22.02
N LYS B 29 10.69 4.70 -22.62
CA LYS B 29 10.30 5.76 -23.54
C LYS B 29 10.29 7.11 -22.83
N ILE B 30 9.58 7.17 -21.70
CA ILE B 30 9.50 8.41 -20.93
C ILE B 30 10.90 8.89 -20.57
N GLN B 31 11.74 7.98 -20.09
CA GLN B 31 13.09 8.34 -19.71
C GLN B 31 13.82 9.01 -20.89
N ASP B 32 13.45 8.59 -22.10
CA ASP B 32 14.07 9.15 -23.30
C ASP B 32 13.62 10.59 -23.50
N LYS B 33 12.35 10.86 -23.20
CA LYS B 33 11.80 12.21 -23.35
C LYS B 33 12.36 13.12 -22.25
N GLU B 34 12.03 12.81 -21.00
CA GLU B 34 12.48 13.60 -19.88
C GLU B 34 13.92 13.24 -19.52
N GLY B 35 14.11 12.73 -18.31
CA GLY B 35 15.45 12.34 -17.85
C GLY B 35 15.36 11.46 -16.61
N ILE B 36 14.15 11.02 -16.28
CA ILE B 36 13.94 10.17 -15.11
C ILE B 36 14.30 8.72 -15.45
N PRO B 37 15.30 8.16 -14.80
CA PRO B 37 15.70 6.76 -15.07
C PRO B 37 14.58 5.78 -14.74
N PRO B 38 14.54 4.65 -15.40
CA PRO B 38 13.48 3.61 -15.18
C PRO B 38 13.27 3.34 -13.70
N ASP B 39 14.27 2.73 -13.07
CA ASP B 39 14.18 2.41 -11.65
C ASP B 39 13.59 3.57 -10.86
N GLN B 40 13.69 4.77 -11.40
CA GLN B 40 13.15 5.96 -10.74
C GLN B 40 11.84 6.39 -11.37
N GLN B 41 11.03 5.41 -11.78
CA GLN B 41 9.74 5.70 -12.40
C GLN B 41 8.65 4.80 -11.83
N ARG B 42 7.40 5.16 -12.10
CA ARG B 42 6.27 4.38 -11.61
C ARG B 42 4.98 4.87 -12.26
N LEU B 43 4.18 3.94 -12.76
CA LEU B 43 2.91 4.31 -13.41
C LEU B 43 1.72 3.83 -12.60
N ILE B 44 0.74 4.71 -12.45
CA ILE B 44 -0.48 4.38 -11.70
C ILE B 44 -1.71 4.62 -12.56
N PHE B 45 -2.58 3.62 -12.64
CA PHE B 45 -3.80 3.72 -13.44
C PHE B 45 -4.93 2.94 -12.80
N ALA B 46 -6.17 3.36 -13.07
CA ALA B 46 -7.34 2.69 -12.51
C ALA B 46 -7.23 2.61 -10.99
N GLY B 47 -6.50 3.55 -10.40
CA GLY B 47 -6.33 3.58 -8.96
C GLY B 47 -5.50 2.39 -8.48
N LYS B 48 -4.59 1.94 -9.33
CA LYS B 48 -3.73 0.80 -8.99
C LYS B 48 -2.37 0.95 -9.65
N GLN B 49 -1.32 0.58 -8.91
CA GLN B 49 0.04 0.68 -9.43
C GLN B 49 0.29 -0.42 -10.45
N LEU B 50 0.99 -0.07 -11.54
CA LEU B 50 1.30 -1.04 -12.58
C LEU B 50 2.64 -1.71 -12.32
N GLU B 51 2.70 -3.02 -12.56
CA GLU B 51 3.93 -3.77 -12.35
C GLU B 51 4.89 -3.55 -13.51
N ASP B 52 6.18 -3.80 -13.26
CA ASP B 52 7.19 -3.62 -14.30
C ASP B 52 7.35 -4.89 -15.13
N GLY B 53 6.51 -5.89 -14.85
CA GLY B 53 6.56 -7.15 -15.58
C GLY B 53 5.22 -7.47 -16.22
N ARG B 54 4.42 -6.45 -16.47
CA ARG B 54 3.11 -6.61 -17.09
C ARG B 54 2.99 -5.74 -18.34
N THR B 55 1.91 -5.93 -19.09
CA THR B 55 1.68 -5.15 -20.31
C THR B 55 0.48 -4.23 -20.14
N LEU B 56 0.42 -3.18 -20.94
CA LEU B 56 -0.69 -2.23 -20.87
C LEU B 56 -2.01 -2.95 -21.10
N SER B 57 -1.95 -4.11 -21.75
CA SER B 57 -3.16 -4.89 -22.03
C SER B 57 -3.59 -5.66 -20.80
N ASP B 58 -2.66 -5.86 -19.86
CA ASP B 58 -2.96 -6.60 -18.64
C ASP B 58 -3.63 -5.68 -17.62
N TYR B 59 -4.04 -4.49 -18.06
CA TYR B 59 -4.69 -3.53 -17.18
C TYR B 59 -5.83 -2.83 -17.90
N ASN B 60 -6.18 -3.32 -19.09
CA ASN B 60 -7.26 -2.75 -19.87
C ASN B 60 -6.93 -1.31 -20.26
N ILE B 61 -5.66 -0.93 -20.15
CA ILE B 61 -5.24 0.42 -20.50
C ILE B 61 -5.36 0.64 -22.01
N GLN B 62 -6.50 1.15 -22.43
CA GLN B 62 -6.73 1.40 -23.85
C GLN B 62 -6.04 2.69 -24.30
N ARG B 63 -6.52 3.27 -25.38
CA ARG B 63 -5.94 4.50 -25.90
C ARG B 63 -6.45 5.71 -25.12
N GLU B 64 -5.73 6.82 -25.23
CA GLU B 64 -6.11 8.04 -24.54
C GLU B 64 -6.20 7.80 -23.03
N SER B 65 -5.33 6.94 -22.52
CA SER B 65 -5.32 6.63 -21.10
C SER B 65 -4.39 7.58 -20.35
N THR B 66 -4.90 8.19 -19.28
CA THR B 66 -4.12 9.12 -18.49
C THR B 66 -3.47 8.41 -17.31
N LEU B 67 -2.19 8.08 -17.46
CA LEU B 67 -1.45 7.39 -16.39
C LEU B 67 -0.76 8.41 -15.48
N HIS B 68 -0.56 8.02 -14.21
CA HIS B 68 0.09 8.91 -13.25
C HIS B 68 1.55 8.49 -13.08
N LEU B 69 2.46 9.40 -13.43
CA LEU B 69 3.88 9.11 -13.31
C LEU B 69 4.41 9.59 -11.96
N VAL B 70 5.14 8.71 -11.27
CA VAL B 70 5.70 9.05 -9.96
C VAL B 70 7.15 8.58 -9.87
N LEU B 71 8.00 9.41 -9.27
CA LEU B 71 9.41 9.06 -9.13
C LEU B 71 9.61 8.12 -7.94
N ARG B 72 9.95 6.87 -8.23
CA ARG B 72 10.17 5.89 -7.18
C ARG B 72 11.40 6.25 -6.35
N LEU B 73 11.16 6.78 -5.15
CA LEU B 73 12.25 7.16 -4.27
C LEU B 73 12.88 5.93 -3.62
N ARG B 74 14.04 5.52 -4.13
CA ARG B 74 14.73 4.36 -3.60
C ARG B 74 15.45 4.71 -2.30
N GLY B 75 15.71 3.70 -1.47
CA GLY B 75 16.39 3.92 -0.20
C GLY B 75 16.13 2.76 0.76
N GLY B 76 17.21 2.12 1.20
CA GLY B 76 17.09 1.00 2.13
C GLY B 76 16.75 -0.29 1.38
N MET C 1 15.65 -9.32 5.22
CA MET C 1 15.39 -7.89 5.52
C MET C 1 14.50 -7.79 6.76
N GLN C 2 14.69 -6.71 7.52
CA GLN C 2 13.91 -6.49 8.74
C GLN C 2 12.62 -5.75 8.43
N ILE C 3 11.49 -6.43 8.61
CA ILE C 3 10.19 -5.81 8.36
C ILE C 3 9.47 -5.51 9.67
N PHE C 4 8.68 -4.45 9.68
CA PHE C 4 7.94 -4.06 10.86
C PHE C 4 6.48 -4.50 10.76
N VAL C 5 5.90 -4.88 11.89
CA VAL C 5 4.50 -5.32 11.93
C VAL C 5 3.73 -4.57 13.00
N LYS C 6 2.84 -3.68 12.57
CA LYS C 6 2.04 -2.90 13.50
C LYS C 6 0.81 -3.67 13.95
N THR C 7 0.51 -3.59 15.25
CA THR C 7 -0.65 -4.28 15.80
C THR C 7 -1.81 -3.31 16.00
N LEU C 8 -2.65 -3.60 16.99
CA LEU C 8 -3.79 -2.74 17.28
C LEU C 8 -3.41 -1.64 18.26
N THR C 9 -2.67 -2.02 19.30
CA THR C 9 -2.25 -1.06 20.31
C THR C 9 -1.12 -0.19 19.77
N GLY C 10 -1.06 -0.06 18.45
CA GLY C 10 -0.02 0.74 17.82
C GLY C 10 1.34 0.07 17.91
N LYS C 11 1.46 -0.89 18.82
CA LYS C 11 2.71 -1.62 18.99
C LYS C 11 3.29 -2.04 17.64
N THR C 12 4.59 -2.31 17.61
CA THR C 12 5.25 -2.72 16.38
C THR C 12 6.24 -3.85 16.66
N ILE C 13 6.39 -4.74 15.69
CA ILE C 13 7.33 -5.86 15.84
C ILE C 13 8.25 -5.97 14.63
N THR C 14 9.55 -6.05 14.90
CA THR C 14 10.54 -6.16 13.82
C THR C 14 10.99 -7.60 13.67
N LEU C 15 10.72 -8.18 12.50
CA LEU C 15 11.09 -9.58 12.25
C LEU C 15 11.95 -9.68 10.99
N GLU C 16 12.99 -10.49 11.05
CA GLU C 16 13.87 -10.68 9.90
C GLU C 16 13.27 -11.71 8.95
N VAL C 17 13.16 -11.34 7.68
CA VAL C 17 12.58 -12.23 6.69
C VAL C 17 13.22 -12.02 5.31
N GLU C 18 12.70 -12.70 4.31
CA GLU C 18 13.21 -12.59 2.95
C GLU C 18 12.04 -12.59 1.96
N PRO C 19 12.18 -11.93 0.83
CA PRO C 19 11.10 -11.87 -0.19
C PRO C 19 10.46 -13.24 -0.44
N SER C 20 11.30 -14.26 -0.55
CA SER C 20 10.80 -15.62 -0.81
C SER C 20 9.91 -16.10 0.33
N ASP C 21 10.25 -15.69 1.56
CA ASP C 21 9.47 -16.10 2.72
C ASP C 21 7.97 -16.05 2.42
N THR C 22 7.25 -17.10 2.83
CA THR C 22 5.83 -17.17 2.61
C THR C 22 5.06 -16.48 3.72
N ILE C 23 3.91 -15.91 3.38
CA ILE C 23 3.08 -15.22 4.37
C ILE C 23 2.79 -16.14 5.55
N GLU C 24 2.45 -17.39 5.26
CA GLU C 24 2.15 -18.35 6.31
C GLU C 24 3.34 -18.48 7.25
N ASN C 25 4.55 -18.47 6.69
CA ASN C 25 5.75 -18.58 7.50
C ASN C 25 5.86 -17.38 8.44
N VAL C 26 5.48 -16.22 7.95
CA VAL C 26 5.54 -15.00 8.76
C VAL C 26 4.55 -15.10 9.92
N LYS C 27 3.29 -15.36 9.60
CA LYS C 27 2.26 -15.49 10.63
C LYS C 27 2.75 -16.42 11.74
N ALA C 28 3.44 -17.48 11.34
CA ALA C 28 3.95 -18.44 12.31
C ALA C 28 4.98 -17.77 13.22
N LYS C 29 5.89 -17.01 12.62
CA LYS C 29 6.91 -16.31 13.40
C LYS C 29 6.26 -15.43 14.46
N ILE C 30 5.17 -14.77 14.10
CA ILE C 30 4.46 -13.91 15.03
C ILE C 30 3.83 -14.73 16.14
N GLN C 31 3.33 -15.91 15.79
CA GLN C 31 2.70 -16.77 16.78
C GLN C 31 3.72 -17.20 17.83
N ASP C 32 4.99 -17.23 17.45
CA ASP C 32 6.05 -17.62 18.36
C ASP C 32 6.49 -16.44 19.22
N LYS C 33 6.32 -15.23 18.69
CA LYS C 33 6.70 -14.03 19.42
C LYS C 33 5.61 -13.62 20.41
N GLU C 34 4.43 -13.29 19.89
CA GLU C 34 3.33 -12.88 20.74
C GLU C 34 2.56 -14.10 21.25
N GLY C 35 1.39 -14.34 20.68
CA GLY C 35 0.57 -15.49 21.08
C GLY C 35 -0.67 -15.60 20.20
N ILE C 36 -0.62 -14.97 19.03
CA ILE C 36 -1.74 -15.02 18.09
C ILE C 36 -1.53 -16.14 17.07
N PRO C 37 -2.33 -17.18 17.11
CA PRO C 37 -2.19 -18.30 16.15
C PRO C 37 -2.47 -17.85 14.72
N PRO C 38 -1.89 -18.54 13.74
CA PRO C 38 -2.07 -18.20 12.31
C PRO C 38 -3.54 -17.96 11.97
N ASP C 39 -4.36 -18.98 12.17
CA ASP C 39 -5.79 -18.87 11.87
C ASP C 39 -6.35 -17.56 12.41
N GLN C 40 -5.67 -16.99 13.40
CA GLN C 40 -6.11 -15.74 14.01
C GLN C 40 -5.15 -14.60 13.64
N GLN C 41 -4.64 -14.66 12.41
CA GLN C 41 -3.72 -13.62 11.94
C GLN C 41 -4.09 -13.19 10.53
N ARG C 42 -3.85 -11.91 10.23
CA ARG C 42 -4.18 -11.36 8.92
C ARG C 42 -3.29 -10.16 8.62
N LEU C 43 -2.32 -10.37 7.72
CA LEU C 43 -1.41 -9.28 7.35
C LEU C 43 -1.99 -8.45 6.22
N ILE C 44 -2.01 -7.14 6.44
CA ILE C 44 -2.55 -6.22 5.44
C ILE C 44 -1.54 -5.11 5.14
N PHE C 45 -1.33 -4.83 3.85
CA PHE C 45 -0.40 -3.79 3.43
C PHE C 45 -1.08 -2.79 2.52
N ALA C 46 -1.65 -1.74 3.11
CA ALA C 46 -2.33 -0.72 2.34
C ALA C 46 -3.56 -1.29 1.64
N GLY C 47 -4.43 -1.93 2.40
CA GLY C 47 -5.64 -2.51 1.84
C GLY C 47 -5.32 -3.82 1.12
N LYS C 48 -4.04 -4.05 0.84
CA LYS C 48 -3.62 -5.26 0.16
C LYS C 48 -3.50 -6.42 1.16
N GLN C 49 -4.55 -7.20 1.27
CA GLN C 49 -4.56 -8.34 2.19
C GLN C 49 -3.67 -9.45 1.65
N LEU C 50 -2.70 -9.88 2.45
CA LEU C 50 -1.77 -10.92 2.02
C LEU C 50 -2.38 -12.30 2.25
N GLU C 51 -2.27 -13.17 1.25
CA GLU C 51 -2.81 -14.52 1.36
C GLU C 51 -1.78 -15.46 1.98
N ASP C 52 -2.25 -16.60 2.49
CA ASP C 52 -1.37 -17.56 3.11
C ASP C 52 -0.54 -18.31 2.07
N GLY C 53 -1.09 -18.44 0.87
CA GLY C 53 -0.40 -19.15 -0.20
C GLY C 53 0.37 -18.18 -1.10
N ARG C 54 1.03 -17.22 -0.48
CA ARG C 54 1.81 -16.23 -1.23
C ARG C 54 3.13 -15.93 -0.52
N THR C 55 3.95 -15.07 -1.13
CA THR C 55 5.24 -14.71 -0.55
C THR C 55 5.33 -13.19 -0.38
N LEU C 56 6.31 -12.75 0.41
CA LEU C 56 6.50 -11.32 0.64
C LEU C 56 6.93 -10.62 -0.64
N SER C 57 7.30 -11.41 -1.65
CA SER C 57 7.74 -10.85 -2.92
C SER C 57 6.54 -10.59 -3.83
N ASP C 58 5.51 -11.41 -3.69
CA ASP C 58 4.30 -11.26 -4.50
C ASP C 58 3.51 -10.04 -4.05
N TYR C 59 4.16 -9.15 -3.31
CA TYR C 59 3.49 -7.94 -2.82
C TYR C 59 4.43 -6.75 -2.88
N ASN C 60 5.65 -6.99 -3.39
CA ASN C 60 6.64 -5.92 -3.51
C ASN C 60 7.04 -5.39 -2.14
N ILE C 61 6.79 -6.20 -1.11
CA ILE C 61 7.14 -5.80 0.25
C ILE C 61 8.66 -5.76 0.43
N GLN C 62 9.22 -4.55 0.42
CA GLN C 62 10.66 -4.39 0.57
C GLN C 62 11.06 -4.47 2.04
N LYS C 63 12.20 -3.87 2.36
CA LYS C 63 12.69 -3.88 3.74
C LYS C 63 12.08 -2.74 4.54
N GLU C 64 12.11 -2.88 5.87
CA GLU C 64 11.55 -1.86 6.75
C GLU C 64 10.11 -1.54 6.36
N SER C 65 9.40 -2.55 5.85
CA SER C 65 8.02 -2.36 5.45
C SER C 65 7.08 -2.45 6.66
N THR C 66 6.23 -1.45 6.81
CA THR C 66 5.29 -1.42 7.93
C THR C 66 3.99 -2.14 7.55
N LEU C 67 3.82 -3.34 8.09
CA LEU C 67 2.63 -4.14 7.81
C LEU C 67 1.55 -3.88 8.86
N HIS C 68 0.34 -4.32 8.58
CA HIS C 68 -0.79 -4.14 9.50
C HIS C 68 -1.37 -5.50 9.87
N LEU C 69 -0.98 -6.01 11.03
CA LEU C 69 -1.47 -7.30 11.51
C LEU C 69 -2.87 -7.18 12.08
N VAL C 70 -3.66 -8.24 11.95
CA VAL C 70 -5.02 -8.24 12.46
C VAL C 70 -5.39 -9.64 12.96
N LEU C 71 -6.48 -9.73 13.72
CA LEU C 71 -6.93 -11.01 14.25
C LEU C 71 -8.08 -11.55 13.42
N ARG C 72 -7.76 -12.23 12.32
CA ARG C 72 -8.79 -12.80 11.45
C ARG C 72 -9.85 -13.51 12.28
N LEU C 73 -10.89 -12.76 12.67
CA LEU C 73 -11.97 -13.33 13.47
C LEU C 73 -12.59 -14.54 12.76
N ARG C 74 -13.37 -15.32 13.50
CA ARG C 74 -14.01 -16.50 12.92
C ARG C 74 -14.98 -17.11 13.92
N GLY C 75 -15.25 -18.41 13.76
CA GLY C 75 -16.16 -19.11 14.65
C GLY C 75 -17.62 -18.90 14.23
N CYS C 76 -18.24 -19.95 13.74
CA CYS C 76 -19.63 -19.88 13.29
C CYS C 76 -20.26 -21.26 13.23
N GLY D 1 -14.14 13.91 24.30
CA GLY D 1 -14.92 14.35 23.16
C GLY D 1 -15.04 13.24 22.11
N THR D 2 -14.11 13.24 21.16
CA THR D 2 -14.13 12.22 20.11
C THR D 2 -13.79 10.85 20.70
N LYS D 3 -14.79 10.22 21.31
CA LYS D 3 -14.60 8.90 21.90
C LYS D 3 -14.69 7.81 20.84
N LYS D 4 -13.57 7.56 20.16
CA LYS D 4 -13.53 6.55 19.11
C LYS D 4 -14.75 6.65 18.22
N TYR D 5 -14.90 5.68 17.32
CA TYR D 5 -16.04 5.67 16.39
C TYR D 5 -17.15 4.78 16.93
N ASP D 6 -18.38 5.27 16.86
CA ASP D 6 -19.53 4.51 17.34
C ASP D 6 -19.99 3.52 16.29
N LEU D 7 -19.48 2.29 16.37
CA LEU D 7 -19.84 1.25 15.41
C LEU D 7 -20.96 0.37 15.97
N SER D 8 -21.87 0.99 16.70
CA SER D 8 -22.99 0.25 17.30
C SER D 8 -24.13 0.10 16.30
N LYS D 9 -23.81 0.29 15.02
CA LYS D 9 -24.82 0.17 13.97
C LYS D 9 -24.20 -0.39 12.69
N TRP D 10 -23.32 -1.38 12.84
CA TRP D 10 -22.66 -2.00 11.70
C TRP D 10 -23.18 -3.41 11.48
N LYS D 11 -22.70 -4.06 10.43
CA LYS D 11 -23.11 -5.43 10.12
C LYS D 11 -21.89 -6.34 9.98
N TYR D 12 -22.14 -7.64 9.90
CA TYR D 12 -21.06 -8.61 9.78
C TYR D 12 -20.29 -8.38 8.48
N ALA D 13 -21.00 -8.20 7.39
CA ALA D 13 -20.37 -7.97 6.09
C ALA D 13 -19.52 -6.71 6.13
N GLU D 14 -20.11 -5.61 6.60
CA GLU D 14 -19.39 -4.35 6.68
C GLU D 14 -18.09 -4.50 7.47
N LEU D 15 -18.20 -4.97 8.71
CA LEU D 15 -17.03 -5.16 9.55
C LEU D 15 -16.06 -6.12 8.90
N ARG D 16 -16.51 -7.35 8.65
CA ARG D 16 -15.67 -8.36 8.03
C ARG D 16 -15.04 -7.83 6.74
N ASP D 17 -15.84 -7.12 5.96
CA ASP D 17 -15.35 -6.56 4.70
C ASP D 17 -14.33 -5.45 4.95
N THR D 18 -14.65 -4.56 5.88
CA THR D 18 -13.74 -3.47 6.21
C THR D 18 -12.38 -4.00 6.64
N ILE D 19 -12.40 -5.00 7.52
CA ILE D 19 -11.16 -5.59 8.01
C ILE D 19 -10.50 -6.43 6.92
N ASN D 20 -11.32 -7.02 6.05
CA ASN D 20 -10.79 -7.85 4.96
C ASN D 20 -10.39 -7.00 3.76
N THR D 21 -10.97 -5.80 3.66
CA THR D 21 -10.67 -4.91 2.54
C THR D 21 -9.84 -3.72 3.01
N SER D 22 -10.29 -3.08 4.09
CA SER D 22 -9.59 -1.92 4.61
C SER D 22 -8.31 -2.34 5.34
N CYS D 23 -7.58 -1.35 5.84
CA CYS D 23 -6.33 -1.62 6.56
C CYS D 23 -6.13 -0.59 7.66
N ASP D 24 -7.17 0.21 7.90
CA ASP D 24 -7.11 1.25 8.92
C ASP D 24 -7.00 0.62 10.30
N ILE D 25 -5.76 0.44 10.75
CA ILE D 25 -5.50 -0.16 12.05
C ILE D 25 -6.52 0.32 13.08
N GLU D 26 -6.85 1.61 13.02
CA GLU D 26 -7.81 2.18 13.95
C GLU D 26 -9.14 1.42 13.86
N LEU D 27 -9.68 1.33 12.65
CA LEU D 27 -10.94 0.61 12.44
C LEU D 27 -10.78 -0.86 12.80
N LEU D 28 -9.61 -1.42 12.50
CA LEU D 28 -9.35 -2.82 12.81
C LEU D 28 -9.55 -3.08 14.29
N ALA D 29 -9.03 -2.17 15.11
CA ALA D 29 -9.15 -2.30 16.56
C ALA D 29 -10.60 -2.10 17.00
N ALA D 30 -11.21 -1.01 16.52
CA ALA D 30 -12.59 -0.71 16.87
C ALA D 30 -13.53 -1.78 16.32
N CYS D 31 -13.25 -2.24 15.11
CA CYS D 31 -14.07 -3.27 14.49
C CYS D 31 -13.96 -4.56 15.27
N ARG D 32 -12.75 -4.90 15.69
CA ARG D 32 -12.51 -6.12 16.45
C ARG D 32 -13.18 -6.05 17.83
N GLU D 33 -13.04 -4.91 18.50
CA GLU D 33 -13.63 -4.76 19.83
C GLU D 33 -15.15 -4.87 19.76
N GLU D 34 -15.77 -4.22 18.78
CA GLU D 34 -17.22 -4.30 18.66
C GLU D 34 -17.65 -5.70 18.25
N PHE D 35 -16.83 -6.34 17.42
CA PHE D 35 -17.14 -7.70 16.97
C PHE D 35 -17.20 -8.64 18.16
N HIS D 36 -16.24 -8.49 19.07
CA HIS D 36 -16.20 -9.33 20.26
C HIS D 36 -17.39 -9.04 21.16
N ARG D 37 -17.58 -7.77 21.49
CA ARG D 37 -18.69 -7.37 22.34
C ARG D 37 -19.98 -8.03 21.87
N ARG D 38 -20.29 -7.84 20.59
CA ARG D 38 -21.50 -8.42 20.02
C ARG D 38 -21.63 -9.89 20.41
N LEU D 39 -20.52 -10.62 20.30
CA LEU D 39 -20.53 -12.05 20.64
C LEU D 39 -20.80 -12.23 22.13
N LYS D 40 -20.26 -11.33 22.94
CA LYS D 40 -20.45 -11.40 24.38
C LYS D 40 -21.93 -11.22 24.73
N VAL D 41 -22.48 -10.07 24.38
CA VAL D 41 -23.88 -9.78 24.65
C VAL D 41 -24.77 -10.32 23.54
N TYR D 42 -25.82 -11.04 23.94
CA TYR D 42 -26.74 -11.62 22.96
C TYR D 42 -27.54 -10.52 22.26
N HIS D 43 -26.87 -9.75 21.43
CA HIS D 43 -27.53 -8.67 20.70
C HIS D 43 -28.29 -7.76 21.67
N GLY A 1 -9.66 26.31 -2.43
CA GLY A 1 -8.58 26.21 -3.41
C GLY A 1 -7.54 25.20 -2.97
N THR A 2 -6.27 25.51 -3.23
CA THR A 2 -5.19 24.62 -2.84
C THR A 2 -5.36 24.12 -1.41
N LYS A 3 -5.98 22.95 -1.29
CA LYS A 3 -6.22 22.37 0.04
C LYS A 3 -5.56 20.99 0.14
N LYS A 4 -4.27 20.95 -0.18
CA LYS A 4 -3.53 19.69 -0.13
C LYS A 4 -3.69 19.04 1.24
N TYR A 5 -3.00 17.92 1.44
CA TYR A 5 -3.07 17.20 2.71
C TYR A 5 -1.97 17.66 3.65
N ASP A 6 -2.31 17.78 4.93
CA ASP A 6 -1.34 18.23 5.93
C ASP A 6 -0.45 17.06 6.37
N LEU A 7 0.70 16.92 5.71
CA LEU A 7 1.63 15.85 6.04
C LEU A 7 2.70 16.35 7.01
N SER A 8 2.27 17.08 8.02
CA SER A 8 3.19 17.62 9.01
C SER A 8 3.56 16.56 10.04
N LYS A 9 3.30 15.30 9.72
CA LYS A 9 3.60 14.21 10.62
C LYS A 9 3.37 12.86 9.94
N TRP A 10 4.37 12.40 9.20
CA TRP A 10 4.27 11.12 8.50
C TRP A 10 5.54 10.31 8.70
N LYS A 11 5.46 9.00 8.44
CA LYS A 11 6.60 8.12 8.61
C LYS A 11 7.18 7.72 7.24
N TYR A 12 8.39 7.17 7.27
CA TYR A 12 9.05 6.75 6.03
C TYR A 12 8.29 5.60 5.39
N ALA A 13 7.97 4.58 6.19
CA ALA A 13 7.26 3.42 5.67
C ALA A 13 5.88 3.81 5.15
N GLU A 14 5.25 4.76 5.82
CA GLU A 14 3.92 5.22 5.42
C GLU A 14 4.00 5.94 4.07
N LEU A 15 4.93 6.88 3.96
CA LEU A 15 5.09 7.64 2.72
C LEU A 15 5.38 6.69 1.56
N ARG A 16 6.47 5.93 1.68
CA ARG A 16 6.85 5.00 0.63
C ARG A 16 5.69 4.07 0.30
N ASP A 17 5.13 3.44 1.32
CA ASP A 17 4.00 2.53 1.13
C ASP A 17 2.88 3.22 0.36
N THR A 18 2.50 4.40 0.82
CA THR A 18 1.44 5.16 0.17
C THR A 18 1.71 5.29 -1.32
N ILE A 19 2.93 5.70 -1.66
CA ILE A 19 3.31 5.86 -3.06
C ILE A 19 3.36 4.51 -3.77
N ASN A 20 3.58 3.45 -2.99
CA ASN A 20 3.66 2.10 -3.56
C ASN A 20 2.29 1.41 -3.51
N THR A 21 1.33 2.04 -2.85
CA THR A 21 -0.02 1.47 -2.74
C THR A 21 -1.08 2.49 -3.15
N SER A 22 -0.65 3.72 -3.40
CA SER A 22 -1.57 4.77 -3.81
C SER A 22 -1.19 5.34 -5.18
N CYS A 23 -2.19 5.75 -5.93
CA CYS A 23 -1.98 6.32 -7.26
C CYS A 23 -2.51 7.74 -7.32
N ASP A 24 -2.73 8.31 -6.15
CA ASP A 24 -3.25 9.66 -6.06
C ASP A 24 -2.16 10.68 -6.38
N ILE A 25 -2.08 11.04 -7.66
CA ILE A 25 -1.08 12.00 -8.11
C ILE A 25 -0.90 13.12 -7.09
N GLU A 26 -2.00 13.55 -6.49
CA GLU A 26 -1.94 14.62 -5.50
C GLU A 26 -1.04 14.21 -4.34
N LEU A 27 -1.39 13.11 -3.68
CA LEU A 27 -0.59 12.61 -2.56
C LEU A 27 0.84 12.36 -3.01
N LEU A 28 0.98 11.80 -4.20
CA LEU A 28 2.30 11.49 -4.75
C LEU A 28 3.16 12.75 -4.77
N ALA A 29 2.56 13.85 -5.20
CA ALA A 29 3.29 15.12 -5.27
C ALA A 29 3.63 15.61 -3.87
N ALA A 30 2.64 15.61 -2.99
CA ALA A 30 2.85 16.05 -1.61
C ALA A 30 3.89 15.15 -0.92
N CYS A 31 3.73 13.85 -1.09
CA CYS A 31 4.65 12.90 -0.48
C CYS A 31 6.06 13.15 -0.97
N ARG A 32 6.22 13.17 -2.30
CA ARG A 32 7.53 13.41 -2.89
C ARG A 32 8.15 14.68 -2.33
N GLU A 33 7.33 15.72 -2.20
CA GLU A 33 7.80 16.99 -1.67
C GLU A 33 8.39 16.82 -0.28
N GLU A 34 7.57 16.36 0.66
CA GLU A 34 8.04 16.17 2.03
C GLU A 34 9.17 15.16 2.06
N PHE A 35 9.07 14.11 1.23
CA PHE A 35 10.09 13.09 1.19
C PHE A 35 11.44 13.70 0.85
N HIS A 36 11.45 14.67 -0.05
CA HIS A 36 12.67 15.33 -0.46
C HIS A 36 13.17 16.24 0.66
N ARG A 37 12.30 17.13 1.13
CA ARG A 37 12.66 18.05 2.19
C ARG A 37 13.39 17.31 3.31
N ARG A 38 12.83 16.18 3.74
CA ARG A 38 13.43 15.39 4.80
C ARG A 38 14.90 15.13 4.49
N LEU A 39 15.23 14.97 3.21
CA LEU A 39 16.60 14.72 2.80
C LEU A 39 17.33 16.02 2.53
N LYS A 40 16.81 16.79 1.57
CA LYS A 40 17.42 18.08 1.22
C LYS A 40 17.73 18.88 2.48
N VAL A 41 16.91 18.70 3.51
CA VAL A 41 17.11 19.41 4.77
C VAL A 41 17.78 18.51 5.79
N TYR A 42 18.40 19.13 6.79
CA TYR A 42 19.08 18.39 7.84
C TYR A 42 19.16 19.21 9.12
N HIS A 43 18.03 19.75 9.55
CA HIS A 43 17.98 20.56 10.76
C HIS A 43 18.52 19.77 11.95
N MET B 1 -1.17 2.35 -30.35
CA MET B 1 -2.08 2.77 -29.25
C MET B 1 -1.50 3.99 -28.55
N GLN B 2 -2.22 5.10 -28.60
CA GLN B 2 -1.77 6.33 -27.97
C GLN B 2 -2.19 6.38 -26.50
N ILE B 3 -1.23 6.68 -25.62
CA ILE B 3 -1.50 6.75 -24.19
C ILE B 3 -0.91 8.04 -23.61
N PHE B 4 -1.50 8.51 -22.52
CA PHE B 4 -1.03 9.73 -21.87
C PHE B 4 -0.42 9.42 -20.50
N VAL B 5 0.61 10.18 -20.15
CA VAL B 5 1.28 9.98 -18.85
C VAL B 5 1.26 11.26 -18.04
N LYS B 6 0.48 11.27 -16.97
CA LYS B 6 0.38 12.45 -16.12
C LYS B 6 1.53 12.50 -15.13
N THR B 7 2.10 13.69 -14.94
CA THR B 7 3.21 13.86 -14.01
C THR B 7 2.73 14.51 -12.72
N LEU B 8 3.65 15.16 -12.00
CA LEU B 8 3.32 15.81 -10.75
C LEU B 8 2.75 17.21 -11.01
N THR B 9 3.54 18.04 -11.67
CA THR B 9 3.11 19.40 -11.99
C THR B 9 1.86 19.39 -12.87
N GLY B 10 1.39 18.18 -13.20
CA GLY B 10 0.21 18.04 -14.03
C GLY B 10 0.59 17.84 -15.50
N LYS B 11 1.87 18.11 -15.81
CA LYS B 11 2.35 17.96 -17.18
C LYS B 11 2.04 16.56 -17.69
N THR B 12 1.30 16.49 -18.80
CA THR B 12 0.95 15.21 -19.40
C THR B 12 1.78 14.95 -20.65
N ILE B 13 2.16 13.69 -20.84
CA ILE B 13 2.97 13.31 -22.01
C ILE B 13 2.25 12.22 -22.82
N THR B 14 2.15 12.45 -24.13
CA THR B 14 1.50 11.50 -25.02
C THR B 14 2.53 10.65 -25.73
N LEU B 15 2.41 9.32 -25.61
CA LEU B 15 3.35 8.41 -26.25
C LEU B 15 2.60 7.32 -27.01
N GLU B 16 3.13 6.97 -28.18
CA GLU B 16 2.51 5.93 -29.00
C GLU B 16 3.09 4.56 -28.65
N VAL B 17 2.21 3.65 -28.22
CA VAL B 17 2.64 2.30 -27.83
C VAL B 17 1.63 1.26 -28.28
N GLU B 18 1.80 0.04 -27.78
CA GLU B 18 0.88 -1.05 -28.12
C GLU B 18 0.70 -1.98 -26.92
N PRO B 19 -0.45 -2.57 -26.77
CA PRO B 19 -0.74 -3.49 -25.63
C PRO B 19 0.39 -4.51 -25.42
N SER B 20 1.33 -4.57 -26.36
CA SER B 20 2.43 -5.52 -26.26
C SER B 20 3.72 -4.79 -25.87
N ASP B 21 3.60 -3.54 -25.45
CA ASP B 21 4.76 -2.76 -25.04
C ASP B 21 5.08 -3.00 -23.57
N THR B 22 6.36 -3.20 -23.28
CA THR B 22 6.79 -3.45 -21.90
C THR B 22 6.92 -2.15 -21.13
N ILE B 23 6.39 -2.14 -19.91
CA ILE B 23 6.46 -0.94 -19.07
C ILE B 23 7.86 -0.34 -19.12
N GLU B 24 8.87 -1.19 -18.98
CA GLU B 24 10.25 -0.74 -19.00
C GLU B 24 10.51 0.06 -20.28
N ASN B 25 9.89 -0.37 -21.37
CA ASN B 25 10.05 0.32 -22.65
C ASN B 25 9.45 1.71 -22.57
N VAL B 26 8.28 1.81 -21.95
CA VAL B 26 7.62 3.10 -21.80
C VAL B 26 8.48 4.05 -20.98
N LYS B 27 9.06 3.52 -19.90
CA LYS B 27 9.92 4.32 -19.04
C LYS B 27 11.08 4.90 -19.85
N ALA B 28 11.61 4.09 -20.76
CA ALA B 28 12.72 4.53 -21.59
C ALA B 28 12.28 5.69 -22.48
N LYS B 29 11.07 5.59 -23.03
CA LYS B 29 10.53 6.64 -23.88
C LYS B 29 10.45 7.95 -23.13
N ILE B 30 9.84 7.91 -21.94
CA ILE B 30 9.70 9.11 -21.12
C ILE B 30 11.08 9.73 -20.84
N GLN B 31 12.02 8.88 -20.44
CA GLN B 31 13.37 9.33 -20.14
C GLN B 31 13.95 10.08 -21.35
N ASP B 32 13.51 9.70 -22.53
CA ASP B 32 13.99 10.35 -23.75
C ASP B 32 13.40 11.75 -23.88
N LYS B 33 12.12 11.88 -23.54
CA LYS B 33 11.45 13.18 -23.61
C LYS B 33 11.97 14.10 -22.52
N GLU B 34 11.72 13.74 -21.28
CA GLU B 34 12.16 14.55 -20.14
C GLU B 34 13.65 14.32 -19.88
N GLY B 35 13.97 13.79 -18.71
CA GLY B 35 15.35 13.53 -18.34
C GLY B 35 15.42 12.64 -17.10
N ILE B 36 14.28 12.08 -16.72
CA ILE B 36 14.22 11.21 -15.56
C ILE B 36 14.70 9.79 -15.93
N PRO B 37 15.79 9.32 -15.36
CA PRO B 37 16.30 7.97 -15.67
C PRO B 37 15.28 6.87 -15.34
N PRO B 38 15.33 5.76 -16.02
CA PRO B 38 14.38 4.63 -15.79
C PRO B 38 14.24 4.32 -14.29
N ASP B 39 15.34 3.94 -13.67
CA ASP B 39 15.33 3.61 -12.24
C ASP B 39 14.58 4.68 -11.46
N GLN B 40 14.50 5.88 -12.02
CA GLN B 40 13.81 6.98 -11.36
C GLN B 40 12.41 7.18 -11.95
N GLN B 41 11.82 6.09 -12.42
CA GLN B 41 10.48 6.15 -13.02
C GLN B 41 9.60 5.02 -12.48
N ARG B 42 8.33 5.34 -12.26
CA ARG B 42 7.38 4.35 -11.74
C ARG B 42 5.97 4.67 -12.22
N LEU B 43 5.41 3.80 -13.04
CA LEU B 43 4.07 4.01 -13.57
C LEU B 43 3.03 3.34 -12.69
N ILE B 44 1.96 4.10 -12.37
CA ILE B 44 0.89 3.59 -11.53
C ILE B 44 -0.46 3.81 -12.20
N PHE B 45 -1.37 2.85 -12.04
CA PHE B 45 -2.70 2.96 -12.64
C PHE B 45 -3.75 2.33 -11.73
N ALA B 46 -4.50 3.18 -11.03
CA ALA B 46 -5.54 2.71 -10.13
C ALA B 46 -4.93 1.94 -8.96
N GLY B 47 -4.23 2.67 -8.08
CA GLY B 47 -3.61 2.05 -6.91
C GLY B 47 -2.94 0.73 -7.28
N LYS B 48 -2.21 0.73 -8.39
CA LYS B 48 -1.52 -0.48 -8.85
C LYS B 48 -0.24 -0.11 -9.60
N GLN B 49 0.90 -0.53 -9.05
CA GLN B 49 2.18 -0.25 -9.68
C GLN B 49 2.43 -1.22 -10.83
N LEU B 50 2.71 -0.68 -12.01
CA LEU B 50 2.96 -1.51 -13.18
C LEU B 50 4.37 -2.09 -13.15
N GLU B 51 4.46 -3.41 -13.08
CA GLU B 51 5.75 -4.08 -13.05
C GLU B 51 6.63 -3.62 -14.21
N ASP B 52 7.94 -3.74 -14.05
CA ASP B 52 8.88 -3.34 -15.09
C ASP B 52 9.12 -4.48 -16.07
N GLY B 53 8.71 -5.69 -15.70
CA GLY B 53 8.90 -6.86 -16.54
C GLY B 53 7.57 -7.37 -17.09
N ARG B 54 6.66 -6.45 -17.40
CA ARG B 54 5.35 -6.83 -17.93
C ARG B 54 4.93 -5.88 -19.05
N THR B 55 3.84 -6.21 -19.73
CA THR B 55 3.35 -5.38 -20.82
C THR B 55 2.08 -4.64 -20.41
N LEU B 56 1.76 -3.57 -21.13
CA LEU B 56 0.57 -2.78 -20.82
C LEU B 56 -0.66 -3.67 -20.77
N SER B 57 -0.80 -4.53 -21.77
CA SER B 57 -1.95 -5.43 -21.83
C SER B 57 -2.20 -6.08 -20.48
N ASP B 58 -1.13 -6.30 -19.72
CA ASP B 58 -1.25 -6.92 -18.41
C ASP B 58 -2.00 -6.00 -17.44
N TYR B 59 -2.51 -4.90 -17.96
CA TYR B 59 -3.25 -3.95 -17.14
C TYR B 59 -4.47 -3.40 -17.90
N ASN B 60 -4.90 -4.14 -18.91
CA ASN B 60 -6.05 -3.74 -19.72
C ASN B 60 -6.02 -2.23 -19.99
N ILE B 61 -4.83 -1.70 -20.26
CA ILE B 61 -4.68 -0.28 -20.54
C ILE B 61 -5.02 0.02 -22.00
N GLN B 62 -6.19 0.60 -22.22
CA GLN B 62 -6.62 0.92 -23.58
C GLN B 62 -6.00 2.23 -24.05
N ARG B 63 -6.57 2.82 -25.09
CA ARG B 63 -6.06 4.07 -25.64
C ARG B 63 -6.56 5.25 -24.81
N GLU B 64 -5.88 6.38 -24.95
CA GLU B 64 -6.25 7.59 -24.22
C GLU B 64 -6.27 7.32 -22.72
N SER B 65 -5.37 6.44 -22.27
CA SER B 65 -5.29 6.10 -20.85
C SER B 65 -4.36 7.07 -20.12
N THR B 66 -4.87 7.66 -19.04
CA THR B 66 -4.07 8.60 -18.25
C THR B 66 -3.32 7.88 -17.14
N LEU B 67 -2.05 7.61 -17.36
CA LEU B 67 -1.22 6.93 -16.37
C LEU B 67 -0.73 7.92 -15.31
N HIS B 68 -0.26 7.38 -14.18
CA HIS B 68 0.25 8.22 -13.10
C HIS B 68 1.74 7.96 -12.88
N LEU B 69 2.57 8.86 -13.41
CA LEU B 69 4.02 8.71 -13.28
C LEU B 69 4.48 9.21 -11.92
N VAL B 70 5.51 8.55 -11.38
CA VAL B 70 6.06 8.92 -10.08
C VAL B 70 7.56 8.66 -10.04
N LEU B 71 8.31 9.60 -9.47
CA LEU B 71 9.76 9.45 -9.38
C LEU B 71 10.13 8.57 -8.18
N ARG B 72 10.63 7.37 -8.47
CA ARG B 72 11.02 6.45 -7.42
C ARG B 72 12.16 7.03 -6.60
N LEU B 73 11.88 7.34 -5.34
CA LEU B 73 12.89 7.92 -4.45
C LEU B 73 13.78 6.82 -3.88
N ARG B 74 14.66 6.27 -4.72
CA ARG B 74 15.56 5.21 -4.29
C ARG B 74 14.82 4.17 -3.47
N GLY B 75 14.37 3.11 -4.14
CA GLY B 75 13.64 2.04 -3.47
C GLY B 75 14.60 0.99 -2.91
N GLY B 76 14.09 -0.22 -2.68
CA GLY B 76 14.91 -1.29 -2.15
C GLY B 76 15.39 -0.96 -0.73
N MET C 1 15.21 -10.30 4.97
CA MET C 1 14.41 -9.06 4.80
C MET C 1 13.63 -8.78 6.08
N GLN C 2 13.93 -7.64 6.72
CA GLN C 2 13.25 -7.27 7.95
C GLN C 2 12.01 -6.44 7.66
N ILE C 3 10.84 -7.01 7.99
CA ILE C 3 9.58 -6.31 7.76
C ILE C 3 8.95 -5.88 9.09
N PHE C 4 8.30 -4.71 9.08
CA PHE C 4 7.67 -4.19 10.29
C PHE C 4 6.20 -4.58 10.34
N VAL C 5 5.72 -4.91 11.53
CA VAL C 5 4.32 -5.30 11.72
C VAL C 5 3.69 -4.52 12.86
N LYS C 6 2.77 -3.62 12.52
CA LYS C 6 2.10 -2.81 13.53
C LYS C 6 0.80 -3.47 13.98
N THR C 7 0.59 -3.52 15.29
CA THR C 7 -0.62 -4.13 15.84
C THR C 7 -1.69 -3.07 16.03
N LEU C 8 -2.71 -3.41 16.82
CA LEU C 8 -3.81 -2.48 17.08
C LEU C 8 -3.63 -1.80 18.44
N THR C 9 -2.39 -1.74 18.91
CA THR C 9 -2.09 -1.12 20.19
C THR C 9 -0.85 -0.23 20.09
N GLY C 10 -0.27 -0.17 18.90
CA GLY C 10 0.92 0.64 18.68
C GLY C 10 2.19 -0.18 18.85
N LYS C 11 2.10 -1.48 18.59
CA LYS C 11 3.25 -2.36 18.73
C LYS C 11 3.83 -2.71 17.36
N THR C 12 5.02 -2.19 17.08
CA THR C 12 5.66 -2.44 15.79
C THR C 12 6.77 -3.49 15.95
N ILE C 13 6.50 -4.70 15.48
CA ILE C 13 7.48 -5.78 15.57
C ILE C 13 8.39 -5.77 14.34
N THR C 14 9.33 -6.71 14.29
CA THR C 14 10.25 -6.82 13.16
C THR C 14 10.51 -8.28 12.83
N LEU C 15 9.78 -8.80 11.85
CA LEU C 15 9.94 -10.20 11.47
C LEU C 15 10.93 -10.33 10.32
N GLU C 16 11.91 -11.22 10.51
CA GLU C 16 12.93 -11.45 9.48
C GLU C 16 12.43 -12.50 8.49
N VAL C 17 12.37 -12.14 7.22
CA VAL C 17 11.89 -13.06 6.18
C VAL C 17 12.55 -12.76 4.84
N GLU C 18 12.00 -13.35 3.78
CA GLU C 18 12.52 -13.14 2.44
C GLU C 18 11.36 -13.03 1.45
N PRO C 19 11.52 -12.26 0.39
CA PRO C 19 10.46 -12.07 -0.63
C PRO C 19 9.80 -13.39 -1.04
N SER C 20 10.53 -14.49 -0.93
CA SER C 20 10.01 -15.80 -1.31
C SER C 20 9.31 -16.47 -0.12
N ASP C 21 9.04 -15.70 0.93
CA ASP C 21 8.38 -16.24 2.10
C ASP C 21 6.87 -16.19 1.93
N THR C 22 6.21 -17.27 2.29
CA THR C 22 4.76 -17.35 2.17
C THR C 22 4.08 -16.71 3.38
N ILE C 23 3.08 -15.87 3.11
CA ILE C 23 2.36 -15.19 4.19
C ILE C 23 2.12 -16.15 5.35
N GLU C 24 1.73 -17.39 5.04
CA GLU C 24 1.49 -18.38 6.07
C GLU C 24 2.71 -18.55 6.96
N ASN C 25 3.89 -18.64 6.33
CA ASN C 25 5.13 -18.79 7.09
C ASN C 25 5.33 -17.59 8.01
N VAL C 26 5.00 -16.40 7.51
CA VAL C 26 5.15 -15.19 8.29
C VAL C 26 4.27 -15.27 9.54
N LYS C 27 3.03 -15.73 9.35
CA LYS C 27 2.10 -15.85 10.46
C LYS C 27 2.70 -16.75 11.54
N ALA C 28 3.30 -17.85 11.12
CA ALA C 28 3.91 -18.78 12.06
C ALA C 28 4.98 -18.07 12.89
N LYS C 29 5.81 -17.27 12.21
CA LYS C 29 6.85 -16.54 12.90
C LYS C 29 6.27 -15.63 13.97
N ILE C 30 5.20 -14.93 13.62
CA ILE C 30 4.54 -14.03 14.56
C ILE C 30 4.02 -14.82 15.77
N GLN C 31 3.60 -16.05 15.53
CA GLN C 31 3.09 -16.90 16.60
C GLN C 31 4.20 -17.23 17.58
N ASP C 32 5.41 -17.40 17.06
CA ASP C 32 6.55 -17.73 17.90
C ASP C 32 6.97 -16.50 18.72
N LYS C 33 6.67 -15.32 18.21
CA LYS C 33 7.02 -14.08 18.89
C LYS C 33 5.97 -13.74 19.96
N GLU C 34 4.75 -13.43 19.50
CA GLU C 34 3.67 -13.10 20.42
C GLU C 34 3.03 -14.36 20.99
N GLY C 35 2.04 -14.89 20.28
CA GLY C 35 1.36 -16.10 20.73
C GLY C 35 -0.01 -16.22 20.06
N ILE C 36 -0.26 -15.36 19.09
CA ILE C 36 -1.54 -15.39 18.37
C ILE C 36 -1.54 -16.53 17.36
N PRO C 37 -2.58 -17.35 17.35
CA PRO C 37 -2.66 -18.50 16.40
C PRO C 37 -2.49 -18.05 14.95
N PRO C 38 -1.89 -18.85 14.12
CA PRO C 38 -1.67 -18.50 12.69
C PRO C 38 -2.97 -18.07 12.00
N ASP C 39 -4.08 -18.68 12.41
CA ASP C 39 -5.38 -18.35 11.82
C ASP C 39 -5.78 -16.93 12.21
N GLN C 40 -5.61 -16.59 13.47
CA GLN C 40 -5.96 -15.25 13.95
C GLN C 40 -4.85 -14.26 13.65
N GLN C 41 -4.26 -14.38 12.46
CA GLN C 41 -3.18 -13.48 12.05
C GLN C 41 -3.39 -13.00 10.62
N ARG C 42 -4.35 -12.10 10.43
CA ARG C 42 -4.64 -11.57 9.11
C ARG C 42 -3.80 -10.31 8.86
N LEU C 43 -2.97 -10.36 7.83
CA LEU C 43 -2.11 -9.23 7.49
C LEU C 43 -2.74 -8.39 6.39
N ILE C 44 -2.74 -7.07 6.60
CA ILE C 44 -3.30 -6.14 5.63
C ILE C 44 -2.29 -5.04 5.31
N PHE C 45 -1.95 -4.90 4.02
CA PHE C 45 -0.98 -3.90 3.59
C PHE C 45 -1.65 -2.84 2.72
N ALA C 46 -2.39 -1.94 3.34
CA ALA C 46 -3.07 -0.87 2.60
C ALA C 46 -4.24 -1.44 1.81
N GLY C 47 -5.41 -1.49 2.44
CA GLY C 47 -6.61 -2.00 1.80
C GLY C 47 -6.29 -3.22 0.93
N LYS C 48 -5.24 -3.94 1.30
CA LYS C 48 -4.84 -5.12 0.55
C LYS C 48 -4.59 -6.30 1.49
N GLN C 49 -5.59 -7.16 1.63
CA GLN C 49 -5.47 -8.32 2.50
C GLN C 49 -4.55 -9.36 1.88
N LEU C 50 -3.53 -9.78 2.62
CA LEU C 50 -2.58 -10.77 2.11
C LEU C 50 -3.15 -12.17 2.25
N GLU C 51 -3.07 -12.95 1.18
CA GLU C 51 -3.57 -14.32 1.18
C GLU C 51 -2.58 -15.25 1.86
N ASP C 52 -3.06 -16.41 2.31
CA ASP C 52 -2.20 -17.37 2.97
C ASP C 52 -1.43 -18.21 1.95
N GLY C 53 -1.94 -18.25 0.72
CA GLY C 53 -1.29 -19.03 -0.34
C GLY C 53 -0.52 -18.13 -1.29
N ARG C 54 0.14 -17.11 -0.74
CA ARG C 54 0.93 -16.18 -1.55
C ARG C 54 2.23 -15.83 -0.83
N THR C 55 3.10 -15.09 -1.51
CA THR C 55 4.38 -14.69 -0.91
C THR C 55 4.46 -13.19 -0.74
N LEU C 56 5.41 -12.74 0.06
CA LEU C 56 5.59 -11.30 0.31
C LEU C 56 5.88 -10.57 -0.99
N SER C 57 6.69 -11.20 -1.85
CA SER C 57 7.04 -10.59 -3.13
C SER C 57 5.80 -10.28 -3.96
N ASP C 58 4.87 -11.23 -3.99
CA ASP C 58 3.64 -11.05 -4.74
C ASP C 58 3.01 -9.68 -4.45
N TYR C 59 3.09 -9.27 -3.18
CA TYR C 59 2.52 -7.98 -2.77
C TYR C 59 3.58 -6.89 -2.83
N ASN C 60 4.62 -7.11 -3.63
CA ASN C 60 5.69 -6.13 -3.77
C ASN C 60 6.16 -5.64 -2.41
N ILE C 61 5.97 -6.46 -1.38
CA ILE C 61 6.38 -6.10 -0.03
C ILE C 61 7.90 -6.15 0.10
N GLN C 62 8.54 -4.99 0.08
CA GLN C 62 9.99 -4.93 0.18
C GLN C 62 10.42 -4.93 1.66
N LYS C 63 11.62 -4.42 1.91
CA LYS C 63 12.15 -4.37 3.26
C LYS C 63 11.61 -3.16 4.01
N GLU C 64 11.71 -3.20 5.34
CA GLU C 64 11.23 -2.10 6.17
C GLU C 64 9.81 -1.72 5.78
N SER C 65 9.04 -2.71 5.35
CA SER C 65 7.66 -2.48 4.95
C SER C 65 6.71 -2.67 6.13
N THR C 66 5.82 -1.70 6.34
CA THR C 66 4.85 -1.78 7.43
C THR C 66 3.72 -2.74 7.08
N LEU C 67 3.18 -3.42 8.07
CA LEU C 67 2.09 -4.36 7.85
C LEU C 67 1.04 -4.25 8.96
N HIS C 68 -0.20 -3.98 8.56
CA HIS C 68 -1.29 -3.85 9.53
C HIS C 68 -1.76 -5.23 9.98
N LEU C 69 -1.40 -5.61 11.20
CA LEU C 69 -1.79 -6.92 11.73
C LEU C 69 -3.20 -6.87 12.30
N VAL C 70 -3.94 -7.97 12.15
CA VAL C 70 -5.30 -8.06 12.66
C VAL C 70 -5.59 -9.47 13.15
N LEU C 71 -6.55 -9.60 14.06
CA LEU C 71 -6.92 -10.90 14.60
C LEU C 71 -8.17 -11.43 13.90
N ARG C 72 -7.96 -12.21 12.84
CA ARG C 72 -9.08 -12.77 12.10
C ARG C 72 -10.11 -13.36 13.05
N LEU C 73 -11.29 -12.73 13.10
CA LEU C 73 -12.36 -13.20 13.97
C LEU C 73 -13.13 -14.33 13.30
N ARG C 74 -13.45 -15.36 14.09
CA ARG C 74 -14.18 -16.50 13.56
C ARG C 74 -15.61 -16.10 13.17
N GLY C 75 -16.44 -17.08 12.85
CA GLY C 75 -17.82 -16.81 12.46
C GLY C 75 -18.42 -18.00 11.72
N CYS C 76 -18.41 -19.16 12.37
CA CYS C 76 -18.95 -20.37 11.75
C CYS C 76 -20.47 -20.30 11.72
N GLY D 1 -10.09 14.50 25.16
CA GLY D 1 -8.92 14.39 24.31
C GLY D 1 -9.31 14.10 22.87
N THR D 2 -10.18 13.12 22.67
CA THR D 2 -10.63 12.75 21.34
C THR D 2 -12.00 12.08 21.40
N LYS D 3 -12.31 11.32 20.37
CA LYS D 3 -13.59 10.62 20.31
C LYS D 3 -13.55 9.52 19.26
N LYS D 4 -13.68 8.27 19.71
CA LYS D 4 -13.66 7.14 18.79
C LYS D 4 -14.91 7.13 17.92
N TYR D 5 -15.07 6.07 17.13
CA TYR D 5 -16.23 5.95 16.25
C TYR D 5 -17.35 5.20 16.95
N ASP D 6 -18.56 5.74 16.86
CA ASP D 6 -19.72 5.13 17.49
C ASP D 6 -20.27 3.99 16.61
N LEU D 7 -19.80 2.78 16.88
CA LEU D 7 -20.25 1.62 16.12
C LEU D 7 -21.39 0.91 16.84
N SER D 8 -22.34 1.70 17.33
CA SER D 8 -23.49 1.13 18.05
C SER D 8 -24.56 0.67 17.06
N LYS D 9 -24.27 0.78 15.77
CA LYS D 9 -25.22 0.38 14.75
C LYS D 9 -24.49 -0.19 13.53
N TRP D 10 -23.94 -1.39 13.68
CA TRP D 10 -23.22 -2.05 12.59
C TRP D 10 -23.73 -3.47 12.40
N LYS D 11 -23.34 -4.08 11.28
CA LYS D 11 -23.77 -5.45 10.97
C LYS D 11 -22.56 -6.39 10.95
N TYR D 12 -22.84 -7.69 10.98
CA TYR D 12 -21.78 -8.69 10.97
C TYR D 12 -20.96 -8.58 9.69
N ALA D 13 -21.64 -8.52 8.54
CA ALA D 13 -20.96 -8.42 7.26
C ALA D 13 -20.15 -7.13 7.18
N GLU D 14 -20.75 -6.04 7.63
CA GLU D 14 -20.07 -4.74 7.60
C GLU D 14 -18.75 -4.81 8.36
N LEU D 15 -18.82 -5.23 9.63
CA LEU D 15 -17.63 -5.32 10.46
C LEU D 15 -16.59 -6.23 9.82
N ARG D 16 -16.98 -7.49 9.60
CA ARG D 16 -16.08 -8.45 8.99
C ARG D 16 -15.55 -7.94 7.66
N ASP D 17 -16.45 -7.49 6.80
CA ASP D 17 -16.07 -6.97 5.50
C ASP D 17 -15.10 -5.80 5.64
N THR D 18 -15.46 -4.85 6.50
CA THR D 18 -14.61 -3.69 6.72
C THR D 18 -13.21 -4.10 7.12
N ILE D 19 -13.11 -5.11 8.00
CA ILE D 19 -11.82 -5.60 8.45
C ILE D 19 -11.13 -6.38 7.34
N ASN D 20 -11.92 -7.10 6.55
CA ASN D 20 -11.37 -7.90 5.46
C ASN D 20 -11.11 -7.04 4.23
N THR D 21 -11.77 -5.89 4.16
CA THR D 21 -11.61 -4.98 3.03
C THR D 21 -10.78 -3.76 3.43
N SER D 22 -11.15 -3.11 4.52
CA SER D 22 -10.42 -1.94 4.99
C SER D 22 -9.07 -2.33 5.58
N CYS D 23 -8.34 -1.32 6.04
CA CYS D 23 -7.02 -1.55 6.63
C CYS D 23 -6.73 -0.50 7.69
N ASP D 24 -7.77 0.24 8.05
CA ASP D 24 -7.63 1.30 9.05
C ASP D 24 -7.46 0.70 10.45
N ILE D 25 -6.20 0.53 10.86
CA ILE D 25 -5.90 -0.03 12.17
C ILE D 25 -6.88 0.49 13.22
N GLU D 26 -7.22 1.77 13.12
CA GLU D 26 -8.15 2.37 14.07
C GLU D 26 -9.48 1.62 14.05
N LEU D 27 -10.08 1.53 12.87
CA LEU D 27 -11.35 0.83 12.73
C LEU D 27 -11.19 -0.63 13.14
N LEU D 28 -10.05 -1.22 12.80
CA LEU D 28 -9.79 -2.61 13.14
C LEU D 28 -9.91 -2.81 14.65
N ALA D 29 -9.35 -1.87 15.42
CA ALA D 29 -9.41 -1.94 16.87
C ALA D 29 -10.84 -1.74 17.35
N ALA D 30 -11.49 -0.70 16.85
CA ALA D 30 -12.87 -0.41 17.24
C ALA D 30 -13.79 -1.57 16.86
N CYS D 31 -13.62 -2.07 15.65
CA CYS D 31 -14.44 -3.17 15.17
C CYS D 31 -14.26 -4.39 16.07
N ARG D 32 -13.01 -4.79 16.28
CA ARG D 32 -12.72 -5.94 17.13
C ARG D 32 -13.32 -5.73 18.52
N GLU D 33 -13.25 -4.50 19.01
CA GLU D 33 -13.78 -4.18 20.34
C GLU D 33 -15.28 -4.49 20.39
N GLU D 34 -16.04 -3.96 19.44
CA GLU D 34 -17.48 -4.19 19.42
C GLU D 34 -17.77 -5.63 19.01
N PHE D 35 -16.97 -6.17 18.10
CA PHE D 35 -17.15 -7.54 17.63
C PHE D 35 -17.04 -8.51 18.81
N HIS D 36 -16.16 -8.19 19.76
CA HIS D 36 -15.97 -9.05 20.93
C HIS D 36 -17.08 -8.80 21.95
N ARG D 37 -17.28 -7.53 22.30
CA ARG D 37 -18.32 -7.17 23.27
C ARG D 37 -19.62 -7.89 22.91
N ARG D 38 -19.94 -7.92 21.63
CA ARG D 38 -21.16 -8.59 21.18
C ARG D 38 -21.16 -10.06 21.58
N LEU D 39 -19.97 -10.65 21.61
CA LEU D 39 -19.83 -12.06 21.98
C LEU D 39 -19.85 -12.21 23.50
N LYS D 40 -19.28 -11.24 24.20
CA LYS D 40 -19.23 -11.28 25.66
C LYS D 40 -20.65 -11.27 26.23
N VAL D 41 -21.46 -10.32 25.77
CA VAL D 41 -22.83 -10.21 26.25
C VAL D 41 -23.75 -11.16 25.48
N TYR D 42 -24.48 -11.99 26.21
CA TYR D 42 -25.38 -12.95 25.58
C TYR D 42 -26.22 -13.66 26.64
N HIS D 43 -27.47 -13.22 26.80
CA HIS D 43 -28.35 -13.83 27.78
C HIS D 43 -29.76 -13.29 27.64
N GLY A 1 -10.51 26.51 -3.53
CA GLY A 1 -9.45 26.96 -2.65
C GLY A 1 -8.30 25.95 -2.63
N THR A 2 -7.15 26.39 -2.12
CA THR A 2 -5.99 25.52 -2.05
C THR A 2 -6.23 24.37 -1.07
N LYS A 3 -6.70 23.24 -1.61
CA LYS A 3 -6.97 22.08 -0.78
C LYS A 3 -5.77 21.12 -0.80
N LYS A 4 -5.14 20.96 0.36
CA LYS A 4 -3.99 20.06 0.48
C LYS A 4 -4.17 19.11 1.65
N TYR A 5 -3.05 18.59 2.16
CA TYR A 5 -3.10 17.67 3.28
C TYR A 5 -2.00 18.00 4.30
N ASP A 6 -2.36 17.99 5.58
CA ASP A 6 -1.39 18.29 6.63
C ASP A 6 -0.51 17.08 6.91
N LEU A 7 0.63 17.02 6.24
CA LEU A 7 1.57 15.91 6.43
C LEU A 7 2.74 16.35 7.31
N SER A 8 2.43 17.16 8.32
CA SER A 8 3.47 17.63 9.24
C SER A 8 3.85 16.56 10.25
N LYS A 9 3.38 15.34 10.00
CA LYS A 9 3.68 14.22 10.90
C LYS A 9 3.45 12.89 10.20
N TRP A 10 4.43 12.47 9.42
CA TRP A 10 4.34 11.21 8.69
C TRP A 10 5.63 10.41 8.84
N LYS A 11 5.57 9.12 8.53
CA LYS A 11 6.74 8.25 8.64
C LYS A 11 7.31 7.96 7.26
N TYR A 12 8.59 7.58 7.22
CA TYR A 12 9.25 7.27 5.95
C TYR A 12 8.54 6.11 5.27
N ALA A 13 8.27 5.06 6.03
CA ALA A 13 7.59 3.88 5.47
C ALA A 13 6.20 4.26 4.96
N GLU A 14 5.50 5.09 5.73
CA GLU A 14 4.16 5.51 5.35
C GLU A 14 4.20 6.24 4.02
N LEU A 15 5.01 7.29 3.94
CA LEU A 15 5.13 8.07 2.71
C LEU A 15 5.47 7.15 1.53
N ARG A 16 6.61 6.47 1.64
CA ARG A 16 7.04 5.56 0.59
C ARG A 16 5.94 4.53 0.28
N ASP A 17 5.47 3.87 1.32
CA ASP A 17 4.42 2.87 1.15
C ASP A 17 3.24 3.47 0.39
N THR A 18 2.75 4.62 0.86
CA THR A 18 1.63 5.28 0.21
C THR A 18 1.90 5.45 -1.28
N ILE A 19 3.11 5.89 -1.61
CA ILE A 19 3.49 6.08 -3.00
C ILE A 19 3.63 4.73 -3.71
N ASN A 20 3.87 3.69 -2.93
CA ASN A 20 4.03 2.35 -3.48
C ASN A 20 2.74 1.55 -3.35
N THR A 21 1.73 2.14 -2.73
CA THR A 21 0.45 1.46 -2.54
C THR A 21 -0.71 2.38 -2.91
N SER A 22 -0.41 3.63 -3.22
CA SER A 22 -1.44 4.60 -3.58
C SER A 22 -1.18 5.19 -4.97
N CYS A 23 -2.26 5.47 -5.69
CA CYS A 23 -2.15 6.05 -7.04
C CYS A 23 -2.85 7.39 -7.10
N ASP A 24 -2.88 8.10 -5.97
CA ASP A 24 -3.52 9.41 -5.91
C ASP A 24 -2.52 10.51 -6.24
N ILE A 25 -2.49 10.90 -7.50
CA ILE A 25 -1.58 11.94 -7.96
C ILE A 25 -1.48 13.06 -6.93
N GLU A 26 -2.61 13.43 -6.34
CA GLU A 26 -2.63 14.50 -5.34
C GLU A 26 -1.69 14.15 -4.18
N LEU A 27 -1.95 13.02 -3.54
CA LEU A 27 -1.12 12.59 -2.42
C LEU A 27 0.33 12.44 -2.87
N LEU A 28 0.51 11.78 -4.02
CA LEU A 28 1.85 11.59 -4.56
C LEU A 28 2.60 12.91 -4.62
N ALA A 29 1.90 13.97 -5.04
CA ALA A 29 2.52 15.29 -5.13
C ALA A 29 2.87 15.80 -3.74
N ALA A 30 1.91 15.71 -2.82
CA ALA A 30 2.14 16.16 -1.45
C ALA A 30 3.28 15.39 -0.82
N CYS A 31 3.24 14.06 -0.98
CA CYS A 31 4.29 13.21 -0.42
C CYS A 31 5.65 13.58 -0.98
N ARG A 32 5.74 13.61 -2.32
CA ARG A 32 6.99 13.96 -2.97
C ARG A 32 7.52 15.29 -2.43
N GLU A 33 6.60 16.24 -2.24
CA GLU A 33 7.00 17.56 -1.72
C GLU A 33 7.65 17.43 -0.36
N GLU A 34 6.89 16.94 0.62
CA GLU A 34 7.44 16.79 1.96
C GLU A 34 8.65 15.85 1.97
N PHE A 35 8.58 14.81 1.15
CA PHE A 35 9.67 13.86 1.08
C PHE A 35 10.99 14.56 0.76
N HIS A 36 10.98 15.37 -0.30
CA HIS A 36 12.19 16.10 -0.69
C HIS A 36 12.58 17.10 0.38
N ARG A 37 11.61 17.87 0.86
CA ARG A 37 11.88 18.86 1.89
C ARG A 37 12.73 18.24 2.99
N ARG A 38 12.33 17.05 3.42
CA ARG A 38 13.06 16.34 4.46
C ARG A 38 14.52 16.15 4.06
N LEU A 39 14.74 15.94 2.77
CA LEU A 39 16.11 15.75 2.26
C LEU A 39 16.83 17.10 2.19
N LYS A 40 16.07 18.17 2.00
CA LYS A 40 16.65 19.50 1.91
C LYS A 40 17.11 19.98 3.28
N VAL A 41 16.16 20.20 4.19
CA VAL A 41 16.49 20.65 5.53
C VAL A 41 16.75 19.46 6.45
N TYR A 42 17.34 19.73 7.61
CA TYR A 42 17.64 18.69 8.58
C TYR A 42 17.62 19.24 9.99
N HIS A 43 16.42 19.48 10.51
CA HIS A 43 16.26 20.02 11.85
C HIS A 43 17.23 21.17 12.09
N MET B 1 -0.43 1.10 -29.98
CA MET B 1 -1.38 1.52 -28.92
C MET B 1 -0.94 2.87 -28.35
N GLN B 2 -1.92 3.67 -27.92
CA GLN B 2 -1.62 4.99 -27.35
C GLN B 2 -1.94 5.02 -25.87
N ILE B 3 -1.14 5.75 -25.10
CA ILE B 3 -1.35 5.85 -23.67
C ILE B 3 -0.94 7.22 -23.15
N PHE B 4 -1.65 7.72 -22.15
CA PHE B 4 -1.36 9.02 -21.57
C PHE B 4 -0.56 8.87 -20.28
N VAL B 5 0.23 9.89 -19.95
CA VAL B 5 1.05 9.87 -18.75
C VAL B 5 0.97 11.21 -18.02
N LYS B 6 0.25 11.23 -16.89
CA LYS B 6 0.10 12.46 -16.12
C LYS B 6 1.14 12.50 -15.00
N THR B 7 1.77 13.67 -14.86
CA THR B 7 2.79 13.85 -13.82
C THR B 7 2.17 14.50 -12.59
N LEU B 8 3.02 14.85 -11.62
CA LEU B 8 2.55 15.49 -10.40
C LEU B 8 2.38 17.00 -10.61
N THR B 9 2.21 17.40 -11.86
CA THR B 9 2.05 18.81 -12.19
C THR B 9 0.92 19.00 -13.21
N GLY B 10 0.20 17.92 -13.49
CA GLY B 10 -0.90 17.97 -14.45
C GLY B 10 -0.38 17.86 -15.88
N LYS B 11 0.91 17.59 -16.02
CA LYS B 11 1.52 17.46 -17.34
C LYS B 11 1.22 16.08 -17.93
N THR B 12 0.46 16.06 -19.02
CA THR B 12 0.09 14.82 -19.68
C THR B 12 0.99 14.56 -20.89
N ILE B 13 1.32 13.30 -21.13
CA ILE B 13 2.17 12.94 -22.26
C ILE B 13 1.57 11.76 -23.03
N THR B 14 1.38 11.93 -24.33
CA THR B 14 0.82 10.88 -25.16
C THR B 14 1.93 10.02 -25.79
N LEU B 15 2.19 8.87 -25.18
CA LEU B 15 3.24 7.98 -25.68
C LEU B 15 2.62 6.85 -26.52
N GLU B 16 3.36 6.43 -27.55
CA GLU B 16 2.88 5.35 -28.42
C GLU B 16 3.59 4.05 -28.07
N VAL B 17 2.80 3.02 -27.75
CA VAL B 17 3.36 1.72 -27.38
C VAL B 17 2.44 0.59 -27.81
N GLU B 18 2.70 -0.60 -27.28
CA GLU B 18 1.87 -1.77 -27.61
C GLU B 18 1.74 -2.67 -26.38
N PRO B 19 0.64 -3.36 -26.25
CA PRO B 19 0.39 -4.26 -25.08
C PRO B 19 1.58 -5.16 -24.78
N SER B 20 2.51 -5.28 -25.73
CA SER B 20 3.68 -6.14 -25.52
C SER B 20 4.91 -5.32 -25.14
N ASP B 21 4.68 -4.06 -24.75
CA ASP B 21 5.78 -3.19 -24.36
C ASP B 21 6.09 -3.37 -22.87
N THR B 22 7.38 -3.46 -22.55
CA THR B 22 7.78 -3.63 -21.16
C THR B 22 7.81 -2.29 -20.43
N ILE B 23 7.19 -2.25 -19.25
CA ILE B 23 7.15 -1.03 -18.46
C ILE B 23 8.50 -0.32 -18.50
N GLU B 24 9.58 -1.08 -18.35
CA GLU B 24 10.91 -0.51 -18.38
C GLU B 24 11.12 0.25 -19.68
N ASN B 25 10.61 -0.31 -20.77
CA ASN B 25 10.74 0.33 -22.08
C ASN B 25 10.00 1.67 -22.08
N VAL B 26 8.85 1.70 -21.43
CA VAL B 26 8.05 2.91 -21.35
C VAL B 26 8.82 3.99 -20.59
N LYS B 27 9.40 3.60 -19.46
CA LYS B 27 10.16 4.54 -18.64
C LYS B 27 11.27 5.17 -19.48
N ALA B 28 11.88 4.36 -20.33
CA ALA B 28 12.95 4.85 -21.19
C ALA B 28 12.42 5.90 -22.16
N LYS B 29 11.24 5.63 -22.72
CA LYS B 29 10.62 6.56 -23.67
C LYS B 29 10.39 7.91 -23.00
N ILE B 30 9.86 7.89 -21.79
CA ILE B 30 9.59 9.12 -21.06
C ILE B 30 10.90 9.87 -20.80
N GLN B 31 11.91 9.15 -20.34
CA GLN B 31 13.21 9.76 -20.06
C GLN B 31 13.73 10.49 -21.29
N ASP B 32 13.36 9.99 -22.47
CA ASP B 32 13.80 10.60 -23.72
C ASP B 32 12.97 11.85 -24.02
N LYS B 33 11.75 11.89 -23.46
CA LYS B 33 10.86 13.03 -23.69
C LYS B 33 11.21 14.17 -22.74
N GLU B 34 11.11 13.89 -21.44
CA GLU B 34 11.41 14.91 -20.43
C GLU B 34 12.90 14.92 -20.11
N GLY B 35 13.25 14.42 -18.92
CA GLY B 35 14.65 14.38 -18.50
C GLY B 35 14.80 13.58 -17.22
N ILE B 36 13.74 12.87 -16.83
CA ILE B 36 13.76 12.07 -15.61
C ILE B 36 14.36 10.68 -15.91
N PRO B 37 15.48 10.34 -15.34
CA PRO B 37 16.12 9.02 -15.58
C PRO B 37 15.21 7.87 -15.12
N PRO B 38 15.37 6.71 -15.69
CA PRO B 38 14.55 5.52 -15.33
C PRO B 38 14.45 5.34 -13.82
N ASP B 39 15.58 5.08 -13.18
CA ASP B 39 15.62 4.88 -11.74
C ASP B 39 14.77 5.94 -11.03
N GLN B 40 14.54 7.06 -11.72
CA GLN B 40 13.75 8.15 -11.15
C GLN B 40 12.36 8.17 -11.76
N GLN B 41 11.83 6.99 -12.07
CA GLN B 41 10.49 6.89 -12.66
C GLN B 41 9.69 5.78 -11.98
N ARG B 42 8.38 5.86 -12.10
CA ARG B 42 7.51 4.87 -11.48
C ARG B 42 6.06 5.05 -11.97
N LEU B 43 5.60 4.13 -12.81
CA LEU B 43 4.25 4.21 -13.34
C LEU B 43 3.26 3.48 -12.44
N ILE B 44 2.16 4.16 -12.12
CA ILE B 44 1.13 3.59 -11.27
C ILE B 44 -0.23 3.67 -11.97
N PHE B 45 -1.05 2.63 -11.79
CA PHE B 45 -2.36 2.60 -12.42
C PHE B 45 -3.35 1.81 -11.57
N ALA B 46 -4.24 2.52 -10.89
CA ALA B 46 -5.23 1.87 -10.04
C ALA B 46 -4.58 1.25 -8.81
N GLY B 47 -4.08 2.11 -7.91
CA GLY B 47 -3.43 1.64 -6.69
C GLY B 47 -2.57 0.41 -6.98
N LYS B 48 -1.99 0.36 -8.17
CA LYS B 48 -1.13 -0.76 -8.56
C LYS B 48 0.11 -0.27 -9.27
N GLN B 49 1.28 -0.54 -8.68
CA GLN B 49 2.53 -0.13 -9.28
C GLN B 49 2.93 -1.09 -10.39
N LEU B 50 3.22 -0.55 -11.57
CA LEU B 50 3.61 -1.38 -12.71
C LEU B 50 5.06 -1.83 -12.58
N GLU B 51 5.26 -3.13 -12.42
CA GLU B 51 6.61 -3.67 -12.29
C GLU B 51 7.46 -3.31 -13.50
N ASP B 52 8.78 -3.40 -13.34
CA ASP B 52 9.70 -3.06 -14.42
C ASP B 52 9.93 -4.27 -15.32
N GLY B 53 9.83 -5.47 -14.75
CA GLY B 53 10.02 -6.70 -15.52
C GLY B 53 8.70 -7.27 -16.01
N ARG B 54 7.78 -6.39 -16.41
CA ARG B 54 6.48 -6.81 -16.91
C ARG B 54 6.07 -5.96 -18.11
N THR B 55 4.95 -6.33 -18.74
CA THR B 55 4.46 -5.60 -19.90
C THR B 55 3.17 -4.87 -19.57
N LEU B 56 2.72 -4.03 -20.50
CA LEU B 56 1.48 -3.28 -20.31
C LEU B 56 0.29 -4.22 -20.22
N SER B 57 0.21 -5.15 -21.15
CA SER B 57 -0.90 -6.11 -21.19
C SER B 57 -1.05 -6.79 -19.84
N ASP B 58 0.05 -6.99 -19.14
CA ASP B 58 0.02 -7.65 -17.83
C ASP B 58 -0.66 -6.75 -16.80
N TYR B 59 -1.29 -5.69 -17.27
CA TYR B 59 -1.99 -4.76 -16.37
C TYR B 59 -3.30 -4.28 -16.99
N ASN B 60 -3.74 -4.99 -18.02
CA ASN B 60 -4.99 -4.64 -18.69
C ASN B 60 -4.98 -3.18 -19.12
N ILE B 61 -3.78 -2.65 -19.38
CA ILE B 61 -3.65 -1.26 -19.80
C ILE B 61 -3.96 -1.13 -21.29
N GLN B 62 -5.21 -0.76 -21.59
CA GLN B 62 -5.62 -0.60 -22.98
C GLN B 62 -5.16 0.74 -23.53
N ARG B 63 -5.84 1.22 -24.57
CA ARG B 63 -5.49 2.50 -25.18
C ARG B 63 -6.11 3.65 -24.41
N GLU B 64 -5.55 4.85 -24.60
CA GLU B 64 -6.05 6.04 -23.91
C GLU B 64 -6.04 5.82 -22.40
N SER B 65 -5.14 4.97 -21.93
CA SER B 65 -5.05 4.69 -20.50
C SER B 65 -4.24 5.77 -19.79
N THR B 66 -4.78 6.30 -18.71
CA THR B 66 -4.11 7.34 -17.94
C THR B 66 -3.13 6.72 -16.94
N LEU B 67 -1.84 6.97 -17.14
CA LEU B 67 -0.82 6.43 -16.25
C LEU B 67 -0.32 7.51 -15.28
N HIS B 68 -0.32 7.18 -14.00
CA HIS B 68 0.13 8.11 -12.97
C HIS B 68 1.64 7.99 -12.79
N LEU B 69 2.38 8.95 -13.34
CA LEU B 69 3.84 8.94 -13.23
C LEU B 69 4.30 9.52 -11.90
N VAL B 70 5.26 8.87 -11.26
CA VAL B 70 5.79 9.33 -9.99
C VAL B 70 7.30 9.16 -9.94
N LEU B 71 8.00 10.14 -9.37
CA LEU B 71 9.46 10.08 -9.29
C LEU B 71 9.88 9.18 -8.12
N ARG B 72 10.43 8.01 -8.45
CA ARG B 72 10.88 7.07 -7.43
C ARG B 72 11.94 7.70 -6.55
N LEU B 73 11.59 7.96 -5.30
CA LEU B 73 12.53 8.57 -4.36
C LEU B 73 13.35 7.49 -3.65
N ARG B 74 13.88 6.56 -4.44
CA ARG B 74 14.68 5.47 -3.88
C ARG B 74 13.90 4.71 -2.82
N GLY B 75 14.32 3.48 -2.56
CA GLY B 75 13.64 2.65 -1.56
C GLY B 75 14.34 1.30 -1.42
N GLY B 76 13.56 0.23 -1.52
CA GLY B 76 14.11 -1.11 -1.40
C GLY B 76 14.44 -1.44 0.06
N MET C 1 14.69 -10.47 3.79
CA MET C 1 14.29 -9.06 4.03
C MET C 1 13.53 -8.96 5.35
N GLN C 2 13.86 -7.94 6.13
CA GLN C 2 13.21 -7.73 7.42
C GLN C 2 12.01 -6.80 7.27
N ILE C 3 10.81 -7.34 7.43
CA ILE C 3 9.60 -6.53 7.32
C ILE C 3 9.03 -6.22 8.70
N PHE C 4 8.30 -5.11 8.78
CA PHE C 4 7.70 -4.69 10.05
C PHE C 4 6.23 -5.08 10.11
N VAL C 5 5.73 -5.34 11.31
CA VAL C 5 4.33 -5.73 11.49
C VAL C 5 3.74 -5.00 12.69
N LYS C 6 2.89 -4.01 12.42
CA LYS C 6 2.25 -3.23 13.48
C LYS C 6 0.92 -3.86 13.88
N THR C 7 0.69 -3.96 15.19
CA THR C 7 -0.55 -4.54 15.69
C THR C 7 -1.50 -3.44 16.17
N LEU C 8 -2.70 -3.84 16.57
CA LEU C 8 -3.69 -2.88 17.04
C LEU C 8 -3.06 -1.89 18.02
N THR C 9 -2.44 -2.44 19.07
CA THR C 9 -1.80 -1.60 20.07
C THR C 9 -0.66 -0.78 19.46
N GLY C 10 -0.35 -1.09 18.20
CA GLY C 10 0.72 -0.38 17.49
C GLY C 10 2.07 -1.07 17.72
N LYS C 11 2.02 -2.29 18.25
CA LYS C 11 3.25 -3.03 18.50
C LYS C 11 3.89 -3.48 17.19
N THR C 12 5.11 -2.99 16.94
CA THR C 12 5.82 -3.33 15.72
C THR C 12 6.68 -4.58 15.93
N ILE C 13 6.69 -5.46 14.93
CA ILE C 13 7.48 -6.69 15.02
C ILE C 13 8.27 -6.91 13.74
N THR C 14 9.59 -7.07 13.89
CA THR C 14 10.46 -7.28 12.74
C THR C 14 10.58 -8.78 12.44
N LEU C 15 10.39 -9.14 11.18
CA LEU C 15 10.48 -10.54 10.78
C LEU C 15 11.39 -10.70 9.56
N GLU C 16 12.41 -11.53 9.70
CA GLU C 16 13.35 -11.79 8.61
C GLU C 16 12.77 -12.80 7.63
N VAL C 17 11.89 -12.33 6.77
CA VAL C 17 11.24 -13.20 5.78
C VAL C 17 11.84 -12.99 4.40
N GLU C 18 11.38 -13.79 3.43
CA GLU C 18 11.85 -13.68 2.06
C GLU C 18 10.68 -13.38 1.13
N PRO C 19 10.93 -13.19 -0.14
CA PRO C 19 9.85 -12.89 -1.12
C PRO C 19 9.03 -14.13 -1.48
N SER C 20 9.67 -15.29 -1.48
CA SER C 20 8.99 -16.53 -1.79
C SER C 20 8.22 -17.04 -0.57
N ASP C 21 8.44 -16.40 0.57
CA ASP C 21 7.75 -16.79 1.80
C ASP C 21 6.24 -16.67 1.63
N THR C 22 5.52 -17.70 2.06
CA THR C 22 4.07 -17.69 1.95
C THR C 22 3.45 -17.01 3.17
N ILE C 23 2.39 -16.23 2.92
CA ILE C 23 1.71 -15.55 4.01
C ILE C 23 1.50 -16.47 5.20
N GLU C 24 0.93 -17.64 4.94
CA GLU C 24 0.69 -18.61 6.00
C GLU C 24 1.97 -18.83 6.81
N ASN C 25 3.11 -18.85 6.13
CA ASN C 25 4.38 -19.04 6.80
C ASN C 25 4.63 -17.90 7.78
N VAL C 26 4.43 -16.67 7.30
CA VAL C 26 4.62 -15.49 8.14
C VAL C 26 3.76 -15.62 9.39
N LYS C 27 2.50 -15.98 9.19
CA LYS C 27 1.58 -16.15 10.32
C LYS C 27 2.18 -17.10 11.34
N ALA C 28 2.92 -18.09 10.85
CA ALA C 28 3.55 -19.06 11.71
C ALA C 28 4.61 -18.38 12.58
N LYS C 29 5.40 -17.52 11.94
CA LYS C 29 6.44 -16.78 12.66
C LYS C 29 5.83 -15.96 13.78
N ILE C 30 4.68 -15.35 13.50
CA ILE C 30 3.99 -14.54 14.50
C ILE C 30 3.44 -15.43 15.61
N GLN C 31 3.19 -16.69 15.27
CA GLN C 31 2.67 -17.64 16.25
C GLN C 31 3.74 -18.00 17.27
N ASP C 32 4.99 -18.04 16.80
CA ASP C 32 6.12 -18.37 17.67
C ASP C 32 6.48 -17.18 18.55
N LYS C 33 6.31 -15.97 18.01
CA LYS C 33 6.62 -14.76 18.75
C LYS C 33 5.53 -14.46 19.77
N GLU C 34 4.30 -14.26 19.28
CA GLU C 34 3.18 -13.96 20.16
C GLU C 34 2.58 -15.25 20.71
N GLY C 35 1.61 -15.81 20.00
CA GLY C 35 0.96 -17.04 20.42
C GLY C 35 -0.41 -17.19 19.78
N ILE C 36 -0.71 -16.34 18.81
CA ILE C 36 -1.99 -16.38 18.12
C ILE C 36 -1.98 -17.47 17.05
N PRO C 37 -2.98 -18.32 17.03
CA PRO C 37 -3.05 -19.42 16.02
C PRO C 37 -2.94 -18.88 14.59
N PRO C 38 -2.31 -19.61 13.70
CA PRO C 38 -2.16 -19.17 12.28
C PRO C 38 -3.51 -18.81 11.66
N ASP C 39 -4.56 -19.49 12.10
CA ASP C 39 -5.90 -19.23 11.56
C ASP C 39 -6.41 -17.87 12.05
N GLN C 40 -6.40 -17.67 13.35
CA GLN C 40 -6.87 -16.41 13.92
C GLN C 40 -5.89 -15.28 13.63
N GLN C 41 -5.37 -15.26 12.40
CA GLN C 41 -4.41 -14.22 12.01
C GLN C 41 -4.77 -13.66 10.63
N ARG C 42 -4.21 -12.50 10.31
CA ARG C 42 -4.47 -11.85 9.03
C ARG C 42 -3.52 -10.67 8.85
N LEU C 43 -3.10 -10.44 7.60
CA LEU C 43 -2.19 -9.33 7.31
C LEU C 43 -2.74 -8.46 6.19
N ILE C 44 -2.61 -7.14 6.37
CA ILE C 44 -3.08 -6.17 5.40
C ILE C 44 -1.97 -5.18 5.07
N PHE C 45 -1.59 -5.10 3.80
CA PHE C 45 -0.52 -4.18 3.38
C PHE C 45 -1.09 -3.02 2.57
N ALA C 46 -1.79 -2.12 3.25
CA ALA C 46 -2.36 -0.96 2.59
C ALA C 46 -3.39 -1.38 1.54
N GLY C 47 -4.63 -1.55 1.98
CA GLY C 47 -5.70 -1.95 1.06
C GLY C 47 -5.34 -3.22 0.31
N LYS C 48 -4.45 -4.02 0.89
CA LYS C 48 -4.03 -5.26 0.27
C LYS C 48 -4.13 -6.43 1.25
N GLN C 49 -5.29 -7.07 1.28
CA GLN C 49 -5.51 -8.21 2.16
C GLN C 49 -4.72 -9.41 1.67
N LEU C 50 -3.71 -9.82 2.44
CA LEU C 50 -2.88 -10.96 2.05
C LEU C 50 -3.61 -12.28 2.29
N GLU C 51 -3.62 -13.13 1.28
CA GLU C 51 -4.28 -14.43 1.39
C GLU C 51 -3.33 -15.47 2.00
N ASP C 52 -3.89 -16.52 2.56
CA ASP C 52 -3.07 -17.57 3.18
C ASP C 52 -2.46 -18.49 2.11
N GLY C 53 -2.77 -18.21 0.85
CA GLY C 53 -2.25 -19.02 -0.25
C GLY C 53 -1.47 -18.17 -1.25
N ARG C 54 -0.69 -17.22 -0.74
CA ARG C 54 0.10 -16.35 -1.59
C ARG C 54 1.48 -16.12 -0.99
N THR C 55 2.32 -15.36 -1.69
CA THR C 55 3.67 -15.07 -1.21
C THR C 55 3.87 -13.56 -1.06
N LEU C 56 4.83 -13.18 -0.22
CA LEU C 56 5.12 -11.77 0.00
C LEU C 56 5.56 -11.10 -1.30
N SER C 57 5.85 -11.91 -2.32
CA SER C 57 6.28 -11.38 -3.61
C SER C 57 5.06 -11.02 -4.46
N ASP C 58 4.04 -11.88 -4.42
CA ASP C 58 2.83 -11.65 -5.19
C ASP C 58 2.31 -10.23 -4.97
N TYR C 59 2.36 -9.78 -3.73
CA TYR C 59 1.89 -8.44 -3.38
C TYR C 59 3.01 -7.41 -3.59
N ASN C 60 4.19 -7.90 -3.97
CA ASN C 60 5.33 -7.03 -4.20
C ASN C 60 5.75 -6.35 -2.90
N ILE C 61 5.71 -7.09 -1.80
CA ILE C 61 6.11 -6.55 -0.50
C ILE C 61 7.62 -6.58 -0.36
N GLN C 62 8.24 -5.40 -0.34
CA GLN C 62 9.68 -5.30 -0.21
C GLN C 62 10.11 -5.39 1.25
N LYS C 63 11.32 -4.92 1.54
CA LYS C 63 11.84 -4.95 2.90
C LYS C 63 11.39 -3.70 3.67
N GLU C 64 11.46 -3.80 4.99
CA GLU C 64 11.07 -2.68 5.85
C GLU C 64 9.64 -2.23 5.53
N SER C 65 8.83 -3.14 5.01
CA SER C 65 7.45 -2.81 4.68
C SER C 65 6.56 -2.91 5.91
N THR C 66 5.66 -1.95 6.07
CA THR C 66 4.76 -1.94 7.22
C THR C 66 3.53 -2.81 6.94
N LEU C 67 3.39 -3.87 7.75
CA LEU C 67 2.25 -4.79 7.59
C LEU C 67 1.27 -4.63 8.75
N HIS C 68 0.01 -4.36 8.41
CA HIS C 68 -1.01 -4.18 9.44
C HIS C 68 -1.57 -5.54 9.86
N LEU C 69 -1.32 -5.92 11.11
CA LEU C 69 -1.79 -7.20 11.63
C LEU C 69 -3.23 -7.08 12.13
N VAL C 70 -4.02 -8.12 11.88
CA VAL C 70 -5.41 -8.14 12.32
C VAL C 70 -5.83 -9.56 12.68
N LEU C 71 -6.56 -9.69 13.78
CA LEU C 71 -7.02 -11.00 14.24
C LEU C 71 -8.40 -11.32 13.69
N ARG C 72 -8.47 -12.25 12.76
CA ARG C 72 -9.74 -12.65 12.16
C ARG C 72 -10.67 -13.24 13.21
N LEU C 73 -11.77 -12.54 13.49
CA LEU C 73 -12.73 -13.01 14.48
C LEU C 73 -13.64 -14.06 13.87
N ARG C 74 -13.73 -15.21 14.53
CA ARG C 74 -14.58 -16.30 14.06
C ARG C 74 -15.92 -16.29 14.77
N GLY C 75 -16.65 -17.40 14.68
CA GLY C 75 -17.95 -17.50 15.33
C GLY C 75 -18.37 -18.95 15.50
N CYS C 76 -19.44 -19.17 16.25
CA CYS C 76 -19.93 -20.53 16.49
C CYS C 76 -18.87 -21.37 17.19
N GLY D 1 -12.94 15.09 14.07
CA GLY D 1 -12.41 14.15 15.06
C GLY D 1 -13.11 14.31 16.40
N THR D 2 -13.56 13.20 16.96
CA THR D 2 -14.26 13.23 18.25
C THR D 2 -14.14 11.88 18.95
N LYS D 3 -13.17 11.78 19.85
CA LYS D 3 -12.95 10.53 20.59
C LYS D 3 -13.17 9.32 19.69
N LYS D 4 -12.17 8.99 18.88
CA LYS D 4 -12.26 7.85 17.98
C LYS D 4 -13.62 7.85 17.27
N TYR D 5 -13.87 6.77 16.53
CA TYR D 5 -15.13 6.65 15.80
C TYR D 5 -16.16 5.88 16.63
N ASP D 6 -17.36 6.44 16.73
CA ASP D 6 -18.43 5.80 17.49
C ASP D 6 -19.07 4.68 16.69
N LEU D 7 -18.56 3.45 16.87
CA LEU D 7 -19.09 2.30 16.14
C LEU D 7 -20.20 1.63 16.94
N SER D 8 -21.05 2.46 17.56
CA SER D 8 -22.16 1.93 18.36
C SER D 8 -23.41 1.76 17.51
N LYS D 9 -23.22 1.76 16.18
CA LYS D 9 -24.35 1.61 15.26
C LYS D 9 -23.91 0.88 14.00
N TRP D 10 -23.12 -0.17 14.18
CA TRP D 10 -22.63 -0.96 13.05
C TRP D 10 -23.25 -2.35 13.05
N LYS D 11 -22.90 -3.16 12.05
CA LYS D 11 -23.41 -4.51 11.94
C LYS D 11 -22.28 -5.50 11.68
N TYR D 12 -22.59 -6.79 11.79
CA TYR D 12 -21.59 -7.83 11.56
C TYR D 12 -21.03 -7.73 10.15
N ALA D 13 -21.92 -7.60 9.17
CA ALA D 13 -21.50 -7.51 7.77
C ALA D 13 -20.56 -6.31 7.57
N GLU D 14 -20.99 -5.14 8.03
CA GLU D 14 -20.18 -3.93 7.87
C GLU D 14 -18.81 -4.13 8.51
N LEU D 15 -18.79 -4.48 9.80
CA LEU D 15 -17.54 -4.68 10.51
C LEU D 15 -16.68 -5.73 9.81
N ARG D 16 -17.26 -6.92 9.62
CA ARG D 16 -16.53 -8.01 8.97
C ARG D 16 -15.98 -7.54 7.62
N ASP D 17 -16.82 -6.88 6.84
CA ASP D 17 -16.40 -6.38 5.54
C ASP D 17 -15.28 -5.37 5.68
N THR D 18 -15.45 -4.41 6.59
CA THR D 18 -14.45 -3.38 6.81
C THR D 18 -13.08 -4.02 7.09
N ILE D 19 -13.07 -5.03 7.95
CA ILE D 19 -11.83 -5.71 8.30
C ILE D 19 -11.39 -6.63 7.16
N ASN D 20 -12.35 -7.07 6.36
CA ASN D 20 -12.04 -7.97 5.25
C ASN D 20 -11.86 -7.18 3.94
N THR D 21 -12.03 -5.87 4.01
CA THR D 21 -11.89 -5.04 2.82
C THR D 21 -11.10 -3.76 3.12
N SER D 22 -11.37 -3.15 4.26
CA SER D 22 -10.66 -1.92 4.64
C SER D 22 -9.25 -2.21 5.12
N CYS D 23 -8.46 -1.15 5.25
CA CYS D 23 -7.08 -1.27 5.71
C CYS D 23 -6.67 -0.06 6.52
N ASP D 24 -6.91 -0.13 7.83
CA ASP D 24 -6.57 0.98 8.71
C ASP D 24 -6.52 0.51 10.16
N ILE D 25 -5.32 0.27 10.66
CA ILE D 25 -5.13 -0.20 12.02
C ILE D 25 -6.11 0.49 12.97
N GLU D 26 -6.28 1.80 12.80
CA GLU D 26 -7.20 2.56 13.64
C GLU D 26 -8.60 1.94 13.58
N LEU D 27 -9.16 1.89 12.38
CA LEU D 27 -10.49 1.32 12.20
C LEU D 27 -10.51 -0.14 12.65
N LEU D 28 -9.57 -0.92 12.12
CA LEU D 28 -9.48 -2.33 12.46
C LEU D 28 -9.48 -2.51 13.98
N ALA D 29 -8.66 -1.71 14.66
CA ALA D 29 -8.57 -1.80 16.12
C ALA D 29 -9.93 -1.52 16.75
N ALA D 30 -10.56 -0.42 16.33
CA ALA D 30 -11.87 -0.06 16.86
C ALA D 30 -12.91 -1.11 16.50
N CYS D 31 -12.85 -1.59 15.25
CA CYS D 31 -13.78 -2.61 14.79
C CYS D 31 -13.69 -3.85 15.67
N ARG D 32 -12.47 -4.35 15.86
CA ARG D 32 -12.27 -5.53 16.69
C ARG D 32 -12.73 -5.27 18.12
N GLU D 33 -12.47 -4.06 18.61
CA GLU D 33 -12.86 -3.70 19.97
C GLU D 33 -14.36 -3.89 20.16
N GLU D 34 -15.15 -3.21 19.34
CA GLU D 34 -16.60 -3.32 19.44
C GLU D 34 -17.07 -4.74 19.15
N PHE D 35 -16.35 -5.42 18.27
CA PHE D 35 -16.70 -6.80 17.91
C PHE D 35 -16.58 -7.70 19.14
N HIS D 36 -15.53 -7.47 19.93
CA HIS D 36 -15.30 -8.26 21.12
C HIS D 36 -16.34 -7.94 22.18
N ARG D 37 -16.51 -6.64 22.45
CA ARG D 37 -17.49 -6.20 23.45
C ARG D 37 -18.84 -6.83 23.17
N ARG D 38 -19.28 -6.77 21.92
CA ARG D 38 -20.56 -7.33 21.54
C ARG D 38 -20.66 -8.79 21.96
N LEU D 39 -19.57 -9.53 21.80
CA LEU D 39 -19.56 -10.95 22.18
C LEU D 39 -19.68 -11.10 23.69
N LYS D 40 -18.74 -10.52 24.42
CA LYS D 40 -18.75 -10.61 25.87
C LYS D 40 -20.17 -10.35 26.41
N VAL D 41 -20.81 -9.30 25.91
CA VAL D 41 -22.15 -8.95 26.34
C VAL D 41 -23.18 -9.72 25.53
N TYR D 42 -24.09 -10.40 26.23
CA TYR D 42 -25.14 -11.17 25.56
C TYR D 42 -26.14 -11.71 26.57
N HIS D 43 -26.54 -10.85 27.51
CA HIS D 43 -27.50 -11.24 28.53
C HIS D 43 -28.81 -11.69 27.89
N GLY A 1 -13.33 25.13 -2.12
CA GLY A 1 -12.07 25.38 -1.42
C GLY A 1 -11.37 24.07 -1.05
N THR A 2 -10.08 24.00 -1.35
CA THR A 2 -9.31 22.79 -1.05
C THR A 2 -7.82 23.13 -0.94
N LYS A 3 -7.26 22.88 0.23
CA LYS A 3 -5.85 23.15 0.47
C LYS A 3 -5.01 21.88 0.29
N LYS A 4 -3.77 21.93 0.73
CA LYS A 4 -2.88 20.77 0.63
C LYS A 4 -3.05 19.84 1.82
N TYR A 5 -2.33 18.73 1.80
CA TYR A 5 -2.41 17.75 2.89
C TYR A 5 -1.36 18.05 3.96
N ASP A 6 -1.77 18.03 5.22
CA ASP A 6 -0.86 18.30 6.32
C ASP A 6 -0.03 17.06 6.63
N LEU A 7 1.15 16.97 6.01
CA LEU A 7 2.04 15.82 6.23
C LEU A 7 3.25 16.23 7.06
N SER A 8 2.99 16.98 8.14
CA SER A 8 4.06 17.43 9.01
C SER A 8 4.40 16.36 10.04
N LYS A 9 3.74 15.21 9.94
CA LYS A 9 3.99 14.12 10.87
C LYS A 9 3.82 12.77 10.16
N TRP A 10 4.77 12.43 9.30
CA TRP A 10 4.72 11.17 8.56
C TRP A 10 6.05 10.43 8.70
N LYS A 11 6.04 9.15 8.33
CA LYS A 11 7.24 8.32 8.41
C LYS A 11 7.69 7.89 7.02
N TYR A 12 8.89 7.32 6.94
CA TYR A 12 9.42 6.87 5.67
C TYR A 12 8.60 5.71 5.12
N ALA A 13 8.32 4.74 5.98
CA ALA A 13 7.53 3.58 5.58
C ALA A 13 6.13 4.00 5.13
N GLU A 14 5.58 5.01 5.79
CA GLU A 14 4.25 5.49 5.45
C GLU A 14 4.26 6.16 4.08
N LEU A 15 5.14 7.14 3.91
CA LEU A 15 5.23 7.85 2.63
C LEU A 15 5.48 6.88 1.49
N ARG A 16 6.58 6.13 1.59
CA ARG A 16 6.93 5.16 0.56
C ARG A 16 5.76 4.22 0.29
N ASP A 17 5.25 3.60 1.35
CA ASP A 17 4.14 2.68 1.22
C ASP A 17 2.97 3.36 0.49
N THR A 18 2.60 4.54 0.96
CA THR A 18 1.50 5.28 0.35
C THR A 18 1.72 5.41 -1.16
N ILE A 19 2.91 5.85 -1.55
CA ILE A 19 3.23 6.02 -2.96
C ILE A 19 3.27 4.66 -3.66
N ASN A 20 3.52 3.61 -2.89
CA ASN A 20 3.59 2.26 -3.46
C ASN A 20 2.25 1.54 -3.33
N THR A 21 1.30 2.16 -2.64
CA THR A 21 -0.02 1.56 -2.45
C THR A 21 -1.13 2.54 -2.81
N SER A 22 -0.76 3.78 -3.09
CA SER A 22 -1.75 4.80 -3.44
C SER A 22 -1.63 5.21 -4.91
N CYS A 23 -2.72 5.73 -5.46
CA CYS A 23 -2.75 6.16 -6.85
C CYS A 23 -3.36 7.55 -6.97
N ASP A 24 -3.11 8.38 -5.97
CA ASP A 24 -3.66 9.74 -5.96
C ASP A 24 -2.57 10.75 -6.30
N ILE A 25 -2.55 11.20 -7.55
CA ILE A 25 -1.57 12.17 -8.00
C ILE A 25 -1.38 13.27 -6.95
N GLU A 26 -2.47 13.64 -6.30
CA GLU A 26 -2.42 14.67 -5.27
C GLU A 26 -1.50 14.25 -4.14
N LEU A 27 -1.82 13.12 -3.51
CA LEU A 27 -0.99 12.62 -2.41
C LEU A 27 0.45 12.42 -2.89
N LEU A 28 0.58 11.84 -4.08
CA LEU A 28 1.91 11.61 -4.65
C LEU A 28 2.71 12.89 -4.70
N ALA A 29 2.06 13.98 -5.09
CA ALA A 29 2.73 15.27 -5.17
C ALA A 29 3.15 15.75 -3.78
N ALA A 30 2.21 15.70 -2.85
CA ALA A 30 2.49 16.13 -1.48
C ALA A 30 3.57 15.25 -0.86
N CYS A 31 3.43 13.94 -1.03
CA CYS A 31 4.40 12.99 -0.48
C CYS A 31 5.79 13.32 -1.01
N ARG A 32 5.93 13.40 -2.32
CA ARG A 32 7.22 13.71 -2.94
C ARG A 32 7.77 15.01 -2.36
N GLU A 33 6.92 16.02 -2.26
CA GLU A 33 7.34 17.31 -1.71
C GLU A 33 8.00 17.14 -0.36
N GLU A 34 7.25 16.64 0.62
CA GLU A 34 7.78 16.45 1.96
C GLU A 34 8.95 15.46 1.93
N PHE A 35 8.80 14.39 1.16
CA PHE A 35 9.86 13.39 1.06
C PHE A 35 11.18 14.06 0.69
N HIS A 36 11.11 14.99 -0.25
CA HIS A 36 12.31 15.70 -0.69
C HIS A 36 12.82 16.62 0.42
N ARG A 37 11.89 17.35 1.04
CA ARG A 37 12.26 18.25 2.12
C ARG A 37 13.14 17.53 3.15
N ARG A 38 12.65 16.39 3.62
CA ARG A 38 13.41 15.62 4.61
C ARG A 38 14.87 15.50 4.18
N LEU A 39 15.10 15.42 2.87
CA LEU A 39 16.45 15.32 2.34
C LEU A 39 17.08 16.70 2.18
N LYS A 40 16.46 17.54 1.36
CA LYS A 40 16.97 18.88 1.13
C LYS A 40 17.33 19.55 2.45
N VAL A 41 16.43 19.45 3.43
CA VAL A 41 16.67 20.05 4.73
C VAL A 41 16.10 19.17 5.84
N TYR A 42 16.58 19.37 7.07
CA TYR A 42 16.12 18.59 8.20
C TYR A 42 16.29 17.09 7.94
N HIS A 43 17.25 16.48 8.60
CA HIS A 43 17.51 15.06 8.43
C HIS A 43 18.28 14.51 9.63
N MET B 1 -0.98 2.64 -30.38
CA MET B 1 -1.94 3.63 -29.80
C MET B 1 -1.17 4.68 -29.00
N GLN B 2 -1.72 5.88 -28.91
CA GLN B 2 -1.08 6.97 -28.18
C GLN B 2 -1.64 7.07 -26.77
N ILE B 3 -0.77 6.91 -25.77
CA ILE B 3 -1.19 6.99 -24.38
C ILE B 3 -0.66 8.26 -23.73
N PHE B 4 -1.42 8.81 -22.79
CA PHE B 4 -1.03 10.03 -22.10
C PHE B 4 -0.43 9.70 -20.73
N VAL B 5 0.61 10.45 -20.35
CA VAL B 5 1.26 10.23 -19.06
C VAL B 5 1.35 11.55 -18.29
N LYS B 6 0.63 11.61 -17.17
CA LYS B 6 0.62 12.82 -16.34
C LYS B 6 1.69 12.73 -15.25
N THR B 7 2.42 13.82 -15.05
CA THR B 7 3.46 13.87 -14.03
C THR B 7 2.89 14.35 -12.69
N LEU B 8 3.72 15.01 -11.90
CA LEU B 8 3.29 15.51 -10.60
C LEU B 8 2.68 16.91 -10.75
N THR B 9 3.42 17.81 -11.39
CA THR B 9 2.94 19.18 -11.58
C THR B 9 1.60 19.16 -12.32
N GLY B 10 1.53 18.40 -13.40
CA GLY B 10 0.30 18.30 -14.19
C GLY B 10 0.60 18.20 -15.67
N LYS B 11 1.89 18.09 -16.00
CA LYS B 11 2.31 18.00 -17.39
C LYS B 11 1.95 16.62 -17.96
N THR B 12 1.38 16.62 -19.16
CA THR B 12 0.99 15.38 -19.82
C THR B 12 1.91 15.08 -20.99
N ILE B 13 2.18 13.79 -21.22
CA ILE B 13 3.04 13.39 -22.32
C ILE B 13 2.38 12.29 -23.15
N THR B 14 2.33 12.50 -24.47
CA THR B 14 1.73 11.51 -25.37
C THR B 14 2.81 10.64 -25.99
N LEU B 15 2.77 9.34 -25.67
CA LEU B 15 3.76 8.41 -26.19
C LEU B 15 3.08 7.29 -26.98
N GLU B 16 3.63 6.97 -28.15
CA GLU B 16 3.07 5.91 -28.98
C GLU B 16 3.54 4.55 -28.49
N VAL B 17 2.59 3.65 -28.26
CA VAL B 17 2.92 2.31 -27.77
C VAL B 17 1.95 1.27 -28.30
N GLU B 18 2.15 0.01 -27.92
CA GLU B 18 1.28 -1.08 -28.36
C GLU B 18 0.96 -2.00 -27.18
N PRO B 19 -0.21 -2.59 -27.18
CA PRO B 19 -0.64 -3.51 -26.08
C PRO B 19 0.42 -4.55 -25.73
N SER B 20 1.50 -4.60 -26.51
CA SER B 20 2.57 -5.56 -26.26
C SER B 20 3.77 -4.88 -25.59
N ASP B 21 3.84 -3.57 -25.71
CA ASP B 21 4.94 -2.82 -25.11
C ASP B 21 5.08 -3.16 -23.63
N THR B 22 6.32 -3.32 -23.18
CA THR B 22 6.58 -3.63 -21.78
C THR B 22 6.77 -2.35 -20.96
N ILE B 23 6.12 -2.30 -19.80
CA ILE B 23 6.21 -1.12 -18.94
C ILE B 23 7.64 -0.60 -18.91
N GLU B 24 8.60 -1.51 -18.76
CA GLU B 24 10.00 -1.12 -18.72
C GLU B 24 10.37 -0.32 -19.98
N ASN B 25 9.87 -0.78 -21.12
CA ASN B 25 10.14 -0.11 -22.38
C ASN B 25 9.59 1.31 -22.34
N VAL B 26 8.43 1.47 -21.71
CA VAL B 26 7.81 2.79 -21.60
C VAL B 26 8.69 3.70 -20.76
N LYS B 27 9.06 3.24 -19.57
CA LYS B 27 9.91 4.03 -18.69
C LYS B 27 11.12 4.55 -19.46
N ALA B 28 11.66 3.70 -20.33
CA ALA B 28 12.83 4.08 -21.13
C ALA B 28 12.48 5.23 -22.06
N LYS B 29 11.33 5.13 -22.72
CA LYS B 29 10.90 6.17 -23.63
C LYS B 29 10.84 7.52 -22.91
N ILE B 30 10.34 7.50 -21.67
CA ILE B 30 10.25 8.72 -20.87
C ILE B 30 11.64 9.23 -20.54
N GLN B 31 12.56 8.32 -20.27
CA GLN B 31 13.93 8.68 -19.94
C GLN B 31 14.58 9.43 -21.11
N ASP B 32 14.08 9.16 -22.31
CA ASP B 32 14.62 9.80 -23.51
C ASP B 32 13.97 11.17 -23.72
N LYS B 33 12.72 11.31 -23.32
CA LYS B 33 12.00 12.56 -23.47
C LYS B 33 12.41 13.55 -22.39
N GLU B 34 12.09 13.23 -21.14
CA GLU B 34 12.43 14.10 -20.02
C GLU B 34 13.89 13.91 -19.61
N GLY B 35 14.09 13.24 -18.48
CA GLY B 35 15.44 12.99 -17.98
C GLY B 35 15.42 12.13 -16.73
N ILE B 36 14.28 11.48 -16.51
CA ILE B 36 14.13 10.61 -15.34
C ILE B 36 14.48 9.16 -15.70
N PRO B 37 15.55 8.63 -15.17
CA PRO B 37 15.96 7.22 -15.47
C PRO B 37 14.92 6.22 -14.98
N PRO B 38 14.86 5.06 -15.59
CA PRO B 38 13.89 4.00 -15.21
C PRO B 38 13.85 3.78 -13.70
N ASP B 39 14.96 3.28 -13.15
CA ASP B 39 15.03 3.03 -11.71
C ASP B 39 14.40 4.18 -10.93
N GLN B 40 14.28 5.33 -11.57
CA GLN B 40 13.69 6.51 -10.92
C GLN B 40 12.34 6.84 -11.55
N GLN B 41 11.60 5.80 -11.96
CA GLN B 41 10.29 6.00 -12.57
C GLN B 41 9.27 5.04 -11.96
N ARG B 42 8.01 5.28 -12.26
CA ARG B 42 6.93 4.43 -11.74
C ARG B 42 5.61 4.78 -12.42
N LEU B 43 4.92 3.76 -12.92
CA LEU B 43 3.64 3.98 -13.61
C LEU B 43 2.49 3.40 -12.79
N ILE B 44 1.42 4.19 -12.66
CA ILE B 44 0.24 3.76 -11.91
C ILE B 44 -1.01 3.93 -12.76
N PHE B 45 -1.86 2.91 -12.77
CA PHE B 45 -3.09 2.96 -13.56
C PHE B 45 -4.11 1.96 -13.01
N ALA B 46 -5.38 2.34 -13.07
CA ALA B 46 -6.45 1.47 -12.59
C ALA B 46 -6.41 1.35 -11.06
N GLY B 47 -5.74 2.31 -10.42
CA GLY B 47 -5.63 2.30 -8.96
C GLY B 47 -4.62 1.27 -8.49
N LYS B 48 -3.71 0.88 -9.38
CA LYS B 48 -2.68 -0.11 -9.05
C LYS B 48 -1.38 0.21 -9.75
N GLN B 49 -0.26 -0.19 -9.14
CA GLN B 49 1.05 0.04 -9.72
C GLN B 49 1.34 -1.00 -10.82
N LEU B 50 2.00 -0.56 -11.88
CA LEU B 50 2.33 -1.46 -12.98
C LEU B 50 3.71 -2.08 -12.77
N GLU B 51 3.83 -3.35 -13.14
CA GLU B 51 5.09 -4.06 -12.99
C GLU B 51 6.04 -3.71 -14.13
N ASP B 52 7.33 -3.95 -13.92
CA ASP B 52 8.33 -3.65 -14.93
C ASP B 52 8.47 -4.80 -15.93
N GLY B 53 8.11 -6.00 -15.49
CA GLY B 53 8.20 -7.18 -16.35
C GLY B 53 6.83 -7.58 -16.89
N ARG B 54 6.04 -6.60 -17.29
CA ARG B 54 4.71 -6.86 -17.83
C ARG B 54 4.42 -5.95 -19.02
N THR B 55 3.34 -6.24 -19.75
CA THR B 55 2.97 -5.43 -20.91
C THR B 55 1.72 -4.60 -20.61
N LEU B 56 1.50 -3.58 -21.42
CA LEU B 56 0.32 -2.72 -21.24
C LEU B 56 -0.96 -3.53 -21.34
N SER B 57 -0.94 -4.56 -22.16
CA SER B 57 -2.12 -5.41 -22.35
C SER B 57 -2.48 -6.15 -21.07
N ASP B 58 -1.45 -6.48 -20.28
CA ASP B 58 -1.68 -7.20 -19.03
C ASP B 58 -2.34 -6.30 -17.99
N TYR B 59 -2.87 -5.17 -18.45
CA TYR B 59 -3.53 -4.23 -17.54
C TYR B 59 -4.77 -3.64 -18.20
N ASN B 60 -5.13 -4.17 -19.36
CA ASN B 60 -6.31 -3.70 -20.08
C ASN B 60 -6.17 -2.22 -20.42
N ILE B 61 -4.93 -1.76 -20.55
CA ILE B 61 -4.67 -0.37 -20.88
C ILE B 61 -4.92 -0.11 -22.36
N GLN B 62 -6.01 0.60 -22.65
CA GLN B 62 -6.37 0.91 -24.03
C GLN B 62 -5.68 2.19 -24.49
N ARG B 63 -6.07 2.70 -25.65
CA ARG B 63 -5.49 3.92 -26.19
C ARG B 63 -5.97 5.14 -25.41
N GLU B 64 -5.22 6.23 -25.52
CA GLU B 64 -5.58 7.47 -24.83
C GLU B 64 -5.70 7.23 -23.33
N SER B 65 -4.94 6.26 -22.83
CA SER B 65 -4.97 5.95 -21.40
C SER B 65 -4.08 6.90 -20.62
N THR B 66 -4.63 7.50 -19.57
CA THR B 66 -3.89 8.44 -18.75
C THR B 66 -3.21 7.72 -17.57
N LEU B 67 -1.89 7.57 -17.66
CA LEU B 67 -1.14 6.90 -16.61
C LEU B 67 -0.49 7.90 -15.67
N HIS B 68 -0.27 7.50 -14.43
CA HIS B 68 0.35 8.38 -13.44
C HIS B 68 1.84 8.08 -13.33
N LEU B 69 2.67 9.10 -13.53
CA LEU B 69 4.12 8.93 -13.46
C LEU B 69 4.65 9.46 -12.12
N VAL B 70 5.24 8.57 -11.33
CA VAL B 70 5.79 8.95 -10.03
C VAL B 70 7.26 8.58 -9.95
N LEU B 71 8.06 9.46 -9.34
CA LEU B 71 9.49 9.21 -9.20
C LEU B 71 9.76 8.29 -8.01
N ARG B 72 10.27 7.09 -8.30
CA ARG B 72 10.57 6.13 -7.24
C ARG B 72 11.66 6.67 -6.34
N LEU B 73 11.26 7.15 -5.16
CA LEU B 73 12.22 7.69 -4.20
C LEU B 73 12.97 6.56 -3.49
N ARG B 74 13.95 6.93 -2.68
CA ARG B 74 14.74 5.95 -1.94
C ARG B 74 15.28 6.55 -0.66
N GLY B 75 15.25 5.76 0.42
CA GLY B 75 15.73 6.22 1.71
C GLY B 75 15.91 5.06 2.67
N GLY B 76 15.80 3.84 2.15
CA GLY B 76 15.96 2.64 2.97
C GLY B 76 16.24 1.41 2.11
N MET C 1 15.33 -10.01 4.25
CA MET C 1 14.65 -8.68 4.25
C MET C 1 14.11 -8.41 5.65
N GLN C 2 13.74 -7.15 5.90
CA GLN C 2 13.21 -6.76 7.19
C GLN C 2 11.92 -5.96 7.03
N ILE C 3 10.88 -6.37 7.77
CA ILE C 3 9.59 -5.69 7.68
C ILE C 3 9.00 -5.48 9.07
N PHE C 4 8.21 -4.42 9.22
CA PHE C 4 7.58 -4.11 10.49
C PHE C 4 6.14 -4.62 10.51
N VAL C 5 5.64 -4.89 11.72
CA VAL C 5 4.28 -5.40 11.86
C VAL C 5 3.59 -4.70 13.04
N LYS C 6 2.72 -3.73 12.72
CA LYS C 6 2.01 -3.00 13.75
C LYS C 6 0.74 -3.74 14.16
N THR C 7 0.49 -3.82 15.47
CA THR C 7 -0.69 -4.50 15.98
C THR C 7 -1.75 -3.48 16.38
N LEU C 8 -2.81 -3.95 17.01
CA LEU C 8 -3.89 -3.07 17.45
C LEU C 8 -3.46 -2.29 18.69
N THR C 9 -2.57 -2.88 19.48
CA THR C 9 -2.09 -2.23 20.68
C THR C 9 -0.97 -1.24 20.35
N GLY C 10 -0.69 -1.08 19.06
CA GLY C 10 0.35 -0.16 18.62
C GLY C 10 1.73 -0.79 18.79
N LYS C 11 1.79 -2.11 18.73
CA LYS C 11 3.06 -2.83 18.88
C LYS C 11 3.69 -3.09 17.52
N THR C 12 4.85 -2.49 17.29
CA THR C 12 5.56 -2.66 16.03
C THR C 12 6.62 -3.76 16.15
N ILE C 13 6.35 -4.90 15.53
CA ILE C 13 7.28 -6.02 15.58
C ILE C 13 8.12 -6.09 14.30
N THR C 14 9.44 -6.09 14.47
CA THR C 14 10.35 -6.17 13.33
C THR C 14 10.73 -7.61 13.04
N LEU C 15 10.18 -8.16 11.96
CA LEU C 15 10.46 -9.55 11.59
C LEU C 15 11.31 -9.62 10.33
N GLU C 16 12.22 -10.60 10.29
CA GLU C 16 13.09 -10.78 9.14
C GLU C 16 12.51 -11.85 8.21
N VAL C 17 12.36 -11.50 6.93
CA VAL C 17 11.80 -12.42 5.96
C VAL C 17 12.42 -12.18 4.58
N GLU C 18 11.81 -12.78 3.56
CA GLU C 18 12.29 -12.63 2.19
C GLU C 18 11.10 -12.57 1.22
N PRO C 19 11.24 -11.85 0.13
CA PRO C 19 10.16 -11.72 -0.87
C PRO C 19 9.53 -13.06 -1.25
N SER C 20 10.35 -14.11 -1.28
CA SER C 20 9.87 -15.45 -1.64
C SER C 20 9.23 -16.14 -0.45
N ASP C 21 8.93 -15.37 0.60
CA ASP C 21 8.30 -15.94 1.79
C ASP C 21 6.79 -15.87 1.67
N THR C 22 6.13 -16.98 2.03
CA THR C 22 4.67 -17.04 1.96
C THR C 22 4.03 -16.41 3.19
N ILE C 23 2.96 -15.66 2.97
CA ILE C 23 2.26 -15.01 4.07
C ILE C 23 2.03 -16.00 5.21
N GLU C 24 1.72 -17.24 4.85
CA GLU C 24 1.48 -18.28 5.85
C GLU C 24 2.72 -18.46 6.73
N ASN C 25 3.90 -18.49 6.11
CA ASN C 25 5.13 -18.65 6.85
C ASN C 25 5.31 -17.48 7.81
N VAL C 26 4.92 -16.28 7.37
CA VAL C 26 5.04 -15.10 8.20
C VAL C 26 4.16 -15.24 9.44
N LYS C 27 2.88 -15.51 9.21
CA LYS C 27 1.94 -15.67 10.32
C LYS C 27 2.52 -16.62 11.36
N ALA C 28 3.14 -17.69 10.89
CA ALA C 28 3.74 -18.67 11.79
C ALA C 28 4.82 -18.02 12.64
N LYS C 29 5.68 -17.21 12.00
CA LYS C 29 6.74 -16.53 12.71
C LYS C 29 6.17 -15.68 13.84
N ILE C 30 5.08 -14.98 13.56
CA ILE C 30 4.45 -14.13 14.56
C ILE C 30 3.97 -14.98 15.74
N GLN C 31 3.23 -16.03 15.43
CA GLN C 31 2.71 -16.92 16.47
C GLN C 31 3.84 -17.36 17.38
N ASP C 32 5.05 -17.47 16.83
CA ASP C 32 6.20 -17.89 17.61
C ASP C 32 6.69 -16.75 18.50
N LYS C 33 6.42 -15.51 18.07
CA LYS C 33 6.84 -14.34 18.83
C LYS C 33 5.84 -14.05 19.95
N GLU C 34 4.61 -13.71 19.56
CA GLU C 34 3.57 -13.41 20.53
C GLU C 34 2.85 -14.68 20.97
N GLY C 35 1.60 -14.83 20.54
CA GLY C 35 0.82 -16.02 20.89
C GLY C 35 -0.46 -16.06 20.06
N ILE C 36 -0.53 -15.24 19.03
CA ILE C 36 -1.70 -15.19 18.16
C ILE C 36 -1.64 -16.32 17.13
N PRO C 37 -2.55 -17.27 17.17
CA PRO C 37 -2.54 -18.39 16.20
C PRO C 37 -2.80 -17.90 14.77
N PRO C 38 -2.25 -18.59 13.80
CA PRO C 38 -2.43 -18.20 12.36
C PRO C 38 -3.89 -17.92 12.02
N ASP C 39 -4.72 -18.96 12.09
CA ASP C 39 -6.14 -18.81 11.78
C ASP C 39 -6.70 -17.53 12.39
N GLN C 40 -6.02 -17.02 13.41
CA GLN C 40 -6.46 -15.80 14.08
C GLN C 40 -5.57 -14.62 13.69
N GLN C 41 -5.15 -14.58 12.43
CA GLN C 41 -4.29 -13.51 11.95
C GLN C 41 -4.78 -13.00 10.60
N ARG C 42 -4.47 -11.74 10.31
CA ARG C 42 -4.88 -11.13 9.04
C ARG C 42 -3.92 -9.99 8.69
N LEU C 43 -3.03 -10.24 7.74
CA LEU C 43 -2.06 -9.23 7.33
C LEU C 43 -2.66 -8.30 6.29
N ILE C 44 -2.60 -7.00 6.56
CA ILE C 44 -3.13 -5.99 5.66
C ILE C 44 -2.09 -4.89 5.42
N PHE C 45 -1.65 -4.75 4.18
CA PHE C 45 -0.66 -3.74 3.83
C PHE C 45 -1.29 -2.62 2.99
N ALA C 46 -2.01 -1.73 3.66
CA ALA C 46 -2.66 -0.62 2.97
C ALA C 46 -3.85 -1.11 2.16
N GLY C 47 -5.02 -1.14 2.78
CA GLY C 47 -6.24 -1.59 2.10
C GLY C 47 -5.95 -2.76 1.18
N LYS C 48 -4.95 -3.58 1.55
CA LYS C 48 -4.58 -4.74 0.74
C LYS C 48 -4.42 -5.98 1.62
N GLN C 49 -5.44 -6.83 1.63
CA GLN C 49 -5.39 -8.05 2.43
C GLN C 49 -4.50 -9.08 1.75
N LEU C 50 -3.51 -9.57 2.49
CA LEU C 50 -2.58 -10.56 1.94
C LEU C 50 -3.13 -11.97 2.11
N GLU C 51 -3.18 -12.73 1.01
CA GLU C 51 -3.70 -14.09 1.05
C GLU C 51 -2.69 -15.02 1.72
N ASP C 52 -3.16 -16.17 2.17
CA ASP C 52 -2.30 -17.14 2.84
C ASP C 52 -1.53 -17.97 1.81
N GLY C 53 -2.02 -17.97 0.57
CA GLY C 53 -1.37 -18.73 -0.50
C GLY C 53 -0.61 -17.82 -1.45
N ARG C 54 0.05 -16.81 -0.90
CA ARG C 54 0.82 -15.87 -1.72
C ARG C 54 2.13 -15.51 -1.01
N THR C 55 3.00 -14.79 -1.72
CA THR C 55 4.28 -14.39 -1.15
C THR C 55 4.36 -12.87 -1.00
N LEU C 56 5.24 -12.41 -0.12
CA LEU C 56 5.40 -10.97 0.10
C LEU C 56 5.74 -10.26 -1.21
N SER C 57 6.40 -10.99 -2.11
CA SER C 57 6.79 -10.41 -3.39
C SER C 57 5.56 -10.09 -4.24
N ASP C 58 4.58 -11.00 -4.22
CA ASP C 58 3.36 -10.81 -5.00
C ASP C 58 2.74 -9.45 -4.69
N TYR C 59 2.96 -8.97 -3.46
CA TYR C 59 2.40 -7.68 -3.06
C TYR C 59 3.47 -6.59 -3.14
N ASN C 60 4.55 -6.87 -3.86
CA ASN C 60 5.64 -5.91 -4.02
C ASN C 60 5.98 -5.27 -2.67
N ILE C 61 6.02 -6.08 -1.62
CA ILE C 61 6.34 -5.58 -0.29
C ILE C 61 7.86 -5.53 -0.10
N GLN C 62 8.40 -4.32 -0.06
CA GLN C 62 9.84 -4.15 0.10
C GLN C 62 10.22 -4.16 1.59
N LYS C 63 11.37 -3.57 1.91
CA LYS C 63 11.83 -3.53 3.29
C LYS C 63 11.24 -2.35 4.03
N GLU C 64 11.25 -2.41 5.35
CA GLU C 64 10.71 -1.35 6.18
C GLU C 64 9.23 -1.11 5.87
N SER C 65 8.55 -2.17 5.47
CA SER C 65 7.13 -2.07 5.16
C SER C 65 6.28 -2.27 6.41
N THR C 66 5.31 -1.39 6.61
CA THR C 66 4.44 -1.47 7.78
C THR C 66 3.26 -2.40 7.51
N LEU C 67 3.32 -3.59 8.10
CA LEU C 67 2.26 -4.57 7.93
C LEU C 67 1.23 -4.47 9.06
N HIS C 68 -0.02 -4.22 8.69
CA HIS C 68 -1.09 -4.09 9.69
C HIS C 68 -1.62 -5.46 10.07
N LEU C 69 -1.27 -5.94 11.26
CA LEU C 69 -1.73 -7.24 11.72
C LEU C 69 -3.10 -7.13 12.40
N VAL C 70 -4.01 -8.02 12.04
CA VAL C 70 -5.36 -8.02 12.62
C VAL C 70 -5.73 -9.41 13.14
N LEU C 71 -6.76 -9.48 13.96
CA LEU C 71 -7.21 -10.74 14.52
C LEU C 71 -8.38 -11.30 13.71
N ARG C 72 -8.15 -12.44 13.06
CA ARG C 72 -9.19 -13.07 12.26
C ARG C 72 -10.12 -13.89 13.14
N LEU C 73 -11.39 -13.51 13.17
CA LEU C 73 -12.38 -14.23 13.98
C LEU C 73 -13.04 -15.34 13.18
N ARG C 74 -13.52 -16.36 13.88
CA ARG C 74 -14.18 -17.48 13.21
C ARG C 74 -15.40 -17.00 12.45
N GLY C 75 -16.49 -17.77 12.53
CA GLY C 75 -17.71 -17.42 11.83
C GLY C 75 -18.90 -18.17 12.41
N CYS C 76 -19.94 -18.33 11.61
CA CYS C 76 -21.15 -19.03 12.05
C CYS C 76 -20.77 -20.33 12.75
N GLY D 1 -10.96 16.78 15.25
CA GLY D 1 -11.91 17.06 14.17
C GLY D 1 -12.81 15.85 13.93
N THR D 2 -13.11 15.11 14.98
CA THR D 2 -13.96 13.92 14.87
C THR D 2 -14.58 13.59 16.21
N LYS D 3 -14.98 12.33 16.37
CA LYS D 3 -15.61 11.89 17.61
C LYS D 3 -15.45 10.38 17.78
N LYS D 4 -14.20 9.92 17.75
CA LYS D 4 -13.92 8.49 17.89
C LYS D 4 -14.81 7.68 16.96
N TYR D 5 -14.65 6.36 16.99
CA TYR D 5 -15.44 5.46 16.15
C TYR D 5 -16.63 4.91 16.93
N ASP D 6 -17.82 5.43 16.62
CA ASP D 6 -19.04 4.97 17.29
C ASP D 6 -19.58 3.72 16.62
N LEU D 7 -19.18 2.55 17.13
CA LEU D 7 -19.64 1.28 16.57
C LEU D 7 -20.67 0.64 17.49
N SER D 8 -21.63 1.44 17.95
CA SER D 8 -22.67 0.94 18.83
C SER D 8 -23.75 0.20 18.05
N LYS D 9 -23.73 0.37 16.72
CA LYS D 9 -24.72 -0.29 15.87
C LYS D 9 -24.12 -0.66 14.52
N TRP D 10 -23.52 -1.85 14.45
CA TRP D 10 -22.91 -2.33 13.21
C TRP D 10 -23.37 -3.76 12.90
N LYS D 11 -23.08 -4.21 11.69
CA LYS D 11 -23.47 -5.56 11.27
C LYS D 11 -22.24 -6.46 11.12
N TYR D 12 -22.48 -7.76 11.04
CA TYR D 12 -21.40 -8.73 10.89
C TYR D 12 -20.65 -8.50 9.59
N ALA D 13 -21.40 -8.37 8.49
CA ALA D 13 -20.80 -8.16 7.19
C ALA D 13 -19.99 -6.87 7.17
N GLU D 14 -20.54 -5.81 7.74
CA GLU D 14 -19.86 -4.53 7.78
C GLU D 14 -18.53 -4.64 8.53
N LEU D 15 -18.58 -5.17 9.74
CA LEU D 15 -17.37 -5.32 10.55
C LEU D 15 -16.36 -6.22 9.82
N ARG D 16 -16.82 -7.39 9.41
CA ARG D 16 -15.95 -8.34 8.71
C ARG D 16 -15.40 -7.72 7.44
N ASP D 17 -16.29 -7.19 6.62
CA ASP D 17 -15.89 -6.56 5.36
C ASP D 17 -14.94 -5.39 5.61
N THR D 18 -15.32 -4.53 6.56
CA THR D 18 -14.51 -3.37 6.89
C THR D 18 -13.09 -3.80 7.28
N ILE D 19 -13.00 -4.88 8.04
CA ILE D 19 -11.70 -5.38 8.49
C ILE D 19 -10.99 -6.08 7.32
N ASN D 20 -11.75 -6.75 6.47
CA ASN D 20 -11.17 -7.46 5.33
C ASN D 20 -10.89 -6.50 4.18
N THR D 21 -11.59 -5.37 4.17
CA THR D 21 -11.41 -4.38 3.11
C THR D 21 -10.57 -3.21 3.61
N SER D 22 -10.90 -2.69 4.79
CA SER D 22 -10.17 -1.57 5.35
C SER D 22 -8.87 -2.03 5.99
N CYS D 23 -8.00 -1.06 6.30
CA CYS D 23 -6.71 -1.37 6.92
C CYS D 23 -6.41 -0.36 8.02
N ASP D 24 -7.44 0.37 8.43
CA ASP D 24 -7.30 1.37 9.48
C ASP D 24 -7.16 0.71 10.84
N ILE D 25 -5.92 0.45 11.22
CA ILE D 25 -5.63 -0.18 12.51
C ILE D 25 -6.57 0.34 13.59
N GLU D 26 -6.84 1.64 13.55
CA GLU D 26 -7.73 2.25 14.53
C GLU D 26 -9.09 1.55 14.51
N LEU D 27 -9.73 1.58 13.35
CA LEU D 27 -11.03 0.94 13.20
C LEU D 27 -10.93 -0.54 13.57
N LEU D 28 -9.89 -1.20 13.05
CA LEU D 28 -9.68 -2.61 13.35
C LEU D 28 -9.73 -2.84 14.85
N ALA D 29 -9.01 -2.03 15.60
CA ALA D 29 -8.98 -2.16 17.05
C ALA D 29 -10.40 -2.00 17.61
N ALA D 30 -11.07 -0.94 17.19
CA ALA D 30 -12.43 -0.67 17.65
C ALA D 30 -13.34 -1.83 17.25
N CYS D 31 -13.16 -2.33 16.04
CA CYS D 31 -13.97 -3.44 15.55
C CYS D 31 -13.73 -4.67 16.42
N ARG D 32 -12.46 -5.06 16.54
CA ARG D 32 -12.12 -6.23 17.35
C ARG D 32 -12.75 -6.11 18.74
N GLU D 33 -12.73 -4.90 19.29
CA GLU D 33 -13.31 -4.66 20.61
C GLU D 33 -14.80 -4.97 20.61
N GLU D 34 -15.55 -4.35 19.71
CA GLU D 34 -16.99 -4.57 19.64
C GLU D 34 -17.29 -6.00 19.20
N PHE D 35 -16.49 -6.52 18.28
CA PHE D 35 -16.71 -7.88 17.79
C PHE D 35 -16.56 -8.89 18.93
N HIS D 36 -15.50 -8.76 19.71
CA HIS D 36 -15.26 -9.67 20.82
C HIS D 36 -16.37 -9.52 21.86
N ARG D 37 -16.58 -8.29 22.32
CA ARG D 37 -17.60 -8.01 23.30
C ARG D 37 -18.91 -8.70 22.93
N ARG D 38 -19.40 -8.42 21.73
CA ARG D 38 -20.63 -9.01 21.26
C ARG D 38 -20.65 -10.52 21.51
N LEU D 39 -19.53 -11.18 21.20
CA LEU D 39 -19.41 -12.62 21.40
C LEU D 39 -19.36 -12.94 22.89
N LYS D 40 -18.42 -12.31 23.59
CA LYS D 40 -18.28 -12.54 25.02
C LYS D 40 -19.62 -12.38 25.74
N VAL D 41 -20.29 -11.26 25.49
CA VAL D 41 -21.58 -11.00 26.12
C VAL D 41 -22.46 -10.16 25.19
N TYR D 42 -23.76 -10.20 25.43
CA TYR D 42 -24.70 -9.43 24.61
C TYR D 42 -24.52 -9.76 23.13
N HIS D 43 -25.18 -10.82 22.68
CA HIS D 43 -25.08 -11.22 21.28
C HIS D 43 -25.95 -10.34 20.40
N GLY A 1 -15.71 22.16 2.44
CA GLY A 1 -14.49 22.96 2.48
C GLY A 1 -13.38 22.32 1.67
N THR A 2 -12.14 22.50 2.11
CA THR A 2 -11.00 21.93 1.41
C THR A 2 -9.72 22.12 2.22
N LYS A 3 -8.86 21.10 2.21
CA LYS A 3 -7.61 21.16 2.96
C LYS A 3 -6.65 20.09 2.47
N LYS A 4 -5.37 20.44 2.37
CA LYS A 4 -4.35 19.49 1.92
C LYS A 4 -4.00 18.53 3.04
N TYR A 5 -3.04 17.64 2.77
CA TYR A 5 -2.60 16.66 3.76
C TYR A 5 -1.38 17.18 4.52
N ASP A 6 -1.51 17.26 5.84
CA ASP A 6 -0.42 17.74 6.68
C ASP A 6 0.61 16.64 6.88
N LEU A 7 1.63 16.61 6.02
CA LEU A 7 2.67 15.59 6.11
C LEU A 7 3.85 16.12 6.94
N SER A 8 3.53 16.74 8.07
CA SER A 8 4.57 17.28 8.94
C SER A 8 5.09 16.21 9.89
N LYS A 9 4.41 15.07 9.93
CA LYS A 9 4.82 13.97 10.80
C LYS A 9 4.49 12.63 10.18
N TRP A 10 5.38 12.15 9.31
CA TRP A 10 5.18 10.86 8.64
C TRP A 10 6.43 9.99 8.77
N LYS A 11 6.28 8.70 8.50
CA LYS A 11 7.39 7.77 8.59
C LYS A 11 7.88 7.38 7.19
N TYR A 12 9.07 6.79 7.14
CA TYR A 12 9.65 6.38 5.86
C TYR A 12 8.81 5.27 5.24
N ALA A 13 8.50 4.24 6.04
CA ALA A 13 7.71 3.12 5.55
C ALA A 13 6.34 3.58 5.10
N GLU A 14 5.81 4.59 5.78
CA GLU A 14 4.50 5.13 5.45
C GLU A 14 4.52 5.83 4.09
N LEU A 15 5.42 6.80 3.96
CA LEU A 15 5.54 7.55 2.71
C LEU A 15 5.78 6.59 1.54
N ARG A 16 6.84 5.79 1.65
CA ARG A 16 7.17 4.83 0.60
C ARG A 16 5.95 3.96 0.27
N ASP A 17 5.39 3.34 1.31
CA ASP A 17 4.23 2.49 1.13
C ASP A 17 3.12 3.24 0.40
N THR A 18 2.80 4.42 0.90
CA THR A 18 1.75 5.24 0.28
C THR A 18 1.98 5.38 -1.22
N ILE A 19 3.19 5.79 -1.59
CA ILE A 19 3.51 5.97 -2.99
C ILE A 19 3.48 4.63 -3.73
N ASN A 20 3.73 3.55 -3.00
CA ASN A 20 3.72 2.21 -3.60
C ASN A 20 2.39 1.51 -3.37
N THR A 21 1.48 2.17 -2.69
CA THR A 21 0.17 1.59 -2.39
C THR A 21 -0.95 2.57 -2.69
N SER A 22 -0.60 3.81 -3.03
CA SER A 22 -1.60 4.83 -3.34
C SER A 22 -1.60 5.18 -4.82
N CYS A 23 -2.61 5.93 -5.23
CA CYS A 23 -2.75 6.34 -6.62
C CYS A 23 -3.32 7.75 -6.72
N ASP A 24 -2.87 8.61 -5.82
CA ASP A 24 -3.34 10.00 -5.80
C ASP A 24 -2.20 10.97 -6.10
N ILE A 25 -2.19 11.50 -7.32
CA ILE A 25 -1.16 12.44 -7.73
C ILE A 25 -0.88 13.45 -6.62
N GLU A 26 -1.93 13.83 -5.90
CA GLU A 26 -1.78 14.78 -4.81
C GLU A 26 -0.88 14.21 -3.73
N LEU A 27 -1.21 13.01 -3.26
CA LEU A 27 -0.41 12.36 -2.23
C LEU A 27 0.98 12.04 -2.77
N LEU A 28 1.03 11.54 -4.00
CA LEU A 28 2.30 11.20 -4.62
C LEU A 28 3.19 12.44 -4.71
N ALA A 29 2.61 13.55 -5.19
CA ALA A 29 3.35 14.79 -5.32
C ALA A 29 3.79 15.30 -3.95
N ALA A 30 2.85 15.35 -3.02
CA ALA A 30 3.14 15.81 -1.67
C ALA A 30 4.18 14.91 -1.02
N CYS A 31 3.92 13.61 -1.02
CA CYS A 31 4.86 12.66 -0.43
C CYS A 31 6.26 12.87 -0.99
N ARG A 32 6.35 13.07 -2.30
CA ARG A 32 7.65 13.28 -2.93
C ARG A 32 8.25 14.63 -2.54
N GLU A 33 7.40 15.63 -2.32
CA GLU A 33 7.89 16.94 -1.94
C GLU A 33 8.55 16.91 -0.56
N GLU A 34 7.90 16.25 0.40
CA GLU A 34 8.45 16.15 1.74
C GLU A 34 9.65 15.21 1.75
N PHE A 35 9.58 14.15 0.94
CA PHE A 35 10.68 13.20 0.87
C PHE A 35 11.94 13.89 0.38
N HIS A 36 11.80 14.71 -0.66
CA HIS A 36 12.93 15.43 -1.21
C HIS A 36 13.45 16.45 -0.20
N ARG A 37 12.56 17.31 0.28
CA ARG A 37 12.94 18.33 1.25
C ARG A 37 13.79 17.72 2.35
N ARG A 38 13.26 16.69 2.99
CA ARG A 38 13.99 16.01 4.06
C ARG A 38 15.43 15.74 3.66
N LEU A 39 15.63 15.39 2.40
CA LEU A 39 16.96 15.11 1.89
C LEU A 39 17.72 16.41 1.63
N LYS A 40 17.00 17.42 1.17
CA LYS A 40 17.61 18.72 0.88
C LYS A 40 17.98 19.44 2.17
N VAL A 41 16.99 19.70 3.00
CA VAL A 41 17.23 20.38 4.27
C VAL A 41 18.44 19.79 4.98
N TYR A 42 19.38 20.64 5.36
CA TYR A 42 20.58 20.19 6.04
C TYR A 42 21.17 21.32 6.89
N HIS A 43 20.50 21.66 7.98
CA HIS A 43 20.97 22.72 8.86
C HIS A 43 20.34 22.59 10.24
N MET B 1 -1.43 4.30 -30.95
CA MET B 1 -2.34 4.70 -29.83
C MET B 1 -1.67 5.77 -28.98
N GLN B 2 -2.21 6.98 -29.03
CA GLN B 2 -1.65 8.08 -28.26
C GLN B 2 -2.16 8.04 -26.82
N ILE B 3 -1.24 8.23 -25.87
CA ILE B 3 -1.61 8.21 -24.46
C ILE B 3 -0.95 9.37 -23.72
N PHE B 4 -1.68 9.94 -22.76
CA PHE B 4 -1.16 11.07 -21.98
C PHE B 4 -0.56 10.57 -20.67
N VAL B 5 0.56 11.17 -20.28
CA VAL B 5 1.24 10.79 -19.04
C VAL B 5 1.38 12.01 -18.13
N LYS B 6 0.58 12.04 -17.07
CA LYS B 6 0.62 13.15 -16.12
C LYS B 6 1.77 12.97 -15.14
N THR B 7 2.52 14.04 -14.90
CA THR B 7 3.65 14.00 -13.98
C THR B 7 3.26 14.61 -12.63
N LEU B 8 4.26 14.87 -11.79
CA LEU B 8 4.02 15.45 -10.49
C LEU B 8 3.88 16.97 -10.59
N THR B 9 4.64 17.56 -11.51
CA THR B 9 4.60 19.01 -11.70
C THR B 9 3.36 19.40 -12.50
N GLY B 10 2.51 18.42 -12.79
CA GLY B 10 1.29 18.67 -13.55
C GLY B 10 1.57 18.67 -15.05
N LYS B 11 2.83 18.39 -15.41
CA LYS B 11 3.21 18.36 -16.82
C LYS B 11 2.78 17.05 -17.46
N THR B 12 2.03 17.15 -18.55
CA THR B 12 1.55 15.97 -19.26
C THR B 12 2.45 15.65 -20.45
N ILE B 13 2.51 14.38 -20.83
CA ILE B 13 3.34 13.96 -21.96
C ILE B 13 2.58 12.97 -22.84
N THR B 14 2.52 13.27 -24.14
CA THR B 14 1.82 12.41 -25.08
C THR B 14 2.81 11.44 -25.74
N LEU B 15 2.53 10.14 -25.64
CA LEU B 15 3.41 9.13 -26.22
C LEU B 15 2.61 8.13 -27.05
N GLU B 16 3.12 7.82 -28.24
CA GLU B 16 2.44 6.86 -29.12
C GLU B 16 2.86 5.44 -28.77
N VAL B 17 1.89 4.55 -28.64
CA VAL B 17 2.17 3.16 -28.30
C VAL B 17 1.10 2.23 -28.88
N GLU B 18 1.08 0.99 -28.38
CA GLU B 18 0.10 0.00 -28.85
C GLU B 18 -0.34 -0.88 -27.68
N PRO B 19 -1.57 -1.34 -27.68
CA PRO B 19 -2.10 -2.20 -26.59
C PRO B 19 -1.15 -3.36 -26.26
N SER B 20 -0.14 -3.56 -27.10
CA SER B 20 0.81 -4.65 -26.87
C SER B 20 2.07 -4.14 -26.17
N ASP B 21 2.33 -2.85 -26.29
CA ASP B 21 3.50 -2.26 -25.66
C ASP B 21 3.59 -2.68 -24.19
N THR B 22 4.81 -2.99 -23.76
CA THR B 22 5.03 -3.41 -22.38
C THR B 22 5.33 -2.20 -21.49
N ILE B 23 4.71 -2.18 -20.32
CA ILE B 23 4.92 -1.07 -19.39
C ILE B 23 6.40 -0.67 -19.35
N GLU B 24 7.27 -1.67 -19.29
CA GLU B 24 8.70 -1.41 -19.26
C GLU B 24 9.12 -0.60 -20.47
N ASN B 25 8.51 -0.89 -21.62
CA ASN B 25 8.83 -0.17 -22.85
C ASN B 25 8.43 1.29 -22.71
N VAL B 26 7.28 1.52 -22.09
CA VAL B 26 6.79 2.88 -21.89
C VAL B 26 7.75 3.66 -21.00
N LYS B 27 8.10 3.07 -19.86
CA LYS B 27 9.04 3.71 -18.94
C LYS B 27 10.29 4.15 -19.68
N ALA B 28 10.77 3.28 -20.58
CA ALA B 28 11.96 3.59 -21.34
C ALA B 28 11.75 4.84 -22.19
N LYS B 29 10.58 4.93 -22.82
CA LYS B 29 10.26 6.08 -23.66
C LYS B 29 10.32 7.36 -22.83
N ILE B 30 9.83 7.29 -21.60
CA ILE B 30 9.85 8.45 -20.72
C ILE B 30 11.28 8.82 -20.35
N GLN B 31 12.14 7.80 -20.25
CA GLN B 31 13.54 8.03 -19.91
C GLN B 31 14.24 8.78 -21.04
N ASP B 32 13.80 8.55 -22.27
CA ASP B 32 14.39 9.22 -23.42
C ASP B 32 13.89 10.65 -23.55
N LYS B 33 12.67 10.88 -23.03
CA LYS B 33 12.08 12.22 -23.10
C LYS B 33 12.58 13.09 -21.96
N GLU B 34 12.26 12.70 -20.73
CA GLU B 34 12.68 13.46 -19.56
C GLU B 34 14.10 13.09 -19.15
N GLY B 35 14.22 12.35 -18.05
CA GLY B 35 15.52 11.92 -17.56
C GLY B 35 15.38 10.99 -16.37
N ILE B 36 14.21 10.35 -16.27
CA ILE B 36 13.95 9.42 -15.17
C ILE B 36 14.12 7.97 -15.65
N PRO B 37 15.16 7.29 -15.24
CA PRO B 37 15.39 5.88 -15.67
C PRO B 37 14.27 4.95 -15.17
N PRO B 38 14.03 3.87 -15.88
CA PRO B 38 12.97 2.90 -15.51
C PRO B 38 13.02 2.54 -14.03
N ASP B 39 14.17 2.03 -13.58
CA ASP B 39 14.33 1.66 -12.17
C ASP B 39 13.90 2.81 -11.27
N GLN B 40 13.65 3.97 -11.86
CA GLN B 40 13.24 5.14 -11.10
C GLN B 40 11.91 5.69 -11.63
N GLN B 41 11.06 4.78 -12.12
CA GLN B 41 9.76 5.18 -12.65
C GLN B 41 8.66 4.32 -12.04
N ARG B 42 7.41 4.74 -12.27
CA ARG B 42 6.27 4.01 -11.74
C ARG B 42 4.97 4.55 -12.33
N LEU B 43 4.34 3.76 -13.20
CA LEU B 43 3.10 4.17 -13.83
C LEU B 43 1.90 3.65 -13.06
N ILE B 44 0.94 4.54 -12.80
CA ILE B 44 -0.27 4.18 -12.06
C ILE B 44 -1.51 4.49 -12.88
N PHE B 45 -2.51 3.62 -12.83
CA PHE B 45 -3.74 3.82 -13.57
C PHE B 45 -4.89 3.07 -12.91
N ALA B 46 -6.12 3.49 -13.23
CA ALA B 46 -7.30 2.86 -12.66
C ALA B 46 -7.12 2.60 -11.16
N GLY B 47 -6.30 3.41 -10.52
CA GLY B 47 -6.05 3.27 -9.09
C GLY B 47 -5.26 1.99 -8.81
N LYS B 48 -4.35 1.64 -9.71
CA LYS B 48 -3.54 0.44 -9.55
C LYS B 48 -2.16 0.62 -10.17
N GLN B 49 -1.14 0.12 -9.49
CA GLN B 49 0.22 0.24 -9.98
C GLN B 49 0.46 -0.77 -11.11
N LEU B 50 0.95 -0.27 -12.24
CA LEU B 50 1.21 -1.14 -13.39
C LEU B 50 2.54 -1.86 -13.24
N GLU B 51 2.54 -3.16 -13.52
CA GLU B 51 3.74 -3.97 -13.41
C GLU B 51 4.64 -3.76 -14.62
N ASP B 52 5.91 -4.15 -14.50
CA ASP B 52 6.85 -4.00 -15.58
C ASP B 52 6.72 -5.14 -16.59
N GLY B 53 6.28 -6.31 -16.11
CA GLY B 53 6.12 -7.47 -16.99
C GLY B 53 4.69 -7.59 -17.50
N ARG B 54 4.10 -6.47 -17.90
CA ARG B 54 2.74 -6.46 -18.41
C ARG B 54 2.62 -5.52 -19.61
N THR B 55 1.46 -5.53 -20.26
CA THR B 55 1.22 -4.66 -21.42
C THR B 55 0.10 -3.69 -21.14
N LEU B 56 0.02 -2.62 -21.95
CA LEU B 56 -1.01 -1.61 -21.79
C LEU B 56 -2.40 -2.23 -21.99
N SER B 57 -2.43 -3.42 -22.58
CA SER B 57 -3.70 -4.10 -22.84
C SER B 57 -4.19 -4.81 -21.58
N ASP B 58 -3.27 -5.46 -20.88
CA ASP B 58 -3.62 -6.18 -19.66
C ASP B 58 -4.46 -5.29 -18.74
N TYR B 59 -4.07 -4.03 -18.62
CA TYR B 59 -4.79 -3.10 -17.77
C TYR B 59 -5.93 -2.44 -18.53
N ASN B 60 -6.09 -2.83 -19.79
CA ASN B 60 -7.15 -2.27 -20.62
C ASN B 60 -6.99 -0.76 -20.77
N ILE B 61 -5.74 -0.33 -20.96
CA ILE B 61 -5.46 1.10 -21.11
C ILE B 61 -5.71 1.54 -22.55
N GLN B 62 -6.84 2.18 -22.78
CA GLN B 62 -7.20 2.65 -24.12
C GLN B 62 -6.44 3.93 -24.45
N ARG B 63 -6.81 4.55 -25.57
CA ARG B 63 -6.16 5.78 -26.01
C ARG B 63 -6.57 6.96 -25.13
N GLU B 64 -5.79 8.01 -25.17
CA GLU B 64 -6.07 9.21 -24.38
C GLU B 64 -6.17 8.87 -22.90
N SER B 65 -5.36 7.91 -22.46
CA SER B 65 -5.35 7.50 -21.06
C SER B 65 -4.33 8.31 -20.27
N THR B 66 -4.72 8.77 -19.08
CA THR B 66 -3.84 9.56 -18.24
C THR B 66 -3.08 8.66 -17.25
N LEU B 67 -1.81 8.41 -17.55
CA LEU B 67 -0.99 7.57 -16.68
C LEU B 67 -0.26 8.41 -15.65
N HIS B 68 -0.41 8.07 -14.38
CA HIS B 68 0.26 8.81 -13.31
C HIS B 68 1.70 8.36 -13.15
N LEU B 69 2.64 9.25 -13.49
CA LEU B 69 4.06 8.94 -13.39
C LEU B 69 4.57 9.30 -12.00
N VAL B 70 5.30 8.39 -11.38
CA VAL B 70 5.85 8.65 -10.06
C VAL B 70 7.23 8.03 -9.91
N LEU B 71 8.15 8.77 -9.30
CA LEU B 71 9.51 8.28 -9.11
C LEU B 71 9.57 7.28 -7.95
N ARG B 72 10.60 6.44 -7.95
CA ARG B 72 10.76 5.44 -6.89
C ARG B 72 11.93 5.81 -6.00
N LEU B 73 11.75 6.86 -5.19
CA LEU B 73 12.80 7.30 -4.29
C LEU B 73 13.51 6.11 -3.65
N ARG B 74 14.72 5.82 -4.11
CA ARG B 74 15.49 4.71 -3.59
C ARG B 74 15.73 4.89 -2.08
N GLY B 75 15.90 3.77 -1.38
CA GLY B 75 16.14 3.82 0.06
C GLY B 75 16.96 2.61 0.51
N GLY B 76 16.59 1.43 0.05
CA GLY B 76 17.30 0.22 0.41
C GLY B 76 17.49 0.12 1.92
N MET C 1 16.03 -9.12 5.79
CA MET C 1 15.65 -7.74 6.23
C MET C 1 14.77 -7.84 7.47
N GLN C 2 14.56 -6.70 8.13
CA GLN C 2 13.74 -6.64 9.33
C GLN C 2 12.52 -5.76 9.12
N ILE C 3 11.34 -6.37 9.11
CA ILE C 3 10.11 -5.62 8.91
C ILE C 3 9.40 -5.37 10.24
N PHE C 4 8.49 -4.40 10.24
CA PHE C 4 7.75 -4.06 11.44
C PHE C 4 6.31 -4.59 11.33
N VAL C 5 5.68 -4.83 12.47
CA VAL C 5 4.30 -5.32 12.48
C VAL C 5 3.51 -4.63 13.59
N LYS C 6 2.59 -3.75 13.19
CA LYS C 6 1.77 -3.02 14.16
C LYS C 6 0.41 -3.68 14.33
N THR C 7 0.01 -3.86 15.58
CA THR C 7 -1.28 -4.48 15.88
C THR C 7 -2.35 -3.42 16.06
N LEU C 8 -3.33 -3.70 16.92
CA LEU C 8 -4.41 -2.75 17.17
C LEU C 8 -3.99 -1.72 18.21
N THR C 9 -3.41 -2.20 19.30
CA THR C 9 -2.95 -1.31 20.37
C THR C 9 -1.69 -0.57 19.95
N GLY C 10 -1.45 -0.50 18.65
CA GLY C 10 -0.28 0.19 18.13
C GLY C 10 1.00 -0.55 18.54
N LYS C 11 0.86 -1.83 18.85
CA LYS C 11 2.01 -2.64 19.27
C LYS C 11 2.85 -3.02 18.06
N THR C 12 4.04 -2.44 17.95
CA THR C 12 4.94 -2.73 16.84
C THR C 12 5.87 -3.88 17.19
N ILE C 13 6.20 -4.70 16.18
CA ILE C 13 7.09 -5.84 16.41
C ILE C 13 8.10 -5.96 15.27
N THR C 14 9.38 -6.05 15.63
CA THR C 14 10.44 -6.17 14.62
C THR C 14 10.74 -7.64 14.36
N LEU C 15 10.51 -8.08 13.12
CA LEU C 15 10.74 -9.47 12.75
C LEU C 15 11.79 -9.58 11.65
N GLU C 16 12.77 -10.45 11.85
CA GLU C 16 13.83 -10.65 10.87
C GLU C 16 13.36 -11.64 9.80
N VAL C 17 13.23 -11.17 8.57
CA VAL C 17 12.79 -12.03 7.47
C VAL C 17 13.47 -11.65 6.16
N GLU C 18 13.17 -12.40 5.10
CA GLU C 18 13.74 -12.15 3.79
C GLU C 18 12.64 -12.13 2.73
N PRO C 19 12.83 -11.42 1.64
CA PRO C 19 11.83 -11.33 0.56
C PRO C 19 11.22 -12.67 0.18
N SER C 20 11.97 -13.75 0.43
CA SER C 20 11.49 -15.08 0.09
C SER C 20 10.56 -15.63 1.18
N ASP C 21 10.74 -15.14 2.40
CA ASP C 21 9.90 -15.59 3.51
C ASP C 21 8.44 -15.64 3.10
N THR C 22 7.75 -16.71 3.51
CA THR C 22 6.35 -16.88 3.20
C THR C 22 5.48 -16.27 4.29
N ILE C 23 4.43 -15.54 3.89
CA ILE C 23 3.53 -14.92 4.84
C ILE C 23 3.23 -15.86 6.00
N GLU C 24 2.89 -17.11 5.67
CA GLU C 24 2.59 -18.09 6.70
C GLU C 24 3.74 -18.20 7.69
N ASN C 25 4.96 -18.07 7.18
CA ASN C 25 6.15 -18.13 8.03
C ASN C 25 6.16 -16.96 9.00
N VAL C 26 5.80 -15.79 8.50
CA VAL C 26 5.77 -14.59 9.34
C VAL C 26 4.75 -14.76 10.45
N LYS C 27 3.57 -15.27 10.10
CA LYS C 27 2.51 -15.49 11.07
C LYS C 27 3.01 -16.38 12.19
N ALA C 28 3.80 -17.39 11.83
CA ALA C 28 4.35 -18.32 12.81
C ALA C 28 5.27 -17.58 13.77
N LYS C 29 6.13 -16.73 13.22
CA LYS C 29 7.07 -15.98 14.04
C LYS C 29 6.31 -15.15 15.07
N ILE C 30 5.32 -14.38 14.62
CA ILE C 30 4.53 -13.56 15.51
C ILE C 30 3.90 -14.43 16.62
N GLN C 31 3.36 -15.57 16.22
CA GLN C 31 2.74 -16.48 17.18
C GLN C 31 3.74 -16.85 18.26
N ASP C 32 5.03 -16.79 17.91
CA ASP C 32 6.09 -17.12 18.86
C ASP C 32 6.28 -15.98 19.85
N LYS C 33 6.20 -14.75 19.35
CA LYS C 33 6.37 -13.58 20.21
C LYS C 33 5.15 -13.40 21.12
N GLU C 34 4.01 -13.16 20.51
CA GLU C 34 2.77 -12.96 21.26
C GLU C 34 2.18 -14.31 21.66
N GLY C 35 0.99 -14.61 21.13
CA GLY C 35 0.31 -15.87 21.42
C GLY C 35 -0.85 -16.11 20.48
N ILE C 36 -0.92 -15.28 19.43
CA ILE C 36 -1.99 -15.40 18.45
C ILE C 36 -1.68 -16.55 17.46
N PRO C 37 -2.49 -17.57 17.44
CA PRO C 37 -2.26 -18.72 16.51
C PRO C 37 -2.30 -18.27 15.04
N PRO C 38 -1.60 -18.96 14.18
CA PRO C 38 -1.56 -18.62 12.73
C PRO C 38 -2.97 -18.37 12.17
N ASP C 39 -3.81 -19.39 12.22
CA ASP C 39 -5.17 -19.27 11.72
C ASP C 39 -5.82 -17.99 12.21
N GLN C 40 -5.32 -17.46 13.32
CA GLN C 40 -5.87 -16.23 13.89
C GLN C 40 -4.96 -15.04 13.60
N GLN C 41 -4.32 -15.06 12.43
CA GLN C 41 -3.43 -13.97 12.04
C GLN C 41 -3.68 -13.56 10.59
N ARG C 42 -3.54 -12.26 10.33
CA ARG C 42 -3.76 -11.73 8.99
C ARG C 42 -2.89 -10.51 8.76
N LEU C 43 -2.06 -10.55 7.72
CA LEU C 43 -1.17 -9.43 7.41
C LEU C 43 -1.73 -8.59 6.27
N ILE C 44 -1.78 -7.28 6.49
CA ILE C 44 -2.28 -6.35 5.48
C ILE C 44 -1.28 -5.24 5.24
N PHE C 45 -0.90 -5.03 3.98
CA PHE C 45 0.06 -4.00 3.63
C PHE C 45 -0.61 -2.87 2.85
N ALA C 46 -1.39 -2.06 3.56
CA ALA C 46 -2.08 -0.95 2.92
C ALA C 46 -3.15 -1.45 1.95
N GLY C 47 -4.20 -2.05 2.49
CA GLY C 47 -5.28 -2.57 1.67
C GLY C 47 -4.86 -3.84 0.95
N LYS C 48 -3.56 -4.01 0.78
CA LYS C 48 -3.03 -5.19 0.10
C LYS C 48 -2.95 -6.37 1.06
N GLN C 49 -4.02 -7.16 1.12
CA GLN C 49 -4.05 -8.32 2.01
C GLN C 49 -3.08 -9.38 1.51
N LEU C 50 -2.21 -9.86 2.39
CA LEU C 50 -1.23 -10.87 2.02
C LEU C 50 -1.79 -12.27 2.21
N GLU C 51 -1.60 -13.14 1.22
CA GLU C 51 -2.08 -14.51 1.29
C GLU C 51 -1.12 -15.38 2.07
N ASP C 52 -1.61 -16.51 2.57
CA ASP C 52 -0.78 -17.43 3.33
C ASP C 52 0.15 -18.22 2.43
N GLY C 53 -0.19 -18.27 1.14
CA GLY C 53 0.63 -19.01 0.18
C GLY C 53 1.42 -18.07 -0.73
N ARG C 54 1.99 -17.03 -0.14
CA ARG C 54 2.78 -16.06 -0.90
C ARG C 54 4.02 -15.66 -0.12
N THR C 55 4.87 -14.85 -0.74
CA THR C 55 6.11 -14.40 -0.10
C THR C 55 6.13 -12.88 0.02
N LEU C 56 7.00 -12.36 0.88
CA LEU C 56 7.11 -10.92 1.08
C LEU C 56 7.62 -10.24 -0.19
N SER C 57 7.86 -11.03 -1.23
CA SER C 57 8.35 -10.49 -2.50
C SER C 57 7.20 -10.25 -3.47
N ASP C 58 6.18 -11.11 -3.39
CA ASP C 58 5.02 -10.98 -4.27
C ASP C 58 4.17 -9.78 -3.86
N TYR C 59 4.75 -8.88 -3.06
CA TYR C 59 4.03 -7.70 -2.61
C TYR C 59 4.94 -6.48 -2.61
N ASN C 60 6.18 -6.68 -3.07
CA ASN C 60 7.15 -5.59 -3.13
C ASN C 60 7.45 -5.05 -1.73
N ILE C 61 7.24 -5.89 -0.72
CA ILE C 61 7.49 -5.48 0.65
C ILE C 61 8.99 -5.46 0.94
N GLN C 62 9.53 -4.26 1.13
CA GLN C 62 10.96 -4.11 1.41
C GLN C 62 11.24 -4.25 2.90
N LYS C 63 12.36 -3.70 3.34
CA LYS C 63 12.74 -3.77 4.75
C LYS C 63 12.09 -2.63 5.53
N GLU C 64 11.98 -2.82 6.85
CA GLU C 64 11.39 -1.80 7.71
C GLU C 64 9.98 -1.44 7.24
N SER C 65 9.32 -2.38 6.55
CA SER C 65 7.98 -2.14 6.06
C SER C 65 6.96 -2.32 7.20
N THR C 66 5.99 -1.41 7.26
CA THR C 66 4.97 -1.47 8.31
C THR C 66 3.85 -2.43 7.91
N LEU C 67 3.80 -3.58 8.57
CA LEU C 67 2.78 -4.57 8.28
C LEU C 67 1.63 -4.46 9.29
N HIS C 68 0.41 -4.31 8.78
CA HIS C 68 -0.76 -4.19 9.65
C HIS C 68 -1.29 -5.58 10.02
N LEU C 69 -1.12 -5.95 11.29
CA LEU C 69 -1.59 -7.25 11.77
C LEU C 69 -3.04 -7.17 12.22
N VAL C 70 -3.79 -8.25 11.97
CA VAL C 70 -5.20 -8.30 12.36
C VAL C 70 -5.59 -9.72 12.78
N LEU C 71 -6.34 -9.83 13.86
CA LEU C 71 -6.78 -11.14 14.35
C LEU C 71 -8.05 -11.58 13.63
N ARG C 72 -7.95 -12.62 12.82
CA ARG C 72 -9.10 -13.13 12.09
C ARG C 72 -10.17 -13.63 13.05
N LEU C 73 -11.36 -13.02 12.98
CA LEU C 73 -12.46 -13.42 13.86
C LEU C 73 -13.29 -14.52 13.19
N ARG C 74 -12.74 -15.74 13.18
CA ARG C 74 -13.44 -16.88 12.59
C ARG C 74 -14.61 -17.30 13.47
N GLY C 75 -15.52 -16.37 13.74
CA GLY C 75 -16.68 -16.66 14.57
C GLY C 75 -17.79 -17.31 13.74
N CYS C 76 -17.40 -17.95 12.64
CA CYS C 76 -18.38 -18.60 11.78
C CYS C 76 -19.19 -19.63 12.56
N GLY D 1 -10.03 16.80 18.18
CA GLY D 1 -9.32 16.42 16.96
C GLY D 1 -9.04 14.92 16.94
N THR D 2 -9.66 14.19 17.85
CA THR D 2 -9.47 12.75 17.94
C THR D 2 -10.68 12.08 18.60
N LYS D 3 -11.21 11.07 17.94
CA LYS D 3 -12.37 10.35 18.48
C LYS D 3 -12.61 9.05 17.72
N LYS D 4 -13.21 8.07 18.38
CA LYS D 4 -13.48 6.79 17.76
C LYS D 4 -14.71 6.89 16.86
N TYR D 5 -15.04 5.78 16.20
CA TYR D 5 -16.20 5.74 15.30
C TYR D 5 -17.37 5.01 15.95
N ASP D 6 -18.57 5.52 15.75
CA ASP D 6 -19.76 4.90 16.33
C ASP D 6 -20.21 3.72 15.48
N LEU D 7 -19.74 2.53 15.83
CA LEU D 7 -20.10 1.32 15.10
C LEU D 7 -21.20 0.56 15.82
N SER D 8 -22.20 1.29 16.31
CA SER D 8 -23.32 0.67 17.02
C SER D 8 -24.38 0.16 16.04
N LYS D 9 -24.12 0.36 14.76
CA LYS D 9 -25.05 -0.09 13.72
C LYS D 9 -24.31 -0.69 12.54
N TRP D 10 -23.72 -1.87 12.77
CA TRP D 10 -22.97 -2.57 11.72
C TRP D 10 -23.43 -4.01 11.61
N LYS D 11 -22.89 -4.73 10.62
CA LYS D 11 -23.26 -6.13 10.42
C LYS D 11 -22.00 -7.00 10.33
N TYR D 12 -22.21 -8.31 10.34
CA TYR D 12 -21.09 -9.25 10.27
C TYR D 12 -20.35 -9.09 8.95
N ALA D 13 -21.10 -9.01 7.85
CA ALA D 13 -20.48 -8.85 6.53
C ALA D 13 -19.71 -7.55 6.45
N GLU D 14 -20.33 -6.46 6.88
CA GLU D 14 -19.69 -5.15 6.85
C GLU D 14 -18.37 -5.17 7.60
N LEU D 15 -18.42 -5.57 8.87
CA LEU D 15 -17.21 -5.62 9.69
C LEU D 15 -16.18 -6.56 9.07
N ARG D 16 -16.57 -7.83 8.90
CA ARG D 16 -15.67 -8.81 8.33
C ARG D 16 -15.11 -8.32 6.99
N ASP D 17 -16.01 -7.88 6.12
CA ASP D 17 -15.61 -7.38 4.81
C ASP D 17 -14.69 -6.17 4.94
N THR D 18 -15.08 -5.23 5.79
CA THR D 18 -14.29 -4.02 6.00
C THR D 18 -12.87 -4.39 6.42
N ILE D 19 -12.77 -5.30 7.39
CA ILE D 19 -11.47 -5.74 7.87
C ILE D 19 -10.72 -6.51 6.79
N ASN D 20 -11.47 -7.20 5.94
CA ASN D 20 -10.87 -7.99 4.87
C ASN D 20 -10.68 -7.15 3.61
N THR D 21 -11.33 -5.99 3.58
CA THR D 21 -11.23 -5.10 2.42
C THR D 21 -10.51 -3.80 2.79
N SER D 22 -10.36 -3.56 4.09
CA SER D 22 -9.69 -2.35 4.56
C SER D 22 -8.37 -2.68 5.23
N CYS D 23 -7.71 -1.65 5.75
CA CYS D 23 -6.43 -1.82 6.42
C CYS D 23 -6.23 -0.75 7.47
N ASP D 24 -7.28 0.02 7.71
CA ASP D 24 -7.22 1.09 8.69
C ASP D 24 -7.15 0.51 10.10
N ILE D 25 -5.93 0.34 10.59
CA ILE D 25 -5.72 -0.20 11.92
C ILE D 25 -6.76 0.33 12.90
N GLU D 26 -7.05 1.62 12.79
CA GLU D 26 -8.04 2.24 13.66
C GLU D 26 -9.37 1.49 13.58
N LEU D 27 -9.87 1.33 12.36
CA LEU D 27 -11.13 0.61 12.15
C LEU D 27 -10.99 -0.83 12.63
N LEU D 28 -9.86 -1.44 12.31
CA LEU D 28 -9.61 -2.81 12.72
C LEU D 28 -9.81 -2.98 14.22
N ALA D 29 -9.28 -2.03 14.98
CA ALA D 29 -9.41 -2.08 16.43
C ALA D 29 -10.86 -1.85 16.86
N ALA D 30 -11.47 -0.80 16.30
CA ALA D 30 -12.86 -0.49 16.62
C ALA D 30 -13.76 -1.65 16.23
N CYS D 31 -13.52 -2.20 15.03
CA CYS D 31 -14.31 -3.31 14.55
C CYS D 31 -14.13 -4.52 15.46
N ARG D 32 -12.88 -4.91 15.68
CA ARG D 32 -12.58 -6.04 16.54
C ARG D 32 -13.30 -5.89 17.89
N GLU D 33 -13.34 -4.66 18.38
CA GLU D 33 -13.99 -4.38 19.66
C GLU D 33 -15.49 -4.68 19.57
N GLU D 34 -16.18 -3.99 18.68
CA GLU D 34 -17.61 -4.20 18.51
C GLU D 34 -17.89 -5.64 18.08
N PHE D 35 -17.02 -6.18 17.24
CA PHE D 35 -17.18 -7.55 16.76
C PHE D 35 -17.17 -8.53 17.94
N HIS D 36 -16.26 -8.30 18.88
CA HIS D 36 -16.14 -9.16 20.05
C HIS D 36 -17.39 -9.02 20.91
N ARG D 37 -17.76 -7.78 21.21
CA ARG D 37 -18.94 -7.52 22.02
C ARG D 37 -20.14 -8.29 21.48
N ARG D 38 -20.32 -8.22 20.17
CA ARG D 38 -21.43 -8.91 19.52
C ARG D 38 -21.33 -10.41 19.75
N LEU D 39 -20.14 -10.97 19.54
CA LEU D 39 -19.94 -12.41 19.74
C LEU D 39 -19.87 -12.73 21.22
N LYS D 40 -19.58 -11.72 22.04
CA LYS D 40 -19.48 -11.91 23.49
C LYS D 40 -20.87 -11.84 24.12
N VAL D 41 -21.39 -10.63 24.25
CA VAL D 41 -22.71 -10.43 24.85
C VAL D 41 -23.76 -10.16 23.78
N TYR D 42 -24.89 -10.84 23.87
CA TYR D 42 -25.96 -10.67 22.91
C TYR D 42 -27.23 -11.37 23.37
N HIS D 43 -27.41 -11.44 24.68
CA HIS D 43 -28.59 -12.10 25.25
C HIS D 43 -29.86 -11.54 24.64
N GLY A 1 -10.17 27.79 -4.38
CA GLY A 1 -10.45 26.73 -3.41
C GLY A 1 -9.48 25.57 -3.59
N THR A 2 -8.22 25.78 -3.22
CA THR A 2 -7.22 24.73 -3.34
C THR A 2 -7.26 23.80 -2.13
N LYS A 3 -7.93 22.67 -2.28
CA LYS A 3 -8.05 21.70 -1.20
C LYS A 3 -6.83 20.77 -1.18
N LYS A 4 -5.72 21.28 -0.65
CA LYS A 4 -4.49 20.49 -0.58
C LYS A 4 -4.51 19.60 0.67
N TYR A 5 -3.32 19.16 1.08
CA TYR A 5 -3.20 18.30 2.26
C TYR A 5 -2.14 18.85 3.21
N ASP A 6 -2.24 18.47 4.48
CA ASP A 6 -1.29 18.93 5.49
C ASP A 6 -0.45 17.76 6.01
N LEU A 7 0.71 17.55 5.38
CA LEU A 7 1.60 16.46 5.79
C LEU A 7 2.67 16.98 6.75
N SER A 8 2.24 17.78 7.73
CA SER A 8 3.18 18.34 8.69
C SER A 8 3.51 17.30 9.78
N LYS A 9 3.25 16.03 9.47
CA LYS A 9 3.53 14.96 10.43
C LYS A 9 3.37 13.60 9.77
N TRP A 10 4.42 13.14 9.11
CA TRP A 10 4.38 11.85 8.43
C TRP A 10 5.66 11.06 8.74
N LYS A 11 5.69 9.80 8.28
CA LYS A 11 6.85 8.94 8.51
C LYS A 11 7.42 8.45 7.19
N TYR A 12 8.64 7.93 7.24
CA TYR A 12 9.30 7.42 6.04
C TYR A 12 8.51 6.24 5.46
N ALA A 13 8.18 5.28 6.31
CA ALA A 13 7.43 4.11 5.88
C ALA A 13 6.06 4.51 5.34
N GLU A 14 5.46 5.52 5.96
CA GLU A 14 4.15 5.99 5.54
C GLU A 14 4.22 6.62 4.15
N LEU A 15 5.10 7.60 3.99
CA LEU A 15 5.25 8.27 2.71
C LEU A 15 5.55 7.26 1.61
N ARG A 16 6.61 6.48 1.79
CA ARG A 16 6.99 5.48 0.81
C ARG A 16 5.81 4.55 0.50
N ASP A 17 5.22 3.98 1.55
CA ASP A 17 4.09 3.09 1.39
C ASP A 17 3.00 3.77 0.56
N THR A 18 2.62 4.98 0.96
CA THR A 18 1.59 5.71 0.25
C THR A 18 1.89 5.77 -1.25
N ILE A 19 3.12 6.16 -1.58
CA ILE A 19 3.51 6.25 -2.98
C ILE A 19 3.58 4.85 -3.60
N ASN A 20 3.74 3.83 -2.76
CA ASN A 20 3.81 2.46 -3.24
C ASN A 20 2.50 1.72 -3.03
N THR A 21 1.50 2.42 -2.47
CA THR A 21 0.20 1.80 -2.23
C THR A 21 -0.94 2.76 -2.55
N SER A 22 -0.59 3.98 -2.95
CA SER A 22 -1.60 4.99 -3.27
C SER A 22 -1.49 5.44 -4.73
N CYS A 23 -2.59 5.96 -5.26
CA CYS A 23 -2.62 6.43 -6.63
C CYS A 23 -3.31 7.79 -6.71
N ASP A 24 -2.54 8.85 -6.50
CA ASP A 24 -3.09 10.20 -6.55
C ASP A 24 -1.99 11.22 -6.79
N ILE A 25 -1.83 11.61 -8.04
CA ILE A 25 -0.80 12.58 -8.41
C ILE A 25 -0.69 13.67 -7.36
N GLU A 26 -1.83 14.15 -6.87
CA GLU A 26 -1.83 15.19 -5.85
C GLU A 26 -1.03 14.76 -4.64
N LEU A 27 -1.43 13.64 -4.04
CA LEU A 27 -0.73 13.12 -2.87
C LEU A 27 0.73 12.84 -3.22
N LEU A 28 0.93 12.11 -4.31
CA LEU A 28 2.27 11.77 -4.75
C LEU A 28 3.14 13.02 -4.81
N ALA A 29 2.60 14.09 -5.38
CA ALA A 29 3.34 15.34 -5.49
C ALA A 29 3.68 15.87 -4.10
N ALA A 30 2.68 15.93 -3.23
CA ALA A 30 2.89 16.42 -1.86
C ALA A 30 3.89 15.52 -1.13
N CYS A 31 3.70 14.21 -1.25
CA CYS A 31 4.60 13.27 -0.59
C CYS A 31 6.04 13.50 -1.05
N ARG A 32 6.24 13.50 -2.36
CA ARG A 32 7.57 13.71 -2.92
C ARG A 32 8.16 15.02 -2.40
N GLU A 33 7.32 16.06 -2.37
CA GLU A 33 7.77 17.37 -1.90
C GLU A 33 8.36 17.27 -0.50
N GLU A 34 7.53 16.88 0.46
CA GLU A 34 7.99 16.75 1.85
C GLU A 34 9.13 15.75 1.94
N PHE A 35 9.01 14.64 1.19
CA PHE A 35 10.04 13.62 1.20
C PHE A 35 11.40 14.25 0.91
N HIS A 36 11.42 15.15 -0.07
CA HIS A 36 12.66 15.82 -0.44
C HIS A 36 13.10 16.78 0.67
N ARG A 37 12.14 17.56 1.17
CA ARG A 37 12.44 18.52 2.24
C ARG A 37 13.24 17.85 3.35
N ARG A 38 12.73 16.74 3.85
CA ARG A 38 13.42 16.01 4.92
C ARG A 38 14.89 15.85 4.59
N LEU A 39 15.19 15.67 3.31
CA LEU A 39 16.57 15.51 2.87
C LEU A 39 17.23 16.88 2.63
N LYS A 40 16.46 17.80 2.05
CA LYS A 40 16.98 19.14 1.78
C LYS A 40 17.36 19.84 3.07
N VAL A 41 16.37 20.03 3.96
CA VAL A 41 16.62 20.69 5.23
C VAL A 41 17.11 22.12 4.99
N TYR A 42 18.27 22.45 5.54
CA TYR A 42 18.84 23.79 5.39
C TYR A 42 20.33 23.71 5.11
N HIS A 43 20.68 23.48 3.84
CA HIS A 43 22.09 23.38 3.46
C HIS A 43 22.75 24.76 3.47
N MET B 1 -0.26 2.36 -30.17
CA MET B 1 -1.39 3.20 -29.70
C MET B 1 -0.85 4.42 -28.96
N GLN B 2 -1.50 5.56 -29.14
CA GLN B 2 -1.07 6.79 -28.48
C GLN B 2 -1.58 6.83 -27.04
N ILE B 3 -0.66 6.69 -26.09
CA ILE B 3 -1.02 6.72 -24.68
C ILE B 3 -0.51 8.01 -24.03
N PHE B 4 -1.27 8.51 -23.06
CA PHE B 4 -0.91 9.75 -22.37
C PHE B 4 -0.24 9.43 -21.03
N VAL B 5 0.70 10.29 -20.63
CA VAL B 5 1.40 10.10 -19.36
C VAL B 5 1.55 11.44 -18.64
N LYS B 6 0.81 11.59 -17.54
CA LYS B 6 0.87 12.83 -16.77
C LYS B 6 1.95 12.74 -15.70
N THR B 7 2.75 13.79 -15.58
CA THR B 7 3.81 13.83 -14.59
C THR B 7 3.32 14.49 -13.31
N LEU B 8 4.26 14.92 -12.47
CA LEU B 8 3.91 15.56 -11.20
C LEU B 8 3.35 16.96 -11.46
N THR B 9 4.10 17.76 -12.21
CA THR B 9 3.66 19.12 -12.51
C THR B 9 2.37 19.10 -13.33
N GLY B 10 2.06 17.94 -13.91
CA GLY B 10 0.85 17.79 -14.71
C GLY B 10 1.18 17.81 -16.21
N LYS B 11 2.41 17.42 -16.54
CA LYS B 11 2.84 17.40 -17.94
C LYS B 11 2.42 16.09 -18.61
N THR B 12 1.57 16.20 -19.62
CA THR B 12 1.09 15.02 -20.34
C THR B 12 2.00 14.72 -21.53
N ILE B 13 2.33 13.43 -21.69
CA ILE B 13 3.19 13.01 -22.80
C ILE B 13 2.49 11.95 -23.63
N THR B 14 2.41 12.20 -24.94
CA THR B 14 1.77 11.25 -25.86
C THR B 14 2.82 10.35 -26.48
N LEU B 15 2.90 9.11 -26.01
CA LEU B 15 3.88 8.16 -26.52
C LEU B 15 3.18 6.98 -27.23
N GLU B 16 3.70 6.61 -28.39
CA GLU B 16 3.13 5.49 -29.14
C GLU B 16 3.73 4.18 -28.67
N VAL B 17 2.87 3.22 -28.34
CA VAL B 17 3.33 1.92 -27.86
C VAL B 17 2.39 0.81 -28.30
N GLU B 18 2.50 -0.34 -27.65
CA GLU B 18 1.66 -1.49 -27.96
C GLU B 18 1.31 -2.24 -26.68
N PRO B 19 0.42 -3.20 -26.74
CA PRO B 19 0.00 -3.98 -25.54
C PRO B 19 1.07 -4.99 -25.11
N SER B 20 2.11 -5.13 -25.92
CA SER B 20 3.20 -6.06 -25.60
C SER B 20 4.43 -5.31 -25.10
N ASP B 21 4.35 -3.98 -25.12
CA ASP B 21 5.48 -3.16 -24.67
C ASP B 21 5.66 -3.31 -23.17
N THR B 22 6.92 -3.45 -22.75
CA THR B 22 7.24 -3.61 -21.34
C THR B 22 7.37 -2.25 -20.66
N ILE B 23 6.86 -2.15 -19.43
CA ILE B 23 6.93 -0.90 -18.69
C ILE B 23 8.34 -0.32 -18.77
N GLU B 24 9.33 -1.14 -18.45
CA GLU B 24 10.71 -0.68 -18.50
C GLU B 24 10.99 0.03 -19.82
N ASN B 25 10.45 -0.51 -20.91
CA ASN B 25 10.64 0.09 -22.22
C ASN B 25 10.04 1.48 -22.24
N VAL B 26 8.82 1.61 -21.72
CA VAL B 26 8.15 2.91 -21.67
C VAL B 26 9.02 3.92 -20.94
N LYS B 27 9.56 3.51 -19.81
CA LYS B 27 10.43 4.38 -19.02
C LYS B 27 11.59 4.87 -19.87
N ALA B 28 12.04 4.00 -20.78
CA ALA B 28 13.15 4.35 -21.66
C ALA B 28 12.75 5.50 -22.58
N LYS B 29 11.65 5.31 -23.31
CA LYS B 29 11.17 6.33 -24.22
C LYS B 29 11.05 7.67 -23.50
N ILE B 30 10.41 7.64 -22.33
CA ILE B 30 10.25 8.86 -21.55
C ILE B 30 11.60 9.50 -21.27
N GLN B 31 12.57 8.69 -20.88
CA GLN B 31 13.91 9.19 -20.60
C GLN B 31 14.44 9.96 -21.80
N ASP B 32 14.00 9.55 -22.99
CA ASP B 32 14.44 10.21 -24.22
C ASP B 32 13.80 11.59 -24.34
N LYS B 33 12.51 11.68 -23.99
CA LYS B 33 11.80 12.95 -24.07
C LYS B 33 12.28 13.90 -22.97
N GLU B 34 12.01 13.54 -21.72
CA GLU B 34 12.42 14.37 -20.59
C GLU B 34 13.91 14.19 -20.31
N GLY B 35 14.22 13.52 -19.20
CA GLY B 35 15.61 13.29 -18.82
C GLY B 35 15.70 12.57 -17.48
N ILE B 36 14.58 11.99 -17.05
CA ILE B 36 14.54 11.27 -15.78
C ILE B 36 15.09 9.86 -15.95
N PRO B 37 16.04 9.45 -15.13
CA PRO B 37 16.63 8.08 -15.24
C PRO B 37 15.56 6.99 -15.12
N PRO B 38 15.71 5.90 -15.83
CA PRO B 38 14.74 4.79 -15.79
C PRO B 38 14.45 4.33 -14.36
N ASP B 39 15.46 4.46 -13.49
CA ASP B 39 15.30 4.06 -12.10
C ASP B 39 14.37 5.01 -11.36
N GLN B 40 14.70 6.30 -11.38
CA GLN B 40 13.87 7.30 -10.71
C GLN B 40 12.56 7.51 -11.47
N GLN B 41 11.96 6.40 -11.92
CA GLN B 41 10.70 6.47 -12.65
C GLN B 41 9.72 5.41 -12.12
N ARG B 42 8.44 5.63 -12.40
CA ARG B 42 7.41 4.71 -11.96
C ARG B 42 6.08 5.08 -12.61
N LEU B 43 5.21 4.08 -12.81
CA LEU B 43 3.92 4.33 -13.43
C LEU B 43 2.78 3.72 -12.62
N ILE B 44 1.69 4.48 -12.50
CA ILE B 44 0.51 4.02 -11.76
C ILE B 44 -0.74 4.21 -12.61
N PHE B 45 -1.62 3.22 -12.59
CA PHE B 45 -2.85 3.28 -13.36
C PHE B 45 -3.93 2.41 -12.73
N ALA B 46 -5.19 2.67 -13.09
CA ALA B 46 -6.31 1.90 -12.54
C ALA B 46 -6.09 1.62 -11.06
N GLY B 47 -5.38 2.52 -10.38
CA GLY B 47 -5.12 2.35 -8.96
C GLY B 47 -4.21 1.15 -8.72
N LYS B 48 -3.19 1.02 -9.55
CA LYS B 48 -2.25 -0.11 -9.42
C LYS B 48 -0.87 0.30 -9.92
N GLN B 49 0.16 -0.09 -9.19
CA GLN B 49 1.54 0.22 -9.58
C GLN B 49 2.03 -0.78 -10.61
N LEU B 50 2.54 -0.27 -11.73
CA LEU B 50 3.03 -1.14 -12.80
C LEU B 50 4.46 -1.58 -12.50
N GLU B 51 4.72 -2.87 -12.67
CA GLU B 51 6.05 -3.42 -12.42
C GLU B 51 6.97 -3.17 -13.61
N ASP B 52 8.27 -3.23 -13.38
CA ASP B 52 9.24 -2.99 -14.45
C ASP B 52 9.45 -4.25 -15.28
N GLY B 53 8.80 -5.35 -14.87
CA GLY B 53 8.91 -6.62 -15.59
C GLY B 53 7.55 -7.10 -16.08
N ARG B 54 6.74 -6.16 -16.58
CA ARG B 54 5.42 -6.50 -17.09
C ARG B 54 5.12 -5.71 -18.35
N THR B 55 4.01 -6.05 -19.02
CA THR B 55 3.63 -5.36 -20.25
C THR B 55 2.38 -4.52 -20.03
N LEU B 56 2.12 -3.60 -20.95
CA LEU B 56 0.95 -2.73 -20.85
C LEU B 56 -0.33 -3.54 -20.96
N SER B 57 -0.22 -4.77 -21.45
CA SER B 57 -1.37 -5.64 -21.61
C SER B 57 -1.79 -6.24 -20.27
N ASP B 58 -0.79 -6.52 -19.43
CA ASP B 58 -1.06 -7.10 -18.12
C ASP B 58 -1.69 -6.06 -17.19
N TYR B 59 -2.22 -4.99 -17.77
CA TYR B 59 -2.84 -3.94 -16.98
C TYR B 59 -4.09 -3.41 -17.68
N ASN B 60 -4.41 -4.01 -18.83
CA ASN B 60 -5.59 -3.60 -19.59
C ASN B 60 -5.46 -2.16 -20.05
N ILE B 61 -4.21 -1.70 -20.21
CA ILE B 61 -3.97 -0.33 -20.66
C ILE B 61 -4.15 -0.21 -22.17
N GLN B 62 -5.30 0.28 -22.58
CA GLN B 62 -5.59 0.44 -24.01
C GLN B 62 -5.01 1.74 -24.54
N ARG B 63 -5.56 2.22 -25.64
CA ARG B 63 -5.09 3.46 -26.25
C ARG B 63 -5.70 4.67 -25.55
N GLU B 64 -5.09 5.83 -25.75
CA GLU B 64 -5.58 7.06 -25.14
C GLU B 64 -5.66 6.91 -23.62
N SER B 65 -5.00 5.88 -23.09
CA SER B 65 -5.00 5.65 -21.66
C SER B 65 -3.99 6.54 -20.96
N THR B 66 -4.39 7.13 -19.84
CA THR B 66 -3.51 8.01 -19.07
C THR B 66 -2.65 7.20 -18.10
N LEU B 67 -1.50 7.75 -17.73
CA LEU B 67 -0.60 7.06 -16.81
C LEU B 67 0.00 8.06 -15.82
N HIS B 68 -0.17 7.80 -14.53
CA HIS B 68 0.37 8.67 -13.50
C HIS B 68 1.84 8.32 -13.23
N LEU B 69 2.74 9.18 -13.71
CA LEU B 69 4.17 8.93 -13.52
C LEU B 69 4.66 9.48 -12.19
N VAL B 70 5.39 8.66 -11.45
CA VAL B 70 5.93 9.08 -10.15
C VAL B 70 7.43 8.83 -10.09
N LEU B 71 8.17 9.75 -9.49
CA LEU B 71 9.62 9.60 -9.38
C LEU B 71 9.98 8.68 -8.23
N ARG B 72 10.41 7.47 -8.56
CA ARG B 72 10.79 6.50 -7.54
C ARG B 72 11.95 7.03 -6.69
N LEU B 73 11.65 7.34 -5.43
CA LEU B 73 12.67 7.87 -4.53
C LEU B 73 13.55 6.73 -4.02
N ARG B 74 14.84 7.02 -3.87
CA ARG B 74 15.79 6.02 -3.39
C ARG B 74 15.75 5.93 -1.87
N GLY B 75 15.59 4.71 -1.36
CA GLY B 75 15.53 4.50 0.09
C GLY B 75 14.92 3.15 0.42
N GLY B 76 15.06 2.73 1.68
CA GLY B 76 14.51 1.46 2.11
C GLY B 76 15.25 0.29 1.46
N MET C 1 14.88 -9.98 4.30
CA MET C 1 14.60 -8.56 4.63
C MET C 1 13.78 -8.48 5.91
N GLN C 2 13.97 -7.39 6.65
CA GLN C 2 13.24 -7.20 7.91
C GLN C 2 12.00 -6.34 7.69
N ILE C 3 10.83 -6.93 7.91
CA ILE C 3 9.57 -6.22 7.74
C ILE C 3 8.95 -5.90 9.09
N PHE C 4 8.24 -4.78 9.17
CA PHE C 4 7.61 -4.36 10.41
C PHE C 4 6.13 -4.76 10.41
N VAL C 5 5.63 -5.10 11.59
CA VAL C 5 4.23 -5.51 11.73
C VAL C 5 3.59 -4.80 12.93
N LYS C 6 2.73 -3.83 12.65
CA LYS C 6 2.06 -3.09 13.71
C LYS C 6 0.70 -3.70 14.03
N THR C 7 0.41 -3.86 15.32
CA THR C 7 -0.86 -4.43 15.75
C THR C 7 -1.89 -3.32 15.97
N LEU C 8 -3.03 -3.69 16.57
CA LEU C 8 -4.08 -2.72 16.84
C LEU C 8 -3.82 -2.00 18.15
N THR C 9 -2.56 -1.99 18.59
CA THR C 9 -2.21 -1.34 19.83
C THR C 9 -0.92 -0.53 19.66
N GLY C 10 -0.38 -0.53 18.44
CA GLY C 10 0.84 0.21 18.15
C GLY C 10 2.07 -0.66 18.38
N LYS C 11 1.84 -1.94 18.62
CA LYS C 11 2.94 -2.87 18.85
C LYS C 11 3.58 -3.30 17.54
N THR C 12 4.82 -2.88 17.32
CA THR C 12 5.54 -3.22 16.09
C THR C 12 6.41 -4.45 16.30
N ILE C 13 6.50 -5.29 15.27
CA ILE C 13 7.30 -6.51 15.34
C ILE C 13 8.16 -6.65 14.09
N THR C 14 9.47 -6.78 14.28
CA THR C 14 10.39 -6.94 13.16
C THR C 14 10.59 -8.42 12.84
N LEU C 15 10.10 -8.84 11.67
CA LEU C 15 10.22 -10.23 11.26
C LEU C 15 11.06 -10.36 9.99
N GLU C 16 12.06 -11.23 10.03
CA GLU C 16 12.92 -11.43 8.87
C GLU C 16 12.24 -12.38 7.88
N VAL C 17 12.07 -11.91 6.65
CA VAL C 17 11.42 -12.72 5.62
C VAL C 17 12.00 -12.41 4.24
N GLU C 18 11.35 -12.93 3.21
CA GLU C 18 11.79 -12.73 1.84
C GLU C 18 10.58 -12.69 0.90
N PRO C 19 10.70 -12.02 -0.21
CA PRO C 19 9.59 -11.90 -1.20
C PRO C 19 8.89 -13.23 -1.47
N SER C 20 9.68 -14.28 -1.72
CA SER C 20 9.12 -15.60 -2.00
C SER C 20 8.27 -16.10 -0.83
N ASP C 21 8.69 -15.79 0.38
CA ASP C 21 7.96 -16.24 1.57
C ASP C 21 6.46 -16.09 1.36
N THR C 22 5.72 -17.10 1.81
CA THR C 22 4.26 -17.09 1.67
C THR C 22 3.62 -16.46 2.90
N ILE C 23 2.60 -15.63 2.67
CA ILE C 23 1.90 -14.96 3.76
C ILE C 23 1.64 -15.93 4.91
N GLU C 24 0.98 -17.05 4.60
CA GLU C 24 0.67 -18.04 5.61
C GLU C 24 1.91 -18.33 6.46
N ASN C 25 3.05 -18.46 5.80
CA ASN C 25 4.30 -18.72 6.51
C ASN C 25 4.57 -17.60 7.52
N VAL C 26 4.41 -16.36 7.08
CA VAL C 26 4.63 -15.22 7.94
C VAL C 26 3.75 -15.34 9.18
N LYS C 27 2.47 -15.64 8.96
CA LYS C 27 1.54 -15.80 10.07
C LYS C 27 2.09 -16.81 11.07
N ALA C 28 2.80 -17.81 10.56
CA ALA C 28 3.38 -18.83 11.41
C ALA C 28 4.47 -18.23 12.29
N LYS C 29 5.28 -17.35 11.70
CA LYS C 29 6.35 -16.69 12.43
C LYS C 29 5.79 -15.85 13.58
N ILE C 30 4.70 -15.14 13.31
CA ILE C 30 4.07 -14.31 14.31
C ILE C 30 3.52 -15.17 15.44
N GLN C 31 2.80 -16.23 15.07
CA GLN C 31 2.22 -17.13 16.07
C GLN C 31 3.31 -17.66 17.00
N ASP C 32 4.53 -17.80 16.47
CA ASP C 32 5.64 -18.28 17.26
C ASP C 32 6.15 -17.19 18.20
N LYS C 33 5.96 -15.94 17.79
CA LYS C 33 6.40 -14.80 18.60
C LYS C 33 5.41 -14.54 19.73
N GLU C 34 4.18 -14.21 19.37
CA GLU C 34 3.15 -13.93 20.35
C GLU C 34 2.51 -15.23 20.84
N GLY C 35 1.60 -15.78 20.04
CA GLY C 35 0.93 -17.02 20.40
C GLY C 35 -0.44 -17.11 19.74
N ILE C 36 -0.71 -16.18 18.83
CA ILE C 36 -1.99 -16.16 18.13
C ILE C 36 -1.98 -17.15 16.95
N PRO C 37 -2.96 -18.01 16.84
CA PRO C 37 -3.00 -19.00 15.73
C PRO C 37 -2.94 -18.31 14.36
N PRO C 38 -2.38 -18.98 13.38
CA PRO C 38 -2.25 -18.40 12.00
C PRO C 38 -3.59 -17.85 11.49
N ASP C 39 -4.54 -18.75 11.24
CA ASP C 39 -5.85 -18.35 10.73
C ASP C 39 -6.32 -17.06 11.39
N GLN C 40 -5.93 -16.84 12.64
CA GLN C 40 -6.33 -15.64 13.38
C GLN C 40 -5.34 -14.51 13.14
N GLN C 41 -4.69 -14.51 11.98
CA GLN C 41 -3.72 -13.46 11.65
C GLN C 41 -3.93 -12.95 10.23
N ARG C 42 -4.66 -11.85 10.10
CA ARG C 42 -4.92 -11.26 8.79
C ARG C 42 -4.01 -10.06 8.57
N LEU C 43 -3.19 -10.12 7.51
CA LEU C 43 -2.26 -9.04 7.21
C LEU C 43 -2.85 -8.08 6.18
N ILE C 44 -2.73 -6.79 6.46
CA ILE C 44 -3.23 -5.76 5.56
C ILE C 44 -2.14 -4.71 5.31
N PHE C 45 -1.73 -4.58 4.05
CA PHE C 45 -0.68 -3.62 3.70
C PHE C 45 -1.28 -2.35 3.10
N ALA C 46 -1.84 -1.51 3.95
CA ALA C 46 -2.44 -0.26 3.50
C ALA C 46 -3.41 -0.50 2.34
N GLY C 47 -4.67 -0.76 2.67
CA GLY C 47 -5.70 -0.99 1.66
C GLY C 47 -5.33 -2.16 0.75
N LYS C 48 -4.70 -3.19 1.32
CA LYS C 48 -4.31 -4.35 0.54
C LYS C 48 -4.29 -5.61 1.41
N GLN C 49 -5.43 -6.29 1.48
CA GLN C 49 -5.52 -7.51 2.28
C GLN C 49 -4.72 -8.63 1.61
N LEU C 50 -3.70 -9.11 2.31
CA LEU C 50 -2.87 -10.17 1.77
C LEU C 50 -3.56 -11.53 1.88
N GLU C 51 -3.40 -12.35 0.85
CA GLU C 51 -4.00 -13.68 0.83
C GLU C 51 -3.12 -14.68 1.58
N ASP C 52 -3.71 -15.79 1.98
CA ASP C 52 -2.96 -16.82 2.70
C ASP C 52 -2.29 -17.79 1.73
N GLY C 53 -2.54 -17.59 0.45
CA GLY C 53 -1.95 -18.46 -0.58
C GLY C 53 -1.15 -17.65 -1.59
N ARG C 54 -0.42 -16.66 -1.11
CA ARG C 54 0.41 -15.83 -1.98
C ARG C 54 1.75 -15.52 -1.32
N THR C 55 2.63 -14.84 -2.05
CA THR C 55 3.96 -14.50 -1.53
C THR C 55 4.09 -13.00 -1.34
N LEU C 56 4.99 -12.60 -0.45
CA LEU C 56 5.20 -11.17 -0.18
C LEU C 56 5.64 -10.45 -1.45
N SER C 57 5.86 -11.20 -2.52
CA SER C 57 6.29 -10.62 -3.79
C SER C 57 5.09 -10.14 -4.60
N ASP C 58 4.02 -10.95 -4.59
CA ASP C 58 2.82 -10.61 -5.32
C ASP C 58 2.35 -9.20 -4.97
N TYR C 59 2.56 -8.81 -3.72
CA TYR C 59 2.15 -7.48 -3.26
C TYR C 59 3.33 -6.51 -3.32
N ASN C 60 4.42 -6.93 -3.95
CA ASN C 60 5.60 -6.09 -4.07
C ASN C 60 6.02 -5.54 -2.72
N ILE C 61 5.92 -6.37 -1.69
CA ILE C 61 6.30 -5.95 -0.35
C ILE C 61 7.81 -6.06 -0.15
N GLN C 62 8.48 -4.92 -0.16
CA GLN C 62 9.93 -4.90 0.00
C GLN C 62 10.31 -4.97 1.48
N LYS C 63 11.51 -4.48 1.79
CA LYS C 63 12.00 -4.50 3.16
C LYS C 63 11.49 -3.28 3.93
N GLU C 64 11.54 -3.36 5.25
CA GLU C 64 11.08 -2.26 6.10
C GLU C 64 9.65 -1.88 5.77
N SER C 65 8.88 -2.87 5.30
CA SER C 65 7.48 -2.63 4.96
C SER C 65 6.60 -2.71 6.20
N THR C 66 5.73 -1.71 6.36
CA THR C 66 4.83 -1.68 7.50
C THR C 66 3.54 -2.44 7.21
N LEU C 67 3.34 -3.56 7.89
CA LEU C 67 2.16 -4.38 7.69
C LEU C 67 1.21 -4.25 8.88
N HIS C 68 -0.07 -4.04 8.59
CA HIS C 68 -1.07 -3.90 9.64
C HIS C 68 -1.68 -5.27 9.97
N LEU C 69 -1.36 -5.77 11.16
CA LEU C 69 -1.87 -7.07 11.60
C LEU C 69 -3.23 -6.92 12.25
N VAL C 70 -4.13 -7.86 11.95
CA VAL C 70 -5.47 -7.84 12.51
C VAL C 70 -5.86 -9.24 13.00
N LEU C 71 -6.61 -9.30 14.09
CA LEU C 71 -7.05 -10.58 14.65
C LEU C 71 -8.34 -11.03 13.99
N ARG C 72 -8.22 -11.90 12.99
CA ARG C 72 -9.38 -12.42 12.29
C ARG C 72 -10.29 -13.20 13.24
N LEU C 73 -11.38 -12.55 13.67
CA LEU C 73 -12.31 -13.20 14.58
C LEU C 73 -13.21 -14.17 13.84
N ARG C 74 -13.67 -15.21 14.53
CA ARG C 74 -14.54 -16.20 13.91
C ARG C 74 -15.58 -16.69 14.93
N GLY C 75 -16.74 -17.11 14.42
CA GLY C 75 -17.81 -17.59 15.28
C GLY C 75 -18.98 -18.11 14.45
N CYS C 76 -19.37 -19.36 14.70
CA CYS C 76 -20.48 -19.96 13.98
C CYS C 76 -21.75 -19.12 14.14
N GLY D 1 -6.81 15.44 16.15
CA GLY D 1 -7.71 15.50 14.99
C GLY D 1 -8.12 14.10 14.56
N THR D 2 -8.79 13.37 15.45
CA THR D 2 -9.23 12.03 15.15
C THR D 2 -10.39 11.62 16.06
N LYS D 3 -11.53 11.28 15.47
CA LYS D 3 -12.70 10.88 16.23
C LYS D 3 -13.03 9.41 15.99
N LYS D 4 -13.12 8.64 17.06
CA LYS D 4 -13.44 7.22 16.95
C LYS D 4 -14.79 7.02 16.27
N TYR D 5 -15.40 5.86 16.53
CA TYR D 5 -16.70 5.55 15.94
C TYR D 5 -17.60 4.87 16.97
N ASP D 6 -18.86 5.28 17.01
CA ASP D 6 -19.82 4.71 17.95
C ASP D 6 -20.42 3.42 17.38
N LEU D 7 -19.82 2.29 17.72
CA LEU D 7 -20.30 1.00 17.23
C LEU D 7 -21.20 0.35 18.28
N SER D 8 -22.11 1.14 18.84
CA SER D 8 -23.03 0.64 19.86
C SER D 8 -24.22 -0.05 19.21
N LYS D 9 -24.09 -0.42 17.94
CA LYS D 9 -25.17 -1.08 17.22
C LYS D 9 -24.67 -1.59 15.87
N TRP D 10 -24.08 -2.78 15.88
CA TRP D 10 -23.57 -3.39 14.65
C TRP D 10 -23.99 -4.85 14.57
N LYS D 11 -23.55 -5.53 13.51
CA LYS D 11 -23.89 -6.94 13.32
C LYS D 11 -22.62 -7.77 13.13
N TYR D 12 -22.75 -9.08 13.35
CA TYR D 12 -21.61 -9.98 13.21
C TYR D 12 -21.03 -9.90 11.80
N ALA D 13 -21.90 -10.04 10.80
CA ALA D 13 -21.46 -9.98 9.41
C ALA D 13 -20.90 -8.61 9.08
N GLU D 14 -21.59 -7.57 9.51
CA GLU D 14 -21.14 -6.20 9.25
C GLU D 14 -19.73 -5.98 9.80
N LEU D 15 -19.50 -6.47 11.02
CA LEU D 15 -18.20 -6.31 11.65
C LEU D 15 -17.14 -7.13 10.91
N ARG D 16 -17.40 -8.43 10.77
CA ARG D 16 -16.46 -9.31 10.08
C ARG D 16 -16.20 -8.81 8.66
N ASP D 17 -17.27 -8.59 7.91
CA ASP D 17 -17.14 -8.12 6.54
C ASP D 17 -16.30 -6.85 6.50
N THR D 18 -16.66 -5.88 7.35
CA THR D 18 -15.92 -4.62 7.40
C THR D 18 -14.43 -4.90 7.63
N ILE D 19 -14.14 -5.75 8.60
CA ILE D 19 -12.76 -6.09 8.91
C ILE D 19 -12.13 -6.88 7.76
N ASN D 20 -12.95 -7.65 7.07
CA ASN D 20 -12.48 -8.45 5.95
C ASN D 20 -12.54 -7.66 4.65
N THR D 21 -13.09 -6.45 4.72
CA THR D 21 -13.22 -5.60 3.54
C THR D 21 -12.60 -4.22 3.78
N SER D 22 -12.26 -3.93 5.03
CA SER D 22 -11.67 -2.63 5.37
C SER D 22 -10.17 -2.75 5.63
N CYS D 23 -9.52 -1.62 5.81
CA CYS D 23 -8.08 -1.59 6.05
C CYS D 23 -7.72 -0.38 6.91
N ASP D 24 -8.61 -0.02 7.83
CA ASP D 24 -8.38 1.12 8.71
C ASP D 24 -8.15 0.64 10.15
N ILE D 25 -6.89 0.62 10.55
CA ILE D 25 -6.53 0.20 11.90
C ILE D 25 -7.56 0.72 12.92
N GLU D 26 -7.93 1.98 12.78
CA GLU D 26 -8.90 2.58 13.68
C GLU D 26 -10.17 1.72 13.72
N LEU D 27 -10.76 1.52 12.55
CA LEU D 27 -11.97 0.71 12.46
C LEU D 27 -11.69 -0.69 12.97
N LEU D 28 -10.59 -1.28 12.51
CA LEU D 28 -10.22 -2.62 12.92
C LEU D 28 -10.15 -2.71 14.43
N ALA D 29 -9.50 -1.74 15.06
CA ALA D 29 -9.38 -1.71 16.51
C ALA D 29 -10.75 -1.57 17.17
N ALA D 30 -11.52 -0.60 16.69
CA ALA D 30 -12.86 -0.38 17.24
C ALA D 30 -13.69 -1.65 17.14
N CYS D 31 -13.62 -2.31 15.98
CA CYS D 31 -14.37 -3.53 15.78
C CYS D 31 -13.91 -4.61 16.75
N ARG D 32 -12.61 -4.87 16.78
CA ARG D 32 -12.07 -5.88 17.69
C ARG D 32 -12.44 -5.55 19.13
N GLU D 33 -12.56 -4.27 19.43
CA GLU D 33 -12.92 -3.84 20.77
C GLU D 33 -14.35 -4.27 21.10
N GLU D 34 -15.29 -3.89 20.24
CA GLU D 34 -16.69 -4.25 20.46
C GLU D 34 -16.88 -5.76 20.31
N PHE D 35 -16.17 -6.34 19.35
CA PHE D 35 -16.28 -7.78 19.11
C PHE D 35 -15.82 -8.56 20.35
N HIS D 36 -14.69 -8.13 20.92
CA HIS D 36 -14.16 -8.79 22.10
C HIS D 36 -15.12 -8.63 23.27
N ARG D 37 -15.45 -7.38 23.58
CA ARG D 37 -16.37 -7.09 24.67
C ARG D 37 -17.59 -7.99 24.61
N ARG D 38 -18.28 -7.96 23.47
CA ARG D 38 -19.46 -8.78 23.28
C ARG D 38 -19.22 -10.21 23.75
N LEU D 39 -18.05 -10.75 23.39
CA LEU D 39 -17.71 -12.11 23.78
C LEU D 39 -17.46 -12.19 25.28
N LYS D 40 -16.43 -11.50 25.75
CA LYS D 40 -16.11 -11.51 27.18
C LYS D 40 -17.37 -11.33 28.02
N VAL D 41 -18.22 -10.39 27.60
CA VAL D 41 -19.46 -10.12 28.33
C VAL D 41 -20.55 -11.09 27.87
N TYR D 42 -20.97 -11.98 28.77
CA TYR D 42 -22.01 -12.94 28.45
C TYR D 42 -23.38 -12.30 28.51
N HIS D 43 -23.57 -11.27 27.68
CA HIS D 43 -24.85 -10.56 27.65
C HIS D 43 -25.98 -11.52 27.32
N GLY A 1 -11.06 18.74 -2.96
CA GLY A 1 -10.36 18.13 -1.82
C GLY A 1 -9.87 19.20 -0.85
N THR A 2 -8.66 19.69 -1.07
CA THR A 2 -8.10 20.72 -0.20
C THR A 2 -6.78 21.22 -0.76
N LYS A 3 -6.52 22.51 -0.60
CA LYS A 3 -5.28 23.11 -1.09
C LYS A 3 -4.08 22.46 -0.44
N LYS A 4 -3.34 21.66 -1.21
CA LYS A 4 -2.17 20.98 -0.70
C LYS A 4 -2.44 20.38 0.67
N TYR A 5 -1.39 19.89 1.33
CA TYR A 5 -1.53 19.30 2.66
C TYR A 5 -0.31 19.62 3.51
N ASP A 6 -0.52 19.81 4.81
CA ASP A 6 0.57 20.11 5.72
C ASP A 6 1.30 18.83 6.13
N LEU A 7 2.34 18.49 5.40
CA LEU A 7 3.12 17.28 5.69
C LEU A 7 4.35 17.63 6.52
N SER A 8 4.17 18.49 7.51
CA SER A 8 5.27 18.89 8.37
C SER A 8 5.52 17.85 9.46
N LYS A 9 4.76 16.77 9.43
CA LYS A 9 4.89 15.72 10.43
C LYS A 9 4.58 14.35 9.81
N TRP A 10 5.50 13.84 8.99
CA TRP A 10 5.32 12.55 8.35
C TRP A 10 6.56 11.69 8.53
N LYS A 11 6.39 10.38 8.38
CA LYS A 11 7.51 9.44 8.53
C LYS A 11 7.96 8.93 7.17
N TYR A 12 9.12 8.27 7.15
CA TYR A 12 9.66 7.73 5.91
C TYR A 12 8.76 6.61 5.38
N ALA A 13 8.38 5.70 6.27
CA ALA A 13 7.53 4.58 5.88
C ALA A 13 6.19 5.08 5.35
N GLU A 14 5.69 6.16 5.95
CA GLU A 14 4.41 6.73 5.53
C GLU A 14 4.53 7.33 4.14
N LEU A 15 5.49 8.24 3.96
CA LEU A 15 5.68 8.88 2.67
C LEU A 15 5.92 7.84 1.58
N ARG A 16 6.94 7.00 1.78
CA ARG A 16 7.26 5.96 0.81
C ARG A 16 6.05 5.09 0.54
N ASP A 17 5.46 4.56 1.60
CA ASP A 17 4.27 3.71 1.46
C ASP A 17 3.19 4.43 0.66
N THR A 18 2.89 5.66 1.07
CA THR A 18 1.86 6.44 0.39
C THR A 18 2.14 6.53 -1.10
N ILE A 19 3.42 6.71 -1.45
CA ILE A 19 3.81 6.81 -2.85
C ILE A 19 3.82 5.43 -3.50
N ASN A 20 4.00 4.40 -2.69
CA ASN A 20 4.04 3.03 -3.21
C ASN A 20 2.64 2.42 -3.20
N THR A 21 1.68 3.10 -2.58
CA THR A 21 0.30 2.60 -2.51
C THR A 21 -0.68 3.64 -3.03
N SER A 22 -0.50 4.89 -2.63
CA SER A 22 -1.40 5.96 -3.06
C SER A 22 -1.09 6.38 -4.49
N CYS A 23 -2.13 6.83 -5.19
CA CYS A 23 -2.00 7.28 -6.58
C CYS A 23 -2.52 8.69 -6.74
N ASP A 24 -2.37 9.49 -5.69
CA ASP A 24 -2.84 10.88 -5.71
C ASP A 24 -1.72 11.81 -6.15
N ILE A 25 -1.67 12.09 -7.44
CA ILE A 25 -0.64 12.96 -7.99
C ILE A 25 -0.36 14.13 -7.05
N GLU A 26 -1.42 14.69 -6.47
CA GLU A 26 -1.27 15.81 -5.56
C GLU A 26 -0.35 15.43 -4.39
N LEU A 27 -0.73 14.40 -3.65
CA LEU A 27 0.07 13.94 -2.53
C LEU A 27 1.46 13.55 -3.00
N LEU A 28 1.52 12.80 -4.08
CA LEU A 28 2.80 12.36 -4.63
C LEU A 28 3.74 13.55 -4.80
N ALA A 29 3.21 14.65 -5.31
CA ALA A 29 4.02 15.86 -5.51
C ALA A 29 4.44 16.43 -4.16
N ALA A 30 3.48 16.57 -3.26
CA ALA A 30 3.77 17.11 -1.93
C ALA A 30 4.79 16.22 -1.22
N CYS A 31 4.61 14.91 -1.36
CA CYS A 31 5.51 13.96 -0.73
C CYS A 31 6.92 14.15 -1.26
N ARG A 32 7.06 14.11 -2.58
CA ARG A 32 8.37 14.30 -3.20
C ARG A 32 9.03 15.57 -2.67
N GLU A 33 8.24 16.63 -2.57
CA GLU A 33 8.76 17.91 -2.08
C GLU A 33 9.33 17.75 -0.68
N GLU A 34 8.49 17.39 0.29
CA GLU A 34 8.95 17.23 1.65
C GLU A 34 10.03 16.16 1.73
N PHE A 35 9.83 15.07 1.00
CA PHE A 35 10.81 13.98 1.00
C PHE A 35 12.19 14.52 0.65
N HIS A 36 12.23 15.43 -0.33
CA HIS A 36 13.49 16.04 -0.75
C HIS A 36 14.03 16.95 0.35
N ARG A 37 13.15 17.76 0.92
CA ARG A 37 13.55 18.67 1.99
C ARG A 37 14.31 17.92 3.07
N ARG A 38 13.72 16.84 3.57
CA ARG A 38 14.36 16.05 4.61
C ARG A 38 15.82 15.79 4.27
N LEU A 39 16.10 15.69 2.98
CA LEU A 39 17.46 15.45 2.52
C LEU A 39 18.20 16.77 2.31
N LYS A 40 17.48 17.77 1.82
CA LYS A 40 18.07 19.09 1.57
C LYS A 40 17.95 19.96 2.82
N VAL A 41 17.56 19.36 3.93
CA VAL A 41 17.41 20.10 5.17
C VAL A 41 18.77 20.42 5.77
N TYR A 42 18.77 21.11 6.90
CA TYR A 42 20.00 21.49 7.57
C TYR A 42 20.76 20.24 8.03
N HIS A 43 21.36 20.34 9.21
CA HIS A 43 22.12 19.22 9.77
C HIS A 43 22.38 19.45 11.26
N MET B 1 -1.91 1.66 -29.43
CA MET B 1 -2.80 2.63 -28.72
C MET B 1 -1.94 3.72 -28.07
N GLN B 2 -2.52 4.92 -27.97
CA GLN B 2 -1.81 6.04 -27.38
C GLN B 2 -2.27 6.27 -25.94
N ILE B 3 -1.35 6.12 -24.99
CA ILE B 3 -1.66 6.30 -23.58
C ILE B 3 -1.13 7.65 -23.09
N PHE B 4 -1.82 8.22 -22.10
CA PHE B 4 -1.41 9.52 -21.55
C PHE B 4 -0.71 9.32 -20.20
N VAL B 5 0.43 9.99 -20.04
CA VAL B 5 1.19 9.89 -18.80
C VAL B 5 1.31 11.26 -18.14
N LYS B 6 0.68 11.40 -16.97
CA LYS B 6 0.71 12.66 -16.24
C LYS B 6 1.77 12.62 -15.15
N THR B 7 2.59 13.68 -15.09
CA THR B 7 3.63 13.76 -14.07
C THR B 7 3.18 14.64 -12.91
N LEU B 8 4.06 14.81 -11.92
CA LEU B 8 3.73 15.62 -10.75
C LEU B 8 3.03 16.91 -11.18
N THR B 9 3.78 17.77 -11.87
CA THR B 9 3.21 19.03 -12.34
C THR B 9 1.97 18.79 -13.19
N GLY B 10 1.68 17.52 -13.45
CA GLY B 10 0.52 17.17 -14.26
C GLY B 10 0.88 17.10 -15.74
N LYS B 11 2.16 17.29 -16.04
CA LYS B 11 2.62 17.24 -17.42
C LYS B 11 2.16 15.96 -18.09
N THR B 12 1.26 16.09 -19.07
CA THR B 12 0.75 14.94 -19.80
C THR B 12 1.64 14.60 -20.98
N ILE B 13 1.74 13.31 -21.29
CA ILE B 13 2.56 12.86 -22.41
C ILE B 13 1.88 11.72 -23.16
N THR B 14 1.76 11.87 -24.47
CA THR B 14 1.13 10.85 -25.30
C THR B 14 2.18 9.87 -25.82
N LEU B 15 2.12 8.63 -25.35
CA LEU B 15 3.07 7.61 -25.78
C LEU B 15 2.37 6.48 -26.53
N GLU B 16 2.85 6.18 -27.73
CA GLU B 16 2.27 5.12 -28.54
C GLU B 16 2.74 3.75 -28.03
N VAL B 17 1.80 2.93 -27.57
CA VAL B 17 2.13 1.61 -27.06
C VAL B 17 1.03 0.61 -27.35
N GLU B 18 1.34 -0.67 -27.15
CA GLU B 18 0.36 -1.73 -27.38
C GLU B 18 -0.05 -2.36 -26.05
N PRO B 19 -0.96 -3.30 -26.06
CA PRO B 19 -1.44 -3.97 -24.83
C PRO B 19 -0.40 -4.96 -24.29
N SER B 20 0.41 -5.52 -25.17
CA SER B 20 1.44 -6.47 -24.75
C SER B 20 2.70 -5.75 -24.31
N ASP B 21 2.78 -4.45 -24.61
CA ASP B 21 3.95 -3.66 -24.23
C ASP B 21 4.20 -3.78 -22.73
N THR B 22 5.48 -3.97 -22.37
CA THR B 22 5.85 -4.10 -20.96
C THR B 22 6.09 -2.74 -20.34
N ILE B 23 5.64 -2.58 -19.09
CA ILE B 23 5.82 -1.32 -18.38
C ILE B 23 7.26 -0.82 -18.54
N GLU B 24 8.21 -1.75 -18.45
CA GLU B 24 9.61 -1.39 -18.60
C GLU B 24 9.83 -0.69 -19.94
N ASN B 25 9.18 -1.19 -20.98
CA ASN B 25 9.30 -0.59 -22.30
C ASN B 25 8.78 0.84 -22.27
N VAL B 26 7.67 1.05 -21.56
CA VAL B 26 7.09 2.38 -21.45
C VAL B 26 8.09 3.32 -20.80
N LYS B 27 8.59 2.92 -19.64
CA LYS B 27 9.56 3.75 -18.91
C LYS B 27 10.68 4.16 -19.86
N ALA B 28 11.02 3.27 -20.79
CA ALA B 28 12.07 3.54 -21.75
C ALA B 28 11.65 4.69 -22.67
N LYS B 29 10.41 4.64 -23.12
CA LYS B 29 9.88 5.67 -24.00
C LYS B 29 9.95 7.04 -23.33
N ILE B 30 9.64 7.08 -22.04
CA ILE B 30 9.67 8.32 -21.29
C ILE B 30 11.11 8.83 -21.17
N GLN B 31 12.02 7.93 -20.78
CA GLN B 31 13.42 8.30 -20.64
C GLN B 31 13.95 8.90 -21.94
N ASP B 32 13.32 8.55 -23.04
CA ASP B 32 13.73 9.05 -24.35
C ASP B 32 13.12 10.42 -24.61
N LYS B 33 11.96 10.68 -24.01
CA LYS B 33 11.29 11.96 -24.18
C LYS B 33 11.86 13.00 -23.22
N GLU B 34 11.64 12.79 -21.93
CA GLU B 34 12.14 13.73 -20.92
C GLU B 34 13.62 13.47 -20.63
N GLY B 35 13.89 12.89 -19.46
CA GLY B 35 15.27 12.60 -19.08
C GLY B 35 15.30 11.85 -17.75
N ILE B 36 14.16 11.25 -17.38
CA ILE B 36 14.06 10.50 -16.14
C ILE B 36 14.38 9.02 -16.38
N PRO B 37 15.48 8.52 -15.86
CA PRO B 37 15.85 7.10 -16.06
C PRO B 37 14.83 6.15 -15.42
N PRO B 38 14.71 4.95 -15.95
CA PRO B 38 13.74 3.94 -15.43
C PRO B 38 13.82 3.82 -13.91
N ASP B 39 14.98 3.39 -13.41
CA ASP B 39 15.18 3.23 -11.98
C ASP B 39 14.60 4.41 -11.22
N GLN B 40 14.47 5.55 -11.90
CA GLN B 40 13.92 6.75 -11.29
C GLN B 40 12.50 7.01 -11.78
N GLN B 41 11.76 5.93 -12.01
CA GLN B 41 10.37 6.05 -12.49
C GLN B 41 9.46 5.11 -11.72
N ARG B 42 8.16 5.35 -11.81
CA ARG B 42 7.18 4.53 -11.11
C ARG B 42 5.77 4.87 -11.59
N LEU B 43 5.20 3.99 -12.41
CA LEU B 43 3.85 4.22 -12.93
C LEU B 43 2.80 3.68 -11.97
N ILE B 44 1.84 4.53 -11.64
CA ILE B 44 0.75 4.14 -10.74
C ILE B 44 -0.60 4.34 -11.41
N PHE B 45 -1.53 3.44 -11.15
CA PHE B 45 -2.87 3.53 -11.75
C PHE B 45 -3.93 3.00 -10.79
N ALA B 46 -4.67 3.91 -10.18
CA ALA B 46 -5.72 3.52 -9.24
C ALA B 46 -5.14 2.85 -8.00
N GLY B 47 -4.50 3.64 -7.15
CA GLY B 47 -3.90 3.11 -5.92
C GLY B 47 -3.26 1.74 -6.17
N LYS B 48 -2.55 1.62 -7.29
CA LYS B 48 -1.89 0.36 -7.62
C LYS B 48 -0.61 0.63 -8.41
N GLN B 49 0.52 0.19 -7.84
CA GLN B 49 1.81 0.39 -8.50
C GLN B 49 2.01 -0.68 -9.57
N LEU B 50 2.29 -0.24 -10.79
CA LEU B 50 2.50 -1.17 -11.90
C LEU B 50 3.91 -1.74 -11.86
N GLU B 51 4.00 -3.07 -11.92
CA GLU B 51 5.30 -3.73 -11.89
C GLU B 51 6.01 -3.60 -13.23
N ASP B 52 7.32 -3.83 -13.22
CA ASP B 52 8.10 -3.72 -14.44
C ASP B 52 7.93 -4.96 -15.31
N GLY B 53 7.75 -6.12 -14.66
CA GLY B 53 7.57 -7.37 -15.39
C GLY B 53 6.11 -7.62 -15.70
N ARG B 54 5.39 -6.57 -16.09
CA ARG B 54 3.96 -6.69 -16.42
C ARG B 54 3.63 -5.86 -17.65
N THR B 55 2.68 -6.34 -18.44
CA THR B 55 2.27 -5.62 -19.65
C THR B 55 1.06 -4.74 -19.38
N LEU B 56 0.80 -3.81 -20.29
CA LEU B 56 -0.33 -2.91 -20.14
C LEU B 56 -1.65 -3.66 -20.23
N SER B 57 -1.57 -4.98 -20.38
CA SER B 57 -2.77 -5.82 -20.48
C SER B 57 -3.11 -6.42 -19.12
N ASP B 58 -2.10 -6.59 -18.28
CA ASP B 58 -2.30 -7.16 -16.95
C ASP B 58 -2.86 -6.10 -16.01
N TYR B 59 -3.35 -5.00 -16.57
CA TYR B 59 -3.91 -3.92 -15.77
C TYR B 59 -5.15 -3.33 -16.44
N ASN B 60 -5.57 -3.96 -17.54
CA ASN B 60 -6.75 -3.50 -18.26
C ASN B 60 -6.54 -2.07 -18.77
N ILE B 61 -5.28 -1.69 -18.97
CA ILE B 61 -4.97 -0.36 -19.45
C ILE B 61 -5.23 -0.26 -20.95
N GLN B 62 -6.37 0.31 -21.31
CA GLN B 62 -6.73 0.46 -22.72
C GLN B 62 -6.07 1.70 -23.32
N ARG B 63 -6.66 2.22 -24.39
CA ARG B 63 -6.12 3.40 -25.06
C ARG B 63 -6.61 4.67 -24.36
N GLU B 64 -5.90 5.77 -24.59
CA GLU B 64 -6.27 7.05 -23.99
C GLU B 64 -6.36 6.92 -22.48
N SER B 65 -5.66 5.94 -21.92
CA SER B 65 -5.67 5.72 -20.48
C SER B 65 -4.62 6.60 -19.81
N THR B 66 -5.00 7.23 -18.70
CA THR B 66 -4.08 8.09 -17.97
C THR B 66 -3.21 7.27 -17.01
N LEU B 67 -2.02 7.77 -16.72
CA LEU B 67 -1.11 7.08 -15.83
C LEU B 67 -0.40 8.08 -14.91
N HIS B 68 -0.37 7.79 -13.62
CA HIS B 68 0.28 8.67 -12.66
C HIS B 68 1.76 8.32 -12.52
N LEU B 69 2.62 9.09 -13.18
CA LEU B 69 4.06 8.85 -13.12
C LEU B 69 4.67 9.52 -11.90
N VAL B 70 5.50 8.78 -11.18
CA VAL B 70 6.16 9.31 -9.99
C VAL B 70 7.65 8.97 -9.99
N LEU B 71 8.47 9.90 -9.53
CA LEU B 71 9.91 9.68 -9.48
C LEU B 71 10.29 8.83 -8.27
N ARG B 72 10.60 7.57 -8.51
CA ARG B 72 10.98 6.67 -7.42
C ARG B 72 12.18 7.22 -6.67
N LEU B 73 11.94 7.75 -5.47
CA LEU B 73 13.01 8.31 -4.66
C LEU B 73 13.88 7.19 -4.08
N ARG B 74 15.03 7.57 -3.53
CA ARG B 74 15.94 6.60 -2.94
C ARG B 74 15.25 5.83 -1.81
N GLY B 75 15.48 4.52 -1.78
CA GLY B 75 14.87 3.68 -0.75
C GLY B 75 14.88 2.22 -1.17
N GLY B 76 16.01 1.54 -0.94
CA GLY B 76 16.13 0.14 -1.29
C GLY B 76 15.47 -0.76 -0.24
N MET C 1 15.17 -8.69 4.55
CA MET C 1 14.85 -7.29 4.94
C MET C 1 13.98 -7.30 6.19
N GLN C 2 14.19 -6.29 7.05
CA GLN C 2 13.42 -6.19 8.29
C GLN C 2 12.11 -5.45 8.05
N ILE C 3 11.00 -6.12 8.30
CA ILE C 3 9.68 -5.51 8.12
C ILE C 3 8.98 -5.32 9.46
N PHE C 4 8.22 -4.24 9.58
CA PHE C 4 7.50 -3.94 10.81
C PHE C 4 6.05 -4.36 10.69
N VAL C 5 5.48 -4.87 11.78
CA VAL C 5 4.09 -5.32 11.79
C VAL C 5 3.31 -4.61 12.89
N LYS C 6 2.35 -3.79 12.50
CA LYS C 6 1.54 -3.05 13.47
C LYS C 6 0.44 -3.94 14.03
N THR C 7 0.15 -3.77 15.32
CA THR C 7 -0.89 -4.55 15.98
C THR C 7 -2.08 -3.67 16.35
N LEU C 8 -3.13 -4.29 16.87
CA LEU C 8 -4.32 -3.55 17.26
C LEU C 8 -4.16 -2.96 18.66
N THR C 9 -2.90 -2.77 19.07
CA THR C 9 -2.61 -2.21 20.39
C THR C 9 -1.51 -1.17 20.29
N GLY C 10 -1.38 -0.55 19.13
CA GLY C 10 -0.36 0.47 18.92
C GLY C 10 1.04 -0.15 18.94
N LYS C 11 1.11 -1.41 19.32
CA LYS C 11 2.39 -2.11 19.40
C LYS C 11 2.88 -2.48 18.00
N THR C 12 4.16 -2.78 17.88
CA THR C 12 4.75 -3.15 16.59
C THR C 12 5.69 -4.33 16.75
N ILE C 13 5.97 -5.02 15.65
CA ILE C 13 6.86 -6.17 15.68
C ILE C 13 7.75 -6.21 14.44
N THR C 14 9.05 -6.27 14.66
CA THR C 14 10.01 -6.32 13.55
C THR C 14 10.46 -7.75 13.28
N LEU C 15 10.31 -8.19 12.04
CA LEU C 15 10.69 -9.55 11.67
C LEU C 15 11.55 -9.55 10.40
N GLU C 16 12.59 -10.38 10.40
CA GLU C 16 13.47 -10.47 9.23
C GLU C 16 12.88 -11.44 8.21
N VAL C 17 12.73 -10.97 6.98
CA VAL C 17 12.17 -11.80 5.91
C VAL C 17 12.79 -11.46 4.56
N GLU C 18 12.37 -12.17 3.53
CA GLU C 18 12.87 -11.94 2.18
C GLU C 18 11.72 -11.92 1.18
N PRO C 19 11.83 -11.18 0.11
CA PRO C 19 10.77 -11.09 -0.93
C PRO C 19 10.22 -12.47 -1.32
N SER C 20 11.02 -13.51 -1.10
CA SER C 20 10.60 -14.86 -1.45
C SER C 20 9.93 -15.55 -0.27
N ASP C 21 9.63 -14.79 0.77
CA ASP C 21 8.98 -15.36 1.95
C ASP C 21 7.47 -15.42 1.75
N THR C 22 6.88 -16.56 2.10
CA THR C 22 5.45 -16.74 1.95
C THR C 22 4.68 -16.17 3.13
N ILE C 23 3.62 -15.42 2.85
CA ILE C 23 2.81 -14.83 3.90
C ILE C 23 2.57 -15.84 5.02
N GLU C 24 2.22 -17.06 4.65
CA GLU C 24 1.98 -18.11 5.62
C GLU C 24 3.20 -18.28 6.52
N ASN C 25 4.38 -18.08 5.94
CA ASN C 25 5.61 -18.20 6.71
C ASN C 25 5.70 -17.09 7.75
N VAL C 26 5.26 -15.89 7.35
CA VAL C 26 5.28 -14.75 8.26
C VAL C 26 4.34 -14.99 9.43
N LYS C 27 3.12 -15.42 9.11
CA LYS C 27 2.12 -15.68 10.14
C LYS C 27 2.66 -16.69 11.15
N ALA C 28 3.42 -17.66 10.66
CA ALA C 28 4.00 -18.68 11.52
C ALA C 28 5.03 -18.06 12.46
N LYS C 29 5.79 -17.11 11.94
CA LYS C 29 6.82 -16.44 12.74
C LYS C 29 6.17 -15.65 13.88
N ILE C 30 5.08 -14.97 13.58
CA ILE C 30 4.37 -14.18 14.59
C ILE C 30 3.71 -15.10 15.62
N GLN C 31 3.35 -16.30 15.18
CA GLN C 31 2.71 -17.27 16.07
C GLN C 31 3.74 -17.85 17.03
N ASP C 32 5.01 -17.78 16.63
CA ASP C 32 6.09 -18.31 17.46
C ASP C 32 6.52 -17.28 18.51
N LYS C 33 6.49 -16.01 18.11
CA LYS C 33 6.87 -14.94 18.99
C LYS C 33 5.70 -14.54 19.88
N GLU C 34 4.64 -14.00 19.29
CA GLU C 34 3.48 -13.58 20.05
C GLU C 34 2.75 -14.79 20.62
N GLY C 35 1.52 -15.02 20.14
CA GLY C 35 0.73 -16.15 20.62
C GLY C 35 -0.54 -16.30 19.80
N ILE C 36 -0.61 -15.60 18.68
CA ILE C 36 -1.79 -15.66 17.81
C ILE C 36 -1.59 -16.73 16.72
N PRO C 37 -2.35 -17.80 16.76
CA PRO C 37 -2.23 -18.88 15.75
C PRO C 37 -2.54 -18.38 14.34
N PRO C 38 -2.01 -19.03 13.33
CA PRO C 38 -2.24 -18.64 11.91
C PRO C 38 -3.70 -18.34 11.62
N ASP C 39 -4.53 -19.37 11.67
CA ASP C 39 -5.96 -19.22 11.40
C ASP C 39 -6.50 -17.96 12.08
N GLN C 40 -5.78 -17.48 13.09
CA GLN C 40 -6.20 -16.28 13.81
C GLN C 40 -5.29 -15.10 13.47
N GLN C 41 -4.81 -15.07 12.23
CA GLN C 41 -3.94 -13.98 11.79
C GLN C 41 -4.38 -13.46 10.42
N ARG C 42 -3.91 -12.27 10.07
CA ARG C 42 -4.26 -11.67 8.79
C ARG C 42 -3.41 -10.44 8.53
N LEU C 43 -2.60 -10.49 7.48
CA LEU C 43 -1.73 -9.37 7.13
C LEU C 43 -2.36 -8.52 6.03
N ILE C 44 -2.35 -7.21 6.25
CA ILE C 44 -2.92 -6.27 5.28
C ILE C 44 -1.91 -5.20 4.90
N PHE C 45 -1.91 -4.81 3.63
CA PHE C 45 -0.98 -3.80 3.15
C PHE C 45 -1.64 -2.90 2.11
N ALA C 46 -2.21 -1.79 2.58
CA ALA C 46 -2.88 -0.84 1.68
C ALA C 46 -4.29 -1.31 1.36
N GLY C 47 -5.06 -1.60 2.41
CA GLY C 47 -6.45 -2.05 2.23
C GLY C 47 -6.48 -3.48 1.72
N LYS C 48 -5.61 -3.79 0.76
CA LYS C 48 -5.57 -5.14 0.19
C LYS C 48 -5.01 -6.14 1.19
N GLN C 49 -5.64 -7.31 1.25
CA GLN C 49 -5.21 -8.36 2.16
C GLN C 49 -4.21 -9.29 1.47
N LEU C 50 -3.22 -9.76 2.23
CA LEU C 50 -2.22 -10.65 1.66
C LEU C 50 -2.66 -12.11 1.79
N GLU C 51 -2.66 -12.82 0.65
CA GLU C 51 -3.06 -14.21 0.65
C GLU C 51 -2.03 -15.08 1.37
N ASP C 52 -2.43 -16.28 1.74
CA ASP C 52 -1.54 -17.20 2.44
C ASP C 52 -0.63 -17.93 1.45
N GLY C 53 -1.16 -18.21 0.26
CA GLY C 53 -0.38 -18.91 -0.76
C GLY C 53 0.34 -17.94 -1.68
N ARG C 54 0.91 -16.88 -1.10
CA ARG C 54 1.62 -15.88 -1.89
C ARG C 54 2.88 -15.43 -1.15
N THR C 55 3.73 -14.67 -1.83
CA THR C 55 4.97 -14.17 -1.23
C THR C 55 4.94 -12.67 -1.08
N LEU C 56 5.83 -12.13 -0.25
CA LEU C 56 5.89 -10.69 -0.03
C LEU C 56 6.13 -9.95 -1.34
N SER C 57 6.99 -10.52 -2.19
CA SER C 57 7.30 -9.90 -3.46
C SER C 57 6.05 -9.73 -4.31
N ASP C 58 5.12 -10.68 -4.17
CA ASP C 58 3.87 -10.63 -4.94
C ASP C 58 2.97 -9.52 -4.43
N TYR C 59 3.54 -8.61 -3.64
CA TYR C 59 2.77 -7.50 -3.09
C TYR C 59 3.59 -6.21 -3.11
N ASN C 60 4.77 -6.28 -3.72
CA ASN C 60 5.64 -5.11 -3.80
C ASN C 60 6.03 -4.63 -2.42
N ILE C 61 6.04 -5.54 -1.46
CA ILE C 61 6.40 -5.19 -0.08
C ILE C 61 7.93 -5.12 0.07
N GLN C 62 8.45 -3.90 0.16
CA GLN C 62 9.89 -3.71 0.31
C GLN C 62 10.31 -3.86 1.76
N LYS C 63 11.45 -3.26 2.11
CA LYS C 63 11.96 -3.33 3.47
C LYS C 63 11.35 -2.23 4.33
N GLU C 64 11.36 -2.45 5.65
CA GLU C 64 10.81 -1.48 6.58
C GLU C 64 9.34 -1.21 6.28
N SER C 65 8.64 -2.24 5.79
CA SER C 65 7.22 -2.09 5.46
C SER C 65 6.37 -2.32 6.70
N THR C 66 5.47 -1.37 6.98
CA THR C 66 4.60 -1.47 8.15
C THR C 66 3.28 -2.15 7.78
N LEU C 67 3.24 -3.47 7.96
CA LEU C 67 2.03 -4.24 7.64
C LEU C 67 1.00 -4.08 8.75
N HIS C 68 -0.23 -4.52 8.47
CA HIS C 68 -1.32 -4.44 9.46
C HIS C 68 -1.76 -5.83 9.87
N LEU C 69 -1.48 -6.18 11.13
CA LEU C 69 -1.86 -7.49 11.65
C LEU C 69 -3.26 -7.44 12.26
N VAL C 70 -4.09 -8.40 11.89
CA VAL C 70 -5.45 -8.46 12.40
C VAL C 70 -5.83 -9.89 12.78
N LEU C 71 -6.57 -10.03 13.88
CA LEU C 71 -6.98 -11.35 14.33
C LEU C 71 -8.20 -11.83 13.53
N ARG C 72 -7.95 -12.68 12.53
CA ARG C 72 -9.03 -13.20 11.70
C ARG C 72 -10.09 -13.89 12.57
N LEU C 73 -11.26 -13.28 12.66
CA LEU C 73 -12.35 -13.84 13.45
C LEU C 73 -13.15 -14.85 12.62
N ARG C 74 -12.52 -15.98 12.31
CA ARG C 74 -13.18 -17.01 11.53
C ARG C 74 -14.17 -17.79 12.40
N GLY C 75 -15.46 -17.49 12.23
CA GLY C 75 -16.50 -18.17 13.00
C GLY C 75 -16.70 -19.59 12.51
N CYS C 76 -17.96 -20.00 12.38
CA CYS C 76 -18.28 -21.34 11.92
C CYS C 76 -19.72 -21.41 11.42
N GLY D 1 -8.42 11.64 18.01
CA GLY D 1 -9.81 11.68 17.57
C GLY D 1 -10.72 12.13 18.71
N THR D 2 -11.94 11.61 18.74
CA THR D 2 -12.90 11.97 19.78
C THR D 2 -13.94 10.87 19.94
N LYS D 3 -13.82 10.09 21.01
CA LYS D 3 -14.76 9.01 21.27
C LYS D 3 -14.75 8.00 20.12
N LYS D 4 -14.72 6.72 20.46
CA LYS D 4 -14.72 5.67 19.46
C LYS D 4 -15.98 5.74 18.59
N TYR D 5 -16.07 4.86 17.60
CA TYR D 5 -17.22 4.83 16.71
C TYR D 5 -18.28 3.87 17.25
N ASP D 6 -19.50 4.36 17.40
CA ASP D 6 -20.59 3.55 17.90
C ASP D 6 -21.13 2.63 16.80
N LEU D 7 -20.60 1.42 16.74
CA LEU D 7 -21.02 0.45 15.73
C LEU D 7 -22.23 -0.34 16.23
N SER D 8 -23.16 0.34 16.88
CA SER D 8 -24.35 -0.31 17.40
C SER D 8 -25.44 -0.39 16.34
N LYS D 9 -25.03 -0.23 15.08
CA LYS D 9 -25.98 -0.28 13.97
C LYS D 9 -25.32 -0.87 12.72
N TRP D 10 -24.21 -1.56 12.93
CA TRP D 10 -23.48 -2.17 11.81
C TRP D 10 -23.96 -3.60 11.58
N LYS D 11 -23.46 -4.21 10.50
CA LYS D 11 -23.84 -5.59 10.17
C LYS D 11 -22.62 -6.51 10.24
N TYR D 12 -22.87 -7.80 10.29
CA TYR D 12 -21.78 -8.78 10.35
C TYR D 12 -20.89 -8.68 9.12
N ALA D 13 -21.52 -8.67 7.94
CA ALA D 13 -20.78 -8.59 6.68
C ALA D 13 -19.98 -7.29 6.63
N GLU D 14 -20.61 -6.19 7.03
CA GLU D 14 -19.95 -4.89 7.02
C GLU D 14 -18.67 -4.94 7.85
N LEU D 15 -18.83 -5.27 9.14
CA LEU D 15 -17.69 -5.35 10.04
C LEU D 15 -16.60 -6.25 9.45
N ARG D 16 -16.94 -7.52 9.24
CA ARG D 16 -15.98 -8.47 8.69
C ARG D 16 -15.40 -7.94 7.39
N ASP D 17 -16.27 -7.53 6.48
CA ASP D 17 -15.82 -7.00 5.20
C ASP D 17 -14.82 -5.87 5.41
N THR D 18 -15.19 -4.91 6.24
CA THR D 18 -14.33 -3.78 6.52
C THR D 18 -12.93 -4.25 6.93
N ILE D 19 -12.88 -5.21 7.84
CA ILE D 19 -11.61 -5.74 8.30
C ILE D 19 -10.90 -6.49 7.18
N ASN D 20 -11.69 -7.03 6.25
CA ASN D 20 -11.14 -7.79 5.13
C ASN D 20 -11.08 -6.93 3.86
N THR D 21 -11.50 -5.67 3.97
CA THR D 21 -11.48 -4.77 2.83
C THR D 21 -10.88 -3.42 3.21
N SER D 22 -10.61 -3.22 4.50
CA SER D 22 -10.05 -1.97 4.98
C SER D 22 -8.68 -2.20 5.60
N CYS D 23 -7.98 -1.11 5.90
CA CYS D 23 -6.66 -1.18 6.50
C CYS D 23 -6.53 -0.15 7.62
N ASP D 24 -7.67 0.32 8.10
CA ASP D 24 -7.68 1.31 9.17
C ASP D 24 -7.53 0.63 10.53
N ILE D 25 -6.29 0.51 10.98
CA ILE D 25 -6.00 -0.14 12.25
C ILE D 25 -7.06 0.22 13.29
N GLU D 26 -7.43 1.50 13.34
CA GLU D 26 -8.43 1.96 14.28
C GLU D 26 -9.70 1.13 14.15
N LEU D 27 -10.28 1.14 12.95
CA LEU D 27 -11.50 0.39 12.71
C LEU D 27 -11.31 -1.08 13.08
N LEU D 28 -10.18 -1.65 12.67
CA LEU D 28 -9.89 -3.04 12.98
C LEU D 28 -10.08 -3.30 14.47
N ALA D 29 -9.51 -2.43 15.30
CA ALA D 29 -9.63 -2.56 16.75
C ALA D 29 -11.09 -2.47 17.16
N ALA D 30 -11.79 -1.46 16.67
CA ALA D 30 -13.20 -1.28 16.99
C ALA D 30 -14.01 -2.45 16.48
N CYS D 31 -13.87 -2.75 15.19
CA CYS D 31 -14.59 -3.86 14.60
C CYS D 31 -14.37 -5.13 15.41
N ARG D 32 -13.16 -5.28 15.94
CA ARG D 32 -12.84 -6.45 16.74
C ARG D 32 -13.45 -6.36 18.14
N GLU D 33 -13.59 -5.14 18.65
CA GLU D 33 -14.17 -4.95 19.99
C GLU D 33 -15.65 -5.31 19.97
N GLU D 34 -16.35 -4.86 18.93
CA GLU D 34 -17.76 -5.15 18.81
C GLU D 34 -17.96 -6.61 18.42
N PHE D 35 -17.10 -7.11 17.53
CA PHE D 35 -17.18 -8.50 17.09
C PHE D 35 -17.03 -9.43 18.29
N HIS D 36 -16.13 -9.07 19.20
CA HIS D 36 -15.88 -9.89 20.39
C HIS D 36 -17.04 -9.77 21.37
N ARG D 37 -17.35 -8.54 21.77
CA ARG D 37 -18.44 -8.30 22.70
C ARG D 37 -19.68 -9.08 22.28
N ARG D 38 -19.98 -9.07 20.98
CA ARG D 38 -21.13 -9.77 20.47
C ARG D 38 -21.10 -11.24 20.90
N LEU D 39 -19.91 -11.83 20.90
CA LEU D 39 -19.75 -13.22 21.29
C LEU D 39 -19.68 -13.34 22.81
N LYS D 40 -19.31 -12.25 23.46
CA LYS D 40 -19.20 -12.24 24.92
C LYS D 40 -20.58 -12.32 25.56
N VAL D 41 -21.44 -11.36 25.23
CA VAL D 41 -22.78 -11.34 25.79
C VAL D 41 -23.56 -12.57 25.34
N TYR D 42 -24.87 -12.55 25.56
CA TYR D 42 -25.73 -13.67 25.18
C TYR D 42 -26.02 -13.63 23.68
N HIS D 43 -25.08 -13.09 22.92
CA HIS D 43 -25.24 -13.00 21.47
C HIS D 43 -26.60 -12.41 21.12
N GLY A 1 -1.66 28.21 -4.63
CA GLY A 1 -1.90 26.84 -4.17
C GLY A 1 -3.31 26.69 -3.63
N THR A 2 -3.56 25.57 -2.95
CA THR A 2 -4.87 25.31 -2.38
C THR A 2 -4.76 24.33 -1.21
N LYS A 3 -4.79 24.88 0.01
CA LYS A 3 -4.70 24.06 1.21
C LYS A 3 -3.71 22.91 1.00
N LYS A 4 -2.44 23.17 1.27
CA LYS A 4 -1.42 22.14 1.11
C LYS A 4 -1.47 21.14 2.26
N TYR A 5 -0.70 20.06 2.13
CA TYR A 5 -0.67 19.03 3.16
C TYR A 5 0.52 19.25 4.09
N ASP A 6 0.24 19.38 5.38
CA ASP A 6 1.29 19.59 6.37
C ASP A 6 1.96 18.27 6.72
N LEU A 7 3.05 17.95 6.02
CA LEU A 7 3.77 16.71 6.25
C LEU A 7 5.02 16.98 7.09
N SER A 8 4.86 17.79 8.13
CA SER A 8 5.98 18.12 9.00
C SER A 8 6.15 17.06 10.09
N LYS A 9 5.35 16.01 10.00
CA LYS A 9 5.41 14.92 10.98
C LYS A 9 5.09 13.59 10.32
N TRP A 10 5.96 13.15 9.42
CA TRP A 10 5.77 11.88 8.72
C TRP A 10 7.02 11.02 8.84
N LYS A 11 6.87 9.73 8.53
CA LYS A 11 7.99 8.80 8.60
C LYS A 11 8.35 8.28 7.21
N TYR A 12 9.46 7.56 7.12
CA TYR A 12 9.91 7.02 5.84
C TYR A 12 8.93 5.95 5.36
N ALA A 13 8.53 5.06 6.26
CA ALA A 13 7.61 3.99 5.91
C ALA A 13 6.27 4.56 5.47
N GLU A 14 5.86 5.66 6.10
CA GLU A 14 4.59 6.30 5.76
C GLU A 14 4.65 6.92 4.37
N LEU A 15 5.64 7.78 4.15
CA LEU A 15 5.80 8.43 2.85
C LEU A 15 5.96 7.40 1.75
N ARG A 16 6.97 6.54 1.89
CA ARG A 16 7.22 5.51 0.91
C ARG A 16 5.97 4.69 0.64
N ASP A 17 5.36 4.19 1.71
CA ASP A 17 4.15 3.39 1.59
C ASP A 17 3.08 4.18 0.82
N THR A 18 2.84 5.40 1.24
CA THR A 18 1.85 6.25 0.60
C THR A 18 2.07 6.30 -0.91
N ILE A 19 3.32 6.50 -1.32
CA ILE A 19 3.65 6.57 -2.74
C ILE A 19 3.59 5.19 -3.38
N ASN A 20 3.80 4.15 -2.56
CA ASN A 20 3.77 2.79 -3.07
C ASN A 20 2.37 2.21 -3.01
N THR A 21 1.45 2.93 -2.38
CA THR A 21 0.07 2.45 -2.26
C THR A 21 -0.92 3.53 -2.71
N SER A 22 -0.74 4.75 -2.23
CA SER A 22 -1.63 5.84 -2.57
C SER A 22 -1.56 6.16 -4.06
N CYS A 23 -2.56 6.90 -4.55
CA CYS A 23 -2.61 7.28 -5.95
C CYS A 23 -3.13 8.70 -6.11
N ASP A 24 -2.68 9.58 -5.22
CA ASP A 24 -3.11 10.98 -5.25
C ASP A 24 -1.96 11.89 -5.66
N ILE A 25 -1.95 12.28 -6.94
CA ILE A 25 -0.91 13.15 -7.46
C ILE A 25 -0.56 14.23 -6.45
N GLU A 26 -1.58 14.81 -5.82
CA GLU A 26 -1.36 15.85 -4.82
C GLU A 26 -0.43 15.35 -3.74
N LEU A 27 -0.84 14.27 -3.06
CA LEU A 27 -0.03 13.70 -2.00
C LEU A 27 1.35 13.30 -2.55
N LEU A 28 1.34 12.56 -3.65
CA LEU A 28 2.59 12.12 -4.27
C LEU A 28 3.54 13.29 -4.45
N ALA A 29 3.00 14.41 -4.94
CA ALA A 29 3.83 15.60 -5.15
C ALA A 29 4.38 16.12 -3.83
N ALA A 30 3.51 16.26 -2.84
CA ALA A 30 3.92 16.74 -1.53
C ALA A 30 4.92 15.77 -0.89
N CYS A 31 4.63 14.48 -1.00
CA CYS A 31 5.50 13.47 -0.42
C CYS A 31 6.89 13.57 -1.03
N ARG A 32 6.96 13.58 -2.36
CA ARG A 32 8.25 13.68 -3.04
C ARG A 32 8.96 14.97 -2.65
N GLU A 33 8.19 16.05 -2.51
CA GLU A 33 8.75 17.33 -2.14
C GLU A 33 9.51 17.24 -0.81
N GLU A 34 8.80 16.82 0.23
CA GLU A 34 9.43 16.70 1.55
C GLU A 34 10.54 15.66 1.52
N PHE A 35 10.33 14.60 0.75
CA PHE A 35 11.33 13.54 0.65
C PHE A 35 12.65 14.12 0.14
N HIS A 36 12.57 15.00 -0.84
CA HIS A 36 13.76 15.62 -1.41
C HIS A 36 14.38 16.60 -0.42
N ARG A 37 13.57 17.53 0.06
CA ARG A 37 14.05 18.52 1.02
C ARG A 37 14.87 17.85 2.12
N ARG A 38 14.32 16.80 2.70
CA ARG A 38 15.01 16.08 3.76
C ARG A 38 16.43 15.72 3.32
N LEU A 39 16.57 15.32 2.06
CA LEU A 39 17.88 14.97 1.52
C LEU A 39 18.73 16.22 1.29
N LYS A 40 18.07 17.29 0.87
CA LYS A 40 18.77 18.54 0.60
C LYS A 40 19.06 19.28 1.91
N VAL A 41 18.02 19.90 2.47
CA VAL A 41 18.16 20.64 3.72
C VAL A 41 17.77 19.76 4.90
N TYR A 42 18.62 19.76 5.93
CA TYR A 42 18.35 18.95 7.12
C TYR A 42 19.28 19.37 8.25
N HIS A 43 19.17 20.63 8.68
CA HIS A 43 20.00 21.14 9.76
C HIS A 43 19.45 20.69 11.11
N MET B 1 -1.83 2.18 -29.58
CA MET B 1 -2.67 3.32 -29.12
C MET B 1 -1.79 4.35 -28.42
N GLN B 2 -2.14 5.62 -28.57
CA GLN B 2 -1.38 6.70 -27.94
C GLN B 2 -1.89 6.97 -26.53
N ILE B 3 -1.05 6.69 -25.54
CA ILE B 3 -1.42 6.92 -24.15
C ILE B 3 -0.75 8.17 -23.60
N PHE B 4 -1.42 8.84 -22.66
CA PHE B 4 -0.88 10.06 -22.07
C PHE B 4 -0.28 9.76 -20.70
N VAL B 5 0.80 10.46 -20.35
CA VAL B 5 1.45 10.27 -19.05
C VAL B 5 1.56 11.61 -18.33
N LYS B 6 0.75 11.78 -17.29
CA LYS B 6 0.75 13.02 -16.51
C LYS B 6 1.62 12.87 -15.27
N THR B 7 2.60 13.76 -15.12
CA THR B 7 3.49 13.72 -13.98
C THR B 7 2.88 14.50 -12.81
N LEU B 8 3.73 14.88 -11.86
CA LEU B 8 3.26 15.62 -10.69
C LEU B 8 3.16 17.12 -11.01
N THR B 9 4.06 17.60 -11.86
CA THR B 9 4.06 19.00 -12.24
C THR B 9 2.99 19.27 -13.30
N GLY B 10 2.21 18.24 -13.61
CA GLY B 10 1.15 18.38 -14.61
C GLY B 10 1.71 18.22 -16.02
N LYS B 11 2.88 17.59 -16.13
CA LYS B 11 3.50 17.38 -17.43
C LYS B 11 2.91 16.17 -18.13
N THR B 12 2.20 16.42 -19.23
CA THR B 12 1.58 15.34 -19.99
C THR B 12 2.48 14.91 -21.15
N ILE B 13 2.62 13.60 -21.33
CA ILE B 13 3.45 13.08 -22.42
C ILE B 13 2.70 11.99 -23.18
N THR B 14 2.68 12.11 -24.51
CA THR B 14 2.01 11.13 -25.36
C THR B 14 3.01 10.10 -25.88
N LEU B 15 2.72 8.82 -25.63
CA LEU B 15 3.60 7.74 -26.08
C LEU B 15 2.81 6.66 -26.80
N GLU B 16 3.31 6.23 -27.95
CA GLU B 16 2.64 5.19 -28.72
C GLU B 16 2.94 3.81 -28.13
N VAL B 17 1.89 3.08 -27.77
CA VAL B 17 2.05 1.75 -27.20
C VAL B 17 0.91 0.83 -27.62
N GLU B 18 0.95 -0.41 -27.13
CA GLU B 18 -0.08 -1.39 -27.44
C GLU B 18 -0.46 -2.16 -26.18
N PRO B 19 -1.69 -2.61 -26.08
CA PRO B 19 -2.18 -3.37 -24.90
C PRO B 19 -1.20 -4.46 -24.45
N SER B 20 -0.39 -4.95 -25.38
CA SER B 20 0.57 -6.00 -25.07
C SER B 20 1.91 -5.40 -24.64
N ASP B 21 1.93 -4.11 -24.38
CA ASP B 21 3.15 -3.44 -23.95
C ASP B 21 3.35 -3.60 -22.45
N THR B 22 4.56 -3.96 -22.04
CA THR B 22 4.86 -4.16 -20.64
C THR B 22 5.20 -2.83 -19.97
N ILE B 23 4.64 -2.61 -18.79
CA ILE B 23 4.90 -1.37 -18.04
C ILE B 23 6.38 -1.03 -18.10
N GLU B 24 7.22 -2.05 -17.91
CA GLU B 24 8.67 -1.84 -17.96
C GLU B 24 9.07 -1.20 -19.28
N ASN B 25 8.43 -1.64 -20.36
CA ASN B 25 8.72 -1.10 -21.68
C ASN B 25 8.36 0.38 -21.72
N VAL B 26 7.27 0.74 -21.04
CA VAL B 26 6.83 2.13 -21.01
C VAL B 26 7.86 2.98 -20.27
N LYS B 27 8.18 2.57 -19.04
CA LYS B 27 9.16 3.29 -18.24
C LYS B 27 10.41 3.58 -19.07
N ALA B 28 10.80 2.61 -19.90
CA ALA B 28 11.98 2.76 -20.74
C ALA B 28 11.76 3.88 -21.75
N LYS B 29 10.58 3.90 -22.37
CA LYS B 29 10.26 4.93 -23.35
C LYS B 29 10.38 6.32 -22.73
N ILE B 30 9.88 6.46 -21.50
CA ILE B 30 9.95 7.74 -20.81
C ILE B 30 11.40 8.13 -20.55
N GLN B 31 12.17 7.20 -20.01
CA GLN B 31 13.57 7.46 -19.72
C GLN B 31 14.29 7.96 -20.98
N ASP B 32 13.78 7.58 -22.14
CA ASP B 32 14.38 7.99 -23.40
C ASP B 32 13.93 9.41 -23.75
N LYS B 33 12.74 9.78 -23.32
CA LYS B 33 12.21 11.11 -23.59
C LYS B 33 12.79 12.13 -22.63
N GLU B 34 12.45 12.00 -21.35
CA GLU B 34 12.96 12.92 -20.34
C GLU B 34 14.37 12.53 -19.91
N GLY B 35 14.50 12.00 -18.70
CA GLY B 35 15.79 11.59 -18.18
C GLY B 35 15.64 10.79 -16.90
N ILE B 36 14.40 10.43 -16.58
CA ILE B 36 14.11 9.65 -15.37
C ILE B 36 14.40 8.17 -15.61
N PRO B 37 15.37 7.59 -14.92
CA PRO B 37 15.69 6.15 -15.10
C PRO B 37 14.51 5.26 -14.71
N PRO B 38 14.43 4.08 -15.29
CA PRO B 38 13.32 3.13 -14.99
C PRO B 38 13.09 2.96 -13.49
N ASP B 39 14.06 2.35 -12.82
CA ASP B 39 13.96 2.12 -11.38
C ASP B 39 13.42 3.36 -10.65
N GLN B 40 13.58 4.52 -11.28
CA GLN B 40 13.12 5.77 -10.68
C GLN B 40 11.79 6.19 -11.27
N GLN B 41 11.00 5.22 -11.72
CA GLN B 41 9.70 5.51 -12.31
C GLN B 41 8.63 4.57 -11.75
N ARG B 42 7.41 5.09 -11.60
CA ARG B 42 6.30 4.30 -11.08
C ARG B 42 4.98 4.81 -11.66
N LEU B 43 4.33 3.98 -12.46
CA LEU B 43 3.07 4.37 -13.08
C LEU B 43 1.88 3.97 -12.21
N ILE B 44 0.94 4.91 -12.07
CA ILE B 44 -0.26 4.67 -11.27
C ILE B 44 -1.50 5.09 -12.06
N PHE B 45 -2.52 4.24 -12.04
CA PHE B 45 -3.76 4.52 -12.76
C PHE B 45 -4.96 3.88 -12.06
N ALA B 46 -6.15 4.36 -12.39
CA ALA B 46 -7.37 3.82 -11.79
C ALA B 46 -7.18 3.57 -10.30
N GLY B 47 -6.31 4.36 -9.68
CA GLY B 47 -6.05 4.21 -8.25
C GLY B 47 -5.36 2.89 -7.96
N LYS B 48 -4.46 2.48 -8.86
CA LYS B 48 -3.74 1.22 -8.70
C LYS B 48 -2.33 1.34 -9.25
N GLN B 49 -1.36 0.81 -8.51
CA GLN B 49 0.03 0.87 -8.94
C GLN B 49 0.30 -0.22 -9.97
N LEU B 50 0.81 0.17 -11.14
CA LEU B 50 1.10 -0.78 -12.20
C LEU B 50 2.44 -1.48 -11.96
N GLU B 51 2.42 -2.80 -11.97
CA GLU B 51 3.64 -3.57 -11.74
C GLU B 51 4.55 -3.51 -12.97
N ASP B 52 5.82 -3.84 -12.77
CA ASP B 52 6.78 -3.80 -13.87
C ASP B 52 6.67 -5.07 -14.73
N GLY B 53 6.20 -6.15 -14.11
CA GLY B 53 6.06 -7.42 -14.83
C GLY B 53 4.62 -7.63 -15.30
N ARG B 54 4.02 -6.57 -15.80
CA ARG B 54 2.64 -6.64 -16.29
C ARG B 54 2.49 -5.83 -17.57
N THR B 55 1.33 -5.95 -18.22
CA THR B 55 1.08 -5.21 -19.45
C THR B 55 -0.05 -4.19 -19.27
N LEU B 56 -0.15 -3.25 -20.19
CA LEU B 56 -1.19 -2.23 -20.11
C LEU B 56 -2.58 -2.85 -20.12
N SER B 57 -2.73 -3.91 -20.92
CA SER B 57 -4.01 -4.60 -21.01
C SER B 57 -4.41 -5.18 -19.66
N ASP B 58 -3.42 -5.59 -18.88
CA ASP B 58 -3.68 -6.17 -17.57
C ASP B 58 -4.15 -5.10 -16.59
N TYR B 59 -4.53 -3.95 -17.12
CA TYR B 59 -5.00 -2.84 -16.28
C TYR B 59 -6.19 -2.14 -16.93
N ASN B 60 -6.68 -2.70 -18.03
CA ASN B 60 -7.81 -2.12 -18.74
C ASN B 60 -7.47 -0.72 -19.25
N ILE B 61 -6.18 -0.47 -19.44
CA ILE B 61 -5.74 0.84 -19.92
C ILE B 61 -5.96 0.95 -21.43
N GLN B 62 -7.00 1.68 -21.82
CA GLN B 62 -7.31 1.86 -23.24
C GLN B 62 -6.43 2.95 -23.84
N ARG B 63 -6.89 3.50 -24.97
CA ARG B 63 -6.14 4.55 -25.66
C ARG B 63 -6.47 5.92 -25.06
N GLU B 64 -5.57 6.87 -25.28
CA GLU B 64 -5.77 8.23 -24.77
C GLU B 64 -5.99 8.22 -23.26
N SER B 65 -5.43 7.22 -22.59
CA SER B 65 -5.58 7.10 -21.14
C SER B 65 -4.40 7.76 -20.43
N THR B 66 -4.71 8.54 -19.39
CA THR B 66 -3.67 9.22 -18.63
C THR B 66 -2.98 8.26 -17.68
N LEU B 67 -1.75 8.58 -17.30
CA LEU B 67 -1.00 7.73 -16.38
C LEU B 67 -0.22 8.58 -15.39
N HIS B 68 -0.59 8.49 -14.11
CA HIS B 68 0.08 9.27 -13.08
C HIS B 68 1.49 8.74 -12.86
N LEU B 69 2.48 9.46 -13.40
CA LEU B 69 3.87 9.05 -13.25
C LEU B 69 4.46 9.62 -11.97
N VAL B 70 5.15 8.76 -11.21
CA VAL B 70 5.76 9.18 -9.95
C VAL B 70 7.23 8.79 -9.93
N LEU B 71 8.06 9.66 -9.35
CA LEU B 71 9.50 9.39 -9.28
C LEU B 71 9.79 8.42 -8.13
N ARG B 72 9.92 7.14 -8.47
CA ARG B 72 10.21 6.13 -7.45
C ARG B 72 11.54 6.43 -6.76
N LEU B 73 11.46 7.12 -5.62
CA LEU B 73 12.66 7.47 -4.87
C LEU B 73 13.39 6.22 -4.42
N ARG B 74 14.69 6.16 -4.72
CA ARG B 74 15.49 5.00 -4.34
C ARG B 74 14.85 3.71 -4.83
N GLY B 75 14.86 2.69 -3.98
CA GLY B 75 14.27 1.41 -4.34
C GLY B 75 14.93 0.27 -3.57
N GLY B 76 15.22 0.51 -2.29
CA GLY B 76 15.84 -0.50 -1.45
C GLY B 76 15.61 -0.20 0.02
N MET C 1 16.62 -8.36 5.38
CA MET C 1 15.48 -7.40 5.33
C MET C 1 15.03 -7.08 6.76
N GLN C 2 14.17 -6.08 6.88
CA GLN C 2 13.66 -5.68 8.20
C GLN C 2 12.33 -4.96 8.06
N ILE C 3 11.23 -5.72 8.20
CA ILE C 3 9.90 -5.14 8.08
C ILE C 3 9.25 -4.99 9.45
N PHE C 4 8.40 -3.98 9.59
CA PHE C 4 7.71 -3.73 10.86
C PHE C 4 6.26 -4.21 10.79
N VAL C 5 5.76 -4.74 11.90
CA VAL C 5 4.39 -5.22 11.94
C VAL C 5 3.64 -4.61 13.12
N LYS C 6 2.60 -3.84 12.82
CA LYS C 6 1.80 -3.18 13.86
C LYS C 6 0.55 -4.00 14.15
N THR C 7 0.31 -4.27 15.44
CA THR C 7 -0.86 -5.04 15.84
C THR C 7 -2.05 -4.11 16.07
N LEU C 8 -2.94 -4.50 16.97
CA LEU C 8 -4.11 -3.70 17.28
C LEU C 8 -3.77 -2.60 18.27
N THR C 9 -3.20 -2.98 19.40
CA THR C 9 -2.82 -2.01 20.43
C THR C 9 -1.75 -1.07 19.90
N GLY C 10 -1.38 -1.24 18.63
CA GLY C 10 -0.37 -0.39 18.02
C GLY C 10 1.03 -0.91 18.34
N LYS C 11 1.13 -2.18 18.69
CA LYS C 11 2.42 -2.79 19.03
C LYS C 11 3.19 -3.10 17.75
N THR C 12 4.34 -2.45 17.58
CA THR C 12 5.18 -2.66 16.41
C THR C 12 6.20 -3.77 16.67
N ILE C 13 6.50 -4.54 15.63
CA ILE C 13 7.46 -5.64 15.77
C ILE C 13 8.35 -5.71 14.52
N THR C 14 9.66 -5.71 14.74
CA THR C 14 10.62 -5.78 13.63
C THR C 14 10.98 -7.23 13.36
N LEU C 15 10.84 -7.65 12.11
CA LEU C 15 11.16 -9.03 11.73
C LEU C 15 12.06 -9.06 10.50
N GLU C 16 13.03 -9.98 10.51
CA GLU C 16 13.96 -10.11 9.39
C GLU C 16 13.43 -11.14 8.39
N VAL C 17 13.37 -10.75 7.12
CA VAL C 17 12.87 -11.64 6.08
C VAL C 17 13.55 -11.35 4.75
N GLU C 18 12.90 -11.78 3.67
CA GLU C 18 13.44 -11.57 2.33
C GLU C 18 12.29 -11.49 1.32
N PRO C 19 12.42 -10.69 0.29
CA PRO C 19 11.37 -10.52 -0.74
C PRO C 19 10.86 -11.86 -1.27
N SER C 20 11.47 -12.95 -0.84
CA SER C 20 11.06 -14.29 -1.29
C SER C 20 10.38 -15.06 -0.16
N ASP C 21 10.09 -14.37 0.94
CA ASP C 21 9.44 -15.02 2.07
C ASP C 21 7.93 -15.08 1.85
N THR C 22 7.33 -16.22 2.19
CA THR C 22 5.89 -16.39 2.02
C THR C 22 5.14 -15.82 3.22
N ILE C 23 4.08 -15.07 2.93
CA ILE C 23 3.28 -14.46 3.99
C ILE C 23 3.02 -15.49 5.09
N GLU C 24 2.76 -16.73 4.71
CA GLU C 24 2.51 -17.78 5.68
C GLU C 24 3.70 -17.94 6.60
N ASN C 25 4.90 -17.84 6.04
CA ASN C 25 6.12 -17.96 6.83
C ASN C 25 6.21 -16.83 7.85
N VAL C 26 5.82 -15.63 7.42
CA VAL C 26 5.85 -14.48 8.31
C VAL C 26 4.89 -14.68 9.47
N LYS C 27 3.66 -15.08 9.15
CA LYS C 27 2.66 -15.32 10.16
C LYS C 27 3.20 -16.28 11.22
N ALA C 28 3.93 -17.29 10.77
CA ALA C 28 4.51 -18.26 11.68
C ALA C 28 5.50 -17.59 12.62
N LYS C 29 6.31 -16.69 12.07
CA LYS C 29 7.30 -15.99 12.88
C LYS C 29 6.62 -15.21 13.98
N ILE C 30 5.51 -14.56 13.65
CA ILE C 30 4.76 -13.78 14.63
C ILE C 30 4.17 -14.70 15.69
N GLN C 31 3.78 -15.90 15.28
CA GLN C 31 3.21 -16.87 16.20
C GLN C 31 4.25 -17.31 17.23
N ASP C 32 5.51 -17.25 16.84
CA ASP C 32 6.60 -17.65 17.73
C ASP C 32 6.95 -16.51 18.68
N LYS C 33 6.69 -15.27 18.24
CA LYS C 33 7.00 -14.10 19.06
C LYS C 33 5.86 -13.82 20.04
N GLU C 34 4.69 -13.49 19.51
CA GLU C 34 3.53 -13.20 20.35
C GLU C 34 2.83 -14.49 20.77
N GLY C 35 1.67 -14.75 20.18
CA GLY C 35 0.91 -15.95 20.51
C GLY C 35 -0.33 -16.07 19.64
N ILE C 36 -0.31 -15.37 18.51
CA ILE C 36 -1.44 -15.39 17.57
C ILE C 36 -1.16 -16.38 16.44
N PRO C 37 -1.86 -17.49 16.39
CA PRO C 37 -1.66 -18.50 15.31
C PRO C 37 -2.03 -17.93 13.94
N PRO C 38 -1.42 -18.44 12.89
CA PRO C 38 -1.70 -17.99 11.50
C PRO C 38 -3.20 -17.89 11.22
N ASP C 39 -3.87 -19.03 11.26
CA ASP C 39 -5.31 -19.06 11.01
C ASP C 39 -6.00 -17.90 11.71
N GLN C 40 -5.33 -17.34 12.71
CA GLN C 40 -5.89 -16.22 13.46
C GLN C 40 -5.14 -14.93 13.15
N GLN C 41 -4.69 -14.80 11.91
CA GLN C 41 -3.94 -13.62 11.50
C GLN C 41 -4.44 -13.10 10.15
N ARG C 42 -4.11 -11.85 9.85
CA ARG C 42 -4.51 -11.23 8.59
C ARG C 42 -3.65 -10.00 8.31
N LEU C 43 -2.63 -10.17 7.49
CA LEU C 43 -1.73 -9.07 7.15
C LEU C 43 -2.32 -8.18 6.06
N ILE C 44 -2.36 -6.88 6.34
CA ILE C 44 -2.90 -5.91 5.39
C ILE C 44 -1.91 -4.77 5.19
N PHE C 45 -1.54 -4.52 3.94
CA PHE C 45 -0.58 -3.45 3.63
C PHE C 45 -1.24 -2.36 2.79
N ALA C 46 -2.07 -1.55 3.43
CA ALA C 46 -2.75 -0.46 2.73
C ALA C 46 -3.82 -1.01 1.79
N GLY C 47 -5.03 -1.19 2.31
CA GLY C 47 -6.13 -1.70 1.50
C GLY C 47 -5.67 -2.85 0.60
N LYS C 48 -4.63 -3.56 1.04
CA LYS C 48 -4.10 -4.67 0.27
C LYS C 48 -3.91 -5.90 1.16
N GLN C 49 -4.91 -6.78 1.16
CA GLN C 49 -4.83 -7.99 1.98
C GLN C 49 -3.82 -8.96 1.38
N LEU C 50 -2.81 -9.31 2.16
CA LEU C 50 -1.78 -10.23 1.68
C LEU C 50 -2.26 -11.67 1.78
N GLU C 51 -2.10 -12.42 0.69
CA GLU C 51 -2.51 -13.82 0.65
C GLU C 51 -1.51 -14.70 1.39
N ASP C 52 -1.94 -15.89 1.78
CA ASP C 52 -1.07 -16.82 2.49
C ASP C 52 -0.18 -17.58 1.52
N GLY C 53 -0.66 -17.77 0.29
CA GLY C 53 0.11 -18.50 -0.73
C GLY C 53 0.86 -17.53 -1.64
N ARG C 54 1.41 -16.47 -1.07
CA ARG C 54 2.15 -15.48 -1.84
C ARG C 54 3.39 -15.03 -1.07
N THR C 55 4.26 -14.27 -1.73
CA THR C 55 5.48 -13.78 -1.10
C THR C 55 5.43 -12.26 -0.95
N LEU C 56 6.34 -11.74 -0.13
CA LEU C 56 6.40 -10.29 0.09
C LEU C 56 6.65 -9.55 -1.22
N SER C 57 7.54 -10.10 -2.04
CA SER C 57 7.88 -9.48 -3.32
C SER C 57 6.62 -9.28 -4.17
N ASP C 58 5.67 -10.20 -4.04
CA ASP C 58 4.43 -10.11 -4.81
C ASP C 58 3.55 -8.99 -4.28
N TYR C 59 4.14 -8.09 -3.50
CA TYR C 59 3.40 -6.96 -2.93
C TYR C 59 4.25 -5.69 -2.95
N ASN C 60 5.43 -5.79 -3.57
CA ASN C 60 6.33 -4.64 -3.65
C ASN C 60 6.70 -4.15 -2.26
N ILE C 61 6.68 -5.05 -1.29
CA ILE C 61 7.03 -4.70 0.09
C ILE C 61 8.54 -4.60 0.25
N GLN C 62 9.05 -3.37 0.28
CA GLN C 62 10.49 -3.17 0.43
C GLN C 62 10.90 -3.29 1.89
N LYS C 63 12.09 -2.80 2.21
CA LYS C 63 12.59 -2.87 3.58
C LYS C 63 12.05 -1.72 4.41
N GLU C 64 12.04 -1.90 5.73
CA GLU C 64 11.55 -0.88 6.63
C GLU C 64 10.09 -0.56 6.34
N SER C 65 9.41 -1.49 5.70
CA SER C 65 8.00 -1.31 5.37
C SER C 65 7.11 -1.74 6.53
N THR C 66 6.09 -0.93 6.82
CA THR C 66 5.17 -1.23 7.91
C THR C 66 4.04 -2.16 7.43
N LEU C 67 3.42 -2.86 8.36
CA LEU C 67 2.34 -3.79 8.02
C LEU C 67 1.22 -3.69 9.05
N HIS C 68 0.00 -3.93 8.61
CA HIS C 68 -1.16 -3.88 9.51
C HIS C 68 -1.68 -5.27 9.81
N LEU C 69 -1.24 -5.83 10.93
CA LEU C 69 -1.67 -7.17 11.33
C LEU C 69 -3.04 -7.12 12.01
N VAL C 70 -3.95 -7.99 11.58
CA VAL C 70 -5.28 -8.03 12.17
C VAL C 70 -5.60 -9.43 12.70
N LEU C 71 -6.38 -9.48 13.77
CA LEU C 71 -6.77 -10.75 14.38
C LEU C 71 -7.92 -11.37 13.60
N ARG C 72 -7.60 -12.30 12.71
CA ARG C 72 -8.62 -12.96 11.90
C ARG C 72 -9.57 -13.75 12.80
N LEU C 73 -10.85 -13.35 12.79
CA LEU C 73 -11.85 -14.04 13.60
C LEU C 73 -12.47 -15.19 12.84
N ARG C 74 -13.43 -15.88 13.47
CA ARG C 74 -14.09 -17.01 12.83
C ARG C 74 -14.92 -16.54 11.64
N GLY C 75 -14.28 -16.42 10.48
CA GLY C 75 -14.97 -15.98 9.28
C GLY C 75 -15.81 -17.11 8.69
N CYS C 76 -16.07 -18.13 9.51
CA CYS C 76 -16.87 -19.27 9.06
C CYS C 76 -18.18 -18.80 8.44
N GLY D 1 -5.98 9.12 23.35
CA GLY D 1 -5.82 8.16 22.27
C GLY D 1 -6.42 8.71 20.97
N THR D 2 -7.69 8.38 20.73
CA THR D 2 -8.37 8.85 19.53
C THR D 2 -9.87 8.85 19.74
N LYS D 3 -10.62 8.82 18.64
CA LYS D 3 -12.08 8.82 18.70
C LYS D 3 -12.65 7.58 18.01
N LYS D 4 -13.26 6.71 18.80
CA LYS D 4 -13.84 5.49 18.27
C LYS D 4 -15.08 5.80 17.43
N TYR D 5 -15.83 4.77 17.06
CA TYR D 5 -17.04 4.96 16.26
C TYR D 5 -18.18 4.11 16.82
N ASP D 6 -19.41 4.61 16.67
CA ASP D 6 -20.58 3.89 17.16
C ASP D 6 -20.96 2.76 16.21
N LEU D 7 -20.45 1.57 16.47
CA LEU D 7 -20.74 0.41 15.63
C LEU D 7 -21.83 -0.45 16.26
N SER D 8 -22.76 0.20 16.97
CA SER D 8 -23.85 -0.51 17.62
C SER D 8 -24.94 -0.86 16.61
N LYS D 9 -24.71 -0.52 15.35
CA LYS D 9 -25.67 -0.81 14.30
C LYS D 9 -24.97 -1.29 13.03
N TRP D 10 -24.30 -2.43 13.13
CA TRP D 10 -23.59 -3.00 11.99
C TRP D 10 -23.99 -4.45 11.79
N LYS D 11 -23.69 -4.98 10.61
CA LYS D 11 -24.03 -6.37 10.28
C LYS D 11 -22.79 -7.25 10.36
N TYR D 12 -23.01 -8.56 10.49
CA TYR D 12 -21.90 -9.51 10.57
C TYR D 12 -21.03 -9.43 9.32
N ALA D 13 -21.67 -9.49 8.16
CA ALA D 13 -20.93 -9.43 6.89
C ALA D 13 -20.24 -8.07 6.75
N GLU D 14 -20.96 -7.01 7.07
CA GLU D 14 -20.40 -5.66 6.97
C GLU D 14 -19.09 -5.57 7.74
N LEU D 15 -19.09 -6.04 8.98
CA LEU D 15 -17.89 -6.01 9.81
C LEU D 15 -16.79 -6.86 9.20
N ARG D 16 -17.09 -8.13 8.97
CA ARG D 16 -16.12 -9.05 8.39
C ARG D 16 -15.56 -8.48 7.09
N ASP D 17 -16.46 -8.01 6.23
CA ASP D 17 -16.05 -7.44 4.96
C ASP D 17 -15.12 -6.25 5.19
N THR D 18 -15.54 -5.33 6.05
CA THR D 18 -14.75 -4.16 6.35
C THR D 18 -13.32 -4.56 6.72
N ILE D 19 -13.20 -5.58 7.55
CA ILE D 19 -11.89 -6.05 7.97
C ILE D 19 -11.17 -6.75 6.83
N ASN D 20 -11.95 -7.35 5.93
CA ASN D 20 -11.37 -8.07 4.79
C ASN D 20 -11.37 -7.17 3.54
N THR D 21 -11.81 -5.92 3.70
CA THR D 21 -11.83 -4.99 2.58
C THR D 21 -11.22 -3.65 2.98
N SER D 22 -11.09 -3.41 4.28
CA SER D 22 -10.52 -2.16 4.77
C SER D 22 -9.16 -2.40 5.42
N CYS D 23 -8.42 -1.31 5.62
CA CYS D 23 -7.10 -1.40 6.25
C CYS D 23 -6.94 -0.32 7.32
N ASP D 24 -8.06 0.11 7.88
CA ASP D 24 -8.03 1.15 8.92
C ASP D 24 -7.86 0.51 10.29
N ILE D 25 -6.61 0.38 10.70
CA ILE D 25 -6.30 -0.21 12.00
C ILE D 25 -7.32 0.22 13.04
N GLU D 26 -7.73 1.48 12.97
CA GLU D 26 -8.71 2.01 13.92
C GLU D 26 -10.00 1.19 13.85
N LEU D 27 -10.60 1.15 12.66
CA LEU D 27 -11.84 0.39 12.48
C LEU D 27 -11.61 -1.07 12.85
N LEU D 28 -10.48 -1.61 12.42
CA LEU D 28 -10.16 -3.00 12.70
C LEU D 28 -10.26 -3.29 14.20
N ALA D 29 -9.72 -2.37 15.01
CA ALA D 29 -9.76 -2.53 16.45
C ALA D 29 -11.20 -2.43 16.95
N ALA D 30 -11.91 -1.39 16.51
CA ALA D 30 -13.29 -1.19 16.92
C ALA D 30 -14.15 -2.38 16.48
N CYS D 31 -13.89 -2.85 15.26
CA CYS D 31 -14.64 -3.99 14.73
C CYS D 31 -14.41 -5.22 15.60
N ARG D 32 -13.14 -5.56 15.81
CA ARG D 32 -12.80 -6.71 16.62
C ARG D 32 -13.49 -6.61 17.99
N GLU D 33 -13.51 -5.40 18.54
CA GLU D 33 -14.15 -5.18 19.84
C GLU D 33 -15.63 -5.57 19.79
N GLU D 34 -16.39 -4.90 18.93
CA GLU D 34 -17.81 -5.20 18.82
C GLU D 34 -18.01 -6.65 18.34
N PHE D 35 -17.13 -7.09 17.45
CA PHE D 35 -17.23 -8.46 16.93
C PHE D 35 -17.02 -9.46 18.05
N HIS D 36 -16.18 -9.10 19.02
CA HIS D 36 -15.92 -9.98 20.15
C HIS D 36 -17.10 -10.00 21.10
N ARG D 37 -17.64 -8.83 21.39
CA ARG D 37 -18.79 -8.73 22.30
C ARG D 37 -19.97 -9.53 21.76
N ARG D 38 -20.21 -9.41 20.45
CA ARG D 38 -21.31 -10.12 19.83
C ARG D 38 -21.11 -11.63 19.94
N LEU D 39 -19.87 -12.07 19.79
CA LEU D 39 -19.55 -13.50 19.87
C LEU D 39 -19.53 -13.95 21.34
N LYS D 40 -18.68 -13.30 22.13
CA LYS D 40 -18.57 -13.64 23.55
C LYS D 40 -19.91 -13.52 24.24
N VAL D 41 -20.49 -12.32 24.22
CA VAL D 41 -21.78 -12.09 24.85
C VAL D 41 -21.71 -12.41 26.34
N TYR D 42 -22.66 -11.88 27.11
CA TYR D 42 -22.70 -12.12 28.55
C TYR D 42 -24.13 -12.29 29.02
N HIS D 43 -24.93 -13.04 28.26
CA HIS D 43 -26.32 -13.28 28.61
C HIS D 43 -26.42 -14.32 29.71
N GLY A 1 -10.74 27.11 2.96
CA GLY A 1 -9.33 26.84 3.27
C GLY A 1 -8.80 25.71 2.40
N THR A 2 -8.83 25.92 1.08
CA THR A 2 -8.34 24.91 0.15
C THR A 2 -6.82 24.89 0.13
N LYS A 3 -6.22 24.73 1.31
CA LYS A 3 -4.76 24.70 1.42
C LYS A 3 -4.24 23.30 1.11
N LYS A 4 -2.99 23.04 1.50
CA LYS A 4 -2.38 21.73 1.26
C LYS A 4 -2.42 20.88 2.52
N TYR A 5 -1.85 19.69 2.44
CA TYR A 5 -1.82 18.78 3.59
C TYR A 5 -0.54 18.98 4.39
N ASP A 6 -0.69 19.13 5.71
CA ASP A 6 0.46 19.32 6.58
C ASP A 6 1.14 17.99 6.88
N LEU A 7 2.14 17.65 6.07
CA LEU A 7 2.86 16.40 6.25
C LEU A 7 4.13 16.62 7.07
N SER A 8 4.04 17.50 8.06
CA SER A 8 5.19 17.80 8.92
C SER A 8 5.26 16.82 10.08
N LYS A 9 4.58 15.68 9.93
CA LYS A 9 4.57 14.66 10.98
C LYS A 9 4.48 13.27 10.37
N TRP A 10 5.21 13.05 9.27
CA TRP A 10 5.20 11.76 8.59
C TRP A 10 6.54 11.06 8.76
N LYS A 11 6.58 9.78 8.39
CA LYS A 11 7.81 9.00 8.49
C LYS A 11 8.20 8.41 7.14
N TYR A 12 9.48 8.13 6.96
CA TYR A 12 9.96 7.56 5.71
C TYR A 12 9.04 6.43 5.25
N ALA A 13 8.84 5.46 6.12
CA ALA A 13 7.98 4.32 5.79
C ALA A 13 6.61 4.80 5.31
N GLU A 14 6.00 5.69 6.08
CA GLU A 14 4.68 6.20 5.73
C GLU A 14 4.68 6.77 4.30
N LEU A 15 5.56 7.75 4.06
CA LEU A 15 5.64 8.37 2.74
C LEU A 15 5.94 7.32 1.67
N ARG A 16 7.04 6.60 1.85
CA ARG A 16 7.42 5.57 0.89
C ARG A 16 6.26 4.60 0.64
N ASP A 17 5.61 4.17 1.72
CA ASP A 17 4.50 3.26 1.62
C ASP A 17 3.37 3.88 0.80
N THR A 18 3.00 5.11 1.14
CA THR A 18 1.93 5.81 0.43
C THR A 18 2.24 5.87 -1.06
N ILE A 19 3.50 6.13 -1.40
CA ILE A 19 3.90 6.21 -2.80
C ILE A 19 4.04 4.82 -3.40
N ASN A 20 4.24 3.81 -2.54
CA ASN A 20 4.39 2.44 -3.01
C ASN A 20 3.07 1.68 -2.93
N THR A 21 2.04 2.32 -2.36
CA THR A 21 0.74 1.68 -2.23
C THR A 21 -0.37 2.60 -2.73
N SER A 22 -0.23 3.90 -2.50
CA SER A 22 -1.24 4.86 -2.93
C SER A 22 -0.98 5.32 -4.37
N CYS A 23 -2.04 5.77 -5.03
CA CYS A 23 -1.96 6.24 -6.40
C CYS A 23 -2.58 7.62 -6.53
N ASP A 24 -2.51 8.40 -5.46
CA ASP A 24 -3.08 9.74 -5.46
C ASP A 24 -2.02 10.77 -5.88
N ILE A 25 -1.99 11.06 -7.17
CA ILE A 25 -1.02 12.01 -7.70
C ILE A 25 -0.84 13.18 -6.75
N GLU A 26 -1.94 13.66 -6.18
CA GLU A 26 -1.88 14.78 -5.24
C GLU A 26 -0.92 14.45 -4.10
N LEU A 27 -1.21 13.37 -3.38
CA LEU A 27 -0.37 12.97 -2.26
C LEU A 27 1.05 12.70 -2.75
N LEU A 28 1.17 11.98 -3.86
CA LEU A 28 2.48 11.68 -4.43
C LEU A 28 3.30 12.96 -4.56
N ALA A 29 2.67 14.01 -5.07
CA ALA A 29 3.35 15.29 -5.24
C ALA A 29 3.76 15.85 -3.89
N ALA A 30 2.81 15.88 -2.96
CA ALA A 30 3.08 16.40 -1.62
C ALA A 30 4.19 15.60 -0.96
N CYS A 31 4.14 14.28 -1.12
CA CYS A 31 5.15 13.41 -0.54
C CYS A 31 6.52 13.71 -1.14
N ARG A 32 6.59 13.70 -2.47
CA ARG A 32 7.84 13.98 -3.16
C ARG A 32 8.41 15.32 -2.67
N GLU A 33 7.53 16.28 -2.46
CA GLU A 33 7.95 17.59 -2.00
C GLU A 33 8.62 17.51 -0.63
N GLU A 34 7.88 17.03 0.36
CA GLU A 34 8.43 16.91 1.70
C GLU A 34 9.60 15.93 1.72
N PHE A 35 9.50 14.88 0.92
CA PHE A 35 10.57 13.88 0.86
C PHE A 35 11.87 14.53 0.40
N HIS A 36 11.77 15.41 -0.59
CA HIS A 36 12.95 16.09 -1.12
C HIS A 36 13.44 17.15 -0.14
N ARG A 37 12.54 18.07 0.23
CA ARG A 37 12.88 19.13 1.17
C ARG A 37 13.65 18.57 2.36
N ARG A 38 13.17 17.44 2.88
CA ARG A 38 13.82 16.81 4.02
C ARG A 38 15.29 16.55 3.73
N LEU A 39 15.60 16.37 2.45
CA LEU A 39 16.98 16.11 2.04
C LEU A 39 17.69 17.41 1.65
N LYS A 40 17.06 18.16 0.74
CA LYS A 40 17.64 19.43 0.30
C LYS A 40 17.99 20.30 1.49
N VAL A 41 17.12 20.30 2.50
CA VAL A 41 17.34 21.11 3.69
C VAL A 41 18.60 20.66 4.41
N TYR A 42 19.26 19.66 3.86
CA TYR A 42 20.49 19.12 4.44
C TYR A 42 21.68 19.41 3.55
N HIS A 43 21.76 20.64 3.04
CA HIS A 43 22.86 21.02 2.16
C HIS A 43 24.19 20.60 2.75
N MET B 1 -1.69 1.93 -29.24
CA MET B 1 -2.69 2.82 -28.62
C MET B 1 -1.98 3.95 -27.88
N GLN B 2 -2.53 5.16 -27.98
CA GLN B 2 -1.94 6.32 -27.32
C GLN B 2 -2.39 6.40 -25.87
N ILE B 3 -1.46 6.22 -24.94
CA ILE B 3 -1.78 6.26 -23.52
C ILE B 3 -1.32 7.58 -22.90
N PHE B 4 -2.12 8.11 -21.99
CA PHE B 4 -1.79 9.38 -21.33
C PHE B 4 -1.10 9.11 -19.99
N VAL B 5 0.03 9.79 -19.79
CA VAL B 5 0.78 9.63 -18.54
C VAL B 5 0.75 10.93 -17.75
N LYS B 6 0.01 10.92 -16.65
CA LYS B 6 -0.11 12.10 -15.80
C LYS B 6 1.08 12.22 -14.85
N THR B 7 1.68 13.40 -14.82
CA THR B 7 2.84 13.65 -13.95
C THR B 7 2.39 14.34 -12.67
N LEU B 8 3.36 14.65 -11.81
CA LEU B 8 3.05 15.32 -10.55
C LEU B 8 2.89 16.81 -10.77
N THR B 9 3.55 17.33 -11.81
CA THR B 9 3.46 18.76 -12.12
C THR B 9 2.18 19.06 -12.90
N GLY B 10 1.31 18.06 -13.02
CA GLY B 10 0.06 18.23 -13.73
C GLY B 10 0.27 18.11 -15.24
N LYS B 11 1.52 17.84 -15.64
CA LYS B 11 1.84 17.71 -17.06
C LYS B 11 1.56 16.29 -17.53
N THR B 12 0.76 16.18 -18.59
CA THR B 12 0.42 14.88 -19.14
C THR B 12 1.25 14.59 -20.39
N ILE B 13 1.51 13.31 -20.64
CA ILE B 13 2.29 12.92 -21.81
C ILE B 13 1.61 11.77 -22.56
N THR B 14 1.52 11.91 -23.88
CA THR B 14 0.88 10.88 -24.71
C THR B 14 1.94 9.99 -25.34
N LEU B 15 2.06 8.76 -24.83
CA LEU B 15 3.03 7.81 -25.35
C LEU B 15 2.36 6.78 -26.24
N GLU B 16 2.90 6.60 -27.44
CA GLU B 16 2.34 5.62 -28.38
C GLU B 16 2.87 4.23 -28.05
N VAL B 17 1.98 3.31 -27.72
CA VAL B 17 2.40 1.95 -27.37
C VAL B 17 1.35 0.93 -27.83
N GLU B 18 1.41 -0.24 -27.20
CA GLU B 18 0.49 -1.33 -27.52
C GLU B 18 0.27 -2.19 -26.27
N PRO B 19 -0.67 -3.10 -26.30
CA PRO B 19 -0.95 -3.99 -25.14
C PRO B 19 0.14 -5.02 -24.90
N SER B 20 1.13 -5.05 -25.79
CA SER B 20 2.24 -6.00 -25.65
C SER B 20 3.53 -5.27 -25.29
N ASP B 21 3.43 -3.97 -25.08
CA ASP B 21 4.59 -3.18 -24.71
C ASP B 21 4.94 -3.38 -23.24
N THR B 22 6.24 -3.49 -22.96
CA THR B 22 6.69 -3.69 -21.58
C THR B 22 6.82 -2.36 -20.85
N ILE B 23 6.35 -2.34 -19.60
CA ILE B 23 6.42 -1.12 -18.79
C ILE B 23 7.80 -0.49 -18.92
N GLU B 24 8.85 -1.29 -18.74
CA GLU B 24 10.21 -0.79 -18.84
C GLU B 24 10.38 0.01 -20.13
N ASN B 25 9.79 -0.48 -21.21
CA ASN B 25 9.88 0.19 -22.49
C ASN B 25 9.22 1.56 -22.41
N VAL B 26 8.09 1.63 -21.72
CA VAL B 26 7.36 2.88 -21.56
C VAL B 26 8.22 3.89 -20.80
N LYS B 27 8.88 3.41 -19.75
CA LYS B 27 9.75 4.27 -18.95
C LYS B 27 10.83 4.88 -19.82
N ALA B 28 11.34 4.09 -20.75
CA ALA B 28 12.40 4.56 -21.65
C ALA B 28 11.87 5.68 -22.53
N LYS B 29 10.66 5.50 -23.06
CA LYS B 29 10.06 6.50 -23.92
C LYS B 29 9.92 7.84 -23.17
N ILE B 30 9.32 7.78 -21.99
CA ILE B 30 9.13 8.99 -21.18
C ILE B 30 10.47 9.66 -20.94
N GLN B 31 11.47 8.87 -20.54
CA GLN B 31 12.79 9.40 -20.28
C GLN B 31 13.30 10.19 -21.48
N ASP B 32 12.90 9.75 -22.66
CA ASP B 32 13.31 10.42 -23.90
C ASP B 32 12.64 11.78 -24.01
N LYS B 33 11.37 11.86 -23.60
CA LYS B 33 10.63 13.12 -23.66
C LYS B 33 11.15 14.08 -22.60
N GLU B 34 11.02 13.69 -21.33
CA GLU B 34 11.47 14.54 -20.23
C GLU B 34 12.98 14.34 -20.00
N GLY B 35 13.33 13.84 -18.83
CA GLY B 35 14.73 13.62 -18.49
C GLY B 35 14.87 12.71 -17.27
N ILE B 36 13.75 12.13 -16.85
CA ILE B 36 13.75 11.24 -15.70
C ILE B 36 14.24 9.84 -16.11
N PRO B 37 15.35 9.39 -15.56
CA PRO B 37 15.90 8.05 -15.91
C PRO B 37 14.92 6.94 -15.56
N PRO B 38 14.97 5.83 -16.27
CA PRO B 38 14.06 4.68 -16.03
C PRO B 38 13.95 4.33 -14.54
N ASP B 39 15.06 3.84 -13.98
CA ASP B 39 15.07 3.46 -12.56
C ASP B 39 14.35 4.50 -11.71
N GLN B 40 14.22 5.72 -12.24
CA GLN B 40 13.55 6.79 -11.52
C GLN B 40 12.16 7.04 -12.09
N GLN B 41 11.51 5.98 -12.56
CA GLN B 41 10.17 6.11 -13.14
C GLN B 41 9.24 5.02 -12.60
N ARG B 42 8.47 5.36 -11.58
CA ARG B 42 7.53 4.42 -10.98
C ARG B 42 6.11 4.69 -11.47
N LEU B 43 5.56 3.76 -12.25
CA LEU B 43 4.22 3.92 -12.79
C LEU B 43 3.19 3.27 -11.86
N ILE B 44 2.13 4.00 -11.57
CA ILE B 44 1.06 3.50 -10.70
C ILE B 44 -0.29 3.64 -11.38
N PHE B 45 -1.17 2.67 -11.15
CA PHE B 45 -2.50 2.69 -11.75
C PHE B 45 -3.51 2.00 -10.85
N ALA B 46 -4.35 2.80 -10.18
CA ALA B 46 -5.37 2.26 -9.29
C ALA B 46 -4.71 1.58 -8.08
N GLY B 47 -4.12 2.38 -7.20
CA GLY B 47 -3.48 1.83 -6.01
C GLY B 47 -2.73 0.55 -6.33
N LYS B 48 -1.99 0.56 -7.43
CA LYS B 48 -1.22 -0.62 -7.83
C LYS B 48 0.03 -0.21 -8.60
N GLN B 49 1.19 -0.59 -8.07
CA GLN B 49 2.46 -0.27 -8.71
C GLN B 49 2.74 -1.24 -9.85
N LEU B 50 2.95 -0.72 -11.05
CA LEU B 50 3.21 -1.57 -12.20
C LEU B 50 4.64 -2.11 -12.17
N GLU B 51 4.79 -3.38 -12.54
CA GLU B 51 6.10 -4.01 -12.54
C GLU B 51 6.88 -3.62 -13.80
N ASP B 52 8.20 -3.78 -13.74
CA ASP B 52 9.05 -3.43 -14.88
C ASP B 52 9.16 -4.61 -15.85
N GLY B 53 8.95 -5.82 -15.34
CA GLY B 53 9.03 -7.01 -16.17
C GLY B 53 7.65 -7.50 -16.60
N ARG B 54 6.78 -6.56 -16.94
CA ARG B 54 5.42 -6.92 -17.36
C ARG B 54 4.98 -6.04 -18.53
N THR B 55 3.83 -6.36 -19.11
CA THR B 55 3.31 -5.58 -20.25
C THR B 55 2.08 -4.78 -19.83
N LEU B 56 1.67 -3.87 -20.70
CA LEU B 56 0.50 -3.03 -20.42
C LEU B 56 -0.77 -3.88 -20.35
N SER B 57 -0.83 -4.91 -21.20
CA SER B 57 -1.99 -5.79 -21.22
C SER B 57 -2.19 -6.46 -19.87
N ASP B 58 -1.10 -6.95 -19.30
CA ASP B 58 -1.16 -7.62 -18.01
C ASP B 58 -1.96 -6.79 -17.01
N TYR B 59 -1.76 -5.48 -17.04
CA TYR B 59 -2.46 -4.59 -16.14
C TYR B 59 -3.79 -4.13 -16.75
N ASN B 60 -4.28 -4.88 -17.72
CA ASN B 60 -5.53 -4.55 -18.39
C ASN B 60 -5.58 -3.06 -18.73
N ILE B 61 -4.41 -2.50 -19.06
CA ILE B 61 -4.34 -1.08 -19.41
C ILE B 61 -4.77 -0.88 -20.86
N GLN B 62 -5.92 -0.24 -21.05
CA GLN B 62 -6.43 0.01 -22.39
C GLN B 62 -5.80 1.26 -22.99
N ARG B 63 -6.43 1.81 -24.02
CA ARG B 63 -5.91 3.01 -24.68
C ARG B 63 -6.38 4.27 -23.95
N GLU B 64 -5.63 5.35 -24.13
CA GLU B 64 -5.98 6.62 -23.49
C GLU B 64 -6.08 6.46 -21.98
N SER B 65 -5.28 5.56 -21.42
CA SER B 65 -5.30 5.32 -19.99
C SER B 65 -4.45 6.36 -19.26
N THR B 66 -4.92 6.82 -18.11
CA THR B 66 -4.20 7.83 -17.34
C THR B 66 -3.28 7.15 -16.31
N LEU B 67 -2.01 6.98 -16.68
CA LEU B 67 -1.04 6.35 -15.80
C LEU B 67 -0.43 7.38 -14.85
N HIS B 68 -0.53 7.10 -13.54
CA HIS B 68 0.02 8.00 -12.54
C HIS B 68 1.52 7.81 -12.42
N LEU B 69 2.28 8.70 -13.04
CA LEU B 69 3.74 8.62 -13.00
C LEU B 69 4.28 9.22 -11.70
N VAL B 70 5.35 8.63 -11.18
CA VAL B 70 5.97 9.11 -9.95
C VAL B 70 7.49 8.94 -10.01
N LEU B 71 8.21 9.75 -9.25
CA LEU B 71 9.67 9.68 -9.23
C LEU B 71 10.13 8.79 -8.09
N ARG B 72 10.59 7.59 -8.42
CA ARG B 72 11.07 6.65 -7.41
C ARG B 72 12.22 7.26 -6.62
N LEU B 73 11.94 7.63 -5.37
CA LEU B 73 12.97 8.23 -4.52
C LEU B 73 13.84 7.14 -3.89
N ARG B 74 15.05 6.98 -4.43
CA ARG B 74 15.97 5.98 -3.92
C ARG B 74 15.98 5.97 -2.39
N GLY B 75 16.09 4.78 -1.82
CA GLY B 75 16.12 4.64 -0.36
C GLY B 75 15.65 3.26 0.07
N GLY B 76 15.14 3.16 1.29
CA GLY B 76 14.66 1.89 1.81
C GLY B 76 15.81 1.08 2.41
N MET C 1 15.65 -9.95 5.78
CA MET C 1 14.90 -8.70 5.49
C MET C 1 14.05 -8.32 6.69
N GLN C 2 14.52 -7.35 7.48
CA GLN C 2 13.80 -6.90 8.66
C GLN C 2 12.52 -6.17 8.26
N ILE C 3 11.40 -6.57 8.87
CA ILE C 3 10.12 -5.94 8.58
C ILE C 3 9.36 -5.67 9.88
N PHE C 4 8.67 -4.53 9.93
CA PHE C 4 7.90 -4.16 11.10
C PHE C 4 6.45 -4.61 10.97
N VAL C 5 5.89 -5.13 12.06
CA VAL C 5 4.51 -5.59 12.07
C VAL C 5 3.72 -4.85 13.14
N LYS C 6 2.88 -3.91 12.71
CA LYS C 6 2.08 -3.13 13.63
C LYS C 6 0.82 -3.90 14.04
N THR C 7 0.26 -3.54 15.19
CA THR C 7 -0.95 -4.19 15.69
C THR C 7 -2.03 -3.16 15.98
N LEU C 8 -3.15 -3.63 16.55
CA LEU C 8 -4.24 -2.74 16.88
C LEU C 8 -3.96 -2.00 18.19
N THR C 9 -3.13 -2.60 19.03
CA THR C 9 -2.78 -1.99 20.31
C THR C 9 -1.66 -0.97 20.13
N GLY C 10 -1.26 -0.75 18.88
CA GLY C 10 -0.21 0.21 18.59
C GLY C 10 1.18 -0.42 18.76
N LYS C 11 1.19 -1.72 19.05
CA LYS C 11 2.45 -2.43 19.23
C LYS C 11 3.11 -2.71 17.89
N THR C 12 4.41 -3.02 17.92
CA THR C 12 5.14 -3.31 16.69
C THR C 12 6.08 -4.49 16.89
N ILE C 13 6.36 -5.22 15.81
CA ILE C 13 7.25 -6.38 15.90
C ILE C 13 8.20 -6.42 14.70
N THR C 14 9.48 -6.63 14.96
CA THR C 14 10.48 -6.69 13.90
C THR C 14 10.80 -8.15 13.56
N LEU C 15 10.18 -8.65 12.51
CA LEU C 15 10.40 -10.03 12.08
C LEU C 15 11.40 -10.09 10.92
N GLU C 16 12.33 -11.05 11.00
CA GLU C 16 13.33 -11.21 9.96
C GLU C 16 12.85 -12.23 8.93
N VAL C 17 12.81 -11.82 7.67
CA VAL C 17 12.36 -12.71 6.60
C VAL C 17 13.06 -12.39 5.28
N GLU C 18 12.47 -12.86 4.19
CA GLU C 18 13.04 -12.63 2.86
C GLU C 18 11.91 -12.31 1.88
N PRO C 19 12.23 -12.00 0.64
CA PRO C 19 11.22 -11.69 -0.40
C PRO C 19 10.48 -12.93 -0.90
N SER C 20 11.16 -14.07 -0.84
CA SER C 20 10.55 -15.33 -1.30
C SER C 20 9.65 -15.92 -0.23
N ASP C 21 9.95 -15.62 1.03
CA ASP C 21 9.16 -16.14 2.14
C ASP C 21 7.66 -16.02 1.84
N THR C 22 6.92 -17.08 2.11
CA THR C 22 5.48 -17.08 1.86
C THR C 22 4.73 -16.48 3.05
N ILE C 23 3.66 -15.76 2.74
CA ILE C 23 2.85 -15.13 3.79
C ILE C 23 2.56 -16.12 4.92
N GLU C 24 1.94 -17.25 4.57
CA GLU C 24 1.61 -18.26 5.56
C GLU C 24 2.80 -18.50 6.48
N ASN C 25 4.01 -18.48 5.92
CA ASN C 25 5.22 -18.69 6.72
C ASN C 25 5.39 -17.55 7.72
N VAL C 26 5.14 -16.33 7.26
CA VAL C 26 5.25 -15.17 8.13
C VAL C 26 4.27 -15.27 9.30
N LYS C 27 3.01 -15.52 8.98
CA LYS C 27 1.99 -15.65 10.00
C LYS C 27 2.42 -16.69 11.04
N ALA C 28 3.17 -17.69 10.58
CA ALA C 28 3.65 -18.74 11.46
C ALA C 28 4.68 -18.17 12.43
N LYS C 29 5.55 -17.31 11.92
CA LYS C 29 6.58 -16.69 12.74
C LYS C 29 5.94 -15.85 13.83
N ILE C 30 4.91 -15.09 13.47
CA ILE C 30 4.21 -14.25 14.43
C ILE C 30 3.55 -15.10 15.51
N GLN C 31 2.86 -16.15 15.08
CA GLN C 31 2.19 -17.04 16.01
C GLN C 31 3.18 -17.60 17.02
N ASP C 32 4.42 -17.77 16.60
CA ASP C 32 5.46 -18.29 17.48
C ASP C 32 5.92 -17.21 18.46
N LYS C 33 5.75 -15.95 18.05
CA LYS C 33 6.16 -14.83 18.89
C LYS C 33 5.09 -14.55 19.95
N GLU C 34 3.90 -14.19 19.49
CA GLU C 34 2.80 -13.89 20.40
C GLU C 34 2.03 -15.16 20.76
N GLY C 35 0.82 -15.28 20.22
CA GLY C 35 -0.01 -16.45 20.48
C GLY C 35 -1.25 -16.45 19.60
N ILE C 36 -1.13 -15.83 18.43
CA ILE C 36 -2.24 -15.75 17.49
C ILE C 36 -2.15 -16.87 16.45
N PRO C 37 -3.06 -17.82 16.48
CA PRO C 37 -3.04 -18.94 15.50
C PRO C 37 -3.26 -18.44 14.06
N PRO C 38 -2.67 -19.09 13.09
CA PRO C 38 -2.81 -18.68 11.67
C PRO C 38 -4.27 -18.45 11.29
N ASP C 39 -5.11 -19.42 11.60
CA ASP C 39 -6.53 -19.32 11.29
C ASP C 39 -7.11 -18.01 11.84
N GLN C 40 -6.37 -17.40 12.76
CA GLN C 40 -6.81 -16.13 13.36
C GLN C 40 -5.82 -15.02 13.05
N GLN C 41 -5.37 -14.97 11.80
CA GLN C 41 -4.42 -13.94 11.38
C GLN C 41 -4.83 -13.34 10.04
N ARG C 42 -4.38 -12.12 9.79
CA ARG C 42 -4.71 -11.43 8.54
C ARG C 42 -3.80 -10.23 8.36
N LEU C 43 -2.82 -10.35 7.47
CA LEU C 43 -1.88 -9.26 7.22
C LEU C 43 -2.39 -8.33 6.12
N ILE C 44 -2.41 -7.03 6.42
CA ILE C 44 -2.86 -6.03 5.46
C ILE C 44 -1.79 -4.96 5.27
N PHE C 45 -1.31 -4.81 4.04
CA PHE C 45 -0.28 -3.82 3.74
C PHE C 45 -0.84 -2.67 2.91
N ALA C 46 -1.67 -1.84 3.54
CA ALA C 46 -2.27 -0.70 2.85
C ALA C 46 -3.14 -1.17 1.69
N GLY C 47 -4.40 -1.48 1.99
CA GLY C 47 -5.32 -1.94 0.96
C GLY C 47 -4.78 -3.17 0.24
N LYS C 48 -4.03 -3.98 0.98
CA LYS C 48 -3.45 -5.20 0.40
C LYS C 48 -3.56 -6.37 1.37
N GLN C 49 -4.68 -7.08 1.31
CA GLN C 49 -4.89 -8.22 2.19
C GLN C 49 -4.05 -9.41 1.72
N LEU C 50 -2.80 -9.44 2.18
CA LEU C 50 -1.89 -10.52 1.78
C LEU C 50 -2.60 -11.87 1.84
N GLU C 51 -2.37 -12.70 0.82
CA GLU C 51 -2.97 -14.02 0.76
C GLU C 51 -2.08 -15.05 1.44
N ASP C 52 -2.67 -16.16 1.85
CA ASP C 52 -1.91 -17.21 2.52
C ASP C 52 -1.16 -18.08 1.51
N GLY C 53 -1.34 -17.78 0.22
CA GLY C 53 -0.68 -18.54 -0.83
C GLY C 53 0.17 -17.63 -1.72
N ARG C 54 0.82 -16.65 -1.10
CA ARG C 54 1.67 -15.72 -1.84
C ARG C 54 3.00 -15.51 -1.11
N THR C 55 3.82 -14.61 -1.62
CA THR C 55 5.11 -14.32 -1.01
C THR C 55 5.26 -12.82 -0.76
N LEU C 56 6.14 -12.47 0.19
CA LEU C 56 6.35 -11.07 0.51
C LEU C 56 6.83 -10.30 -0.72
N SER C 57 7.04 -11.03 -1.82
CA SER C 57 7.49 -10.41 -3.06
C SER C 57 6.31 -10.06 -3.95
N ASP C 58 5.23 -10.83 -3.82
CA ASP C 58 4.03 -10.59 -4.62
C ASP C 58 3.30 -9.34 -4.15
N TYR C 59 3.96 -8.55 -3.31
CA TYR C 59 3.37 -7.32 -2.79
C TYR C 59 4.41 -6.21 -2.73
N ASN C 60 5.60 -6.49 -3.24
CA ASN C 60 6.68 -5.50 -3.24
C ASN C 60 6.98 -5.03 -1.82
N ILE C 61 6.81 -5.93 -0.86
CA ILE C 61 7.07 -5.59 0.54
C ILE C 61 8.56 -5.58 0.81
N GLN C 62 9.17 -4.40 0.75
CA GLN C 62 10.60 -4.27 0.99
C GLN C 62 10.90 -4.35 2.48
N LYS C 63 12.05 -3.81 2.88
CA LYS C 63 12.45 -3.83 4.28
C LYS C 63 11.83 -2.66 5.04
N GLU C 64 11.79 -2.79 6.36
CA GLU C 64 11.22 -1.73 7.20
C GLU C 64 9.78 -1.44 6.81
N SER C 65 9.09 -2.47 6.32
CA SER C 65 7.69 -2.32 5.92
C SER C 65 6.76 -2.50 7.10
N THR C 66 5.79 -1.59 7.24
CA THR C 66 4.84 -1.66 8.34
C THR C 66 3.62 -2.49 7.93
N LEU C 67 3.58 -3.74 8.37
CA LEU C 67 2.46 -4.62 8.04
C LEU C 67 1.35 -4.50 9.08
N HIS C 68 0.16 -4.13 8.62
CA HIS C 68 -0.98 -3.99 9.53
C HIS C 68 -1.53 -5.37 9.89
N LEU C 69 -1.15 -5.86 11.06
CA LEU C 69 -1.59 -7.16 11.53
C LEU C 69 -3.00 -7.09 12.08
N VAL C 70 -3.85 -8.04 11.69
CA VAL C 70 -5.23 -8.09 12.16
C VAL C 70 -5.62 -9.52 12.49
N LEU C 71 -6.72 -9.68 13.22
CA LEU C 71 -7.19 -11.00 13.60
C LEU C 71 -8.40 -11.41 12.75
N ARG C 72 -8.24 -12.46 11.96
CA ARG C 72 -9.32 -12.94 11.11
C ARG C 72 -10.43 -13.56 11.96
N LEU C 73 -11.17 -12.72 12.67
CA LEU C 73 -12.25 -13.19 13.51
C LEU C 73 -13.08 -14.25 12.78
N ARG C 74 -13.10 -15.45 13.34
CA ARG C 74 -13.85 -16.55 12.73
C ARG C 74 -15.35 -16.27 12.78
N GLY C 75 -16.12 -17.01 11.99
CA GLY C 75 -17.56 -16.83 11.96
C GLY C 75 -18.22 -17.84 11.02
N CYS C 76 -18.76 -17.34 9.92
CA CYS C 76 -19.42 -18.22 8.95
C CYS C 76 -19.57 -17.51 7.61
N GLY D 1 -6.46 14.87 12.01
CA GLY D 1 -6.96 14.27 13.25
C GLY D 1 -7.77 13.03 12.94
N THR D 2 -7.99 12.20 13.97
CA THR D 2 -8.75 10.97 13.80
C THR D 2 -9.33 10.52 15.14
N LYS D 3 -10.48 11.08 15.50
CA LYS D 3 -11.13 10.72 16.76
C LYS D 3 -11.93 9.45 16.60
N LYS D 4 -11.26 8.38 16.18
CA LYS D 4 -11.93 7.09 15.99
C LYS D 4 -13.28 7.28 15.30
N TYR D 5 -14.08 6.23 15.28
CA TYR D 5 -15.40 6.28 14.65
C TYR D 5 -16.45 5.63 15.54
N ASP D 6 -17.63 6.23 15.59
CA ASP D 6 -18.71 5.70 16.42
C ASP D 6 -19.44 4.56 15.69
N LEU D 7 -19.00 3.34 15.94
CA LEU D 7 -19.61 2.17 15.31
C LEU D 7 -20.77 1.65 16.15
N SER D 8 -21.58 2.57 16.66
CA SER D 8 -22.72 2.20 17.48
C SER D 8 -23.86 1.67 16.62
N LYS D 9 -23.56 1.38 15.36
CA LYS D 9 -24.58 0.88 14.44
C LYS D 9 -23.93 0.26 13.21
N TRP D 10 -23.54 -1.01 13.33
CA TRP D 10 -22.90 -1.72 12.22
C TRP D 10 -23.45 -3.15 12.13
N LYS D 11 -23.19 -3.80 11.00
CA LYS D 11 -23.65 -5.17 10.79
C LYS D 11 -22.49 -6.14 10.87
N TYR D 12 -22.80 -7.42 11.04
CA TYR D 12 -21.78 -8.46 11.13
C TYR D 12 -21.04 -8.59 9.80
N ALA D 13 -21.81 -8.68 8.72
CA ALA D 13 -21.23 -8.81 7.39
C ALA D 13 -20.38 -7.59 7.04
N GLU D 14 -20.81 -6.43 7.51
CA GLU D 14 -20.09 -5.19 7.24
C GLU D 14 -18.75 -5.19 7.97
N LEU D 15 -18.78 -5.40 9.28
CA LEU D 15 -17.56 -5.42 10.07
C LEU D 15 -16.57 -6.44 9.50
N ARG D 16 -17.03 -7.68 9.36
CA ARG D 16 -16.19 -8.75 8.83
C ARG D 16 -15.60 -8.34 7.48
N ASP D 17 -16.46 -7.87 6.59
CA ASP D 17 -16.02 -7.45 5.27
C ASP D 17 -15.00 -6.32 5.38
N THR D 18 -15.33 -5.32 6.19
CA THR D 18 -14.43 -4.18 6.38
C THR D 18 -13.04 -4.66 6.76
N ILE D 19 -12.97 -5.64 7.66
CA ILE D 19 -11.69 -6.18 8.10
C ILE D 19 -11.11 -7.10 7.04
N ASN D 20 -11.97 -7.66 6.22
CA ASN D 20 -11.52 -8.57 5.16
C ASN D 20 -11.42 -7.85 3.82
N THR D 21 -11.69 -6.55 3.83
CA THR D 21 -11.63 -5.75 2.60
C THR D 21 -10.96 -4.41 2.84
N SER D 22 -11.29 -3.77 3.97
CA SER D 22 -10.71 -2.47 4.29
C SER D 22 -9.29 -2.61 4.82
N CYS D 23 -8.60 -1.48 4.94
CA CYS D 23 -7.23 -1.47 5.43
C CYS D 23 -6.95 -0.19 6.22
N ASP D 24 -7.21 -0.24 7.52
CA ASP D 24 -6.99 0.92 8.37
C ASP D 24 -6.96 0.50 9.84
N ILE D 25 -5.76 0.36 10.38
CA ILE D 25 -5.58 -0.05 11.77
C ILE D 25 -6.63 0.61 12.66
N GLU D 26 -6.88 1.90 12.43
CA GLU D 26 -7.86 2.63 13.21
C GLU D 26 -9.22 1.95 13.14
N LEU D 27 -9.74 1.81 11.92
CA LEU D 27 -11.02 1.16 11.71
C LEU D 27 -10.98 -0.27 12.24
N LEU D 28 -9.98 -1.02 11.78
CA LEU D 28 -9.83 -2.40 12.19
C LEU D 28 -9.88 -2.52 13.72
N ALA D 29 -9.14 -1.65 14.39
CA ALA D 29 -9.11 -1.66 15.85
C ALA D 29 -10.51 -1.44 16.40
N ALA D 30 -11.19 -0.41 15.90
CA ALA D 30 -12.54 -0.10 16.35
C ALA D 30 -13.50 -1.24 15.99
N CYS D 31 -13.37 -1.75 14.77
CA CYS D 31 -14.24 -2.83 14.31
C CYS D 31 -14.09 -4.04 15.22
N ARG D 32 -12.85 -4.44 15.48
CA ARG D 32 -12.60 -5.59 16.35
C ARG D 32 -13.08 -5.31 17.77
N GLU D 33 -12.94 -4.05 18.20
CA GLU D 33 -13.36 -3.68 19.54
C GLU D 33 -14.86 -3.95 19.72
N GLU D 34 -15.68 -3.37 18.84
CA GLU D 34 -17.12 -3.57 18.93
C GLU D 34 -17.46 -5.04 18.71
N PHE D 35 -16.70 -5.69 17.85
CA PHE D 35 -16.93 -7.10 17.56
C PHE D 35 -16.84 -7.92 18.84
N HIS D 36 -15.70 -7.80 19.53
CA HIS D 36 -15.50 -8.53 20.78
C HIS D 36 -16.58 -8.16 21.78
N ARG D 37 -16.84 -6.87 21.92
CA ARG D 37 -17.85 -6.39 22.86
C ARG D 37 -19.18 -7.11 22.60
N ARG D 38 -19.50 -7.31 21.33
CA ARG D 38 -20.74 -7.99 20.98
C ARG D 38 -20.70 -9.45 21.43
N LEU D 39 -19.57 -10.11 21.20
CA LEU D 39 -19.42 -11.50 21.59
C LEU D 39 -19.19 -11.61 23.09
N LYS D 40 -18.69 -10.52 23.69
CA LYS D 40 -18.43 -10.50 25.13
C LYS D 40 -19.63 -9.94 25.88
N VAL D 41 -20.45 -9.17 25.17
CA VAL D 41 -21.64 -8.57 25.77
C VAL D 41 -22.86 -8.76 24.87
N TYR D 42 -23.81 -9.56 25.35
CA TYR D 42 -25.02 -9.82 24.57
C TYR D 42 -26.00 -8.66 24.71
N HIS D 43 -25.54 -7.46 24.37
CA HIS D 43 -26.39 -6.28 24.47
C HIS D 43 -27.41 -6.25 23.33
N GLY A 1 -10.95 18.64 -6.15
CA GLY A 1 -10.48 18.56 -4.77
C GLY A 1 -10.71 19.87 -4.03
N THR A 2 -11.08 19.77 -2.76
CA THR A 2 -11.32 20.96 -1.95
C THR A 2 -10.99 20.69 -0.49
N LYS A 3 -9.95 19.90 -0.28
CA LYS A 3 -9.51 19.56 1.07
C LYS A 3 -8.14 18.90 1.03
N LYS A 4 -7.10 19.65 1.37
CA LYS A 4 -5.74 19.13 1.37
C LYS A 4 -5.55 18.17 2.54
N TYR A 5 -4.29 17.86 2.84
CA TYR A 5 -3.97 16.96 3.93
C TYR A 5 -2.87 17.55 4.81
N ASP A 6 -2.57 16.87 5.92
CA ASP A 6 -1.54 17.34 6.85
C ASP A 6 -0.50 16.25 7.08
N LEU A 7 0.56 16.26 6.30
CA LEU A 7 1.62 15.28 6.44
C LEU A 7 2.77 15.83 7.28
N SER A 8 2.43 16.48 8.39
CA SER A 8 3.43 17.06 9.28
C SER A 8 3.93 16.02 10.27
N LYS A 9 3.59 14.76 10.03
CA LYS A 9 4.03 13.68 10.91
C LYS A 9 3.82 12.32 10.25
N TRP A 10 4.78 11.93 9.41
CA TRP A 10 4.72 10.65 8.71
C TRP A 10 6.02 9.89 8.86
N LYS A 11 6.06 8.67 8.35
CA LYS A 11 7.25 7.83 8.44
C LYS A 11 7.80 7.52 7.05
N TYR A 12 9.05 7.07 7.00
CA TYR A 12 9.69 6.73 5.73
C TYR A 12 8.93 5.59 5.03
N ALA A 13 8.67 4.53 5.79
CA ALA A 13 7.96 3.38 5.23
C ALA A 13 6.56 3.77 4.80
N GLU A 14 5.87 4.54 5.64
CA GLU A 14 4.51 4.97 5.35
C GLU A 14 4.47 5.71 4.01
N LEU A 15 5.29 6.75 3.88
CA LEU A 15 5.32 7.54 2.65
C LEU A 15 5.68 6.64 1.47
N ARG A 16 6.77 5.90 1.59
CA ARG A 16 7.19 5.00 0.52
C ARG A 16 6.09 4.00 0.19
N ASP A 17 5.46 3.46 1.22
CA ASP A 17 4.38 2.50 1.02
C ASP A 17 3.21 3.15 0.31
N THR A 18 2.81 4.32 0.79
CA THR A 18 1.68 5.04 0.19
C THR A 18 1.92 5.24 -1.30
N ILE A 19 3.11 5.73 -1.66
CA ILE A 19 3.43 5.97 -3.05
C ILE A 19 3.64 4.65 -3.81
N ASN A 20 4.04 3.62 -3.08
CA ASN A 20 4.29 2.31 -3.68
C ASN A 20 3.01 1.49 -3.71
N THR A 21 1.96 1.97 -3.04
CA THR A 21 0.69 1.26 -3.00
C THR A 21 -0.46 2.15 -3.42
N SER A 22 -0.54 3.35 -2.84
CA SER A 22 -1.61 4.28 -3.17
C SER A 22 -1.58 4.65 -4.64
N CYS A 23 -2.65 5.29 -5.10
CA CYS A 23 -2.75 5.70 -6.49
C CYS A 23 -3.49 7.03 -6.61
N ASP A 24 -3.24 7.92 -5.64
CA ASP A 24 -3.88 9.23 -5.63
C ASP A 24 -2.87 10.32 -5.96
N ILE A 25 -2.90 10.77 -7.22
CA ILE A 25 -1.98 11.82 -7.66
C ILE A 25 -1.87 12.90 -6.60
N GLU A 26 -2.95 13.16 -5.89
CA GLU A 26 -2.95 14.18 -4.84
C GLU A 26 -1.97 13.79 -3.73
N LEU A 27 -2.18 12.60 -3.17
CA LEU A 27 -1.31 12.11 -2.11
C LEU A 27 0.12 12.00 -2.61
N LEU A 28 0.27 11.51 -3.84
CA LEU A 28 1.59 11.35 -4.44
C LEU A 28 2.32 12.68 -4.46
N ALA A 29 1.61 13.74 -4.83
CA ALA A 29 2.22 15.07 -4.89
C ALA A 29 2.60 15.54 -3.49
N ALA A 30 1.66 15.43 -2.55
CA ALA A 30 1.90 15.85 -1.18
C ALA A 30 3.03 15.02 -0.56
N CYS A 31 2.97 13.71 -0.76
CA CYS A 31 3.99 12.82 -0.23
C CYS A 31 5.36 13.20 -0.79
N ARG A 32 5.45 13.32 -2.10
CA ARG A 32 6.71 13.68 -2.75
C ARG A 32 7.20 15.03 -2.25
N GLU A 33 6.26 15.93 -1.97
CA GLU A 33 6.61 17.27 -1.50
C GLU A 33 7.31 17.18 -0.15
N GLU A 34 6.64 16.60 0.84
CA GLU A 34 7.24 16.49 2.18
C GLU A 34 8.54 15.69 2.12
N PHE A 35 8.57 14.67 1.27
CA PHE A 35 9.77 13.85 1.14
C PHE A 35 10.95 14.69 0.66
N HIS A 36 10.71 15.52 -0.34
CA HIS A 36 11.76 16.38 -0.89
C HIS A 36 12.08 17.51 0.08
N ARG A 37 11.05 18.26 0.46
CA ARG A 37 11.24 19.38 1.38
C ARG A 37 12.12 18.95 2.56
N ARG A 38 11.78 17.81 3.16
CA ARG A 38 12.53 17.31 4.30
C ARG A 38 13.98 17.02 3.91
N LEU A 39 14.21 16.86 2.60
CA LEU A 39 15.56 16.58 2.12
C LEU A 39 16.22 17.86 1.62
N LYS A 40 15.43 18.78 1.09
CA LYS A 40 15.95 20.04 0.59
C LYS A 40 16.24 21.00 1.74
N VAL A 41 15.48 20.87 2.81
CA VAL A 41 15.66 21.73 3.98
C VAL A 41 17.14 21.92 4.28
N TYR A 42 17.55 23.18 4.42
CA TYR A 42 18.94 23.50 4.71
C TYR A 42 19.82 23.18 3.50
N HIS A 43 19.63 23.95 2.43
CA HIS A 43 20.41 23.74 1.21
C HIS A 43 20.51 22.25 0.87
N MET B 1 -0.09 1.75 -30.53
CA MET B 1 -1.11 2.27 -29.57
C MET B 1 -0.62 3.60 -28.98
N GLN B 2 -1.55 4.38 -28.45
CA GLN B 2 -1.21 5.67 -27.86
C GLN B 2 -1.74 5.77 -26.42
N ILE B 3 -0.85 6.12 -25.50
CA ILE B 3 -1.24 6.23 -24.09
C ILE B 3 -0.83 7.59 -23.54
N PHE B 4 -1.57 8.06 -22.53
CA PHE B 4 -1.28 9.35 -21.91
C PHE B 4 -0.59 9.16 -20.57
N VAL B 5 0.29 10.09 -20.22
CA VAL B 5 1.01 10.02 -18.96
C VAL B 5 0.87 11.33 -18.19
N LYS B 6 0.08 11.30 -17.12
CA LYS B 6 -0.13 12.51 -16.31
C LYS B 6 0.80 12.49 -15.09
N THR B 7 1.52 13.59 -14.89
CA THR B 7 2.43 13.70 -13.77
C THR B 7 1.71 14.26 -12.54
N LEU B 8 2.48 14.70 -11.55
CA LEU B 8 1.91 15.25 -10.34
C LEU B 8 1.56 16.73 -10.54
N THR B 9 2.17 17.33 -11.56
CA THR B 9 1.92 18.74 -11.86
C THR B 9 0.73 18.89 -12.79
N GLY B 10 0.20 17.76 -13.25
CA GLY B 10 -0.94 17.77 -14.16
C GLY B 10 -0.49 17.78 -15.62
N LYS B 11 0.81 17.58 -15.83
CA LYS B 11 1.37 17.57 -17.19
C LYS B 11 1.12 16.22 -17.85
N THR B 12 0.44 16.25 -19.00
CA THR B 12 0.13 15.03 -19.74
C THR B 12 1.12 14.82 -20.89
N ILE B 13 1.46 13.56 -21.16
CA ILE B 13 2.38 13.25 -22.24
C ILE B 13 1.85 12.11 -23.10
N THR B 14 1.71 12.35 -24.39
CA THR B 14 1.21 11.33 -25.31
C THR B 14 2.34 10.47 -25.84
N LEU B 15 2.48 9.27 -25.28
CA LEU B 15 3.54 8.36 -25.70
C LEU B 15 2.97 7.24 -26.57
N GLU B 16 3.62 6.98 -27.70
CA GLU B 16 3.18 5.93 -28.60
C GLU B 16 3.82 4.60 -28.21
N VAL B 17 2.98 3.59 -28.00
CA VAL B 17 3.48 2.27 -27.61
C VAL B 17 2.61 1.16 -28.16
N GLU B 18 2.85 -0.07 -27.71
CA GLU B 18 2.07 -1.22 -28.15
C GLU B 18 1.78 -2.14 -26.96
N PRO B 19 0.65 -2.80 -26.96
CA PRO B 19 0.26 -3.71 -25.85
C PRO B 19 1.40 -4.66 -25.45
N SER B 20 2.24 -5.03 -26.42
CA SER B 20 3.34 -5.94 -26.16
C SER B 20 4.58 -5.19 -25.68
N ASP B 21 4.39 -3.95 -25.23
CA ASP B 21 5.51 -3.14 -24.74
C ASP B 21 5.67 -3.33 -23.23
N THR B 22 6.92 -3.49 -22.80
CA THR B 22 7.20 -3.67 -21.38
C THR B 22 7.26 -2.33 -20.66
N ILE B 23 6.68 -2.29 -19.46
CA ILE B 23 6.67 -1.06 -18.66
C ILE B 23 8.06 -0.44 -18.65
N GLU B 24 9.09 -1.28 -18.59
CA GLU B 24 10.46 -0.80 -18.58
C GLU B 24 10.74 0.05 -19.82
N ASN B 25 10.33 -0.46 -20.98
CA ASN B 25 10.52 0.26 -22.23
C ASN B 25 9.80 1.60 -22.17
N VAL B 26 8.64 1.62 -21.52
CA VAL B 26 7.87 2.85 -21.40
C VAL B 26 8.64 3.88 -20.58
N LYS B 27 9.18 3.43 -19.44
CA LYS B 27 9.96 4.31 -18.57
C LYS B 27 11.08 4.96 -19.36
N ALA B 28 11.67 4.19 -20.28
CA ALA B 28 12.76 4.70 -21.10
C ALA B 28 12.26 5.79 -22.03
N LYS B 29 11.07 5.58 -22.59
CA LYS B 29 10.49 6.57 -23.50
C LYS B 29 10.28 7.89 -22.78
N ILE B 30 9.81 7.83 -21.53
CA ILE B 30 9.57 9.03 -20.76
C ILE B 30 10.89 9.73 -20.44
N GLN B 31 11.89 8.94 -20.03
CA GLN B 31 13.20 9.50 -19.71
C GLN B 31 13.75 10.28 -20.89
N ASP B 32 13.42 9.85 -22.10
CA ASP B 32 13.89 10.52 -23.31
C ASP B 32 13.12 11.81 -23.53
N LYS B 33 11.83 11.79 -23.19
CA LYS B 33 10.99 12.98 -23.35
C LYS B 33 11.39 14.06 -22.35
N GLU B 34 11.25 13.75 -21.06
CA GLU B 34 11.60 14.70 -20.02
C GLU B 34 13.08 14.60 -19.66
N GLY B 35 13.36 14.00 -18.50
CA GLY B 35 14.74 13.85 -18.06
C GLY B 35 14.80 13.00 -16.78
N ILE B 36 13.67 12.42 -16.41
CA ILE B 36 13.60 11.59 -15.22
C ILE B 36 14.16 10.19 -15.50
N PRO B 37 15.24 9.82 -14.86
CA PRO B 37 15.85 8.47 -15.08
C PRO B 37 14.88 7.35 -14.70
N PRO B 38 15.01 6.20 -15.32
CA PRO B 38 14.13 5.03 -15.04
C PRO B 38 13.99 4.78 -13.54
N ASP B 39 15.10 4.46 -12.90
CA ASP B 39 15.10 4.19 -11.47
C ASP B 39 14.27 5.23 -10.72
N GLN B 40 14.02 6.36 -11.37
CA GLN B 40 13.24 7.43 -10.77
C GLN B 40 11.88 7.56 -11.46
N GLN B 41 11.31 6.44 -11.88
CA GLN B 41 10.02 6.44 -12.55
C GLN B 41 9.12 5.35 -11.98
N ARG B 42 7.81 5.61 -11.98
CA ARG B 42 6.85 4.65 -11.48
C ARG B 42 5.46 4.95 -12.03
N LEU B 43 4.93 4.01 -12.82
CA LEU B 43 3.61 4.19 -13.42
C LEU B 43 2.54 3.50 -12.58
N ILE B 44 1.41 4.18 -12.43
CA ILE B 44 0.29 3.65 -11.66
C ILE B 44 -1.00 3.69 -12.49
N PHE B 45 -1.81 2.65 -12.36
CA PHE B 45 -3.07 2.56 -13.09
C PHE B 45 -3.99 1.52 -12.48
N ALA B 46 -5.29 1.71 -12.65
CA ALA B 46 -6.28 0.78 -12.11
C ALA B 46 -6.14 0.65 -10.60
N GLY B 47 -5.52 1.64 -9.97
CA GLY B 47 -5.33 1.63 -8.52
C GLY B 47 -4.22 0.67 -8.12
N LYS B 48 -3.31 0.39 -9.05
CA LYS B 48 -2.19 -0.52 -8.76
C LYS B 48 -0.93 -0.07 -9.50
N GLN B 49 0.22 -0.32 -8.88
CA GLN B 49 1.49 0.06 -9.49
C GLN B 49 1.90 -0.97 -10.54
N LEU B 50 2.37 -0.49 -11.69
CA LEU B 50 2.78 -1.38 -12.77
C LEU B 50 4.19 -1.92 -12.53
N GLU B 51 4.38 -3.20 -12.81
CA GLU B 51 5.68 -3.83 -12.63
C GLU B 51 6.62 -3.51 -13.79
N ASP B 52 7.91 -3.67 -13.58
CA ASP B 52 8.90 -3.39 -14.61
C ASP B 52 9.11 -4.61 -15.50
N GLY B 53 8.66 -5.77 -15.02
CA GLY B 53 8.81 -7.02 -15.78
C GLY B 53 7.48 -7.48 -16.36
N ARG B 54 6.66 -6.52 -16.79
CA ARG B 54 5.35 -6.84 -17.37
C ARG B 54 5.07 -5.94 -18.56
N THR B 55 4.03 -6.28 -19.32
CA THR B 55 3.65 -5.50 -20.50
C THR B 55 2.35 -4.74 -20.25
N LEU B 56 2.10 -3.72 -21.08
CA LEU B 56 0.88 -2.93 -20.94
C LEU B 56 -0.35 -3.81 -21.12
N SER B 57 -0.21 -4.89 -21.88
CA SER B 57 -1.32 -5.80 -22.12
C SER B 57 -1.71 -6.54 -20.84
N ASP B 58 -0.71 -6.99 -20.10
CA ASP B 58 -0.95 -7.71 -18.86
C ASP B 58 -1.88 -6.92 -17.94
N TYR B 59 -1.77 -5.59 -18.01
CA TYR B 59 -2.61 -4.74 -17.18
C TYR B 59 -3.89 -4.36 -17.92
N ASN B 60 -4.06 -4.91 -19.11
CA ASN B 60 -5.25 -4.62 -19.91
C ASN B 60 -5.33 -3.14 -20.25
N ILE B 61 -4.17 -2.49 -20.30
CA ILE B 61 -4.13 -1.07 -20.62
C ILE B 61 -4.41 -0.84 -22.11
N GLN B 62 -5.55 -0.23 -22.39
CA GLN B 62 -5.94 0.03 -23.77
C GLN B 62 -5.44 1.41 -24.22
N ARG B 63 -5.92 1.87 -25.37
CA ARG B 63 -5.51 3.17 -25.89
C ARG B 63 -6.16 4.30 -25.10
N GLU B 64 -5.53 5.47 -25.13
CA GLU B 64 -6.05 6.63 -24.41
C GLU B 64 -6.11 6.36 -22.91
N SER B 65 -5.17 5.55 -22.42
CA SER B 65 -5.13 5.23 -21.00
C SER B 65 -4.30 6.25 -20.24
N THR B 66 -4.85 6.76 -19.14
CA THR B 66 -4.16 7.75 -18.33
C THR B 66 -3.29 7.06 -17.27
N LEU B 67 -1.97 7.17 -17.44
CA LEU B 67 -1.04 6.56 -16.50
C LEU B 67 -0.49 7.61 -15.53
N HIS B 68 -0.52 7.29 -14.23
CA HIS B 68 -0.03 8.22 -13.22
C HIS B 68 1.48 8.06 -13.06
N LEU B 69 2.23 9.09 -13.45
CA LEU B 69 3.69 9.05 -13.34
C LEU B 69 4.13 9.60 -11.99
N VAL B 70 5.01 8.86 -11.33
CA VAL B 70 5.52 9.27 -10.02
C VAL B 70 7.03 9.06 -9.93
N LEU B 71 7.73 10.01 -9.32
CA LEU B 71 9.18 9.90 -9.19
C LEU B 71 9.55 8.92 -8.10
N ARG B 72 10.00 7.73 -8.50
CA ARG B 72 10.38 6.70 -7.53
C ARG B 72 11.57 7.18 -6.69
N LEU B 73 11.27 7.73 -5.52
CA LEU B 73 12.32 8.22 -4.63
C LEU B 73 13.26 7.08 -4.25
N ARG B 74 14.56 7.28 -4.50
CA ARG B 74 15.55 6.28 -4.17
C ARG B 74 15.30 5.69 -2.79
N GLY B 75 15.47 4.38 -2.66
CA GLY B 75 15.26 3.70 -1.39
C GLY B 75 15.23 2.19 -1.57
N GLY B 76 16.09 1.49 -0.83
CA GLY B 76 16.14 0.04 -0.92
C GLY B 76 16.82 -0.55 0.31
N MET C 1 14.98 -10.76 4.89
CA MET C 1 14.31 -9.46 4.64
C MET C 1 13.61 -8.99 5.90
N GLN C 2 14.25 -8.07 6.63
CA GLN C 2 13.67 -7.55 7.86
C GLN C 2 12.42 -6.74 7.58
N ILE C 3 11.31 -7.11 8.20
CA ILE C 3 10.05 -6.41 8.02
C ILE C 3 9.39 -6.11 9.36
N PHE C 4 8.65 -5.02 9.42
CA PHE C 4 7.97 -4.63 10.65
C PHE C 4 6.50 -5.01 10.61
N VAL C 5 5.95 -5.36 11.76
CA VAL C 5 4.54 -5.74 11.86
C VAL C 5 3.88 -5.07 13.05
N LYS C 6 3.07 -4.04 12.77
CA LYS C 6 2.40 -3.31 13.84
C LYS C 6 1.11 -4.03 14.27
N THR C 7 0.89 -4.09 15.58
CA THR C 7 -0.29 -4.74 16.11
C THR C 7 -1.40 -3.71 16.37
N LEU C 8 -2.43 -4.14 17.10
CA LEU C 8 -3.54 -3.24 17.40
C LEU C 8 -3.27 -2.46 18.68
N THR C 9 -1.98 -2.35 19.05
CA THR C 9 -1.59 -1.64 20.25
C THR C 9 -0.38 -0.75 19.98
N GLY C 10 -0.02 -0.62 18.70
CA GLY C 10 1.13 0.20 18.31
C GLY C 10 2.41 -0.63 18.30
N LYS C 11 2.47 -1.62 19.17
CA LYS C 11 3.65 -2.48 19.25
C LYS C 11 4.09 -2.92 17.86
N THR C 12 5.39 -2.85 17.61
CA THR C 12 5.93 -3.23 16.31
C THR C 12 6.84 -4.46 16.44
N ILE C 13 6.56 -5.50 15.66
CA ILE C 13 7.35 -6.72 15.71
C ILE C 13 8.23 -6.83 14.46
N THR C 14 9.54 -6.99 14.67
CA THR C 14 10.47 -7.12 13.56
C THR C 14 10.74 -8.59 13.27
N LEU C 15 10.40 -9.02 12.06
CA LEU C 15 10.60 -10.43 11.68
C LEU C 15 11.36 -10.53 10.36
N GLU C 16 12.33 -11.44 10.31
CA GLU C 16 13.12 -11.64 9.09
C GLU C 16 12.44 -12.66 8.20
N VAL C 17 12.32 -12.33 6.92
CA VAL C 17 11.67 -13.24 5.97
C VAL C 17 12.26 -13.07 4.58
N GLU C 18 11.60 -13.67 3.59
CA GLU C 18 12.06 -13.57 2.20
C GLU C 18 10.85 -13.43 1.27
N PRO C 19 10.99 -12.72 0.18
CA PRO C 19 9.88 -12.51 -0.78
C PRO C 19 9.16 -13.82 -1.14
N SER C 20 9.88 -14.93 -1.07
CA SER C 20 9.28 -16.23 -1.39
C SER C 20 8.58 -16.84 -0.18
N ASP C 21 8.45 -16.05 0.88
CA ASP C 21 7.78 -16.55 2.09
C ASP C 21 6.28 -16.40 1.96
N THR C 22 5.55 -17.45 2.34
CA THR C 22 4.10 -17.42 2.25
C THR C 22 3.49 -16.76 3.48
N ILE C 23 2.48 -15.93 3.26
CA ILE C 23 1.81 -15.23 4.35
C ILE C 23 1.53 -16.20 5.50
N GLU C 24 0.97 -17.36 5.18
CA GLU C 24 0.68 -18.36 6.19
C GLU C 24 1.90 -18.64 7.04
N ASN C 25 3.07 -18.64 6.39
CA ASN C 25 4.32 -18.89 7.09
C ASN C 25 4.59 -17.76 8.09
N VAL C 26 4.36 -16.54 7.65
CA VAL C 26 4.57 -15.37 8.51
C VAL C 26 3.66 -15.47 9.73
N LYS C 27 2.44 -15.95 9.52
CA LYS C 27 1.48 -16.10 10.61
C LYS C 27 2.01 -17.08 11.65
N ALA C 28 2.64 -18.15 11.16
CA ALA C 28 3.20 -19.15 12.06
C ALA C 28 4.28 -18.54 12.93
N LYS C 29 5.15 -17.75 12.30
CA LYS C 29 6.23 -17.10 13.04
C LYS C 29 5.67 -16.20 14.13
N ILE C 30 4.61 -15.47 13.79
CA ILE C 30 3.99 -14.56 14.75
C ILE C 30 3.38 -15.36 15.90
N GLN C 31 2.97 -16.60 15.61
CA GLN C 31 2.39 -17.46 16.62
C GLN C 31 3.43 -17.86 17.65
N ASP C 32 4.64 -18.17 17.16
CA ASP C 32 5.73 -18.56 18.04
C ASP C 32 6.17 -17.38 18.90
N LYS C 33 5.97 -16.17 18.39
CA LYS C 33 6.34 -14.96 19.12
C LYS C 33 5.29 -14.63 20.17
N GLU C 34 4.07 -14.35 19.72
CA GLU C 34 2.98 -14.01 20.63
C GLU C 34 2.29 -15.27 21.13
N GLY C 35 1.15 -15.60 20.51
CA GLY C 35 0.39 -16.78 20.90
C GLY C 35 -0.94 -16.83 20.17
N ILE C 36 -1.10 -16.00 19.15
CA ILE C 36 -2.34 -15.96 18.38
C ILE C 36 -2.33 -17.07 17.32
N PRO C 37 -3.37 -17.87 17.26
CA PRO C 37 -3.44 -18.97 16.25
C PRO C 37 -3.26 -18.44 14.82
N PRO C 38 -2.64 -19.21 13.96
CA PRO C 38 -2.41 -18.79 12.55
C PRO C 38 -3.70 -18.35 11.87
N ASP C 39 -4.81 -18.97 12.26
CA ASP C 39 -6.10 -18.63 11.68
C ASP C 39 -6.54 -17.22 12.11
N GLN C 40 -6.52 -16.98 13.42
CA GLN C 40 -6.92 -15.68 13.95
C GLN C 40 -5.87 -14.63 13.65
N GLN C 41 -5.26 -14.72 12.46
CA GLN C 41 -4.22 -13.77 12.07
C GLN C 41 -4.45 -13.29 10.63
N ARG C 42 -3.89 -12.14 10.31
CA ARG C 42 -4.01 -11.57 8.96
C ARG C 42 -3.08 -10.38 8.82
N LEU C 43 -2.68 -10.08 7.58
CA LEU C 43 -1.77 -8.96 7.33
C LEU C 43 -2.31 -8.05 6.23
N ILE C 44 -2.09 -6.75 6.42
CA ILE C 44 -2.52 -5.75 5.44
C ILE C 44 -1.36 -4.84 5.07
N PHE C 45 -1.19 -4.59 3.77
CA PHE C 45 -0.10 -3.73 3.31
C PHE C 45 -0.64 -2.51 2.57
N ALA C 46 -1.18 -1.56 3.32
CA ALA C 46 -1.73 -0.34 2.75
C ALA C 46 -2.77 -0.66 1.67
N GLY C 47 -4.01 -0.82 2.10
CA GLY C 47 -5.10 -1.12 1.17
C GLY C 47 -4.80 -2.37 0.34
N LYS C 48 -4.19 -3.36 0.98
CA LYS C 48 -3.86 -4.60 0.29
C LYS C 48 -3.86 -5.77 1.27
N GLN C 49 -5.01 -6.43 1.39
CA GLN C 49 -5.12 -7.58 2.28
C GLN C 49 -4.36 -8.77 1.71
N LEU C 50 -3.42 -9.29 2.49
CA LEU C 50 -2.62 -10.42 2.05
C LEU C 50 -3.35 -11.74 2.31
N GLU C 51 -3.39 -12.59 1.29
CA GLU C 51 -4.07 -13.89 1.41
C GLU C 51 -3.13 -14.91 2.06
N ASP C 52 -3.73 -15.98 2.58
CA ASP C 52 -2.94 -17.03 3.24
C ASP C 52 -2.22 -17.90 2.21
N GLY C 53 -2.75 -17.91 0.98
CA GLY C 53 -2.14 -18.70 -0.09
C GLY C 53 -1.35 -17.84 -1.06
N ARG C 54 -0.60 -16.89 -0.51
CA ARG C 54 0.23 -16.00 -1.34
C ARG C 54 1.57 -15.76 -0.68
N THR C 55 2.46 -15.05 -1.37
CA THR C 55 3.79 -14.75 -0.83
C THR C 55 3.98 -13.25 -0.67
N LEU C 56 5.01 -12.88 0.08
CA LEU C 56 5.29 -11.46 0.31
C LEU C 56 5.71 -10.77 -0.99
N SER C 57 6.09 -11.57 -1.99
CA SER C 57 6.51 -11.02 -3.27
C SER C 57 5.30 -10.64 -4.11
N ASP C 58 4.19 -11.36 -3.92
CA ASP C 58 2.97 -11.08 -4.67
C ASP C 58 2.36 -9.76 -4.22
N TYR C 59 3.12 -8.97 -3.47
CA TYR C 59 2.64 -7.69 -2.99
C TYR C 59 3.74 -6.64 -3.06
N ASN C 60 4.86 -7.00 -3.69
CA ASN C 60 5.99 -6.08 -3.81
C ASN C 60 6.44 -5.60 -2.44
N ILE C 61 6.30 -6.45 -1.43
CA ILE C 61 6.70 -6.09 -0.08
C ILE C 61 8.21 -6.24 0.09
N GLN C 62 8.93 -5.14 -0.08
CA GLN C 62 10.38 -5.15 0.06
C GLN C 62 10.78 -5.17 1.53
N LYS C 63 12.00 -4.73 1.81
CA LYS C 63 12.50 -4.70 3.17
C LYS C 63 12.00 -3.45 3.91
N GLU C 64 12.07 -3.48 5.23
CA GLU C 64 11.62 -2.36 6.04
C GLU C 64 10.17 -2.00 5.72
N SER C 65 9.35 -3.02 5.47
CA SER C 65 7.95 -2.80 5.15
C SER C 65 7.09 -2.94 6.40
N THR C 66 6.22 -1.96 6.62
CA THR C 66 5.33 -1.98 7.79
C THR C 66 4.00 -2.64 7.44
N LEU C 67 3.74 -3.80 8.03
CA LEU C 67 2.49 -4.51 7.77
C LEU C 67 1.53 -4.36 8.94
N HIS C 68 0.23 -4.39 8.65
CA HIS C 68 -0.78 -4.25 9.69
C HIS C 68 -1.31 -5.63 10.10
N LEU C 69 -1.02 -6.02 11.34
CA LEU C 69 -1.47 -7.31 11.84
C LEU C 69 -2.90 -7.20 12.39
N VAL C 70 -3.77 -8.08 11.93
CA VAL C 70 -5.16 -8.08 12.36
C VAL C 70 -5.58 -9.47 12.82
N LEU C 71 -6.59 -9.53 13.69
CA LEU C 71 -7.07 -10.81 14.20
C LEU C 71 -8.29 -11.28 13.40
N ARG C 72 -8.05 -12.16 12.44
CA ARG C 72 -9.13 -12.68 11.61
C ARG C 72 -10.30 -13.14 12.47
N LEU C 73 -11.45 -12.50 12.28
CA LEU C 73 -12.64 -12.84 13.05
C LEU C 73 -13.56 -13.76 12.23
N ARG C 74 -13.58 -15.03 12.60
CA ARG C 74 -14.42 -16.01 11.90
C ARG C 74 -15.33 -16.73 12.89
N GLY C 75 -15.60 -16.08 14.02
CA GLY C 75 -16.47 -16.66 15.03
C GLY C 75 -15.76 -17.77 15.79
N CYS C 76 -16.23 -18.06 16.99
CA CYS C 76 -15.63 -19.10 17.81
C CYS C 76 -14.12 -18.91 17.92
N GLY D 1 -14.58 16.44 21.66
CA GLY D 1 -13.32 15.97 21.09
C GLY D 1 -13.53 14.70 20.28
N THR D 2 -12.48 14.28 19.56
CA THR D 2 -12.57 13.08 18.74
C THR D 2 -12.41 11.83 19.61
N LYS D 3 -13.49 11.44 20.28
CA LYS D 3 -13.48 10.27 21.13
C LYS D 3 -13.68 9.00 20.31
N LYS D 4 -12.58 8.44 19.81
CA LYS D 4 -12.65 7.22 19.02
C LYS D 4 -13.80 7.31 18.00
N TYR D 5 -14.08 6.20 17.33
CA TYR D 5 -15.15 6.15 16.34
C TYR D 5 -16.38 5.45 16.92
N ASP D 6 -17.55 6.05 16.69
CA ASP D 6 -18.79 5.47 17.19
C ASP D 6 -19.24 4.33 16.28
N LEU D 7 -18.85 3.10 16.64
CA LEU D 7 -19.22 1.94 15.84
C LEU D 7 -20.21 1.06 16.61
N SER D 8 -21.15 1.69 17.31
CA SER D 8 -22.14 0.96 18.08
C SER D 8 -23.43 0.79 17.28
N LYS D 9 -23.33 0.94 15.96
CA LYS D 9 -24.50 0.80 15.10
C LYS D 9 -24.13 0.04 13.83
N TRP D 10 -22.89 -0.42 13.74
CA TRP D 10 -22.44 -1.15 12.57
C TRP D 10 -23.00 -2.58 12.58
N LYS D 11 -22.60 -3.36 11.58
CA LYS D 11 -23.06 -4.75 11.47
C LYS D 11 -21.88 -5.68 11.19
N TYR D 12 -22.12 -6.97 11.32
CA TYR D 12 -21.08 -7.97 11.08
C TYR D 12 -20.53 -7.84 9.67
N ALA D 13 -21.42 -7.76 8.69
CA ALA D 13 -21.01 -7.64 7.30
C ALA D 13 -20.17 -6.39 7.08
N GLU D 14 -20.64 -5.27 7.61
CA GLU D 14 -19.92 -4.01 7.46
C GLU D 14 -18.52 -4.09 8.08
N LEU D 15 -18.47 -4.48 9.35
CA LEU D 15 -17.19 -4.58 10.05
C LEU D 15 -16.26 -5.57 9.36
N ARG D 16 -16.76 -6.78 9.13
CA ARG D 16 -15.96 -7.81 8.48
C ARG D 16 -15.37 -7.29 7.17
N ASP D 17 -16.21 -6.61 6.38
CA ASP D 17 -15.76 -6.05 5.11
C ASP D 17 -14.69 -4.99 5.34
N THR D 18 -14.96 -4.08 6.27
CA THR D 18 -14.01 -3.01 6.58
C THR D 18 -12.64 -3.59 6.90
N ILE D 19 -12.63 -4.69 7.65
CA ILE D 19 -11.37 -5.34 8.02
C ILE D 19 -10.80 -6.10 6.84
N ASN D 20 -11.68 -6.60 5.97
CA ASN D 20 -11.26 -7.37 4.80
C ASN D 20 -11.08 -6.45 3.59
N THR D 21 -11.35 -5.16 3.78
CA THR D 21 -11.22 -4.20 2.69
C THR D 21 -10.43 -2.97 3.13
N SER D 22 -10.77 -2.44 4.30
CA SER D 22 -10.09 -1.24 4.80
C SER D 22 -8.70 -1.59 5.32
N CYS D 23 -7.83 -0.58 5.36
CA CYS D 23 -6.46 -0.77 5.82
C CYS D 23 -6.05 0.36 6.76
N ASP D 24 -6.33 0.19 8.05
CA ASP D 24 -5.99 1.22 9.04
C ASP D 24 -6.00 0.63 10.44
N ILE D 25 -4.82 0.29 10.93
CA ILE D 25 -4.70 -0.28 12.27
C ILE D 25 -5.67 0.39 13.24
N GLU D 26 -5.93 1.67 13.02
CA GLU D 26 -6.84 2.41 13.88
C GLU D 26 -8.26 1.89 13.74
N LEU D 27 -8.80 1.97 12.52
CA LEU D 27 -10.15 1.49 12.27
C LEU D 27 -10.21 -0.01 12.56
N LEU D 28 -9.26 -0.73 12.00
CA LEU D 28 -9.20 -2.18 12.20
C LEU D 28 -9.28 -2.51 13.69
N ALA D 29 -8.39 -1.91 14.47
CA ALA D 29 -8.37 -2.14 15.91
C ALA D 29 -9.74 -1.82 16.49
N ALA D 30 -10.30 -0.69 16.08
CA ALA D 30 -11.62 -0.30 16.57
C ALA D 30 -12.63 -1.40 16.29
N CYS D 31 -12.51 -2.00 15.10
CA CYS D 31 -13.41 -3.08 14.73
C CYS D 31 -13.29 -4.23 15.72
N ARG D 32 -12.07 -4.69 15.94
CA ARG D 32 -11.86 -5.79 16.89
C ARG D 32 -12.53 -5.47 18.22
N GLU D 33 -12.32 -4.24 18.69
CA GLU D 33 -12.91 -3.81 19.96
C GLU D 33 -14.41 -4.00 19.97
N GLU D 34 -15.11 -3.34 19.05
CA GLU D 34 -16.55 -3.44 18.98
C GLU D 34 -16.98 -4.86 18.59
N PHE D 35 -16.25 -5.45 17.66
CA PHE D 35 -16.56 -6.81 17.21
C PHE D 35 -16.45 -7.79 18.37
N HIS D 36 -15.51 -7.53 19.27
CA HIS D 36 -15.31 -8.39 20.43
C HIS D 36 -16.34 -8.07 21.52
N ARG D 37 -16.47 -6.77 21.82
CA ARG D 37 -17.42 -6.34 22.83
C ARG D 37 -18.80 -6.94 22.56
N ARG D 38 -19.18 -6.96 21.28
CA ARG D 38 -20.48 -7.51 20.90
C ARG D 38 -20.59 -8.97 21.36
N LEU D 39 -19.47 -9.68 21.33
CA LEU D 39 -19.45 -11.08 21.73
C LEU D 39 -19.44 -11.19 23.26
N LYS D 40 -18.43 -10.61 23.89
CA LYS D 40 -18.30 -10.64 25.34
C LYS D 40 -19.64 -10.26 25.98
N VAL D 41 -20.18 -9.12 25.57
CA VAL D 41 -21.45 -8.65 26.11
C VAL D 41 -22.59 -9.58 25.67
N TYR D 42 -23.76 -9.00 25.43
CA TYR D 42 -24.91 -9.79 25.00
C TYR D 42 -25.92 -8.91 24.26
N HIS D 43 -26.34 -9.36 23.09
CA HIS D 43 -27.31 -8.61 22.29
C HIS D 43 -28.07 -9.53 21.35
N GLY A 1 -10.78 26.81 -1.26
CA GLY A 1 -10.28 26.26 -0.01
C GLY A 1 -9.05 25.40 -0.25
N THR A 2 -7.87 26.01 -0.09
CA THR A 2 -6.62 25.30 -0.28
C THR A 2 -6.65 23.94 0.43
N LYS A 3 -7.04 22.90 -0.31
CA LYS A 3 -7.12 21.57 0.25
C LYS A 3 -5.76 20.89 0.20
N LYS A 4 -5.19 20.61 1.37
CA LYS A 4 -3.90 19.96 1.45
C LYS A 4 -3.75 19.19 2.76
N TYR A 5 -2.86 18.20 2.77
CA TYR A 5 -2.64 17.40 3.97
C TYR A 5 -1.41 17.89 4.73
N ASP A 6 -1.55 18.01 6.05
CA ASP A 6 -0.45 18.47 6.89
C ASP A 6 0.54 17.34 7.14
N LEU A 7 1.56 17.25 6.30
CA LEU A 7 2.58 16.21 6.44
C LEU A 7 3.78 16.73 7.22
N SER A 8 3.51 17.46 8.30
CA SER A 8 4.58 18.02 9.12
C SER A 8 5.11 16.98 10.09
N LYS A 9 4.77 15.71 9.86
CA LYS A 9 5.23 14.64 10.72
C LYS A 9 4.90 13.28 10.12
N TRP A 10 5.78 12.81 9.24
CA TRP A 10 5.59 11.52 8.59
C TRP A 10 6.87 10.71 8.63
N LYS A 11 6.75 9.39 8.40
CA LYS A 11 7.92 8.51 8.42
C LYS A 11 8.30 8.09 7.01
N TYR A 12 9.53 7.61 6.84
CA TYR A 12 10.00 7.17 5.54
C TYR A 12 9.12 6.04 5.00
N ALA A 13 8.90 5.02 5.82
CA ALA A 13 8.08 3.89 5.42
C ALA A 13 6.70 4.36 4.99
N GLU A 14 6.09 5.20 5.81
CA GLU A 14 4.75 5.71 5.52
C GLU A 14 4.72 6.37 4.15
N LEU A 15 5.56 7.38 3.95
CA LEU A 15 5.61 8.09 2.68
C LEU A 15 5.81 7.11 1.53
N ARG A 16 6.91 6.36 1.59
CA ARG A 16 7.21 5.39 0.54
C ARG A 16 6.03 4.46 0.33
N ASP A 17 5.54 3.87 1.41
CA ASP A 17 4.41 2.95 1.33
C ASP A 17 3.23 3.63 0.66
N THR A 18 2.89 4.83 1.14
CA THR A 18 1.77 5.58 0.57
C THR A 18 1.90 5.70 -0.95
N ILE A 19 3.04 6.20 -1.40
CA ILE A 19 3.28 6.36 -2.83
C ILE A 19 3.33 5.00 -3.53
N ASN A 20 3.66 3.97 -2.76
CA ASN A 20 3.75 2.61 -3.33
C ASN A 20 2.42 1.87 -3.20
N THR A 21 1.48 2.44 -2.44
CA THR A 21 0.17 1.80 -2.25
C THR A 21 -0.96 2.78 -2.52
N SER A 22 -0.60 4.04 -2.79
CA SER A 22 -1.61 5.06 -3.05
C SER A 22 -1.48 5.60 -4.47
N CYS A 23 -2.62 6.04 -5.02
CA CYS A 23 -2.65 6.57 -6.38
C CYS A 23 -3.22 7.98 -6.37
N ASP A 24 -3.22 8.59 -5.19
CA ASP A 24 -3.74 9.94 -5.02
C ASP A 24 -2.72 10.97 -5.50
N ILE A 25 -2.88 11.40 -6.75
CA ILE A 25 -1.97 12.39 -7.32
C ILE A 25 -1.67 13.48 -6.32
N GLU A 26 -2.68 13.89 -5.56
CA GLU A 26 -2.51 14.94 -4.57
C GLU A 26 -1.44 14.54 -3.56
N LEU A 27 -1.65 13.41 -2.90
CA LEU A 27 -0.69 12.92 -1.90
C LEU A 27 0.67 12.70 -2.56
N LEU A 28 0.66 12.19 -3.78
CA LEU A 28 1.90 11.94 -4.50
C LEU A 28 2.72 13.22 -4.60
N ALA A 29 2.05 14.32 -4.92
CA ALA A 29 2.73 15.61 -5.05
C ALA A 29 3.19 16.11 -3.68
N ALA A 30 2.28 16.08 -2.71
CA ALA A 30 2.61 16.54 -1.35
C ALA A 30 3.72 15.68 -0.76
N CYS A 31 3.59 14.37 -0.90
CA CYS A 31 4.59 13.46 -0.38
C CYS A 31 5.94 13.73 -1.02
N ARG A 32 5.98 13.75 -2.34
CA ARG A 32 7.22 14.01 -3.06
C ARG A 32 7.84 15.33 -2.58
N GLU A 33 6.99 16.33 -2.34
CA GLU A 33 7.48 17.63 -1.88
C GLU A 33 8.21 17.48 -0.54
N GLU A 34 7.52 16.95 0.47
CA GLU A 34 8.13 16.78 1.78
C GLU A 34 9.32 15.82 1.69
N PHE A 35 9.19 14.80 0.84
CA PHE A 35 10.26 13.83 0.69
C PHE A 35 11.51 14.51 0.14
N HIS A 36 11.32 15.45 -0.78
CA HIS A 36 12.44 16.17 -1.37
C HIS A 36 13.08 17.08 -0.33
N ARG A 37 12.25 17.84 0.39
CA ARG A 37 12.75 18.74 1.41
C ARG A 37 13.63 17.99 2.41
N ARG A 38 13.11 16.89 2.93
CA ARG A 38 13.85 16.08 3.90
C ARG A 38 15.20 15.66 3.32
N LEU A 39 15.27 15.57 2.00
CA LEU A 39 16.51 15.17 1.34
C LEU A 39 17.40 16.38 1.09
N LYS A 40 16.88 17.35 0.36
CA LYS A 40 17.63 18.57 0.05
C LYS A 40 17.81 19.42 1.30
N VAL A 41 16.73 19.60 2.05
CA VAL A 41 16.78 20.40 3.27
C VAL A 41 17.13 21.85 2.94
N TYR A 42 17.31 22.13 1.67
CA TYR A 42 17.64 23.48 1.23
C TYR A 42 16.37 24.30 1.00
N HIS A 43 15.73 24.71 2.09
CA HIS A 43 14.50 25.50 1.99
C HIS A 43 14.28 26.28 3.29
N MET B 1 0.14 1.56 -30.39
CA MET B 1 -0.90 2.08 -29.46
C MET B 1 -0.44 3.39 -28.85
N GLN B 2 -1.37 4.35 -28.73
CA GLN B 2 -1.05 5.66 -28.17
C GLN B 2 -1.64 5.79 -26.77
N ILE B 3 -0.87 6.36 -25.85
CA ILE B 3 -1.32 6.54 -24.48
C ILE B 3 -0.78 7.85 -23.90
N PHE B 4 -1.51 8.42 -22.95
CA PHE B 4 -1.09 9.66 -22.32
C PHE B 4 -0.50 9.40 -20.94
N VAL B 5 0.31 10.34 -20.45
CA VAL B 5 0.93 10.21 -19.15
C VAL B 5 1.03 11.55 -18.46
N LYS B 6 0.26 11.73 -17.39
CA LYS B 6 0.27 12.99 -16.64
C LYS B 6 1.26 12.93 -15.50
N THR B 7 2.06 13.99 -15.36
CA THR B 7 3.05 14.05 -14.30
C THR B 7 2.42 14.56 -13.02
N LEU B 8 3.18 15.31 -12.23
CA LEU B 8 2.68 15.85 -10.97
C LEU B 8 1.90 17.14 -11.21
N THR B 9 2.56 18.12 -11.82
CA THR B 9 1.92 19.40 -12.10
C THR B 9 0.71 19.21 -13.01
N GLY B 10 0.88 18.40 -14.05
CA GLY B 10 -0.22 18.14 -14.98
C GLY B 10 0.32 17.86 -16.38
N LYS B 11 1.58 18.18 -16.61
CA LYS B 11 2.20 17.96 -17.92
C LYS B 11 1.85 16.57 -18.44
N THR B 12 1.28 16.53 -19.65
CA THR B 12 0.89 15.26 -20.26
C THR B 12 1.88 14.86 -21.35
N ILE B 13 2.08 13.55 -21.51
CA ILE B 13 3.01 13.05 -22.53
C ILE B 13 2.37 11.92 -23.32
N THR B 14 2.43 12.03 -24.65
CA THR B 14 1.86 11.00 -25.52
C THR B 14 2.93 10.04 -25.99
N LEU B 15 2.76 8.75 -25.67
CA LEU B 15 3.73 7.73 -26.07
C LEU B 15 3.08 6.70 -26.98
N GLU B 16 3.77 6.35 -28.06
CA GLU B 16 3.25 5.38 -29.02
C GLU B 16 3.79 3.98 -28.68
N VAL B 17 3.18 3.34 -27.69
CA VAL B 17 3.60 2.00 -27.28
C VAL B 17 2.68 0.94 -27.86
N GLU B 18 2.80 -0.29 -27.34
CA GLU B 18 1.97 -1.39 -27.81
C GLU B 18 1.61 -2.29 -26.63
N PRO B 19 0.47 -2.95 -26.69
CA PRO B 19 0.01 -3.85 -25.60
C PRO B 19 1.11 -4.81 -25.11
N SER B 20 1.91 -5.31 -26.04
CA SER B 20 2.99 -6.24 -25.68
C SER B 20 4.23 -5.50 -25.21
N ASP B 21 4.04 -4.27 -24.73
CA ASP B 21 5.18 -3.48 -24.24
C ASP B 21 5.28 -3.60 -22.73
N THR B 22 6.50 -3.85 -22.24
CA THR B 22 6.73 -3.99 -20.81
C THR B 22 6.82 -2.63 -20.14
N ILE B 23 6.12 -2.47 -19.01
CA ILE B 23 6.14 -1.22 -18.27
C ILE B 23 7.56 -0.65 -18.23
N GLU B 24 8.52 -1.50 -17.86
CA GLU B 24 9.91 -1.08 -17.77
C GLU B 24 10.32 -0.38 -19.08
N ASN B 25 9.93 -0.96 -20.20
CA ASN B 25 10.26 -0.39 -21.50
C ASN B 25 9.66 1.01 -21.61
N VAL B 26 8.44 1.17 -21.10
CA VAL B 26 7.78 2.48 -21.14
C VAL B 26 8.58 3.49 -20.34
N LYS B 27 9.05 3.08 -19.16
CA LYS B 27 9.84 3.96 -18.31
C LYS B 27 11.06 4.46 -19.08
N ALA B 28 11.67 3.58 -19.86
CA ALA B 28 12.84 3.94 -20.64
C ALA B 28 12.47 5.00 -21.69
N LYS B 29 11.31 4.84 -22.30
CA LYS B 29 10.85 5.78 -23.31
C LYS B 29 10.70 7.17 -22.71
N ILE B 30 10.09 7.24 -21.52
CA ILE B 30 9.88 8.51 -20.84
C ILE B 30 11.23 9.16 -20.52
N GLN B 31 12.14 8.37 -19.95
CA GLN B 31 13.46 8.88 -19.60
C GLN B 31 14.12 9.51 -20.82
N ASP B 32 13.83 8.97 -21.99
CA ASP B 32 14.40 9.50 -23.23
C ASP B 32 13.74 10.82 -23.61
N LYS B 33 12.48 10.99 -23.19
CA LYS B 33 11.75 12.21 -23.49
C LYS B 33 12.16 13.33 -22.52
N GLU B 34 11.89 13.13 -21.25
CA GLU B 34 12.23 14.13 -20.24
C GLU B 34 13.68 13.96 -19.78
N GLY B 35 13.86 13.49 -18.55
CA GLY B 35 15.20 13.29 -18.02
C GLY B 35 15.14 12.49 -16.71
N ILE B 36 13.96 11.95 -16.42
CA ILE B 36 13.76 11.16 -15.21
C ILE B 36 14.28 9.74 -15.42
N PRO B 37 15.30 9.33 -14.68
CA PRO B 37 15.86 7.96 -14.83
C PRO B 37 14.83 6.89 -14.45
N PRO B 38 14.93 5.72 -15.02
CA PRO B 38 13.99 4.61 -14.72
C PRO B 38 13.78 4.41 -13.22
N ASP B 39 14.82 3.98 -12.53
CA ASP B 39 14.74 3.76 -11.10
C ASP B 39 14.00 4.90 -10.40
N GLN B 40 13.87 6.02 -11.10
CA GLN B 40 13.17 7.18 -10.56
C GLN B 40 11.85 7.41 -11.27
N GLN B 41 11.20 6.32 -11.67
CA GLN B 41 9.92 6.42 -12.38
C GLN B 41 8.92 5.42 -11.81
N ARG B 42 7.64 5.68 -12.05
CA ARG B 42 6.59 4.80 -11.56
C ARG B 42 5.27 5.11 -12.27
N LEU B 43 4.62 4.08 -12.78
CA LEU B 43 3.35 4.26 -13.49
C LEU B 43 2.18 3.74 -12.66
N ILE B 44 1.17 4.58 -12.50
CA ILE B 44 -0.02 4.20 -11.73
C ILE B 44 -1.28 4.41 -12.57
N PHE B 45 -2.07 3.34 -12.70
CA PHE B 45 -3.30 3.40 -13.49
C PHE B 45 -4.42 2.64 -12.78
N ALA B 46 -5.65 2.96 -13.14
CA ALA B 46 -6.80 2.29 -12.53
C ALA B 46 -6.65 2.23 -11.02
N GLY B 47 -5.93 3.20 -10.46
CA GLY B 47 -5.72 3.24 -9.02
C GLY B 47 -4.87 2.07 -8.55
N LYS B 48 -3.90 1.68 -9.39
CA LYS B 48 -3.02 0.56 -9.05
C LYS B 48 -1.65 0.76 -9.70
N GLN B 49 -0.60 0.47 -8.93
CA GLN B 49 0.76 0.60 -9.45
C GLN B 49 1.09 -0.54 -10.41
N LEU B 50 1.62 -0.19 -11.58
CA LEU B 50 1.96 -1.21 -12.56
C LEU B 50 3.33 -1.81 -12.27
N GLU B 51 3.43 -3.12 -12.41
CA GLU B 51 4.70 -3.82 -12.16
C GLU B 51 5.70 -3.52 -13.27
N ASP B 52 6.98 -3.72 -12.98
CA ASP B 52 8.02 -3.47 -13.96
C ASP B 52 8.26 -4.71 -14.82
N GLY B 53 7.81 -5.86 -14.34
CA GLY B 53 7.98 -7.11 -15.08
C GLY B 53 6.67 -7.57 -15.71
N ARG B 54 5.88 -6.61 -16.20
CA ARG B 54 4.60 -6.94 -16.83
C ARG B 54 4.38 -6.08 -18.06
N THR B 55 3.39 -6.44 -18.87
CA THR B 55 3.08 -5.67 -20.08
C THR B 55 1.81 -4.87 -19.91
N LEU B 56 1.63 -3.87 -20.77
CA LEU B 56 0.43 -3.02 -20.71
C LEU B 56 -0.83 -3.87 -20.83
N SER B 57 -0.80 -4.85 -21.73
CA SER B 57 -1.94 -5.73 -21.94
C SER B 57 -2.39 -6.37 -20.63
N ASP B 58 -1.42 -6.85 -19.86
CA ASP B 58 -1.72 -7.49 -18.58
C ASP B 58 -2.66 -6.63 -17.75
N TYR B 59 -2.46 -5.32 -17.81
CA TYR B 59 -3.30 -4.39 -17.05
C TYR B 59 -4.51 -3.96 -17.88
N ASN B 60 -4.80 -4.74 -18.91
CA ASN B 60 -5.95 -4.43 -19.78
C ASN B 60 -5.91 -2.96 -20.22
N ILE B 61 -4.71 -2.42 -20.33
CA ILE B 61 -4.55 -1.02 -20.74
C ILE B 61 -4.66 -0.91 -22.26
N GLN B 62 -5.77 -0.34 -22.74
CA GLN B 62 -5.99 -0.18 -24.17
C GLN B 62 -5.42 1.14 -24.66
N ARG B 63 -5.94 1.62 -25.78
CA ARG B 63 -5.48 2.88 -26.36
C ARG B 63 -6.12 4.07 -25.66
N GLU B 64 -5.49 5.24 -25.80
CA GLU B 64 -6.00 6.45 -25.17
C GLU B 64 -6.07 6.30 -23.66
N SER B 65 -5.10 5.57 -23.10
CA SER B 65 -5.06 5.36 -21.64
C SER B 65 -4.14 6.38 -20.99
N THR B 66 -4.70 7.14 -20.04
CA THR B 66 -3.92 8.16 -19.34
C THR B 66 -3.38 7.60 -18.02
N LEU B 67 -2.06 7.45 -17.95
CA LEU B 67 -1.43 6.92 -16.74
C LEU B 67 -0.85 8.05 -15.90
N HIS B 68 -0.63 7.79 -14.62
CA HIS B 68 -0.07 8.78 -13.72
C HIS B 68 1.39 8.46 -13.42
N LEU B 69 2.29 9.37 -13.79
CA LEU B 69 3.71 9.17 -13.58
C LEU B 69 4.16 9.79 -12.25
N VAL B 70 4.95 9.02 -11.49
CA VAL B 70 5.46 9.49 -10.21
C VAL B 70 6.95 9.16 -10.08
N LEU B 71 7.70 10.10 -9.52
CA LEU B 71 9.14 9.90 -9.36
C LEU B 71 9.43 8.91 -8.23
N ARG B 72 9.91 7.72 -8.60
CA ARG B 72 10.22 6.70 -7.61
C ARG B 72 11.47 7.09 -6.83
N LEU B 73 11.33 8.06 -5.93
CA LEU B 73 12.45 8.52 -5.12
C LEU B 73 13.28 7.34 -4.64
N ARG B 74 14.49 7.63 -4.16
CA ARG B 74 15.39 6.59 -3.69
C ARG B 74 14.88 6.02 -2.36
N GLY B 75 14.73 4.70 -2.31
CA GLY B 75 14.25 4.05 -1.09
C GLY B 75 14.15 2.54 -1.29
N GLY B 76 14.16 1.80 -0.18
CA GLY B 76 14.07 0.35 -0.24
C GLY B 76 14.56 -0.28 1.05
N MET C 1 15.28 -9.83 4.01
CA MET C 1 15.02 -8.42 4.41
C MET C 1 14.20 -8.40 5.70
N GLN C 2 14.44 -7.39 6.54
CA GLN C 2 13.73 -7.27 7.79
C GLN C 2 12.46 -6.43 7.62
N ILE C 3 11.30 -7.07 7.82
CA ILE C 3 10.03 -6.37 7.67
C ILE C 3 9.42 -6.08 9.04
N PHE C 4 8.66 -4.99 9.13
CA PHE C 4 8.02 -4.60 10.38
C PHE C 4 6.55 -5.01 10.39
N VAL C 5 6.07 -5.43 11.55
CA VAL C 5 4.67 -5.86 11.68
C VAL C 5 4.02 -5.19 12.90
N LYS C 6 3.04 -4.33 12.65
CA LYS C 6 2.36 -3.63 13.73
C LYS C 6 1.05 -4.34 14.10
N THR C 7 0.85 -4.57 15.38
CA THR C 7 -0.36 -5.23 15.85
C THR C 7 -1.48 -4.22 16.09
N LEU C 8 -2.42 -4.57 16.96
CA LEU C 8 -3.53 -3.67 17.27
C LEU C 8 -3.08 -2.57 18.21
N THR C 9 -2.46 -2.96 19.32
CA THR C 9 -1.99 -1.99 20.30
C THR C 9 -0.86 -1.14 19.72
N GLY C 10 -0.49 -1.43 18.47
CA GLY C 10 0.58 -0.69 17.80
C GLY C 10 1.94 -1.31 18.12
N LYS C 11 1.95 -2.60 18.41
CA LYS C 11 3.20 -3.29 18.73
C LYS C 11 3.92 -3.69 17.45
N THR C 12 5.09 -3.08 17.22
CA THR C 12 5.87 -3.38 16.03
C THR C 12 6.76 -4.60 16.26
N ILE C 13 7.03 -5.35 15.19
CA ILE C 13 7.87 -6.53 15.29
C ILE C 13 8.73 -6.69 14.04
N THR C 14 10.03 -6.85 14.24
CA THR C 14 10.96 -7.01 13.12
C THR C 14 11.18 -8.48 12.83
N LEU C 15 10.77 -8.91 11.63
CA LEU C 15 10.92 -10.31 11.24
C LEU C 15 11.76 -10.44 9.97
N GLU C 16 12.77 -11.28 10.01
CA GLU C 16 13.64 -11.49 8.86
C GLU C 16 12.97 -12.43 7.86
N VAL C 17 12.79 -11.95 6.63
CA VAL C 17 12.15 -12.76 5.59
C VAL C 17 12.73 -12.43 4.22
N GLU C 18 12.26 -13.16 3.21
CA GLU C 18 12.73 -12.94 1.83
C GLU C 18 11.53 -12.84 0.89
N PRO C 19 11.66 -12.10 -0.19
CA PRO C 19 10.56 -11.93 -1.17
C PRO C 19 9.88 -13.25 -1.53
N SER C 20 10.62 -14.36 -1.41
CA SER C 20 10.07 -15.67 -1.74
C SER C 20 9.41 -16.31 -0.52
N ASP C 21 9.23 -15.54 0.54
CA ASP C 21 8.61 -16.06 1.76
C ASP C 21 7.10 -16.03 1.62
N THR C 22 6.45 -17.13 2.01
CA THR C 22 5.00 -17.22 1.93
C THR C 22 4.35 -16.57 3.15
N ILE C 23 3.29 -15.81 2.92
CA ILE C 23 2.57 -15.15 4.01
C ILE C 23 2.35 -16.12 5.16
N GLU C 24 1.90 -17.33 4.84
CA GLU C 24 1.67 -18.34 5.86
C GLU C 24 2.93 -18.56 6.69
N ASN C 25 4.09 -18.46 6.03
CA ASN C 25 5.36 -18.64 6.73
C ASN C 25 5.56 -17.53 7.74
N VAL C 26 5.37 -16.29 7.29
CA VAL C 26 5.52 -15.14 8.17
C VAL C 26 4.62 -15.29 9.39
N LYS C 27 3.33 -15.47 9.15
CA LYS C 27 2.37 -15.65 10.23
C LYS C 27 2.89 -16.67 11.23
N ALA C 28 3.56 -17.69 10.72
CA ALA C 28 4.12 -18.73 11.57
C ALA C 28 5.17 -18.13 12.51
N LYS C 29 6.04 -17.29 11.95
CA LYS C 29 7.08 -16.65 12.74
C LYS C 29 6.45 -15.82 13.85
N ILE C 30 5.31 -15.21 13.56
CA ILE C 30 4.61 -14.38 14.54
C ILE C 30 4.02 -15.26 15.64
N GLN C 31 3.64 -16.47 15.28
CA GLN C 31 3.05 -17.40 16.24
C GLN C 31 4.12 -17.89 17.21
N ASP C 32 5.37 -17.91 16.74
CA ASP C 32 6.48 -18.36 17.58
C ASP C 32 6.93 -17.24 18.52
N LYS C 33 6.80 -16.00 18.06
CA LYS C 33 7.19 -14.85 18.86
C LYS C 33 6.11 -14.50 19.88
N GLU C 34 4.90 -14.23 19.39
CA GLU C 34 3.79 -13.87 20.26
C GLU C 34 3.05 -15.13 20.71
N GLY C 35 1.93 -15.41 20.06
CA GLY C 35 1.13 -16.59 20.39
C GLY C 35 -0.15 -16.62 19.59
N ILE C 36 -0.27 -15.72 18.62
CA ILE C 36 -1.46 -15.67 17.77
C ILE C 36 -1.39 -16.74 16.68
N PRO C 37 -2.29 -17.70 16.68
CA PRO C 37 -2.28 -18.77 15.65
C PRO C 37 -2.42 -18.20 14.23
N PRO C 38 -1.84 -18.86 13.26
CA PRO C 38 -1.90 -18.40 11.84
C PRO C 38 -3.33 -18.09 11.40
N ASP C 39 -4.28 -18.92 11.83
CA ASP C 39 -5.67 -18.72 11.48
C ASP C 39 -6.21 -17.42 12.05
N GLN C 40 -5.82 -17.13 13.29
CA GLN C 40 -6.27 -15.91 13.95
C GLN C 40 -5.39 -14.72 13.55
N GLN C 41 -4.99 -14.68 12.29
CA GLN C 41 -4.15 -13.59 11.79
C GLN C 41 -4.65 -13.08 10.45
N ARG C 42 -4.36 -11.83 10.15
CA ARG C 42 -4.79 -11.21 8.90
C ARG C 42 -3.87 -10.05 8.55
N LEU C 43 -2.88 -10.31 7.72
CA LEU C 43 -1.94 -9.27 7.32
C LEU C 43 -2.55 -8.34 6.28
N ILE C 44 -2.39 -7.04 6.52
CA ILE C 44 -2.92 -6.03 5.61
C ILE C 44 -1.88 -4.93 5.37
N PHE C 45 -1.46 -4.78 4.11
CA PHE C 45 -0.46 -3.78 3.76
C PHE C 45 -1.10 -2.63 2.98
N ALA C 46 -1.85 -1.79 3.69
CA ALA C 46 -2.51 -0.66 3.07
C ALA C 46 -3.64 -1.14 2.15
N GLY C 47 -4.83 -1.30 2.71
CA GLY C 47 -5.98 -1.75 1.94
C GLY C 47 -5.61 -2.92 1.04
N LYS C 48 -4.65 -3.73 1.48
CA LYS C 48 -4.21 -4.88 0.71
C LYS C 48 -4.09 -6.11 1.61
N GLN C 49 -5.15 -6.91 1.65
CA GLN C 49 -5.15 -8.12 2.46
C GLN C 49 -4.30 -9.20 1.80
N LEU C 50 -3.26 -9.64 2.51
CA LEU C 50 -2.38 -10.67 1.98
C LEU C 50 -2.97 -12.07 2.17
N GLU C 51 -2.90 -12.87 1.13
CA GLU C 51 -3.44 -14.23 1.18
C GLU C 51 -2.43 -15.17 1.84
N ASP C 52 -2.91 -16.32 2.30
CA ASP C 52 -2.05 -17.30 2.95
C ASP C 52 -1.28 -18.12 1.92
N GLY C 53 -1.81 -18.19 0.70
CA GLY C 53 -1.17 -18.95 -0.37
C GLY C 53 -0.44 -18.04 -1.34
N ARG C 54 0.25 -17.03 -0.80
CA ARG C 54 1.00 -16.09 -1.63
C ARG C 54 2.33 -15.76 -0.99
N THR C 55 3.15 -14.97 -1.68
CA THR C 55 4.46 -14.58 -1.15
C THR C 55 4.54 -13.07 -0.98
N LEU C 56 5.55 -12.62 -0.24
CA LEU C 56 5.74 -11.19 0.00
C LEU C 56 5.99 -10.45 -1.31
N SER C 57 6.70 -11.10 -2.22
CA SER C 57 7.02 -10.49 -3.51
C SER C 57 5.75 -10.28 -4.33
N ASP C 58 4.76 -11.16 -4.13
CA ASP C 58 3.51 -11.06 -4.86
C ASP C 58 2.71 -9.84 -4.40
N TYR C 59 3.35 -8.98 -3.61
CA TYR C 59 2.69 -7.78 -3.11
C TYR C 59 3.64 -6.59 -3.13
N ASN C 60 4.75 -6.75 -3.85
CA ASN C 60 5.74 -5.68 -3.95
C ASN C 60 6.20 -5.24 -2.56
N ILE C 61 6.12 -6.15 -1.60
CA ILE C 61 6.54 -5.84 -0.23
C ILE C 61 8.05 -5.88 -0.12
N GLN C 62 8.67 -4.71 -0.09
CA GLN C 62 10.13 -4.61 0.02
C GLN C 62 10.57 -4.77 1.48
N LYS C 63 11.76 -4.27 1.78
CA LYS C 63 12.29 -4.36 3.14
C LYS C 63 11.77 -3.21 4.00
N GLU C 64 11.80 -3.40 5.31
CA GLU C 64 11.33 -2.38 6.24
C GLU C 64 9.88 -2.01 5.94
N SER C 65 9.12 -2.96 5.41
CA SER C 65 7.72 -2.72 5.09
C SER C 65 6.85 -2.83 6.34
N THR C 66 6.00 -1.84 6.54
CA THR C 66 5.11 -1.85 7.71
C THR C 66 3.82 -2.60 7.40
N LEU C 67 3.62 -3.73 8.06
CA LEU C 67 2.43 -4.54 7.85
C LEU C 67 1.42 -4.30 8.98
N HIS C 68 0.14 -4.52 8.68
CA HIS C 68 -0.91 -4.33 9.67
C HIS C 68 -1.56 -5.67 10.02
N LEU C 69 -1.15 -6.23 11.15
CA LEU C 69 -1.68 -7.52 11.60
C LEU C 69 -3.04 -7.34 12.28
N VAL C 70 -4.05 -8.05 11.78
CA VAL C 70 -5.38 -7.96 12.34
C VAL C 70 -5.81 -9.31 12.93
N LEU C 71 -6.62 -9.26 13.97
CA LEU C 71 -7.10 -10.47 14.63
C LEU C 71 -8.34 -11.00 13.90
N ARG C 72 -8.12 -11.96 12.99
CA ARG C 72 -9.21 -12.53 12.23
C ARG C 72 -10.33 -12.98 13.16
N LEU C 73 -11.57 -12.70 12.77
CA LEU C 73 -12.73 -13.08 13.58
C LEU C 73 -13.61 -14.08 12.82
N ARG C 74 -14.58 -14.65 13.53
CA ARG C 74 -15.49 -15.62 12.91
C ARG C 74 -16.67 -15.89 13.82
N GLY C 75 -17.87 -15.87 13.26
CA GLY C 75 -19.08 -16.13 14.03
C GLY C 75 -19.30 -17.63 14.23
N CYS C 76 -20.57 -18.03 14.25
CA CYS C 76 -20.90 -19.44 14.43
C CYS C 76 -20.61 -20.23 13.15
N GLY D 1 -6.75 12.07 18.22
CA GLY D 1 -7.52 13.29 18.39
C GLY D 1 -8.94 12.97 18.85
N THR D 2 -9.76 14.01 19.00
CA THR D 2 -11.14 13.83 19.45
C THR D 2 -12.05 13.60 18.25
N LYS D 3 -12.18 12.34 17.84
CA LYS D 3 -13.03 12.00 16.70
C LYS D 3 -13.15 10.47 16.56
N LYS D 4 -13.52 9.81 17.65
CA LYS D 4 -13.67 8.36 17.63
C LYS D 4 -14.85 7.96 16.76
N TYR D 5 -14.93 6.68 16.44
CA TYR D 5 -16.02 6.16 15.61
C TYR D 5 -17.13 5.59 16.48
N ASP D 6 -18.33 6.13 16.34
CA ASP D 6 -19.47 5.67 17.12
C ASP D 6 -20.05 4.40 16.51
N LEU D 7 -19.58 3.26 16.99
CA LEU D 7 -20.07 1.97 16.48
C LEU D 7 -21.14 1.40 17.40
N SER D 8 -22.07 2.25 17.82
CA SER D 8 -23.15 1.82 18.70
C SER D 8 -24.27 1.17 17.91
N LYS D 9 -24.01 0.86 16.64
CA LYS D 9 -25.01 0.23 15.80
C LYS D 9 -24.42 -0.15 14.44
N TRP D 10 -23.84 -1.35 14.38
CA TRP D 10 -23.24 -1.84 13.14
C TRP D 10 -23.73 -3.24 12.83
N LYS D 11 -23.50 -3.70 11.60
CA LYS D 11 -23.94 -5.02 11.18
C LYS D 11 -22.75 -5.98 11.10
N TYR D 12 -23.05 -7.28 11.07
CA TYR D 12 -22.00 -8.29 10.99
C TYR D 12 -21.22 -8.16 9.68
N ALA D 13 -21.95 -8.09 8.57
CA ALA D 13 -21.32 -7.96 7.26
C ALA D 13 -20.49 -6.69 7.19
N GLU D 14 -21.01 -5.61 7.76
CA GLU D 14 -20.30 -4.33 7.75
C GLU D 14 -18.97 -4.44 8.48
N LEU D 15 -19.03 -4.89 9.73
CA LEU D 15 -17.81 -5.03 10.52
C LEU D 15 -16.81 -5.94 9.80
N ARG D 16 -17.22 -7.18 9.55
CA ARG D 16 -16.36 -8.14 8.88
C ARG D 16 -15.83 -7.56 7.57
N ASP D 17 -16.74 -7.07 6.74
CA ASP D 17 -16.35 -6.49 5.46
C ASP D 17 -15.35 -5.35 5.67
N THR D 18 -15.68 -4.43 6.58
CA THR D 18 -14.81 -3.30 6.86
C THR D 18 -13.39 -3.77 7.14
N ILE D 19 -13.26 -4.76 8.02
CA ILE D 19 -11.95 -5.30 8.36
C ILE D 19 -11.34 -6.06 7.17
N ASN D 20 -12.20 -6.69 6.39
CA ASN D 20 -11.74 -7.46 5.24
C ASN D 20 -11.61 -6.57 4.00
N THR D 21 -11.99 -5.30 4.15
CA THR D 21 -11.90 -4.36 3.02
C THR D 21 -11.13 -3.11 3.42
N SER D 22 -10.96 -2.91 4.72
CA SER D 22 -10.24 -1.74 5.22
C SER D 22 -8.90 -2.14 5.82
N CYS D 23 -8.11 -1.13 6.21
CA CYS D 23 -6.81 -1.37 6.80
C CYS D 23 -6.54 -0.36 7.90
N ASP D 24 -7.57 0.38 8.27
CA ASP D 24 -7.46 1.40 9.30
C ASP D 24 -7.31 0.75 10.67
N ILE D 25 -6.06 0.54 11.08
CA ILE D 25 -5.77 -0.08 12.36
C ILE D 25 -6.75 0.42 13.43
N GLU D 26 -7.05 1.70 13.40
CA GLU D 26 -7.98 2.29 14.37
C GLU D 26 -9.32 1.55 14.31
N LEU D 27 -9.93 1.53 13.13
CA LEU D 27 -11.21 0.85 12.96
C LEU D 27 -11.07 -0.62 13.32
N LEU D 28 -9.98 -1.24 12.87
CA LEU D 28 -9.72 -2.64 13.17
C LEU D 28 -9.84 -2.91 14.66
N ALA D 29 -9.26 -2.02 15.46
CA ALA D 29 -9.30 -2.18 16.91
C ALA D 29 -10.73 -1.97 17.42
N ALA D 30 -11.36 -0.88 16.99
CA ALA D 30 -12.72 -0.59 17.42
C ALA D 30 -13.67 -1.71 17.00
N CYS D 31 -13.53 -2.16 15.76
CA CYS D 31 -14.37 -3.24 15.26
C CYS D 31 -14.20 -4.49 16.11
N ARG D 32 -12.95 -4.92 16.28
CA ARG D 32 -12.66 -6.10 17.09
C ARG D 32 -13.32 -5.97 18.47
N GLU D 33 -13.22 -4.78 19.05
CA GLU D 33 -13.79 -4.54 20.37
C GLU D 33 -15.30 -4.81 20.36
N GLU D 34 -16.02 -4.13 19.47
CA GLU D 34 -17.46 -4.32 19.39
C GLU D 34 -17.81 -5.71 18.85
N PHE D 35 -16.98 -6.19 17.93
CA PHE D 35 -17.22 -7.51 17.34
C PHE D 35 -17.25 -8.58 18.41
N HIS D 36 -16.32 -8.48 19.37
CA HIS D 36 -16.26 -9.45 20.46
C HIS D 36 -17.36 -9.18 21.48
N ARG D 37 -17.44 -7.94 21.95
CA ARG D 37 -18.45 -7.56 22.92
C ARG D 37 -19.82 -8.09 22.50
N ARG D 38 -20.11 -8.00 21.20
CA ARG D 38 -21.39 -8.48 20.68
C ARG D 38 -21.55 -9.96 20.93
N LEU D 39 -20.44 -10.70 20.84
CA LEU D 39 -20.46 -12.14 21.05
C LEU D 39 -20.36 -12.45 22.54
N LYS D 40 -19.74 -11.56 23.30
CA LYS D 40 -19.57 -11.75 24.73
C LYS D 40 -20.86 -11.40 25.47
N VAL D 41 -21.32 -10.17 25.29
CA VAL D 41 -22.55 -9.71 25.93
C VAL D 41 -23.77 -10.21 25.17
N TYR D 42 -24.45 -11.21 25.74
CA TYR D 42 -25.64 -11.77 25.10
C TYR D 42 -26.85 -10.88 25.36
N HIS D 43 -26.90 -9.74 24.68
CA HIS D 43 -28.01 -8.81 24.84
C HIS D 43 -29.23 -9.28 24.04
N GLY A 1 -8.47 27.56 4.63
CA GLY A 1 -8.47 26.43 5.55
C GLY A 1 -8.36 25.12 4.79
N THR A 2 -9.51 24.53 4.45
CA THR A 2 -9.53 23.27 3.73
C THR A 2 -8.74 23.39 2.42
N LYS A 3 -7.45 23.11 2.49
CA LYS A 3 -6.60 23.19 1.31
C LYS A 3 -5.45 22.19 1.40
N LYS A 4 -5.26 21.43 0.33
CA LYS A 4 -4.19 20.43 0.31
C LYS A 4 -4.14 19.65 1.61
N TYR A 5 -3.12 18.82 1.77
CA TYR A 5 -2.96 18.02 2.99
C TYR A 5 -1.75 18.48 3.79
N ASP A 6 -1.95 18.67 5.09
CA ASP A 6 -0.86 19.12 5.96
C ASP A 6 0.04 17.94 6.32
N LEU A 7 1.10 17.76 5.53
CA LEU A 7 2.05 16.67 5.78
C LEU A 7 3.21 17.16 6.63
N SER A 8 2.90 17.91 7.68
CA SER A 8 3.93 18.43 8.57
C SER A 8 4.32 17.40 9.62
N LYS A 9 3.63 16.26 9.61
CA LYS A 9 3.93 15.20 10.56
C LYS A 9 3.67 13.83 9.95
N TRP A 10 4.59 13.38 9.10
CA TRP A 10 4.46 12.08 8.44
C TRP A 10 5.75 11.27 8.64
N LYS A 11 5.64 9.96 8.39
CA LYS A 11 6.79 9.07 8.54
C LYS A 11 7.31 8.64 7.18
N TYR A 12 8.51 8.05 7.16
CA TYR A 12 9.12 7.59 5.93
C TYR A 12 8.31 6.45 5.32
N ALA A 13 7.97 5.47 6.15
CA ALA A 13 7.19 4.33 5.68
C ALA A 13 5.82 4.77 5.18
N GLU A 14 5.27 5.81 5.80
CA GLU A 14 3.96 6.32 5.42
C GLU A 14 4.03 6.97 4.04
N LEU A 15 4.93 7.94 3.89
CA LEU A 15 5.07 8.63 2.61
C LEU A 15 5.37 7.64 1.49
N ARG A 16 6.44 6.87 1.67
CA ARG A 16 6.81 5.88 0.67
C ARG A 16 5.64 4.97 0.35
N ASP A 17 5.07 4.37 1.38
CA ASP A 17 3.92 3.48 1.20
C ASP A 17 2.82 4.18 0.41
N THR A 18 2.46 5.37 0.85
CA THR A 18 1.41 6.14 0.18
C THR A 18 1.69 6.22 -1.32
N ILE A 19 2.90 6.60 -1.67
CA ILE A 19 3.27 6.73 -3.08
C ILE A 19 3.30 5.35 -3.74
N ASN A 20 3.52 4.32 -2.95
CA ASN A 20 3.57 2.96 -3.47
C ASN A 20 2.25 2.22 -3.23
N THR A 21 1.28 2.90 -2.63
CA THR A 21 0.00 2.29 -2.34
C THR A 21 -1.15 3.23 -2.70
N SER A 22 -0.82 4.47 -3.07
CA SER A 22 -1.83 5.46 -3.43
C SER A 22 -1.75 5.79 -4.92
N CYS A 23 -2.77 6.51 -5.40
CA CYS A 23 -2.82 6.89 -6.80
C CYS A 23 -3.42 8.30 -6.94
N ASP A 24 -3.10 9.16 -5.99
CA ASP A 24 -3.61 10.53 -6.00
C ASP A 24 -2.51 11.52 -6.36
N ILE A 25 -2.47 11.92 -7.62
CA ILE A 25 -1.46 12.86 -8.09
C ILE A 25 -1.25 13.97 -7.05
N GLU A 26 -2.34 14.39 -6.40
CA GLU A 26 -2.26 15.43 -5.40
C GLU A 26 -1.33 15.00 -4.27
N LEU A 27 -1.62 13.84 -3.68
CA LEU A 27 -0.80 13.32 -2.59
C LEU A 27 0.62 13.07 -3.09
N LEU A 28 0.74 12.42 -4.25
CA LEU A 28 2.04 12.11 -4.82
C LEU A 28 2.88 13.38 -4.93
N ALA A 29 2.27 14.45 -5.40
CA ALA A 29 2.98 15.73 -5.54
C ALA A 29 3.37 16.27 -4.17
N ALA A 30 2.42 16.30 -3.25
CA ALA A 30 2.68 16.80 -1.91
C ALA A 30 3.76 15.95 -1.23
N CYS A 31 3.66 14.64 -1.39
CA CYS A 31 4.64 13.74 -0.80
C CYS A 31 6.04 14.05 -1.33
N ARG A 32 6.17 14.08 -2.65
CA ARG A 32 7.47 14.38 -3.27
C ARG A 32 8.02 15.70 -2.74
N GLU A 33 7.13 16.68 -2.61
CA GLU A 33 7.53 18.00 -2.12
C GLU A 33 8.17 17.90 -0.75
N GLU A 34 7.44 17.32 0.21
CA GLU A 34 7.95 17.18 1.56
C GLU A 34 9.13 16.20 1.60
N PHE A 35 9.02 15.14 0.81
CA PHE A 35 10.08 14.13 0.76
C PHE A 35 11.39 14.76 0.32
N HIS A 36 11.31 15.74 -0.57
CA HIS A 36 12.50 16.42 -1.07
C HIS A 36 12.94 17.51 -0.10
N ARG A 37 11.99 18.35 0.28
CA ARG A 37 12.27 19.44 1.21
C ARG A 37 13.01 18.90 2.43
N ARG A 38 12.63 17.72 2.89
CA ARG A 38 13.26 17.11 4.06
C ARG A 38 14.73 16.82 3.79
N LEU A 39 15.10 16.84 2.51
CA LEU A 39 16.48 16.57 2.12
C LEU A 39 17.18 17.86 1.70
N LYS A 40 16.40 18.85 1.29
CA LYS A 40 16.95 20.13 0.86
C LYS A 40 17.32 20.99 2.07
N VAL A 41 16.55 20.85 3.14
CA VAL A 41 16.80 21.62 4.36
C VAL A 41 18.29 21.66 4.68
N TYR A 42 18.97 22.67 4.15
CA TYR A 42 20.42 22.81 4.37
C TYR A 42 21.11 21.45 4.32
N HIS A 43 21.04 20.82 3.14
CA HIS A 43 21.67 19.52 2.97
C HIS A 43 23.10 19.53 3.48
N MET B 1 -0.51 2.36 -30.76
CA MET B 1 -1.34 2.86 -29.63
C MET B 1 -1.03 4.33 -29.39
N GLN B 2 -1.57 4.89 -28.31
CA GLN B 2 -1.34 6.28 -27.97
C GLN B 2 -1.82 6.59 -26.55
N ILE B 3 -0.94 6.37 -25.58
CA ILE B 3 -1.29 6.62 -24.19
C ILE B 3 -0.72 7.95 -23.71
N PHE B 4 -1.37 8.54 -22.72
CA PHE B 4 -0.93 9.84 -22.17
C PHE B 4 -0.37 9.64 -20.77
N VAL B 5 0.89 10.05 -20.58
CA VAL B 5 1.54 9.93 -19.28
C VAL B 5 1.70 11.30 -18.63
N LYS B 6 0.90 11.58 -17.61
CA LYS B 6 0.97 12.86 -16.93
C LYS B 6 1.92 12.79 -15.74
N THR B 7 2.70 13.86 -15.57
CA THR B 7 3.66 13.92 -14.46
C THR B 7 3.01 14.55 -13.23
N LEU B 8 3.81 15.28 -12.45
CA LEU B 8 3.30 15.93 -11.25
C LEU B 8 2.63 17.25 -11.60
N THR B 9 3.42 18.17 -12.17
CA THR B 9 2.90 19.48 -12.55
C THR B 9 1.71 19.33 -13.49
N GLY B 10 1.85 18.47 -14.49
CA GLY B 10 0.77 18.24 -15.44
C GLY B 10 1.35 17.85 -16.81
N LYS B 11 2.66 17.90 -16.93
CA LYS B 11 3.31 17.55 -18.19
C LYS B 11 2.74 16.25 -18.74
N THR B 12 2.05 16.34 -19.86
CA THR B 12 1.44 15.17 -20.49
C THR B 12 2.30 14.69 -21.67
N ILE B 13 2.84 13.47 -21.54
CA ILE B 13 3.67 12.91 -22.60
C ILE B 13 2.91 11.83 -23.35
N THR B 14 2.92 11.91 -24.68
CA THR B 14 2.23 10.94 -25.52
C THR B 14 3.16 9.78 -25.86
N LEU B 15 3.02 8.68 -25.14
CA LEU B 15 3.85 7.50 -25.38
C LEU B 15 3.14 6.51 -26.31
N GLU B 16 3.84 6.07 -27.35
CA GLU B 16 3.27 5.12 -28.30
C GLU B 16 3.79 3.71 -28.00
N VAL B 17 2.98 2.93 -27.28
CA VAL B 17 3.37 1.57 -26.92
C VAL B 17 2.35 0.56 -27.42
N GLU B 18 2.40 -0.65 -26.86
CA GLU B 18 1.47 -1.71 -27.25
C GLU B 18 1.11 -2.55 -26.03
N PRO B 19 -0.07 -3.11 -26.00
CA PRO B 19 -0.54 -3.95 -24.87
C PRO B 19 0.51 -4.97 -24.41
N SER B 20 1.19 -5.58 -25.38
CA SER B 20 2.19 -6.60 -25.06
C SER B 20 3.53 -5.96 -24.68
N ASP B 21 3.49 -4.71 -24.24
CA ASP B 21 4.70 -4.02 -23.83
C ASP B 21 4.88 -4.08 -22.32
N THR B 22 6.10 -4.37 -21.89
CA THR B 22 6.39 -4.47 -20.46
C THR B 22 6.59 -3.09 -19.85
N ILE B 23 5.95 -2.87 -18.70
CA ILE B 23 6.07 -1.59 -18.01
C ILE B 23 7.52 -1.11 -18.01
N GLU B 24 8.42 -1.99 -17.59
CA GLU B 24 9.84 -1.64 -17.55
C GLU B 24 10.26 -1.02 -18.88
N ASN B 25 9.79 -1.60 -19.98
CA ASN B 25 10.12 -1.08 -21.30
C ASN B 25 9.61 0.34 -21.45
N VAL B 26 8.42 0.60 -20.92
CA VAL B 26 7.84 1.93 -21.00
C VAL B 26 8.72 2.93 -20.25
N LYS B 27 9.08 2.59 -19.02
CA LYS B 27 9.93 3.45 -18.21
C LYS B 27 11.18 3.84 -18.99
N ALA B 28 11.73 2.88 -19.73
CA ALA B 28 12.92 3.14 -20.53
C ALA B 28 12.63 4.18 -21.59
N LYS B 29 11.48 4.05 -22.25
CA LYS B 29 11.10 4.99 -23.29
C LYS B 29 11.05 6.41 -22.73
N ILE B 30 10.47 6.55 -21.54
CA ILE B 30 10.37 7.86 -20.91
C ILE B 30 11.76 8.41 -20.60
N GLN B 31 12.63 7.55 -20.10
CA GLN B 31 14.00 7.95 -19.78
C GLN B 31 14.68 8.51 -21.02
N ASP B 32 14.26 8.04 -22.18
CA ASP B 32 14.85 8.50 -23.43
C ASP B 32 14.25 9.85 -23.84
N LYS B 33 13.02 10.10 -23.38
CA LYS B 33 12.36 11.36 -23.70
C LYS B 33 12.85 12.48 -22.78
N GLU B 34 12.63 12.32 -21.48
CA GLU B 34 13.06 13.32 -20.51
C GLU B 34 14.47 13.03 -20.02
N GLY B 35 14.59 12.54 -18.79
CA GLY B 35 15.88 12.22 -18.22
C GLY B 35 15.72 11.49 -16.88
N ILE B 36 14.51 10.97 -16.65
CA ILE B 36 14.22 10.25 -15.41
C ILE B 36 14.58 8.77 -15.56
N PRO B 37 15.56 8.28 -14.83
CA PRO B 37 15.95 6.85 -14.92
C PRO B 37 14.82 5.93 -14.42
N PRO B 38 14.75 4.74 -14.94
CA PRO B 38 13.70 3.75 -14.53
C PRO B 38 13.59 3.64 -13.02
N ASP B 39 14.68 3.23 -12.37
CA ASP B 39 14.69 3.07 -10.93
C ASP B 39 14.01 4.25 -10.25
N GLN B 40 14.01 5.40 -10.92
CA GLN B 40 13.40 6.60 -10.37
C GLN B 40 12.08 6.90 -11.07
N GLN B 41 11.36 5.85 -11.46
CA GLN B 41 10.07 6.01 -12.15
C GLN B 41 9.03 5.07 -11.56
N ARG B 42 7.77 5.38 -11.81
CA ARG B 42 6.67 4.56 -11.30
C ARG B 42 5.36 4.94 -11.99
N LEU B 43 4.80 3.98 -12.73
CA LEU B 43 3.55 4.22 -13.45
C LEU B 43 2.35 3.73 -12.65
N ILE B 44 1.33 4.58 -12.53
CA ILE B 44 0.12 4.23 -11.81
C ILE B 44 -1.11 4.39 -12.71
N PHE B 45 -1.99 3.41 -12.68
CA PHE B 45 -3.20 3.45 -13.49
C PHE B 45 -4.32 2.65 -12.85
N ALA B 46 -5.56 3.06 -13.11
CA ALA B 46 -6.73 2.36 -12.56
C ALA B 46 -6.67 2.33 -11.04
N GLY B 47 -5.92 3.27 -10.45
CA GLY B 47 -5.80 3.33 -9.00
C GLY B 47 -4.92 2.21 -8.47
N LYS B 48 -3.98 1.75 -9.29
CA LYS B 48 -3.07 0.68 -8.89
C LYS B 48 -1.69 0.88 -9.51
N GLN B 49 -0.67 0.44 -8.79
CA GLN B 49 0.71 0.56 -9.28
C GLN B 49 1.01 -0.53 -10.30
N LEU B 50 1.65 -0.14 -11.40
CA LEU B 50 1.99 -1.11 -12.44
C LEU B 50 3.34 -1.75 -12.16
N GLU B 51 3.33 -3.07 -11.99
CA GLU B 51 4.56 -3.80 -11.72
C GLU B 51 5.56 -3.61 -12.85
N ASP B 52 6.83 -3.86 -12.57
CA ASP B 52 7.88 -3.72 -13.58
C ASP B 52 8.01 -5.00 -14.41
N GLY B 53 7.61 -6.12 -13.84
CA GLY B 53 7.70 -7.41 -14.53
C GLY B 53 6.34 -7.81 -15.11
N ARG B 54 5.60 -6.84 -15.62
CA ARG B 54 4.29 -7.11 -16.21
C ARG B 54 4.10 -6.27 -17.48
N THR B 55 3.00 -6.51 -18.18
CA THR B 55 2.71 -5.77 -19.40
C THR B 55 1.51 -4.85 -19.21
N LEU B 56 1.31 -3.93 -20.15
CA LEU B 56 0.20 -2.99 -20.05
C LEU B 56 -1.14 -3.74 -20.11
N SER B 57 -1.19 -4.78 -20.94
CA SER B 57 -2.40 -5.57 -21.09
C SER B 57 -2.86 -6.11 -19.74
N ASP B 58 -1.90 -6.38 -18.85
CA ASP B 58 -2.23 -6.90 -17.53
C ASP B 58 -2.93 -5.84 -16.69
N TYR B 59 -3.34 -4.75 -17.34
CA TYR B 59 -4.03 -3.67 -16.63
C TYR B 59 -5.15 -3.11 -17.49
N ASN B 60 -5.38 -3.72 -18.65
CA ASN B 60 -6.43 -3.29 -19.55
C ASN B 60 -6.24 -1.82 -19.92
N ILE B 61 -4.99 -1.40 -20.03
CA ILE B 61 -4.69 -0.02 -20.39
C ILE B 61 -4.84 0.20 -21.89
N GLN B 62 -6.00 0.72 -22.29
CA GLN B 62 -6.25 0.97 -23.70
C GLN B 62 -5.59 2.26 -24.15
N ARG B 63 -6.09 2.83 -25.25
CA ARG B 63 -5.53 4.07 -25.77
C ARG B 63 -6.12 5.27 -25.05
N GLU B 64 -5.40 6.40 -25.11
CA GLU B 64 -5.86 7.62 -24.46
C GLU B 64 -5.93 7.43 -22.95
N SER B 65 -5.17 6.47 -22.44
CA SER B 65 -5.16 6.20 -21.00
C SER B 65 -4.22 7.18 -20.29
N THR B 66 -4.72 7.80 -19.22
CA THR B 66 -3.92 8.76 -18.47
C THR B 66 -3.19 8.06 -17.32
N LEU B 67 -1.89 7.85 -17.50
CA LEU B 67 -1.08 7.19 -16.47
C LEU B 67 -0.38 8.23 -15.60
N HIS B 68 -0.20 7.90 -14.33
CA HIS B 68 0.46 8.80 -13.38
C HIS B 68 1.94 8.43 -13.26
N LEU B 69 2.82 9.37 -13.63
CA LEU B 69 4.25 9.13 -13.56
C LEU B 69 4.83 9.74 -12.29
N VAL B 70 5.26 8.89 -11.36
CA VAL B 70 5.84 9.35 -10.10
C VAL B 70 7.33 9.02 -10.05
N LEU B 71 8.12 9.90 -9.45
CA LEU B 71 9.56 9.68 -9.35
C LEU B 71 9.87 8.77 -8.16
N ARG B 72 9.92 7.47 -8.41
CA ARG B 72 10.21 6.50 -7.36
C ARG B 72 11.41 6.97 -6.53
N LEU B 73 11.13 7.73 -5.48
CA LEU B 73 12.18 8.24 -4.61
C LEU B 73 12.97 7.09 -3.98
N ARG B 74 14.28 7.08 -4.18
CA ARG B 74 15.12 6.02 -3.63
C ARG B 74 15.45 6.32 -2.16
N GLY B 75 15.49 5.27 -1.35
CA GLY B 75 15.79 5.43 0.06
C GLY B 75 16.24 4.11 0.68
N GLY B 76 15.55 3.68 1.73
CA GLY B 76 15.87 2.43 2.41
C GLY B 76 15.86 1.27 1.41
N MET C 1 14.67 -9.47 3.58
CA MET C 1 14.27 -8.05 3.82
C MET C 1 13.53 -7.96 5.14
N GLN C 2 13.93 -6.99 5.97
CA GLN C 2 13.29 -6.80 7.26
C GLN C 2 12.02 -5.97 7.11
N ILE C 3 10.90 -6.56 7.51
CA ILE C 3 9.61 -5.87 7.43
C ILE C 3 9.05 -5.60 8.82
N PHE C 4 8.37 -4.48 8.98
CA PHE C 4 7.79 -4.11 10.26
C PHE C 4 6.33 -4.54 10.34
N VAL C 5 5.88 -4.91 11.53
CA VAL C 5 4.51 -5.35 11.74
C VAL C 5 3.90 -4.62 12.94
N LYS C 6 2.94 -3.75 12.65
CA LYS C 6 2.28 -2.98 13.70
C LYS C 6 1.20 -3.82 14.37
N THR C 7 1.40 -4.12 15.65
CA THR C 7 0.43 -4.92 16.40
C THR C 7 -0.86 -4.14 16.60
N LEU C 8 -1.68 -4.60 17.54
CA LEU C 8 -2.95 -3.94 17.82
C LEU C 8 -2.73 -2.74 18.74
N THR C 9 -2.08 -2.97 19.87
CA THR C 9 -1.81 -1.90 20.82
C THR C 9 -0.91 -0.84 20.20
N GLY C 10 0.14 -1.30 19.50
CA GLY C 10 1.07 -0.37 18.86
C GLY C 10 2.45 -1.02 18.69
N LYS C 11 2.80 -1.90 19.62
CA LYS C 11 4.10 -2.58 19.56
C LYS C 11 4.37 -3.07 18.14
N THR C 12 5.55 -2.73 17.63
CA THR C 12 5.93 -3.14 16.27
C THR C 12 6.85 -4.36 16.32
N ILE C 13 6.91 -5.10 15.21
CA ILE C 13 7.76 -6.29 15.14
C ILE C 13 8.53 -6.32 13.82
N THR C 14 9.83 -6.53 13.89
CA THR C 14 10.67 -6.59 12.70
C THR C 14 10.95 -8.04 12.32
N LEU C 15 10.17 -8.56 11.38
CA LEU C 15 10.35 -9.95 10.94
C LEU C 15 11.18 -10.01 9.65
N GLU C 16 12.17 -10.89 9.64
CA GLU C 16 13.03 -11.04 8.46
C GLU C 16 12.36 -11.97 7.46
N VAL C 17 12.23 -11.50 6.22
CA VAL C 17 11.60 -12.31 5.18
C VAL C 17 12.21 -12.02 3.81
N GLU C 18 11.49 -12.39 2.77
CA GLU C 18 11.94 -12.17 1.39
C GLU C 18 10.75 -11.78 0.50
N PRO C 19 11.00 -11.37 -0.72
CA PRO C 19 9.91 -10.97 -1.66
C PRO C 19 9.16 -12.17 -2.22
N SER C 20 9.72 -13.37 -2.04
CA SER C 20 9.09 -14.59 -2.54
C SER C 20 8.37 -15.33 -1.42
N ASP C 21 8.54 -14.85 -0.19
CA ASP C 21 7.89 -15.48 0.96
C ASP C 21 6.38 -15.34 0.87
N THR C 22 5.67 -16.40 1.24
CA THR C 22 4.21 -16.38 1.20
C THR C 22 3.64 -15.77 2.48
N ILE C 23 2.57 -15.01 2.33
CA ILE C 23 1.93 -14.38 3.49
C ILE C 23 1.69 -15.42 4.58
N GLU C 24 1.28 -16.62 4.17
CA GLU C 24 1.02 -17.70 5.12
C GLU C 24 2.27 -17.98 5.95
N ASN C 25 3.43 -17.94 5.30
CA ASN C 25 4.69 -18.19 5.99
C ASN C 25 4.95 -17.10 7.01
N VAL C 26 4.65 -15.86 6.63
CA VAL C 26 4.86 -14.73 7.53
C VAL C 26 3.99 -14.88 8.77
N LYS C 27 2.71 -15.20 8.55
CA LYS C 27 1.78 -15.38 9.66
C LYS C 27 2.31 -16.43 10.64
N ALA C 28 2.89 -17.49 10.09
CA ALA C 28 3.44 -18.55 10.93
C ALA C 28 4.56 -18.00 11.81
N LYS C 29 5.43 -17.20 11.21
CA LYS C 29 6.54 -16.60 11.95
C LYS C 29 6.02 -15.78 13.12
N ILE C 30 4.99 -14.97 12.86
CA ILE C 30 4.41 -14.14 13.90
C ILE C 30 3.84 -15.01 15.01
N GLN C 31 3.26 -16.15 14.64
CA GLN C 31 2.69 -17.06 15.62
C GLN C 31 3.78 -17.57 16.57
N ASP C 32 4.98 -17.77 16.02
CA ASP C 32 6.09 -18.24 16.82
C ASP C 32 6.60 -17.15 17.75
N LYS C 33 6.35 -15.89 17.37
CA LYS C 33 6.78 -14.75 18.18
C LYS C 33 5.78 -14.48 19.30
N GLU C 34 4.55 -14.14 18.92
CA GLU C 34 3.52 -13.84 19.91
C GLU C 34 2.81 -15.12 20.34
N GLY C 35 1.57 -15.29 19.89
CA GLY C 35 0.79 -16.47 20.23
C GLY C 35 -0.51 -16.52 19.43
N ILE C 36 -0.60 -15.68 18.40
CA ILE C 36 -1.79 -15.63 17.56
C ILE C 36 -1.66 -16.63 16.40
N PRO C 37 -2.47 -17.65 16.35
CA PRO C 37 -2.40 -18.66 15.25
C PRO C 37 -2.71 -18.03 13.89
N PRO C 38 -2.18 -18.58 12.83
CA PRO C 38 -2.40 -18.06 11.46
C PRO C 38 -3.88 -17.79 11.19
N ASP C 39 -4.69 -18.83 11.23
CA ASP C 39 -6.12 -18.70 10.99
C ASP C 39 -6.68 -17.50 11.76
N GLN C 40 -5.92 -17.01 12.73
CA GLN C 40 -6.36 -15.86 13.53
C GLN C 40 -5.42 -14.67 13.31
N GLN C 41 -4.90 -14.54 12.09
CA GLN C 41 -3.99 -13.44 11.77
C GLN C 41 -4.37 -12.82 10.43
N ARG C 42 -3.80 -11.64 10.16
CA ARG C 42 -4.07 -10.93 8.92
C ARG C 42 -3.10 -9.76 8.77
N LEU C 43 -2.73 -9.43 7.53
CA LEU C 43 -1.81 -8.34 7.28
C LEU C 43 -2.41 -7.32 6.32
N ILE C 44 -2.24 -6.04 6.64
CA ILE C 44 -2.76 -4.96 5.80
C ILE C 44 -1.65 -3.95 5.53
N PHE C 45 -1.29 -3.81 4.25
CA PHE C 45 -0.23 -2.88 3.86
C PHE C 45 -0.83 -1.59 3.30
N ALA C 46 -1.37 -0.76 4.19
CA ALA C 46 -1.96 0.50 3.78
C ALA C 46 -3.06 0.28 2.73
N GLY C 47 -4.28 0.07 3.20
CA GLY C 47 -5.41 -0.17 2.31
C GLY C 47 -5.12 -1.31 1.34
N LYS C 48 -4.49 -2.36 1.84
CA LYS C 48 -4.18 -3.51 1.01
C LYS C 48 -4.14 -4.79 1.83
N GLN C 49 -5.28 -5.48 1.90
CA GLN C 49 -5.36 -6.73 2.65
C GLN C 49 -4.63 -7.84 1.90
N LEU C 50 -3.61 -8.40 2.54
CA LEU C 50 -2.82 -9.46 1.89
C LEU C 50 -3.53 -10.80 2.01
N GLU C 51 -3.46 -11.60 0.95
CA GLU C 51 -4.08 -12.93 0.93
C GLU C 51 -3.14 -13.96 1.53
N ASP C 52 -3.71 -15.10 1.94
CA ASP C 52 -2.90 -16.16 2.53
C ASP C 52 -2.31 -17.06 1.46
N GLY C 53 -2.59 -16.76 0.19
CA GLY C 53 -2.09 -17.57 -0.92
C GLY C 53 -1.28 -16.72 -1.90
N ARG C 54 -0.58 -15.72 -1.38
CA ARG C 54 0.24 -14.84 -2.22
C ARG C 54 1.60 -14.61 -1.58
N THR C 55 2.46 -13.85 -2.26
CA THR C 55 3.79 -13.56 -1.75
C THR C 55 3.96 -12.06 -1.51
N LEU C 56 4.97 -11.71 -0.73
CA LEU C 56 5.23 -10.30 -0.43
C LEU C 56 5.67 -9.56 -1.70
N SER C 57 5.70 -10.27 -2.82
CA SER C 57 6.10 -9.67 -4.08
C SER C 57 4.89 -9.13 -4.84
N ASP C 58 3.81 -9.90 -4.87
CA ASP C 58 2.60 -9.49 -5.56
C ASP C 58 2.18 -8.09 -5.12
N TYR C 59 2.49 -7.75 -3.87
CA TYR C 59 2.13 -6.44 -3.33
C TYR C 59 3.33 -5.49 -3.40
N ASN C 60 4.44 -5.98 -3.92
CA ASN C 60 5.65 -5.17 -4.04
C ASN C 60 6.15 -4.74 -2.66
N ILE C 61 5.61 -5.37 -1.62
CA ILE C 61 6.02 -5.05 -0.25
C ILE C 61 7.54 -5.10 -0.13
N GLN C 62 8.18 -3.94 -0.23
CA GLN C 62 9.63 -3.88 -0.13
C GLN C 62 10.08 -4.00 1.33
N LYS C 63 11.28 -3.51 1.61
CA LYS C 63 11.82 -3.57 2.97
C LYS C 63 11.31 -2.40 3.81
N GLU C 64 11.35 -2.57 5.12
CA GLU C 64 10.90 -1.52 6.04
C GLU C 64 9.45 -1.17 5.77
N SER C 65 8.66 -2.18 5.38
CA SER C 65 7.25 -1.97 5.10
C SER C 65 6.41 -2.17 6.36
N THR C 66 5.47 -1.25 6.60
CA THR C 66 4.61 -1.35 7.77
C THR C 66 3.38 -2.21 7.47
N LEU C 67 3.30 -3.36 8.13
CA LEU C 67 2.19 -4.28 7.93
C LEU C 67 1.28 -4.31 9.15
N HIS C 68 0.04 -3.86 8.98
CA HIS C 68 -0.91 -3.85 10.08
C HIS C 68 -1.38 -5.26 10.39
N LEU C 69 -1.08 -5.73 11.61
CA LEU C 69 -1.48 -7.08 12.01
C LEU C 69 -2.88 -7.06 12.63
N VAL C 70 -3.75 -7.93 12.14
CA VAL C 70 -5.12 -8.00 12.64
C VAL C 70 -5.51 -9.45 12.96
N LEU C 71 -6.63 -9.62 13.65
CA LEU C 71 -7.09 -10.95 14.01
C LEU C 71 -8.18 -11.42 13.04
N ARG C 72 -7.93 -12.53 12.36
CA ARG C 72 -8.89 -13.07 11.40
C ARG C 72 -9.99 -13.84 12.13
N LEU C 73 -11.07 -13.14 12.47
CA LEU C 73 -12.19 -13.78 13.17
C LEU C 73 -12.97 -14.69 12.22
N ARG C 74 -12.70 -15.99 12.30
CA ARG C 74 -13.39 -16.95 11.45
C ARG C 74 -13.19 -16.60 9.98
N GLY C 75 -13.39 -17.57 9.10
CA GLY C 75 -13.23 -17.36 7.67
C GLY C 75 -14.17 -18.26 6.87
N CYS C 76 -15.45 -17.91 6.89
CA CYS C 76 -16.45 -18.68 6.16
C CYS C 76 -16.41 -18.35 4.67
N GLY D 1 -8.72 3.52 26.89
CA GLY D 1 -9.22 3.73 25.54
C GLY D 1 -8.29 4.67 24.76
N THR D 2 -8.57 4.84 23.47
CA THR D 2 -7.76 5.71 22.63
C THR D 2 -8.56 6.18 21.42
N LYS D 3 -9.33 7.25 21.60
CA LYS D 3 -10.13 7.79 20.51
C LYS D 3 -10.86 6.67 19.78
N LYS D 4 -11.56 5.83 20.52
CA LYS D 4 -12.31 4.72 19.94
C LYS D 4 -13.56 5.22 19.25
N TYR D 5 -14.54 4.33 19.09
CA TYR D 5 -15.79 4.69 18.44
C TYR D 5 -16.95 3.86 19.00
N ASP D 6 -18.13 4.46 19.07
CA ASP D 6 -19.29 3.76 19.59
C ASP D 6 -19.89 2.84 18.53
N LEU D 7 -19.46 1.58 18.55
CA LEU D 7 -19.96 0.60 17.58
C LEU D 7 -21.09 -0.22 18.18
N SER D 8 -21.88 0.41 19.05
CA SER D 8 -22.99 -0.27 19.70
C SER D 8 -24.11 -0.55 18.70
N LYS D 9 -23.80 -0.41 17.41
CA LYS D 9 -24.80 -0.64 16.37
C LYS D 9 -24.11 -0.95 15.05
N TRP D 10 -23.68 -2.19 14.88
CA TRP D 10 -23.01 -2.62 13.66
C TRP D 10 -23.50 -4.01 13.24
N LYS D 11 -23.23 -4.37 12.00
CA LYS D 11 -23.64 -5.67 11.47
C LYS D 11 -22.43 -6.59 11.30
N TYR D 12 -22.69 -7.89 11.23
CA TYR D 12 -21.62 -8.86 11.06
C TYR D 12 -20.90 -8.65 9.73
N ALA D 13 -21.68 -8.52 8.65
CA ALA D 13 -21.11 -8.31 7.33
C ALA D 13 -20.29 -7.02 7.29
N GLU D 14 -20.76 -6.01 8.02
CA GLU D 14 -20.05 -4.73 8.06
C GLU D 14 -18.72 -4.88 8.78
N LEU D 15 -18.75 -5.38 10.01
CA LEU D 15 -17.54 -5.56 10.78
C LEU D 15 -16.52 -6.40 10.01
N ARG D 16 -16.94 -7.61 9.62
CA ARG D 16 -16.06 -8.49 8.86
C ARG D 16 -15.49 -7.78 7.64
N ASP D 17 -16.37 -7.18 6.84
CA ASP D 17 -15.95 -6.46 5.65
C ASP D 17 -14.95 -5.37 6.02
N THR D 18 -15.31 -4.57 7.01
CA THR D 18 -14.44 -3.48 7.45
C THR D 18 -13.03 -3.99 7.72
N ILE D 19 -12.94 -5.15 8.37
CA ILE D 19 -11.64 -5.73 8.68
C ILE D 19 -11.05 -6.41 7.45
N ASN D 20 -11.91 -6.77 6.51
CA ASN D 20 -11.45 -7.43 5.28
C ASN D 20 -11.41 -6.45 4.11
N THR D 21 -11.69 -5.18 4.39
CA THR D 21 -11.67 -4.16 3.34
C THR D 21 -11.04 -2.87 3.85
N SER D 22 -11.36 -2.49 5.09
CA SER D 22 -10.83 -1.26 5.66
C SER D 22 -9.42 -1.46 6.20
N CYS D 23 -8.71 -0.35 6.41
CA CYS D 23 -7.35 -0.40 6.93
C CYS D 23 -7.14 0.70 7.96
N ASP D 24 -7.46 0.39 9.22
CA ASP D 24 -7.30 1.37 10.29
C ASP D 24 -7.17 0.66 11.64
N ILE D 25 -5.93 0.45 12.06
CA ILE D 25 -5.66 -0.22 13.32
C ILE D 25 -6.66 0.21 14.39
N GLU D 26 -7.08 1.46 14.34
CA GLU D 26 -8.04 1.98 15.30
C GLU D 26 -9.38 1.26 15.15
N LEU D 27 -9.96 1.35 13.96
CA LEU D 27 -11.23 0.69 13.69
C LEU D 27 -11.09 -0.82 13.88
N LEU D 28 -10.05 -1.37 13.27
CA LEU D 28 -9.80 -2.81 13.37
C LEU D 28 -9.82 -3.25 14.83
N ALA D 29 -9.15 -2.49 15.68
CA ALA D 29 -9.11 -2.81 17.10
C ALA D 29 -10.50 -2.75 17.71
N ALA D 30 -11.22 -1.67 17.44
CA ALA D 30 -12.58 -1.51 17.96
C ALA D 30 -13.50 -2.58 17.41
N CYS D 31 -13.44 -2.79 16.10
CA CYS D 31 -14.28 -3.79 15.45
C CYS D 31 -14.07 -5.16 16.10
N ARG D 32 -12.81 -5.54 16.28
CA ARG D 32 -12.49 -6.82 16.88
C ARG D 32 -13.00 -6.86 18.32
N GLU D 33 -12.86 -5.76 19.04
CA GLU D 33 -13.31 -5.68 20.42
C GLU D 33 -14.80 -6.04 20.52
N GLU D 34 -15.64 -5.30 19.80
CA GLU D 34 -17.08 -5.56 19.84
C GLU D 34 -17.37 -6.95 19.29
N PHE D 35 -16.59 -7.38 18.32
CA PHE D 35 -16.80 -8.70 17.72
C PHE D 35 -16.68 -9.78 18.78
N HIS D 36 -15.67 -9.68 19.64
CA HIS D 36 -15.47 -10.65 20.70
C HIS D 36 -16.56 -10.52 21.76
N ARG D 37 -16.75 -9.29 22.26
CA ARG D 37 -17.76 -9.03 23.26
C ARG D 37 -19.07 -9.70 22.89
N ARG D 38 -19.51 -9.47 21.65
CA ARG D 38 -20.75 -10.04 21.17
C ARG D 38 -20.80 -11.54 21.45
N LEU D 39 -19.65 -12.21 21.33
CA LEU D 39 -19.56 -13.64 21.57
C LEU D 39 -19.48 -13.92 23.07
N LYS D 40 -18.53 -13.26 23.74
CA LYS D 40 -18.34 -13.45 25.17
C LYS D 40 -19.59 -13.02 25.93
N VAL D 41 -20.45 -12.26 25.26
CA VAL D 41 -21.68 -11.78 25.89
C VAL D 41 -22.87 -12.00 24.95
N TYR D 42 -23.71 -12.98 25.29
CA TYR D 42 -24.88 -13.28 24.47
C TYR D 42 -26.01 -12.29 24.77
N HIS D 43 -25.66 -11.01 24.85
CA HIS D 43 -26.64 -9.98 25.12
C HIS D 43 -27.78 -10.03 24.10
N GLY A 1 -4.11 27.42 -5.04
CA GLY A 1 -3.81 27.08 -3.65
C GLY A 1 -5.08 26.95 -2.83
N THR A 2 -5.27 25.78 -2.22
CA THR A 2 -6.45 25.52 -1.42
C THR A 2 -6.07 24.76 -0.14
N LYS A 3 -5.42 25.47 0.78
CA LYS A 3 -5.01 24.85 2.04
C LYS A 3 -4.28 23.54 1.78
N LYS A 4 -2.95 23.59 1.85
CA LYS A 4 -2.14 22.40 1.62
C LYS A 4 -2.12 21.52 2.87
N TYR A 5 -1.52 20.34 2.75
CA TYR A 5 -1.43 19.41 3.86
C TYR A 5 -0.08 19.56 4.58
N ASP A 6 -0.14 19.70 5.90
CA ASP A 6 1.07 19.84 6.69
C ASP A 6 1.74 18.49 6.91
N LEU A 7 2.67 18.14 6.03
CA LEU A 7 3.38 16.86 6.13
C LEU A 7 4.66 17.03 6.92
N SER A 8 4.59 17.77 8.02
CA SER A 8 5.78 18.00 8.86
C SER A 8 5.82 17.01 10.02
N LYS A 9 4.76 16.21 10.14
CA LYS A 9 4.69 15.22 11.21
C LYS A 9 4.49 13.82 10.63
N TRP A 10 5.22 13.53 9.55
CA TRP A 10 5.12 12.23 8.91
C TRP A 10 6.40 11.42 9.13
N LYS A 11 6.34 10.13 8.80
CA LYS A 11 7.49 9.26 8.97
C LYS A 11 8.03 8.80 7.61
N TYR A 12 9.26 8.28 7.61
CA TYR A 12 9.88 7.82 6.37
C TYR A 12 9.05 6.71 5.74
N ALA A 13 8.69 5.72 6.55
CA ALA A 13 7.90 4.59 6.05
C ALA A 13 6.54 5.06 5.57
N GLU A 14 5.95 6.00 6.29
CA GLU A 14 4.64 6.53 5.92
C GLU A 14 4.69 7.15 4.53
N LEU A 15 5.56 8.14 4.35
CA LEU A 15 5.69 8.81 3.06
C LEU A 15 5.99 7.80 1.96
N ARG A 16 7.08 7.05 2.12
CA ARG A 16 7.46 6.05 1.14
C ARG A 16 6.29 5.11 0.87
N ASP A 17 5.64 4.66 1.92
CA ASP A 17 4.50 3.77 1.79
C ASP A 17 3.40 4.45 0.98
N THR A 18 3.06 5.67 1.37
CA THR A 18 2.03 6.44 0.68
C THR A 18 2.27 6.41 -0.83
N ILE A 19 3.51 6.65 -1.22
CA ILE A 19 3.86 6.66 -2.65
C ILE A 19 3.88 5.24 -3.20
N ASN A 20 4.17 4.27 -2.35
CA ASN A 20 4.23 2.87 -2.78
C ASN A 20 2.89 2.18 -2.57
N THR A 21 1.90 2.90 -2.05
CA THR A 21 0.58 2.33 -1.81
C THR A 21 -0.53 3.28 -2.25
N SER A 22 -0.39 4.56 -1.90
CA SER A 22 -1.41 5.54 -2.25
C SER A 22 -1.40 5.83 -3.75
N CYS A 23 -2.37 6.63 -4.18
CA CYS A 23 -2.49 6.99 -5.59
C CYS A 23 -3.16 8.35 -5.74
N ASP A 24 -2.36 9.41 -5.68
CA ASP A 24 -2.90 10.77 -5.81
C ASP A 24 -1.78 11.75 -6.14
N ILE A 25 -1.70 12.14 -7.40
CA ILE A 25 -0.68 13.07 -7.85
C ILE A 25 -0.45 14.17 -6.80
N GLU A 26 -1.54 14.71 -6.27
CA GLU A 26 -1.45 15.75 -5.26
C GLU A 26 -0.59 15.29 -4.10
N LEU A 27 -1.00 14.19 -3.46
CA LEU A 27 -0.24 13.66 -2.32
C LEU A 27 1.17 13.30 -2.76
N LEU A 28 1.28 12.51 -3.82
CA LEU A 28 2.57 12.09 -4.34
C LEU A 28 3.48 13.31 -4.53
N ALA A 29 2.94 14.36 -5.13
CA ALA A 29 3.72 15.57 -5.36
C ALA A 29 4.17 16.18 -4.04
N ALA A 30 3.23 16.33 -3.11
CA ALA A 30 3.54 16.89 -1.81
C ALA A 30 4.55 16.01 -1.07
N CYS A 31 4.34 14.70 -1.15
CA CYS A 31 5.24 13.76 -0.50
C CYS A 31 6.65 13.90 -1.07
N ARG A 32 6.77 13.81 -2.39
CA ARG A 32 8.07 13.94 -3.04
C ARG A 32 8.73 15.26 -2.64
N GLU A 33 7.93 16.31 -2.53
CA GLU A 33 8.46 17.62 -2.15
C GLU A 33 9.12 17.55 -0.77
N GLU A 34 8.33 17.18 0.24
CA GLU A 34 8.87 17.09 1.59
C GLU A 34 9.97 16.03 1.67
N PHE A 35 9.80 14.96 0.92
CA PHE A 35 10.78 13.88 0.91
C PHE A 35 12.14 14.41 0.46
N HIS A 36 12.13 15.29 -0.54
CA HIS A 36 13.37 15.85 -1.06
C HIS A 36 13.94 16.85 -0.05
N ARG A 37 13.12 17.80 0.37
CA ARG A 37 13.55 18.81 1.33
C ARG A 37 14.29 18.16 2.49
N ARG A 38 13.71 17.09 3.03
CA ARG A 38 14.31 16.38 4.15
C ARG A 38 15.76 16.00 3.82
N LEU A 39 16.05 15.85 2.53
CA LEU A 39 17.39 15.49 2.08
C LEU A 39 18.17 16.74 1.70
N LYS A 40 17.60 17.54 0.80
CA LYS A 40 18.26 18.76 0.35
C LYS A 40 18.33 19.78 1.47
N VAL A 41 17.21 20.00 2.15
CA VAL A 41 17.15 20.95 3.25
C VAL A 41 17.60 22.33 2.79
N TYR A 42 18.58 22.89 3.48
CA TYR A 42 19.09 24.21 3.13
C TYR A 42 17.95 25.17 2.84
N HIS A 43 17.60 25.99 3.84
CA HIS A 43 16.51 26.95 3.69
C HIS A 43 15.23 26.26 3.23
N MET B 1 -1.88 2.24 -29.72
CA MET B 1 -2.71 2.83 -28.64
C MET B 1 -1.95 3.99 -28.00
N GLN B 2 -2.54 5.18 -28.05
CA GLN B 2 -1.91 6.37 -27.48
C GLN B 2 -2.36 6.57 -26.04
N ILE B 3 -1.40 6.67 -25.13
CA ILE B 3 -1.70 6.87 -23.71
C ILE B 3 -1.02 8.13 -23.19
N PHE B 4 -1.68 8.83 -22.28
CA PHE B 4 -1.13 10.05 -21.71
C PHE B 4 -0.50 9.77 -20.34
N VAL B 5 0.69 10.33 -20.12
CA VAL B 5 1.40 10.14 -18.86
C VAL B 5 1.50 11.46 -18.11
N LYS B 6 0.72 11.59 -17.04
CA LYS B 6 0.73 12.82 -16.25
C LYS B 6 1.91 12.82 -15.28
N THR B 7 2.34 14.02 -14.88
CA THR B 7 3.45 14.17 -13.97
C THR B 7 3.03 14.93 -12.72
N LEU B 8 3.99 15.23 -11.85
CA LEU B 8 3.69 15.95 -10.62
C LEU B 8 3.61 17.46 -10.90
N THR B 9 4.31 17.90 -11.93
CA THR B 9 4.30 19.32 -12.29
C THR B 9 3.10 19.64 -13.17
N GLY B 10 2.26 18.64 -13.41
CA GLY B 10 1.08 18.83 -14.24
C GLY B 10 1.37 18.47 -15.70
N LYS B 11 2.65 18.37 -16.04
CA LYS B 11 3.06 18.05 -17.39
C LYS B 11 2.41 16.74 -17.84
N THR B 12 2.38 16.52 -19.16
CA THR B 12 1.80 15.29 -19.70
C THR B 12 2.62 14.79 -20.88
N ILE B 13 2.56 13.47 -21.12
CA ILE B 13 3.31 12.88 -22.23
C ILE B 13 2.46 11.83 -22.94
N THR B 14 2.32 11.98 -24.26
CA THR B 14 1.53 11.05 -25.05
C THR B 14 2.43 9.99 -25.70
N LEU B 15 2.54 8.84 -25.05
CA LEU B 15 3.37 7.76 -25.56
C LEU B 15 2.53 6.77 -26.36
N GLU B 16 3.07 6.32 -27.50
CA GLU B 16 2.37 5.36 -28.35
C GLU B 16 2.72 3.93 -27.95
N VAL B 17 1.71 3.14 -27.62
CA VAL B 17 1.93 1.76 -27.21
C VAL B 17 0.78 0.88 -27.64
N GLU B 18 0.78 -0.37 -27.15
CA GLU B 18 -0.27 -1.32 -27.48
C GLU B 18 -0.68 -2.10 -26.22
N PRO B 19 -1.93 -2.49 -26.13
CA PRO B 19 -2.44 -3.23 -24.93
C PRO B 19 -1.50 -4.37 -24.51
N SER B 20 -0.71 -4.87 -25.46
CA SER B 20 0.22 -5.96 -25.16
C SER B 20 1.58 -5.41 -24.74
N ASP B 21 1.63 -4.11 -24.45
CA ASP B 21 2.88 -3.50 -24.02
C ASP B 21 3.08 -3.69 -22.52
N THR B 22 4.29 -4.06 -22.12
CA THR B 22 4.59 -4.28 -20.72
C THR B 22 4.95 -2.96 -20.03
N ILE B 23 4.40 -2.76 -18.84
CA ILE B 23 4.65 -1.54 -18.09
C ILE B 23 6.14 -1.17 -18.17
N GLU B 24 7.01 -2.14 -17.93
CA GLU B 24 8.45 -1.90 -17.99
C GLU B 24 8.80 -1.23 -19.31
N ASN B 25 8.21 -1.71 -20.39
CA ASN B 25 8.47 -1.13 -21.71
C ASN B 25 8.08 0.34 -21.72
N VAL B 26 6.89 0.64 -21.20
CA VAL B 26 6.40 2.00 -21.15
C VAL B 26 7.42 2.89 -20.44
N LYS B 27 7.91 2.40 -19.29
CA LYS B 27 8.89 3.14 -18.52
C LYS B 27 10.09 3.49 -19.40
N ALA B 28 10.44 2.55 -20.28
CA ALA B 28 11.56 2.75 -21.18
C ALA B 28 11.30 3.95 -22.10
N LYS B 29 10.12 3.95 -22.72
CA LYS B 29 9.75 5.05 -23.61
C LYS B 29 9.86 6.38 -22.89
N ILE B 30 9.31 6.45 -21.69
CA ILE B 30 9.35 7.68 -20.90
C ILE B 30 10.79 8.12 -20.70
N GLN B 31 11.65 7.17 -20.32
CA GLN B 31 13.06 7.48 -20.09
C GLN B 31 13.65 8.13 -21.33
N ASP B 32 13.13 7.75 -22.50
CA ASP B 32 13.63 8.31 -23.75
C ASP B 32 13.20 9.77 -23.90
N LYS B 33 11.96 10.07 -23.50
CA LYS B 33 11.45 11.43 -23.59
C LYS B 33 12.14 12.32 -22.56
N GLU B 34 11.91 12.02 -21.28
CA GLU B 34 12.51 12.81 -20.21
C GLU B 34 13.96 12.37 -19.97
N GLY B 35 14.22 11.84 -18.78
CA GLY B 35 15.55 11.38 -18.43
C GLY B 35 15.53 10.57 -17.14
N ILE B 36 14.33 10.17 -16.71
CA ILE B 36 14.19 9.39 -15.49
C ILE B 36 14.38 7.90 -15.79
N PRO B 37 15.37 7.26 -15.20
CA PRO B 37 15.61 5.82 -15.44
C PRO B 37 14.40 4.97 -15.04
N PRO B 38 14.24 3.82 -15.66
CA PRO B 38 13.10 2.91 -15.38
C PRO B 38 12.91 2.69 -13.88
N ASP B 39 13.88 2.06 -13.24
CA ASP B 39 13.81 1.79 -11.81
C ASP B 39 13.26 3.01 -11.06
N GLN B 40 13.39 4.19 -11.67
CA GLN B 40 12.91 5.41 -11.05
C GLN B 40 11.65 5.91 -11.74
N GLN B 41 10.82 4.97 -12.22
CA GLN B 41 9.59 5.32 -12.90
C GLN B 41 8.43 4.46 -12.40
N ARG B 42 7.85 4.85 -11.28
CA ARG B 42 6.72 4.12 -10.70
C ARG B 42 5.41 4.67 -11.25
N LEU B 43 4.72 3.87 -12.05
CA LEU B 43 3.45 4.29 -12.64
C LEU B 43 2.27 3.86 -11.77
N ILE B 44 1.28 4.76 -11.68
CA ILE B 44 0.09 4.49 -10.88
C ILE B 44 -1.16 4.87 -11.69
N PHE B 45 -2.18 4.02 -11.61
CA PHE B 45 -3.43 4.28 -12.33
C PHE B 45 -4.54 3.36 -11.82
N ALA B 46 -5.76 3.89 -11.79
CA ALA B 46 -6.91 3.12 -11.33
C ALA B 46 -6.85 2.91 -9.81
N GLY B 47 -6.04 3.72 -9.13
CA GLY B 47 -5.91 3.62 -7.69
C GLY B 47 -5.01 2.44 -7.30
N LYS B 48 -4.16 2.02 -8.25
CA LYS B 48 -3.26 0.91 -8.00
C LYS B 48 -1.93 1.11 -8.75
N GLN B 49 -0.86 0.58 -8.17
CA GLN B 49 0.46 0.70 -8.78
C GLN B 49 0.62 -0.34 -9.89
N LEU B 50 1.08 0.10 -11.05
CA LEU B 50 1.27 -0.81 -12.18
C LEU B 50 2.57 -1.60 -12.04
N GLU B 51 2.45 -2.90 -11.86
CA GLU B 51 3.62 -3.76 -11.72
C GLU B 51 4.47 -3.70 -12.98
N ASP B 52 5.74 -4.10 -12.85
CA ASP B 52 6.65 -4.09 -13.98
C ASP B 52 6.47 -5.34 -14.84
N GLY B 53 5.97 -6.41 -14.22
CA GLY B 53 5.78 -7.68 -14.94
C GLY B 53 4.33 -7.82 -15.40
N ARG B 54 3.74 -6.74 -15.89
CA ARG B 54 2.37 -6.76 -16.37
C ARG B 54 2.23 -5.94 -17.65
N THR B 55 1.06 -5.98 -18.26
CA THR B 55 0.81 -5.23 -19.49
C THR B 55 -0.29 -4.20 -19.29
N LEU B 56 -0.39 -3.25 -20.22
CA LEU B 56 -1.41 -2.22 -20.13
C LEU B 56 -2.81 -2.82 -20.16
N SER B 57 -2.96 -3.90 -20.92
CA SER B 57 -4.25 -4.57 -21.03
C SER B 57 -4.67 -5.18 -19.69
N ASP B 58 -3.70 -5.78 -19.00
CA ASP B 58 -3.99 -6.39 -17.71
C ASP B 58 -4.71 -5.41 -16.79
N TYR B 59 -4.30 -4.15 -16.83
CA TYR B 59 -4.91 -3.13 -16.00
C TYR B 59 -6.10 -2.50 -16.70
N ASN B 60 -6.49 -3.09 -17.83
CA ASN B 60 -7.63 -2.59 -18.60
C ASN B 60 -7.38 -1.16 -19.07
N ILE B 61 -6.11 -0.77 -19.13
CA ILE B 61 -5.75 0.58 -19.57
C ILE B 61 -6.02 0.72 -21.06
N GLN B 62 -7.12 1.39 -21.39
CA GLN B 62 -7.48 1.61 -22.79
C GLN B 62 -6.75 2.83 -23.36
N ARG B 63 -7.19 3.26 -24.53
CA ARG B 63 -6.58 4.41 -25.19
C ARG B 63 -6.96 5.70 -24.48
N GLU B 64 -6.18 6.76 -24.74
CA GLU B 64 -6.45 8.05 -24.12
C GLU B 64 -6.59 7.92 -22.61
N SER B 65 -5.76 7.06 -22.02
CA SER B 65 -5.79 6.85 -20.58
C SER B 65 -4.65 7.59 -19.89
N THR B 66 -4.94 8.20 -18.75
CA THR B 66 -3.94 8.94 -18.00
C THR B 66 -3.15 8.00 -17.10
N LEU B 67 -1.87 8.31 -16.90
CA LEU B 67 -1.01 7.49 -16.05
C LEU B 67 -0.21 8.37 -15.10
N HIS B 68 -0.52 8.29 -13.81
CA HIS B 68 0.18 9.09 -12.82
C HIS B 68 1.63 8.61 -12.68
N LEU B 69 2.56 9.40 -13.21
CA LEU B 69 3.98 9.04 -13.15
C LEU B 69 4.60 9.55 -11.86
N VAL B 70 5.31 8.68 -11.15
CA VAL B 70 5.97 9.05 -9.90
C VAL B 70 7.43 8.63 -9.92
N LEU B 71 8.25 9.32 -9.13
CA LEU B 71 9.68 9.01 -9.06
C LEU B 71 9.98 8.13 -7.86
N ARG B 72 10.20 6.85 -8.10
CA ARG B 72 10.50 5.92 -7.02
C ARG B 72 11.72 6.40 -6.22
N LEU B 73 11.47 7.32 -5.30
CA LEU B 73 12.55 7.87 -4.47
C LEU B 73 13.43 6.75 -3.93
N ARG B 74 14.54 6.48 -4.62
CA ARG B 74 15.46 5.43 -4.21
C ARG B 74 14.69 4.19 -3.75
N GLY B 75 15.19 3.55 -2.69
CA GLY B 75 14.55 2.35 -2.16
C GLY B 75 15.39 1.72 -1.06
N GLY B 76 16.24 0.77 -1.43
CA GLY B 76 17.09 0.10 -0.46
C GLY B 76 16.26 -0.73 0.51
N MET C 1 15.90 -8.58 5.34
CA MET C 1 15.45 -7.22 5.71
C MET C 1 14.55 -7.29 6.93
N GLN C 2 14.57 -6.22 7.73
CA GLN C 2 13.74 -6.18 8.94
C GLN C 2 12.44 -5.44 8.68
N ILE C 3 11.32 -6.16 8.77
CA ILE C 3 10.01 -5.55 8.54
C ILE C 3 9.31 -5.31 9.87
N PHE C 4 8.47 -4.27 9.90
CA PHE C 4 7.74 -3.93 11.11
C PHE C 4 6.29 -4.38 11.00
N VAL C 5 5.75 -4.90 12.11
CA VAL C 5 4.36 -5.36 12.15
C VAL C 5 3.62 -4.73 13.32
N LYS C 6 2.70 -3.83 13.00
CA LYS C 6 1.93 -3.15 14.04
C LYS C 6 0.62 -3.87 14.30
N THR C 7 0.31 -4.10 15.58
CA THR C 7 -0.92 -4.79 15.95
C THR C 7 -2.07 -3.80 16.04
N LEU C 8 -3.10 -4.16 16.79
CA LEU C 8 -4.26 -3.29 16.94
C LEU C 8 -3.91 -2.06 17.77
N THR C 9 -3.51 -2.29 19.02
CA THR C 9 -3.15 -1.18 19.91
C THR C 9 -2.05 -0.33 19.28
N GLY C 10 -1.02 -1.00 18.74
CA GLY C 10 0.09 -0.29 18.12
C GLY C 10 1.41 -1.01 18.37
N LYS C 11 1.31 -2.23 18.89
CA LYS C 11 2.50 -3.03 19.18
C LYS C 11 3.27 -3.32 17.91
N THR C 12 4.45 -2.70 17.77
CA THR C 12 5.29 -2.90 16.60
C THR C 12 6.26 -4.05 16.83
N ILE C 13 6.39 -4.93 15.83
CA ILE C 13 7.29 -6.07 15.93
C ILE C 13 8.23 -6.12 14.74
N THR C 14 9.53 -6.22 15.03
CA THR C 14 10.54 -6.28 13.98
C THR C 14 10.91 -7.74 13.69
N LEU C 15 10.74 -8.14 12.43
CA LEU C 15 11.05 -9.52 12.03
C LEU C 15 11.93 -9.54 10.79
N GLU C 16 13.03 -10.29 10.86
CA GLU C 16 13.95 -10.40 9.74
C GLU C 16 13.38 -11.35 8.69
N VAL C 17 13.21 -10.84 7.47
CA VAL C 17 12.66 -11.66 6.39
C VAL C 17 13.25 -11.23 5.05
N GLU C 18 12.91 -11.99 4.01
CA GLU C 18 13.40 -11.70 2.66
C GLU C 18 12.23 -11.65 1.68
N PRO C 19 12.35 -10.87 0.63
CA PRO C 19 11.26 -10.73 -0.39
C PRO C 19 10.68 -12.09 -0.81
N SER C 20 11.48 -13.14 -0.67
CA SER C 20 11.01 -14.48 -1.05
C SER C 20 10.15 -15.09 0.06
N ASP C 21 10.40 -14.66 1.30
CA ASP C 21 9.63 -15.19 2.43
C ASP C 21 8.14 -15.20 2.11
N THR C 22 7.49 -16.31 2.45
CA THR C 22 6.05 -16.45 2.21
C THR C 22 5.25 -15.95 3.39
N ILE C 23 4.15 -15.26 3.11
CA ILE C 23 3.29 -14.74 4.17
C ILE C 23 3.06 -15.81 5.25
N GLU C 24 2.99 -17.06 4.81
CA GLU C 24 2.78 -18.17 5.74
C GLU C 24 3.95 -18.27 6.72
N ASN C 25 5.16 -18.09 6.19
CA ASN C 25 6.36 -18.16 7.02
C ASN C 25 6.34 -17.03 8.05
N VAL C 26 5.92 -15.85 7.62
CA VAL C 26 5.85 -14.70 8.51
C VAL C 26 4.86 -14.98 9.64
N LYS C 27 3.66 -15.41 9.26
CA LYS C 27 2.63 -15.71 10.24
C LYS C 27 3.19 -16.64 11.32
N ALA C 28 3.97 -17.63 10.89
CA ALA C 28 4.56 -18.57 11.83
C ALA C 28 5.50 -17.85 12.80
N LYS C 29 6.30 -16.94 12.27
CA LYS C 29 7.24 -16.18 13.09
C LYS C 29 6.49 -15.42 14.17
N ILE C 30 5.32 -14.87 13.82
CA ILE C 30 4.51 -14.13 14.77
C ILE C 30 3.93 -15.07 15.83
N GLN C 31 3.63 -16.30 15.42
CA GLN C 31 3.09 -17.28 16.34
C GLN C 31 4.12 -17.65 17.42
N ASP C 32 5.38 -17.59 17.04
CA ASP C 32 6.46 -17.92 17.96
C ASP C 32 6.74 -16.75 18.90
N LYS C 33 6.53 -15.54 18.41
CA LYS C 33 6.77 -14.35 19.21
C LYS C 33 5.62 -14.11 20.18
N GLU C 34 4.42 -13.89 19.64
CA GLU C 34 3.25 -13.66 20.47
C GLU C 34 2.60 -14.97 20.87
N GLY C 35 1.56 -15.37 20.14
CA GLY C 35 0.85 -16.62 20.43
C GLY C 35 -0.44 -16.71 19.63
N ILE C 36 -0.56 -15.87 18.61
CA ILE C 36 -1.76 -15.86 17.77
C ILE C 36 -1.63 -16.92 16.68
N PRO C 37 -2.61 -17.78 16.52
CA PRO C 37 -2.58 -18.85 15.48
C PRO C 37 -2.34 -18.26 14.08
N PRO C 38 -1.67 -18.98 13.22
CA PRO C 38 -1.39 -18.52 11.84
C PRO C 38 -2.66 -18.06 11.13
N ASP C 39 -3.75 -18.77 11.38
CA ASP C 39 -5.03 -18.42 10.76
C ASP C 39 -5.53 -17.07 11.26
N GLN C 40 -5.35 -16.82 12.54
CA GLN C 40 -5.79 -15.56 13.13
C GLN C 40 -4.71 -14.49 12.95
N GLN C 41 -4.04 -14.52 11.81
CA GLN C 41 -2.99 -13.55 11.52
C GLN C 41 -3.13 -13.00 10.10
N ARG C 42 -4.12 -12.13 9.91
CA ARG C 42 -4.35 -11.54 8.59
C ARG C 42 -3.54 -10.25 8.44
N LEU C 43 -2.52 -10.31 7.60
CA LEU C 43 -1.67 -9.14 7.37
C LEU C 43 -2.23 -8.27 6.25
N ILE C 44 -2.30 -6.97 6.52
CA ILE C 44 -2.81 -6.01 5.54
C ILE C 44 -1.82 -4.87 5.35
N PHE C 45 -1.40 -4.66 4.10
CA PHE C 45 -0.44 -3.61 3.78
C PHE C 45 -1.10 -2.51 2.94
N ALA C 46 -1.75 -1.56 3.61
CA ALA C 46 -2.41 -0.46 2.91
C ALA C 46 -3.55 -0.98 2.04
N GLY C 47 -4.54 -1.60 2.67
CA GLY C 47 -5.68 -2.13 1.95
C GLY C 47 -5.31 -3.40 1.17
N LYS C 48 -4.01 -3.59 0.97
CA LYS C 48 -3.54 -4.76 0.24
C LYS C 48 -3.47 -5.97 1.17
N GLN C 49 -4.54 -6.76 1.19
CA GLN C 49 -4.59 -7.95 2.03
C GLN C 49 -3.62 -9.01 1.49
N LEU C 50 -2.71 -9.47 2.34
CA LEU C 50 -1.74 -10.47 1.93
C LEU C 50 -2.31 -11.88 2.07
N GLU C 51 -2.05 -12.72 1.06
CA GLU C 51 -2.54 -14.09 1.06
C GLU C 51 -1.51 -15.03 1.71
N ASP C 52 -1.98 -16.18 2.15
CA ASP C 52 -1.10 -17.15 2.80
C ASP C 52 -0.30 -17.93 1.75
N GLY C 53 -0.53 -17.62 0.48
CA GLY C 53 0.17 -18.31 -0.60
C GLY C 53 0.91 -17.31 -1.49
N ARG C 54 1.53 -16.32 -0.87
CA ARG C 54 2.28 -15.31 -1.61
C ARG C 54 3.57 -14.96 -0.88
N THR C 55 4.40 -14.12 -1.51
CA THR C 55 5.67 -13.72 -0.90
C THR C 55 5.71 -12.22 -0.67
N LEU C 56 6.59 -11.78 0.21
CA LEU C 56 6.71 -10.35 0.52
C LEU C 56 7.17 -9.58 -0.71
N SER C 57 7.32 -10.28 -1.83
CA SER C 57 7.75 -9.65 -3.08
C SER C 57 6.56 -9.30 -3.95
N ASP C 58 5.52 -10.13 -3.87
CA ASP C 58 4.31 -9.90 -4.67
C ASP C 58 3.50 -8.74 -4.09
N TYR C 59 4.14 -7.95 -3.22
CA TYR C 59 3.46 -6.82 -2.60
C TYR C 59 4.41 -5.62 -2.51
N ASN C 60 5.58 -5.76 -3.11
CA ASN C 60 6.57 -4.68 -3.09
C ASN C 60 6.92 -4.30 -1.65
N ILE C 61 6.81 -5.26 -0.74
CA ILE C 61 7.12 -5.00 0.66
C ILE C 61 8.63 -5.01 0.88
N GLN C 62 9.22 -3.83 0.88
CA GLN C 62 10.66 -3.70 1.07
C GLN C 62 11.02 -3.81 2.55
N LYS C 63 12.17 -3.26 2.91
CA LYS C 63 12.63 -3.30 4.29
C LYS C 63 12.01 -2.16 5.10
N GLU C 64 12.04 -2.30 6.42
CA GLU C 64 11.48 -1.28 7.30
C GLU C 64 10.04 -0.96 6.89
N SER C 65 9.39 -1.91 6.24
CA SER C 65 8.01 -1.72 5.79
C SER C 65 7.04 -2.08 6.91
N THR C 66 6.04 -1.23 7.13
CA THR C 66 5.04 -1.47 8.16
C THR C 66 3.97 -2.43 7.65
N LEU C 67 3.37 -3.18 8.58
CA LEU C 67 2.33 -4.14 8.23
C LEU C 67 1.21 -4.12 9.26
N HIS C 68 -0.02 -3.91 8.79
CA HIS C 68 -1.17 -3.87 9.68
C HIS C 68 -1.65 -5.29 10.00
N LEU C 69 -1.28 -5.79 11.18
CA LEU C 69 -1.67 -7.14 11.58
C LEU C 69 -3.08 -7.13 12.16
N VAL C 70 -3.89 -8.09 11.74
CA VAL C 70 -5.26 -8.21 12.23
C VAL C 70 -5.56 -9.66 12.62
N LEU C 71 -6.64 -9.84 13.38
CA LEU C 71 -7.02 -11.18 13.82
C LEU C 71 -8.18 -11.71 12.98
N ARG C 72 -7.85 -12.52 11.98
CA ARG C 72 -8.86 -13.09 11.09
C ARG C 72 -10.05 -13.62 11.91
N LEU C 73 -11.22 -13.04 11.69
CA LEU C 73 -12.43 -13.46 12.41
C LEU C 73 -13.23 -14.44 11.56
N ARG C 74 -12.78 -15.70 11.53
CA ARG C 74 -13.49 -16.71 10.75
C ARG C 74 -14.67 -17.26 11.54
N GLY C 75 -15.73 -17.62 10.81
CA GLY C 75 -16.93 -18.16 11.44
C GLY C 75 -16.69 -19.57 11.96
N CYS C 76 -16.32 -19.67 13.23
CA CYS C 76 -16.06 -20.97 13.85
C CYS C 76 -16.20 -20.89 15.36
N GLY D 1 -11.14 15.32 15.75
CA GLY D 1 -11.14 14.57 17.01
C GLY D 1 -12.48 13.89 17.23
N THR D 2 -12.82 12.93 16.37
CA THR D 2 -14.08 12.22 16.48
C THR D 2 -13.95 11.05 17.46
N LYS D 3 -14.40 11.27 18.69
CA LYS D 3 -14.33 10.25 19.72
C LYS D 3 -14.72 8.89 19.14
N LYS D 4 -13.72 8.15 18.66
CA LYS D 4 -13.96 6.82 18.10
C LYS D 4 -15.18 6.85 17.18
N TYR D 5 -15.63 5.67 16.76
CA TYR D 5 -16.79 5.56 15.88
C TYR D 5 -17.84 4.63 16.49
N ASP D 6 -19.09 5.07 16.48
CA ASP D 6 -20.17 4.26 17.03
C ASP D 6 -20.59 3.19 16.04
N LEU D 7 -20.00 2.00 16.18
CA LEU D 7 -20.32 0.89 15.29
C LEU D 7 -21.40 0.00 15.91
N SER D 8 -22.29 0.61 16.67
CA SER D 8 -23.37 -0.13 17.32
C SER D 8 -24.45 -0.51 16.31
N LYS D 9 -24.17 -0.26 15.03
CA LYS D 9 -25.12 -0.58 13.97
C LYS D 9 -24.39 -0.95 12.68
N TRP D 10 -23.79 -2.15 12.67
CA TRP D 10 -23.06 -2.63 11.50
C TRP D 10 -23.45 -4.06 11.18
N LYS D 11 -23.22 -4.47 9.94
CA LYS D 11 -23.55 -5.83 9.51
C LYS D 11 -22.31 -6.70 9.51
N TYR D 12 -22.52 -8.02 9.44
CA TYR D 12 -21.41 -8.97 9.43
C TYR D 12 -20.57 -8.80 8.17
N ALA D 13 -21.25 -8.73 7.02
CA ALA D 13 -20.56 -8.57 5.74
C ALA D 13 -19.76 -7.27 5.72
N GLU D 14 -20.34 -6.22 6.28
CA GLU D 14 -19.68 -4.92 6.32
C GLU D 14 -18.42 -4.99 7.16
N LEU D 15 -18.54 -5.50 8.38
CA LEU D 15 -17.40 -5.61 9.27
C LEU D 15 -16.32 -6.51 8.67
N ARG D 16 -16.71 -7.74 8.34
CA ARG D 16 -15.76 -8.68 7.75
C ARG D 16 -15.13 -8.10 6.49
N ASP D 17 -15.95 -7.47 5.66
CA ASP D 17 -15.46 -6.87 4.42
C ASP D 17 -14.55 -5.69 4.72
N THR D 18 -14.98 -4.82 5.64
CA THR D 18 -14.19 -3.66 6.01
C THR D 18 -12.79 -4.08 6.46
N ILE D 19 -12.73 -5.16 7.21
CA ILE D 19 -11.45 -5.65 7.70
C ILE D 19 -10.66 -6.32 6.57
N ASN D 20 -11.37 -7.03 5.70
CA ASN D 20 -10.73 -7.71 4.58
C ASN D 20 -10.42 -6.73 3.45
N THR D 21 -11.13 -5.61 3.43
CA THR D 21 -10.92 -4.61 2.39
C THR D 21 -10.13 -3.42 2.94
N SER D 22 -10.56 -2.90 4.08
CA SER D 22 -9.88 -1.76 4.70
C SER D 22 -8.62 -2.21 5.42
N CYS D 23 -7.90 -1.24 5.99
CA CYS D 23 -6.67 -1.53 6.72
C CYS D 23 -6.49 -0.53 7.85
N ASP D 24 -7.54 0.23 8.11
CA ASP D 24 -7.50 1.24 9.17
C ASP D 24 -7.41 0.57 10.53
N ILE D 25 -6.18 0.41 11.01
CA ILE D 25 -5.95 -0.22 12.30
C ILE D 25 -7.01 0.20 13.31
N GLU D 26 -7.37 1.47 13.30
CA GLU D 26 -8.38 1.98 14.21
C GLU D 26 -9.69 1.21 14.03
N LEU D 27 -10.23 1.24 12.82
CA LEU D 27 -11.48 0.54 12.53
C LEU D 27 -11.32 -0.94 12.85
N LEU D 28 -10.15 -1.49 12.53
CA LEU D 28 -9.89 -2.90 12.80
C LEU D 28 -10.08 -3.20 14.28
N ALA D 29 -9.59 -2.30 15.13
CA ALA D 29 -9.71 -2.48 16.57
C ALA D 29 -11.18 -2.39 16.98
N ALA D 30 -11.87 -1.37 16.48
CA ALA D 30 -13.28 -1.19 16.80
C ALA D 30 -14.13 -2.27 16.13
N CYS D 31 -13.69 -2.70 14.95
CA CYS D 31 -14.41 -3.74 14.22
C CYS D 31 -14.28 -5.07 14.96
N ARG D 32 -13.07 -5.38 15.38
CA ARG D 32 -12.82 -6.62 16.11
C ARG D 32 -13.54 -6.62 17.45
N GLU D 33 -13.48 -5.50 18.16
CA GLU D 33 -14.12 -5.41 19.47
C GLU D 33 -15.63 -5.58 19.34
N GLU D 34 -16.24 -4.90 18.35
CA GLU D 34 -17.68 -5.01 18.16
C GLU D 34 -18.02 -6.37 17.55
N PHE D 35 -17.15 -6.85 16.66
CA PHE D 35 -17.37 -8.14 16.02
C PHE D 35 -17.46 -9.25 17.07
N HIS D 36 -16.62 -9.16 18.10
CA HIS D 36 -16.61 -10.15 19.16
C HIS D 36 -17.80 -9.93 20.09
N ARG D 37 -17.93 -8.70 20.59
CA ARG D 37 -19.03 -8.37 21.48
C ARG D 37 -20.34 -8.92 20.95
N ARG D 38 -20.56 -8.78 19.65
CA ARG D 38 -21.78 -9.27 19.01
C ARG D 38 -21.91 -10.77 19.21
N LEU D 39 -20.78 -11.47 19.11
CA LEU D 39 -20.78 -12.93 19.28
C LEU D 39 -20.73 -13.30 20.75
N LYS D 40 -20.19 -12.39 21.57
CA LYS D 40 -20.09 -12.63 23.00
C LYS D 40 -21.45 -12.47 23.68
N VAL D 41 -22.12 -11.37 23.38
CA VAL D 41 -23.43 -11.10 23.96
C VAL D 41 -24.51 -11.87 23.21
N TYR D 42 -25.31 -12.64 23.96
CA TYR D 42 -26.38 -13.42 23.37
C TYR D 42 -27.17 -12.59 22.37
N HIS D 43 -26.73 -12.60 21.12
CA HIS D 43 -27.41 -11.82 20.08
C HIS D 43 -28.89 -12.16 20.05
N GLY A 1 -14.76 23.76 -1.84
CA GLY A 1 -13.85 23.98 -0.73
C GLY A 1 -12.47 23.37 -1.03
N THR A 2 -11.73 23.06 0.02
CA THR A 2 -10.41 22.47 -0.14
C THR A 2 -9.86 21.99 1.20
N LYS A 3 -9.17 20.85 1.17
CA LYS A 3 -8.60 20.28 2.38
C LYS A 3 -7.33 19.50 2.06
N LYS A 4 -6.18 20.13 2.30
CA LYS A 4 -4.90 19.48 2.03
C LYS A 4 -4.54 18.52 3.17
N TYR A 5 -3.49 17.74 2.96
CA TYR A 5 -3.04 16.78 3.97
C TYR A 5 -1.94 17.38 4.83
N ASP A 6 -2.16 17.40 6.14
CA ASP A 6 -1.19 17.95 7.07
C ASP A 6 -0.05 16.95 7.31
N LEU A 7 1.01 17.07 6.52
CA LEU A 7 2.16 16.18 6.66
C LEU A 7 3.22 16.81 7.57
N SER A 8 2.76 17.36 8.69
CA SER A 8 3.67 17.99 9.64
C SER A 8 4.61 16.96 10.25
N LYS A 9 4.18 15.70 10.28
CA LYS A 9 4.99 14.64 10.84
C LYS A 9 4.59 13.28 10.25
N TRP A 10 5.50 12.70 9.47
CA TRP A 10 5.25 11.41 8.85
C TRP A 10 6.47 10.50 8.99
N LYS A 11 6.37 9.28 8.47
CA LYS A 11 7.46 8.32 8.54
C LYS A 11 7.97 7.98 7.14
N TYR A 12 9.20 7.49 7.06
CA TYR A 12 9.80 7.13 5.79
C TYR A 12 8.96 6.06 5.09
N ALA A 13 8.66 4.99 5.81
CA ALA A 13 7.88 3.89 5.26
C ALA A 13 6.47 4.36 4.91
N GLU A 14 5.86 5.12 5.81
CA GLU A 14 4.51 5.62 5.59
C GLU A 14 4.44 6.39 4.28
N LEU A 15 5.39 7.31 4.08
CA LEU A 15 5.41 8.09 2.84
C LEU A 15 5.60 7.19 1.63
N ARG A 16 6.71 6.44 1.62
CA ARG A 16 6.99 5.54 0.52
C ARG A 16 5.80 4.63 0.26
N ASP A 17 5.30 4.01 1.32
CA ASP A 17 4.16 3.11 1.20
C ASP A 17 2.99 3.84 0.55
N THR A 18 2.66 5.02 1.08
CA THR A 18 1.56 5.80 0.55
C THR A 18 1.71 5.96 -0.97
N ILE A 19 2.92 6.25 -1.41
CA ILE A 19 3.17 6.43 -2.83
C ILE A 19 3.17 5.08 -3.55
N ASN A 20 3.72 4.06 -2.90
CA ASN A 20 3.79 2.73 -3.49
C ASN A 20 2.44 2.02 -3.37
N THR A 21 1.49 2.65 -2.68
CA THR A 21 0.16 2.06 -2.52
C THR A 21 -0.93 3.02 -2.98
N SER A 22 -0.91 4.23 -2.43
CA SER A 22 -1.91 5.23 -2.80
C SER A 22 -1.79 5.63 -4.26
N CYS A 23 -2.77 6.38 -4.75
CA CYS A 23 -2.78 6.83 -6.14
C CYS A 23 -3.33 8.24 -6.23
N ASP A 24 -3.26 8.96 -5.12
CA ASP A 24 -3.76 10.33 -5.06
C ASP A 24 -2.68 11.32 -5.51
N ILE A 25 -2.76 11.71 -6.77
CA ILE A 25 -1.80 12.66 -7.33
C ILE A 25 -1.46 13.74 -6.32
N GLU A 26 -2.47 14.18 -5.57
CA GLU A 26 -2.27 15.21 -4.57
C GLU A 26 -1.26 14.76 -3.53
N LEU A 27 -1.57 13.64 -2.87
CA LEU A 27 -0.67 13.10 -1.85
C LEU A 27 0.69 12.78 -2.45
N LEU A 28 0.67 12.25 -3.67
CA LEU A 28 1.91 11.90 -4.35
C LEU A 28 2.80 13.14 -4.49
N ALA A 29 2.19 14.26 -4.88
CA ALA A 29 2.94 15.50 -5.05
C ALA A 29 3.42 16.02 -3.69
N ALA A 30 2.51 16.08 -2.73
CA ALA A 30 2.86 16.55 -1.39
C ALA A 30 3.91 15.64 -0.77
N CYS A 31 3.74 14.33 -0.96
CA CYS A 31 4.69 13.37 -0.42
C CYS A 31 6.08 13.63 -0.99
N ARG A 32 6.17 13.68 -2.31
CA ARG A 32 7.46 13.92 -2.97
C ARG A 32 8.07 15.21 -2.43
N GLU A 33 7.25 16.24 -2.26
CA GLU A 33 7.73 17.52 -1.75
C GLU A 33 8.43 17.34 -0.39
N GLU A 34 7.69 16.81 0.58
CA GLU A 34 8.26 16.61 1.91
C GLU A 34 9.38 15.58 1.87
N PHE A 35 9.21 14.54 1.05
CA PHE A 35 10.22 13.50 0.94
C PHE A 35 11.55 14.08 0.49
N HIS A 36 11.51 14.98 -0.49
CA HIS A 36 12.73 15.60 -0.99
C HIS A 36 13.29 16.59 0.02
N ARG A 37 12.45 17.54 0.42
CA ARG A 37 12.86 18.55 1.40
C ARG A 37 13.59 17.90 2.57
N ARG A 38 13.02 16.81 3.06
CA ARG A 38 13.62 16.09 4.19
C ARG A 38 15.08 15.74 3.89
N LEU A 39 15.38 15.56 2.60
CA LEU A 39 16.74 15.22 2.19
C LEU A 39 17.54 16.48 1.86
N LYS A 40 16.94 17.35 1.06
CA LYS A 40 17.61 18.59 0.67
C LYS A 40 18.02 19.40 1.90
N VAL A 41 17.09 19.52 2.85
CA VAL A 41 17.36 20.26 4.08
C VAL A 41 18.72 19.89 4.64
N TYR A 42 19.60 20.89 4.75
CA TYR A 42 20.94 20.68 5.28
C TYR A 42 21.48 19.31 4.85
N HIS A 43 21.98 19.24 3.63
CA HIS A 43 22.53 17.99 3.10
C HIS A 43 23.35 18.24 1.85
N MET B 1 -1.06 1.68 -29.84
CA MET B 1 -2.00 2.67 -29.26
C MET B 1 -1.22 3.74 -28.51
N GLN B 2 -1.74 4.96 -28.52
CA GLN B 2 -1.08 6.08 -27.85
C GLN B 2 -1.63 6.26 -26.43
N ILE B 3 -0.75 6.09 -25.44
CA ILE B 3 -1.16 6.24 -24.05
C ILE B 3 -0.67 7.57 -23.48
N PHE B 4 -1.44 8.12 -22.54
CA PHE B 4 -1.09 9.40 -21.92
C PHE B 4 -0.43 9.18 -20.57
N VAL B 5 0.49 10.06 -20.21
CA VAL B 5 1.19 9.97 -18.94
C VAL B 5 1.19 11.32 -18.24
N LYS B 6 0.37 11.45 -17.19
CA LYS B 6 0.27 12.70 -16.45
C LYS B 6 1.20 12.68 -15.24
N THR B 7 2.00 13.73 -15.09
CA THR B 7 2.93 13.83 -13.97
C THR B 7 2.24 14.43 -12.75
N LEU B 8 3.03 15.01 -11.85
CA LEU B 8 2.48 15.61 -10.64
C LEU B 8 2.00 17.03 -10.93
N THR B 9 2.74 17.74 -11.78
CA THR B 9 2.38 19.11 -12.14
C THR B 9 1.23 19.12 -13.14
N GLY B 10 0.86 17.93 -13.63
CA GLY B 10 -0.22 17.81 -14.59
C GLY B 10 0.32 17.77 -16.02
N LYS B 11 1.60 17.44 -16.15
CA LYS B 11 2.23 17.35 -17.47
C LYS B 11 1.87 16.04 -18.15
N THR B 12 1.09 16.13 -19.22
CA THR B 12 0.68 14.93 -19.96
C THR B 12 1.66 14.63 -21.09
N ILE B 13 1.95 13.34 -21.28
CA ILE B 13 2.88 12.93 -22.34
C ILE B 13 2.30 11.75 -23.12
N THR B 14 2.20 11.92 -24.43
CA THR B 14 1.66 10.87 -25.29
C THR B 14 2.78 9.97 -25.81
N LEU B 15 2.64 8.66 -25.58
CA LEU B 15 3.66 7.71 -26.03
C LEU B 15 3.03 6.55 -26.78
N GLU B 16 3.58 6.22 -27.94
CA GLU B 16 3.08 5.11 -28.75
C GLU B 16 3.56 3.78 -28.18
N VAL B 17 2.62 2.89 -27.88
CA VAL B 17 2.97 1.59 -27.32
C VAL B 17 1.98 0.52 -27.77
N GLU B 18 2.23 -0.71 -27.37
CA GLU B 18 1.36 -1.83 -27.71
C GLU B 18 1.05 -2.66 -26.48
N PRO B 19 -0.10 -3.29 -26.43
CA PRO B 19 -0.52 -4.13 -25.28
C PRO B 19 0.59 -5.07 -24.82
N SER B 20 1.53 -5.38 -25.71
CA SER B 20 2.62 -6.29 -25.38
C SER B 20 3.84 -5.51 -24.89
N ASP B 21 3.65 -4.23 -24.62
CA ASP B 21 4.75 -3.40 -24.13
C ASP B 21 4.90 -3.55 -22.62
N THR B 22 6.13 -3.78 -22.18
CA THR B 22 6.41 -3.95 -20.75
C THR B 22 6.58 -2.60 -20.07
N ILE B 23 5.95 -2.44 -18.92
CA ILE B 23 6.05 -1.19 -18.16
C ILE B 23 7.49 -0.69 -18.18
N GLU B 24 8.44 -1.63 -18.18
CA GLU B 24 9.85 -1.28 -18.19
C GLU B 24 10.20 -0.57 -19.50
N ASN B 25 9.63 -1.04 -20.60
CA ASN B 25 9.88 -0.44 -21.90
C ASN B 25 9.33 0.98 -21.92
N VAL B 26 8.15 1.16 -21.33
CA VAL B 26 7.52 2.47 -21.28
C VAL B 26 8.39 3.43 -20.47
N LYS B 27 8.88 2.97 -19.34
CA LYS B 27 9.73 3.78 -18.49
C LYS B 27 10.95 4.27 -19.26
N ALA B 28 11.48 3.40 -20.12
CA ALA B 28 12.64 3.74 -20.93
C ALA B 28 12.29 4.87 -21.90
N LYS B 29 11.12 4.75 -22.52
CA LYS B 29 10.67 5.77 -23.47
C LYS B 29 10.59 7.13 -22.79
N ILE B 30 9.94 7.18 -21.63
CA ILE B 30 9.81 8.42 -20.89
C ILE B 30 11.19 9.00 -20.59
N GLN B 31 12.06 8.16 -20.03
CA GLN B 31 13.42 8.60 -19.70
C GLN B 31 14.06 9.30 -20.89
N ASP B 32 13.76 8.82 -22.09
CA ASP B 32 14.31 9.40 -23.30
C ASP B 32 13.70 10.78 -23.55
N LYS B 33 12.45 10.96 -23.12
CA LYS B 33 11.77 12.22 -23.30
C LYS B 33 12.25 13.24 -22.28
N GLU B 34 12.00 12.95 -21.01
CA GLU B 34 12.41 13.85 -19.94
C GLU B 34 13.90 13.66 -19.62
N GLY B 35 14.21 12.67 -18.80
CA GLY B 35 15.60 12.40 -18.44
C GLY B 35 15.67 11.65 -17.11
N ILE B 36 14.54 11.13 -16.66
CA ILE B 36 14.49 10.38 -15.41
C ILE B 36 14.86 8.92 -15.64
N PRO B 37 15.80 8.39 -14.90
CA PRO B 37 16.22 6.96 -15.07
C PRO B 37 15.03 6.00 -14.93
N PRO B 38 15.07 4.88 -15.61
CA PRO B 38 13.98 3.88 -15.53
C PRO B 38 13.62 3.52 -14.09
N ASP B 39 14.62 3.48 -13.23
CA ASP B 39 14.40 3.14 -11.83
C ASP B 39 13.64 4.26 -11.12
N GLN B 40 14.10 5.49 -11.30
CA GLN B 40 13.46 6.64 -10.67
C GLN B 40 12.12 6.95 -11.34
N GLN B 41 11.40 5.90 -11.72
CA GLN B 41 10.10 6.09 -12.38
C GLN B 41 9.06 5.14 -11.78
N ARG B 42 7.80 5.51 -11.91
CA ARG B 42 6.71 4.69 -11.37
C ARG B 42 5.40 5.05 -12.08
N LEU B 43 4.61 4.03 -12.41
CA LEU B 43 3.34 4.26 -13.09
C LEU B 43 2.17 3.71 -12.28
N ILE B 44 1.09 4.49 -12.21
CA ILE B 44 -0.10 4.08 -11.46
C ILE B 44 -1.33 4.18 -12.36
N PHE B 45 -2.23 3.22 -12.22
CA PHE B 45 -3.45 3.20 -13.03
C PHE B 45 -4.60 2.57 -12.24
N ALA B 46 -5.83 2.98 -12.59
CA ALA B 46 -7.00 2.44 -11.91
C ALA B 46 -6.76 2.33 -10.41
N GLY B 47 -5.87 3.16 -9.90
CA GLY B 47 -5.55 3.15 -8.47
C GLY B 47 -4.74 1.92 -8.11
N LYS B 48 -3.75 1.60 -8.94
CA LYS B 48 -2.91 0.43 -8.70
C LYS B 48 -1.51 0.66 -9.26
N GLN B 49 -0.50 0.29 -8.49
CA GLN B 49 0.89 0.47 -8.92
C GLN B 49 1.25 -0.62 -9.94
N LEU B 50 1.74 -0.19 -11.10
CA LEU B 50 2.12 -1.13 -12.15
C LEU B 50 3.52 -1.68 -11.90
N GLU B 51 3.68 -2.98 -12.10
CA GLU B 51 4.98 -3.62 -11.90
C GLU B 51 5.87 -3.41 -13.11
N ASP B 52 7.17 -3.59 -12.91
CA ASP B 52 8.14 -3.41 -14.00
C ASP B 52 8.23 -4.67 -14.85
N GLY B 53 7.75 -5.79 -14.30
CA GLY B 53 7.79 -7.07 -15.01
C GLY B 53 6.41 -7.45 -15.52
N ARG B 54 5.67 -6.47 -16.04
CA ARG B 54 4.34 -6.73 -16.56
C ARG B 54 4.11 -5.92 -17.85
N THR B 55 3.04 -6.25 -18.56
CA THR B 55 2.73 -5.56 -19.82
C THR B 55 1.44 -4.74 -19.67
N LEU B 56 1.30 -3.74 -20.53
CA LEU B 56 0.11 -2.89 -20.51
C LEU B 56 -1.16 -3.72 -20.64
N SER B 57 -1.04 -4.88 -21.28
CA SER B 57 -2.19 -5.76 -21.46
C SER B 57 -2.62 -6.38 -20.13
N ASP B 58 -1.64 -6.82 -19.35
CA ASP B 58 -1.93 -7.43 -18.05
C ASP B 58 -2.88 -6.54 -17.24
N TYR B 59 -2.63 -5.23 -17.27
CA TYR B 59 -3.47 -4.29 -16.53
C TYR B 59 -4.67 -3.88 -17.36
N ASN B 60 -4.82 -4.49 -18.52
CA ASN B 60 -5.94 -4.19 -19.41
C ASN B 60 -5.87 -2.73 -19.88
N ILE B 61 -4.72 -2.10 -19.69
CA ILE B 61 -4.54 -0.71 -20.11
C ILE B 61 -4.78 -0.58 -21.60
N GLN B 62 -5.89 0.07 -21.97
CA GLN B 62 -6.23 0.26 -23.37
C GLN B 62 -5.52 1.49 -23.93
N ARG B 63 -6.08 2.06 -24.99
CA ARG B 63 -5.49 3.24 -25.62
C ARG B 63 -5.97 4.50 -24.94
N GLU B 64 -5.20 5.58 -25.08
CA GLU B 64 -5.55 6.86 -24.47
C GLU B 64 -5.75 6.71 -22.97
N SER B 65 -5.01 5.79 -22.36
CA SER B 65 -5.10 5.56 -20.93
C SER B 65 -4.26 6.58 -20.16
N THR B 66 -4.81 7.11 -19.08
CA THR B 66 -4.10 8.09 -18.28
C THR B 66 -3.26 7.40 -17.19
N LEU B 67 -1.94 7.43 -17.37
CA LEU B 67 -1.04 6.81 -16.41
C LEU B 67 -0.41 7.86 -15.50
N HIS B 68 -0.50 7.65 -14.19
CA HIS B 68 0.07 8.60 -13.23
C HIS B 68 1.55 8.31 -13.04
N LEU B 69 2.39 9.27 -13.42
CA LEU B 69 3.83 9.11 -13.29
C LEU B 69 4.31 9.68 -11.95
N VAL B 70 5.00 8.86 -11.18
CA VAL B 70 5.52 9.29 -9.87
C VAL B 70 6.98 8.89 -9.73
N LEU B 71 7.70 9.60 -8.86
CA LEU B 71 9.11 9.32 -8.63
C LEU B 71 9.28 8.16 -7.65
N ARG B 72 9.95 7.10 -8.10
CA ARG B 72 10.17 5.94 -7.24
C ARG B 72 11.27 6.23 -6.22
N LEU B 73 11.02 7.23 -5.36
CA LEU B 73 12.00 7.59 -4.34
C LEU B 73 12.57 6.34 -3.68
N ARG B 74 13.81 6.01 -4.03
CA ARG B 74 14.46 4.84 -3.45
C ARG B 74 13.54 3.64 -3.49
N GLY B 75 13.99 2.53 -2.92
CA GLY B 75 13.20 1.30 -2.89
C GLY B 75 13.99 0.13 -2.33
N GLY B 76 15.14 -0.15 -2.96
CA GLY B 76 15.98 -1.24 -2.53
C GLY B 76 16.46 -1.03 -1.08
N MET C 1 15.11 -9.84 3.89
CA MET C 1 14.89 -8.40 4.25
C MET C 1 14.07 -8.34 5.53
N GLN C 2 14.38 -7.37 6.38
CA GLN C 2 13.66 -7.19 7.64
C GLN C 2 12.43 -6.31 7.43
N ILE C 3 11.26 -6.85 7.75
CA ILE C 3 10.01 -6.10 7.60
C ILE C 3 9.42 -5.75 8.96
N PHE C 4 8.72 -4.61 9.03
CA PHE C 4 8.10 -4.18 10.27
C PHE C 4 6.62 -4.55 10.29
N VAL C 5 6.13 -4.99 11.43
CA VAL C 5 4.73 -5.38 11.58
C VAL C 5 4.09 -4.62 12.74
N LYS C 6 3.16 -3.74 12.42
CA LYS C 6 2.47 -2.96 13.44
C LYS C 6 1.36 -3.79 14.09
N THR C 7 1.48 -4.01 15.40
CA THR C 7 0.50 -4.78 16.14
C THR C 7 -0.80 -3.99 16.29
N LEU C 8 -1.66 -4.44 17.18
CA LEU C 8 -2.93 -3.77 17.42
C LEU C 8 -2.74 -2.58 18.34
N THR C 9 -2.16 -2.82 19.51
CA THR C 9 -1.92 -1.76 20.47
C THR C 9 -1.07 -0.65 19.85
N GLY C 10 0.02 -1.05 19.19
CA GLY C 10 0.91 -0.09 18.54
C GLY C 10 2.36 -0.56 18.60
N LYS C 11 2.55 -1.79 19.04
CA LYS C 11 3.90 -2.36 19.14
C LYS C 11 4.34 -2.93 17.80
N THR C 12 5.44 -2.40 17.29
CA THR C 12 5.98 -2.87 16.00
C THR C 12 6.87 -4.09 16.21
N ILE C 13 7.01 -4.89 15.16
CA ILE C 13 7.85 -6.09 15.23
C ILE C 13 8.66 -6.25 13.96
N THR C 14 9.98 -6.41 14.11
CA THR C 14 10.87 -6.59 12.98
C THR C 14 11.14 -8.06 12.75
N LEU C 15 10.62 -8.60 11.63
CA LEU C 15 10.81 -10.01 11.31
C LEU C 15 11.62 -10.18 10.04
N GLU C 16 12.58 -11.09 10.07
CA GLU C 16 13.42 -11.36 8.90
C GLU C 16 12.68 -12.25 7.91
N VAL C 17 12.51 -11.78 6.69
CA VAL C 17 11.81 -12.55 5.66
C VAL C 17 12.39 -12.28 4.29
N GLU C 18 11.97 -13.08 3.31
CA GLU C 18 12.44 -12.94 1.93
C GLU C 18 11.25 -12.75 1.00
N PRO C 19 11.44 -12.04 -0.09
CA PRO C 19 10.35 -11.78 -1.08
C PRO C 19 9.55 -13.04 -1.42
N SER C 20 10.18 -14.20 -1.25
CA SER C 20 9.52 -15.48 -1.55
C SER C 20 8.67 -15.95 -0.37
N ASP C 21 9.04 -15.51 0.83
CA ASP C 21 8.30 -15.92 2.03
C ASP C 21 6.81 -15.83 1.79
N THR C 22 6.08 -16.86 2.23
CA THR C 22 4.63 -16.89 2.06
C THR C 22 3.94 -16.26 3.27
N ILE C 23 2.93 -15.43 3.00
CA ILE C 23 2.20 -14.77 4.06
C ILE C 23 1.97 -15.72 5.25
N GLU C 24 1.41 -16.90 4.95
CA GLU C 24 1.17 -17.88 5.99
C GLU C 24 2.43 -18.10 6.82
N ASN C 25 3.58 -18.06 6.16
CA ASN C 25 4.85 -18.25 6.85
C ASN C 25 5.09 -17.10 7.83
N VAL C 26 4.74 -15.90 7.41
CA VAL C 26 4.90 -14.73 8.26
C VAL C 26 4.03 -14.87 9.50
N LYS C 27 2.78 -15.29 9.30
CA LYS C 27 1.86 -15.47 10.41
C LYS C 27 2.44 -16.43 11.43
N ALA C 28 3.11 -17.48 10.92
CA ALA C 28 3.73 -18.47 11.80
C ALA C 28 4.82 -17.82 12.65
N LYS C 29 5.60 -16.95 12.02
CA LYS C 29 6.67 -16.25 12.73
C LYS C 29 6.10 -15.43 13.87
N ILE C 30 5.00 -14.72 13.60
CA ILE C 30 4.36 -13.91 14.61
C ILE C 30 3.76 -14.79 15.71
N GLN C 31 3.50 -16.05 15.38
CA GLN C 31 2.94 -16.98 16.34
C GLN C 31 4.01 -17.43 17.33
N ASP C 32 5.25 -17.52 16.84
CA ASP C 32 6.36 -17.94 17.68
C ASP C 32 6.80 -16.80 18.61
N LYS C 33 6.64 -15.57 18.12
CA LYS C 33 7.02 -14.41 18.90
C LYS C 33 5.92 -14.02 19.89
N GLU C 34 4.71 -13.81 19.36
CA GLU C 34 3.57 -13.46 20.21
C GLU C 34 2.93 -14.71 20.80
N GLY C 35 1.82 -15.12 20.23
CA GLY C 35 1.11 -16.31 20.71
C GLY C 35 -0.24 -16.48 20.01
N ILE C 36 -0.46 -15.66 18.98
CA ILE C 36 -1.72 -15.72 18.24
C ILE C 36 -1.61 -16.73 17.09
N PRO C 37 -2.43 -17.75 17.08
CA PRO C 37 -2.37 -18.78 15.99
C PRO C 37 -2.62 -18.15 14.62
N PRO C 38 -2.02 -18.71 13.59
CA PRO C 38 -2.19 -18.18 12.20
C PRO C 38 -3.65 -17.97 11.84
N ASP C 39 -4.45 -19.02 11.98
CA ASP C 39 -5.87 -18.93 11.66
C ASP C 39 -6.51 -17.74 12.36
N GLN C 40 -5.75 -17.13 13.27
CA GLN C 40 -6.26 -15.96 14.01
C GLN C 40 -5.39 -14.74 13.74
N GLN C 41 -4.82 -14.68 12.54
CA GLN C 41 -3.96 -13.55 12.18
C GLN C 41 -4.31 -13.04 10.78
N ARG C 42 -3.75 -11.89 10.42
CA ARG C 42 -4.01 -11.30 9.12
C ARG C 42 -3.05 -10.12 8.88
N LEU C 43 -2.72 -9.87 7.62
CA LEU C 43 -1.81 -8.77 7.29
C LEU C 43 -2.42 -7.87 6.21
N ILE C 44 -2.37 -6.57 6.46
CA ILE C 44 -2.90 -5.59 5.53
C ILE C 44 -1.85 -4.52 5.21
N PHE C 45 -1.50 -4.41 3.94
CA PHE C 45 -0.50 -3.42 3.52
C PHE C 45 -1.16 -2.27 2.76
N ALA C 46 -1.78 -1.36 3.50
CA ALA C 46 -2.45 -0.21 2.89
C ALA C 46 -3.69 -0.65 2.11
N GLY C 47 -4.70 -1.13 2.83
CA GLY C 47 -5.93 -1.58 2.19
C GLY C 47 -5.72 -2.86 1.41
N LYS C 48 -4.45 -3.19 1.13
CA LYS C 48 -4.12 -4.39 0.39
C LYS C 48 -4.02 -5.60 1.32
N GLN C 49 -5.13 -6.32 1.46
CA GLN C 49 -5.14 -7.50 2.32
C GLN C 49 -4.34 -8.62 1.68
N LEU C 50 -3.40 -9.18 2.44
CA LEU C 50 -2.56 -10.25 1.92
C LEU C 50 -3.24 -11.62 2.14
N GLU C 51 -3.15 -12.48 1.13
CA GLU C 51 -3.75 -13.81 1.21
C GLU C 51 -2.79 -14.78 1.89
N ASP C 52 -3.35 -15.88 2.41
CA ASP C 52 -2.54 -16.87 3.10
C ASP C 52 -1.85 -17.79 2.09
N GLY C 53 -2.12 -17.57 0.80
CA GLY C 53 -1.52 -18.39 -0.25
C GLY C 53 -0.74 -17.54 -1.25
N ARG C 54 -0.05 -16.53 -0.73
CA ARG C 54 0.74 -15.64 -1.59
C ARG C 54 2.10 -15.38 -0.95
N THR C 55 2.96 -14.65 -1.67
CA THR C 55 4.29 -14.32 -1.16
C THR C 55 4.47 -12.82 -1.04
N LEU C 56 5.42 -12.40 -0.21
CA LEU C 56 5.67 -10.97 -0.01
C LEU C 56 6.08 -10.32 -1.33
N SER C 57 6.14 -11.11 -2.39
CA SER C 57 6.51 -10.60 -3.71
C SER C 57 5.27 -10.28 -4.53
N ASP C 58 4.15 -10.91 -4.18
CA ASP C 58 2.91 -10.70 -4.90
C ASP C 58 2.24 -9.39 -4.44
N TYR C 59 3.00 -8.58 -3.71
CA TYR C 59 2.47 -7.31 -3.21
C TYR C 59 3.53 -6.23 -3.30
N ASN C 60 4.66 -6.54 -3.93
CA ASN C 60 5.74 -5.59 -4.08
C ASN C 60 6.25 -5.12 -2.72
N ILE C 61 6.03 -5.95 -1.70
CA ILE C 61 6.48 -5.61 -0.35
C ILE C 61 7.99 -5.70 -0.25
N GLN C 62 8.65 -4.54 -0.26
CA GLN C 62 10.11 -4.50 -0.17
C GLN C 62 10.56 -4.63 1.27
N LYS C 63 11.77 -4.17 1.56
CA LYS C 63 12.33 -4.24 2.91
C LYS C 63 11.84 -3.06 3.74
N GLU C 64 11.87 -3.23 5.06
CA GLU C 64 11.44 -2.17 5.97
C GLU C 64 10.00 -1.75 5.67
N SER C 65 9.18 -2.70 5.25
CA SER C 65 7.79 -2.42 4.93
C SER C 65 6.92 -2.55 6.18
N THR C 66 6.02 -1.59 6.37
CA THR C 66 5.12 -1.62 7.53
C THR C 66 3.84 -2.38 7.19
N LEU C 67 3.60 -3.47 7.90
CA LEU C 67 2.41 -4.29 7.67
C LEU C 67 1.43 -4.17 8.83
N HIS C 68 0.19 -3.79 8.53
CA HIS C 68 -0.83 -3.63 9.56
C HIS C 68 -1.37 -5.01 9.96
N LEU C 69 -1.04 -5.44 11.18
CA LEU C 69 -1.48 -6.74 11.67
C LEU C 69 -2.94 -6.66 12.14
N VAL C 70 -3.69 -7.72 11.90
CA VAL C 70 -5.09 -7.78 12.30
C VAL C 70 -5.48 -9.20 12.70
N LEU C 71 -6.70 -9.35 13.21
CA LEU C 71 -7.19 -10.67 13.62
C LEU C 71 -8.30 -11.14 12.69
N ARG C 72 -8.11 -12.31 12.09
CA ARG C 72 -9.10 -12.86 11.18
C ARG C 72 -10.16 -13.63 11.95
N LEU C 73 -11.37 -13.08 11.98
CA LEU C 73 -12.48 -13.72 12.69
C LEU C 73 -13.11 -14.82 11.83
N ARG C 74 -13.53 -15.90 12.47
CA ARG C 74 -14.16 -17.01 11.76
C ARG C 74 -15.61 -16.69 11.42
N GLY C 75 -16.33 -17.67 10.92
CA GLY C 75 -17.72 -17.49 10.56
C GLY C 75 -18.24 -18.65 9.71
N CYS C 76 -17.39 -19.14 8.82
CA CYS C 76 -17.76 -20.25 7.96
C CYS C 76 -16.52 -20.91 7.36
N GLY D 1 -13.06 11.57 27.80
CA GLY D 1 -13.94 10.63 27.11
C GLY D 1 -13.13 9.57 26.37
N THR D 2 -13.80 8.48 26.02
CA THR D 2 -13.13 7.38 25.31
C THR D 2 -13.08 7.69 23.81
N LYS D 3 -11.92 8.20 23.37
CA LYS D 3 -11.74 8.54 21.96
C LYS D 3 -11.87 7.29 21.09
N LYS D 4 -13.09 6.76 20.99
CA LYS D 4 -13.34 5.57 20.17
C LYS D 4 -14.59 5.76 19.33
N TYR D 5 -14.82 4.82 18.41
CA TYR D 5 -15.99 4.89 17.54
C TYR D 5 -17.15 4.09 18.12
N ASP D 6 -18.34 4.67 18.10
CA ASP D 6 -19.52 3.99 18.64
C ASP D 6 -20.05 2.98 17.63
N LEU D 7 -19.61 1.73 17.75
CA LEU D 7 -20.05 0.67 16.85
C LEU D 7 -21.11 -0.20 17.52
N SER D 8 -22.07 0.45 18.18
CA SER D 8 -23.14 -0.28 18.86
C SER D 8 -24.24 -0.66 17.88
N LYS D 9 -24.15 -0.16 16.65
CA LYS D 9 -25.14 -0.45 15.63
C LYS D 9 -24.47 -0.76 14.29
N TRP D 10 -23.89 -1.95 14.18
CA TRP D 10 -23.22 -2.37 12.96
C TRP D 10 -23.70 -3.75 12.53
N LYS D 11 -23.39 -4.11 11.29
CA LYS D 11 -23.79 -5.42 10.75
C LYS D 11 -22.57 -6.32 10.57
N TYR D 12 -22.83 -7.62 10.41
CA TYR D 12 -21.76 -8.58 10.22
C TYR D 12 -20.97 -8.27 8.95
N ALA D 13 -21.69 -8.08 7.85
CA ALA D 13 -21.04 -7.78 6.57
C ALA D 13 -20.26 -6.47 6.66
N GLU D 14 -20.85 -5.47 7.30
CA GLU D 14 -20.20 -4.18 7.44
C GLU D 14 -18.85 -4.33 8.16
N LEU D 15 -18.88 -4.94 9.34
CA LEU D 15 -17.66 -5.13 10.12
C LEU D 15 -16.64 -5.94 9.32
N ARG D 16 -17.01 -7.16 8.94
CA ARG D 16 -16.12 -8.02 8.17
C ARG D 16 -15.63 -7.29 6.92
N ASP D 17 -16.53 -6.57 6.27
CA ASP D 17 -16.15 -5.83 5.07
C ASP D 17 -15.17 -4.72 5.40
N THR D 18 -15.47 -3.95 6.44
CA THR D 18 -14.60 -2.86 6.85
C THR D 18 -13.17 -3.36 7.07
N ILE D 19 -13.04 -4.46 7.79
CA ILE D 19 -11.72 -5.03 8.06
C ILE D 19 -11.14 -5.65 6.79
N ASN D 20 -12.00 -6.16 5.93
CA ASN D 20 -11.57 -6.78 4.68
C ASN D 20 -11.43 -5.75 3.57
N THR D 21 -11.81 -4.51 3.86
CA THR D 21 -11.72 -3.45 2.86
C THR D 21 -10.97 -2.24 3.42
N SER D 22 -10.81 -2.20 4.74
CA SER D 22 -10.09 -1.09 5.38
C SER D 22 -8.81 -1.58 6.03
N CYS D 23 -7.94 -0.62 6.37
CA CYS D 23 -6.66 -0.95 7.00
C CYS D 23 -6.42 -0.02 8.19
N ASP D 24 -7.46 0.70 8.57
CA ASP D 24 -7.36 1.63 9.69
C ASP D 24 -7.20 0.88 11.00
N ILE D 25 -5.96 0.64 11.37
CA ILE D 25 -5.66 -0.08 12.61
C ILE D 25 -6.64 0.30 13.71
N GLU D 26 -6.99 1.59 13.76
CA GLU D 26 -7.93 2.07 14.77
C GLU D 26 -9.26 1.34 14.65
N LEU D 27 -9.87 1.43 13.47
CA LEU D 27 -11.15 0.76 13.23
C LEU D 27 -10.99 -0.74 13.41
N LEU D 28 -9.92 -1.29 12.86
CA LEU D 28 -9.66 -2.72 12.96
C LEU D 28 -9.76 -3.17 14.41
N ALA D 29 -9.17 -2.40 15.31
CA ALA D 29 -9.21 -2.73 16.73
C ALA D 29 -10.62 -2.57 17.28
N ALA D 30 -11.27 -1.47 16.93
CA ALA D 30 -12.64 -1.21 17.39
C ALA D 30 -13.58 -2.29 16.89
N CYS D 31 -13.47 -2.61 15.60
CA CYS D 31 -14.33 -3.64 15.01
C CYS D 31 -14.10 -4.99 15.68
N ARG D 32 -12.84 -5.41 15.73
CA ARG D 32 -12.50 -6.68 16.37
C ARG D 32 -13.01 -6.71 17.80
N GLU D 33 -12.96 -5.55 18.47
CA GLU D 33 -13.43 -5.46 19.85
C GLU D 33 -14.92 -5.75 19.94
N GLU D 34 -15.72 -5.04 19.14
CA GLU D 34 -17.16 -5.24 19.17
C GLU D 34 -17.52 -6.62 18.61
N PHE D 35 -16.77 -7.06 17.61
CA PHE D 35 -17.01 -8.38 17.02
C PHE D 35 -16.86 -9.47 18.07
N HIS D 36 -15.80 -9.39 18.86
CA HIS D 36 -15.55 -10.38 19.89
C HIS D 36 -16.61 -10.28 20.99
N ARG D 37 -16.79 -9.08 21.52
CA ARG D 37 -17.77 -8.86 22.57
C ARG D 37 -19.09 -9.53 22.22
N ARG D 38 -19.62 -9.17 21.04
CA ARG D 38 -20.88 -9.74 20.58
C ARG D 38 -20.88 -11.25 20.78
N LEU D 39 -19.76 -11.89 20.45
CA LEU D 39 -19.65 -13.34 20.58
C LEU D 39 -19.51 -13.72 22.05
N LYS D 40 -18.94 -12.82 22.84
CA LYS D 40 -18.76 -13.08 24.27
C LYS D 40 -20.11 -13.07 24.99
N VAL D 41 -20.74 -11.91 25.04
CA VAL D 41 -22.03 -11.78 25.71
C VAL D 41 -23.15 -12.29 24.80
N TYR D 42 -24.25 -11.54 24.75
CA TYR D 42 -25.39 -11.94 23.92
C TYR D 42 -26.28 -10.74 23.64
N HIS D 43 -25.66 -9.60 23.36
CA HIS D 43 -26.41 -8.38 23.07
C HIS D 43 -27.34 -8.60 21.88
N GLY A 1 -7.08 27.31 -7.17
CA GLY A 1 -7.03 27.01 -5.74
C GLY A 1 -6.56 25.59 -5.50
N THR A 2 -5.55 25.44 -4.65
CA THR A 2 -5.02 24.11 -4.34
C THR A 2 -4.35 24.12 -2.97
N LYS A 3 -5.13 23.81 -1.93
CA LYS A 3 -4.61 23.78 -0.57
C LYS A 3 -3.94 22.44 -0.29
N LYS A 4 -2.61 22.47 -0.15
CA LYS A 4 -1.86 21.26 0.13
C LYS A 4 -2.24 20.69 1.49
N TYR A 5 -1.51 19.67 1.93
CA TYR A 5 -1.77 19.03 3.21
C TYR A 5 -0.53 19.07 4.09
N ASP A 6 -0.74 19.16 5.41
CA ASP A 6 0.38 19.19 6.35
C ASP A 6 0.95 17.79 6.56
N LEU A 7 1.96 17.45 5.79
CA LEU A 7 2.59 16.14 5.90
C LEU A 7 3.88 16.23 6.70
N SER A 8 3.84 16.94 7.81
CA SER A 8 5.01 17.10 8.67
C SER A 8 5.07 15.99 9.71
N LYS A 9 3.91 15.45 10.06
CA LYS A 9 3.84 14.40 11.06
C LYS A 9 3.76 13.02 10.38
N TRP A 10 4.53 12.85 9.32
CA TRP A 10 4.54 11.58 8.59
C TRP A 10 5.88 10.86 8.80
N LYS A 11 5.90 9.57 8.45
CA LYS A 11 7.10 8.76 8.60
C LYS A 11 7.63 8.32 7.23
N TYR A 12 8.85 7.80 7.21
CA TYR A 12 9.45 7.34 5.96
C TYR A 12 8.64 6.21 5.37
N ALA A 13 8.31 5.21 6.19
CA ALA A 13 7.53 4.07 5.74
C ALA A 13 6.15 4.51 5.25
N GLU A 14 5.56 5.47 5.95
CA GLU A 14 4.24 5.96 5.58
C GLU A 14 4.27 6.60 4.20
N LEU A 15 5.14 7.58 4.01
CA LEU A 15 5.26 8.26 2.73
C LEU A 15 5.55 7.27 1.61
N ARG A 16 6.63 6.50 1.77
CA ARG A 16 7.01 5.52 0.77
C ARG A 16 5.83 4.59 0.46
N ASP A 17 5.26 4.00 1.50
CA ASP A 17 4.14 3.10 1.33
C ASP A 17 3.03 3.78 0.52
N THR A 18 2.64 4.98 0.94
CA THR A 18 1.60 5.71 0.24
C THR A 18 1.90 5.79 -1.24
N ILE A 19 3.06 6.32 -1.59
CA ILE A 19 3.44 6.44 -2.99
C ILE A 19 3.48 5.06 -3.65
N ASN A 20 3.70 4.03 -2.85
CA ASN A 20 3.77 2.67 -3.37
C ASN A 20 2.42 1.96 -3.25
N THR A 21 1.45 2.61 -2.60
CA THR A 21 0.14 2.01 -2.42
C THR A 21 -0.98 3.01 -2.72
N SER A 22 -0.59 4.21 -3.16
CA SER A 22 -1.56 5.25 -3.48
C SER A 22 -1.53 5.59 -4.96
N CYS A 23 -2.55 6.32 -5.41
CA CYS A 23 -2.65 6.71 -6.81
C CYS A 23 -3.24 8.10 -6.94
N ASP A 24 -2.90 8.98 -6.00
CA ASP A 24 -3.41 10.35 -6.00
C ASP A 24 -2.29 11.33 -6.33
N ILE A 25 -2.33 11.88 -7.54
CA ILE A 25 -1.32 12.84 -7.99
C ILE A 25 -0.99 13.81 -6.86
N GLU A 26 -2.02 14.28 -6.16
CA GLU A 26 -1.83 15.21 -5.06
C GLU A 26 -0.92 14.61 -4.00
N LEU A 27 -1.32 13.47 -3.46
CA LEU A 27 -0.53 12.80 -2.43
C LEU A 27 0.86 12.47 -2.97
N LEU A 28 0.91 11.91 -4.18
CA LEU A 28 2.18 11.56 -4.80
C LEU A 28 3.07 12.80 -4.91
N ALA A 29 2.51 13.89 -5.42
CA ALA A 29 3.27 15.12 -5.58
C ALA A 29 3.63 15.71 -4.22
N ALA A 30 2.64 15.82 -3.35
CA ALA A 30 2.86 16.37 -2.01
C ALA A 30 3.84 15.49 -1.23
N CYS A 31 3.67 14.18 -1.34
CA CYS A 31 4.54 13.25 -0.64
C CYS A 31 5.99 13.43 -1.10
N ARG A 32 6.20 13.45 -2.40
CA ARG A 32 7.54 13.62 -2.94
C ARG A 32 8.09 15.00 -2.58
N GLU A 33 7.20 15.98 -2.48
CA GLU A 33 7.62 17.34 -2.14
C GLU A 33 8.23 17.37 -0.76
N GLU A 34 7.49 16.89 0.23
CA GLU A 34 8.00 16.87 1.60
C GLU A 34 9.22 15.96 1.72
N PHE A 35 9.19 14.85 0.98
CA PHE A 35 10.30 13.92 1.01
C PHE A 35 11.60 14.63 0.63
N HIS A 36 11.58 15.32 -0.50
CA HIS A 36 12.75 16.04 -0.97
C HIS A 36 13.14 17.12 0.03
N ARG A 37 12.17 17.92 0.44
CA ARG A 37 12.43 18.98 1.40
C ARG A 37 13.19 18.45 2.61
N ARG A 38 12.82 17.24 3.05
CA ARG A 38 13.48 16.63 4.19
C ARG A 38 14.95 16.35 3.89
N LEU A 39 15.21 15.84 2.69
CA LEU A 39 16.59 15.54 2.29
C LEU A 39 17.36 16.83 2.04
N LYS A 40 16.63 17.91 1.78
CA LYS A 40 17.26 19.20 1.52
C LYS A 40 17.76 19.82 2.82
N VAL A 41 16.85 20.02 3.76
CA VAL A 41 17.21 20.61 5.05
C VAL A 41 17.94 19.59 5.92
N TYR A 42 17.89 19.80 7.24
CA TYR A 42 18.55 18.89 8.17
C TYR A 42 17.82 18.88 9.51
N HIS A 43 17.28 17.73 9.89
CA HIS A 43 16.57 17.60 11.15
C HIS A 43 17.47 17.99 12.32
N MET B 1 -0.78 3.27 -30.77
CA MET B 1 -1.67 4.33 -30.22
C MET B 1 -0.85 5.36 -29.45
N GLN B 2 -1.35 6.59 -29.40
CA GLN B 2 -0.66 7.66 -28.68
C GLN B 2 -1.16 7.77 -27.25
N ILE B 3 -0.33 7.36 -26.31
CA ILE B 3 -0.70 7.43 -24.89
C ILE B 3 -0.07 8.65 -24.24
N PHE B 4 -0.78 9.21 -23.25
CA PHE B 4 -0.29 10.38 -22.54
C PHE B 4 0.27 10.00 -21.18
N VAL B 5 1.31 10.72 -20.74
CA VAL B 5 1.92 10.45 -19.45
C VAL B 5 2.00 11.73 -18.63
N LYS B 6 1.11 11.84 -17.64
CA LYS B 6 1.07 13.03 -16.79
C LYS B 6 2.16 12.96 -15.72
N THR B 7 2.51 14.12 -15.18
CA THR B 7 3.54 14.19 -14.15
C THR B 7 3.01 14.95 -12.93
N LEU B 8 3.89 15.15 -11.94
CA LEU B 8 3.49 15.85 -10.72
C LEU B 8 3.41 17.35 -10.98
N THR B 9 4.28 17.85 -11.85
CA THR B 9 4.29 19.27 -12.19
C THR B 9 3.18 19.60 -13.18
N GLY B 10 2.30 18.64 -13.42
CA GLY B 10 1.19 18.84 -14.34
C GLY B 10 1.61 18.52 -15.78
N LYS B 11 2.89 18.70 -16.06
CA LYS B 11 3.41 18.44 -17.39
C LYS B 11 2.90 17.09 -17.91
N THR B 12 2.95 16.90 -19.23
CA THR B 12 2.50 15.66 -19.84
C THR B 12 3.41 15.27 -20.99
N ILE B 13 3.38 13.98 -21.36
CA ILE B 13 4.20 13.48 -22.45
C ILE B 13 3.43 12.47 -23.29
N THR B 14 3.40 12.69 -24.60
CA THR B 14 2.70 11.78 -25.51
C THR B 14 3.69 10.85 -26.19
N LEU B 15 3.46 9.54 -26.05
CA LEU B 15 4.35 8.55 -26.66
C LEU B 15 3.55 7.52 -27.47
N GLU B 16 4.05 7.20 -28.66
CA GLU B 16 3.38 6.21 -29.51
C GLU B 16 3.76 4.80 -29.07
N VAL B 17 2.74 3.99 -28.79
CA VAL B 17 2.99 2.62 -28.36
C VAL B 17 1.88 1.68 -28.85
N GLU B 18 1.95 0.43 -28.44
CA GLU B 18 0.96 -0.57 -28.83
C GLU B 18 0.49 -1.36 -27.60
N PRO B 19 -0.75 -1.78 -27.58
CA PRO B 19 -1.30 -2.53 -26.42
C PRO B 19 -0.37 -3.67 -25.96
N SER B 20 0.55 -4.06 -26.83
CA SER B 20 1.49 -5.12 -26.51
C SER B 20 2.74 -4.57 -25.83
N ASP B 21 3.03 -3.29 -26.08
CA ASP B 21 4.20 -2.66 -25.48
C ASP B 21 4.31 -3.00 -24.00
N THR B 22 5.52 -3.27 -23.54
CA THR B 22 5.76 -3.61 -22.15
C THR B 22 6.02 -2.36 -21.32
N ILE B 23 5.39 -2.29 -20.15
CA ILE B 23 5.58 -1.14 -19.27
C ILE B 23 7.04 -0.73 -19.22
N GLU B 24 7.92 -1.71 -19.03
CA GLU B 24 9.35 -1.44 -18.96
C GLU B 24 9.79 -0.67 -20.21
N ASN B 25 9.19 -1.01 -21.35
CA ASN B 25 9.53 -0.35 -22.60
C ASN B 25 9.12 1.12 -22.54
N VAL B 26 7.95 1.38 -21.95
CA VAL B 26 7.46 2.74 -21.83
C VAL B 26 8.41 3.56 -20.96
N LYS B 27 8.81 2.98 -19.83
CA LYS B 27 9.72 3.66 -18.92
C LYS B 27 11.00 4.06 -19.65
N ALA B 28 11.47 3.18 -20.52
CA ALA B 28 12.69 3.44 -21.28
C ALA B 28 12.49 4.64 -22.19
N LYS B 29 11.35 4.69 -22.87
CA LYS B 29 11.05 5.80 -23.77
C LYS B 29 11.09 7.12 -23.01
N ILE B 30 10.35 7.19 -21.90
CA ILE B 30 10.31 8.40 -21.10
C ILE B 30 11.73 8.81 -20.70
N GLN B 31 12.53 7.84 -20.28
CA GLN B 31 13.90 8.10 -19.88
C GLN B 31 14.67 8.76 -21.01
N ASP B 32 14.26 8.46 -22.25
CA ASP B 32 14.92 9.04 -23.42
C ASP B 32 14.54 10.51 -23.56
N LYS B 33 13.28 10.82 -23.31
CA LYS B 33 12.80 12.19 -23.41
C LYS B 33 13.36 13.04 -22.28
N GLU B 34 12.99 12.71 -21.05
CA GLU B 34 13.46 13.43 -19.88
C GLU B 34 14.88 13.01 -19.52
N GLY B 35 14.99 11.91 -18.78
CA GLY B 35 16.30 11.40 -18.37
C GLY B 35 16.15 10.51 -17.14
N ILE B 36 14.95 10.47 -16.58
CA ILE B 36 14.69 9.65 -15.41
C ILE B 36 15.06 8.18 -15.69
N PRO B 37 16.04 7.64 -15.02
CA PRO B 37 16.45 6.23 -15.24
C PRO B 37 15.31 5.26 -14.88
N PRO B 38 15.22 4.15 -15.56
CA PRO B 38 14.16 3.14 -15.32
C PRO B 38 14.04 2.79 -13.83
N ASP B 39 15.19 2.65 -13.18
CA ASP B 39 15.22 2.32 -11.76
C ASP B 39 14.71 3.48 -10.92
N GLN B 40 14.13 4.48 -11.58
CA GLN B 40 13.61 5.65 -10.89
C GLN B 40 12.30 6.11 -11.53
N GLN B 41 11.44 5.14 -11.87
CA GLN B 41 10.16 5.46 -12.49
C GLN B 41 9.04 4.65 -11.83
N ARG B 42 7.80 5.06 -12.10
CA ARG B 42 6.64 4.36 -11.54
C ARG B 42 5.36 4.87 -12.20
N LEU B 43 4.76 4.02 -13.03
CA LEU B 43 3.54 4.38 -13.73
C LEU B 43 2.31 3.88 -12.98
N ILE B 44 1.30 4.74 -12.86
CA ILE B 44 0.06 4.39 -12.18
C ILE B 44 -1.13 4.71 -13.06
N PHE B 45 -2.15 3.84 -13.02
CA PHE B 45 -3.34 4.04 -13.83
C PHE B 45 -4.53 3.28 -13.24
N ALA B 46 -5.73 3.84 -13.41
CA ALA B 46 -6.94 3.21 -12.90
C ALA B 46 -6.97 3.18 -11.38
N GLY B 47 -5.84 3.52 -10.77
CA GLY B 47 -5.73 3.52 -9.32
C GLY B 47 -4.84 2.39 -8.83
N LYS B 48 -3.94 1.94 -9.71
CA LYS B 48 -3.03 0.86 -9.36
C LYS B 48 -1.67 1.05 -10.05
N GLN B 49 -0.64 0.45 -9.48
CA GLN B 49 0.70 0.55 -10.05
C GLN B 49 0.90 -0.49 -11.14
N LEU B 50 1.49 -0.07 -12.25
CA LEU B 50 1.74 -0.98 -13.37
C LEU B 50 3.05 -1.72 -13.17
N GLU B 51 3.02 -3.04 -13.33
CA GLU B 51 4.22 -3.86 -13.17
C GLU B 51 5.14 -3.67 -14.37
N ASP B 52 6.42 -4.01 -14.19
CA ASP B 52 7.39 -3.88 -15.25
C ASP B 52 7.27 -5.03 -16.25
N GLY B 53 7.04 -6.23 -15.72
CA GLY B 53 6.91 -7.41 -16.58
C GLY B 53 5.48 -7.57 -17.07
N ARG B 54 4.89 -6.47 -17.53
CA ARG B 54 3.52 -6.51 -18.05
C ARG B 54 3.39 -5.64 -19.29
N THR B 55 2.22 -5.68 -19.92
CA THR B 55 1.98 -4.88 -21.12
C THR B 55 0.83 -3.90 -20.91
N LEU B 56 0.70 -2.95 -21.83
CA LEU B 56 -0.37 -1.96 -21.74
C LEU B 56 -1.74 -2.62 -21.93
N SER B 57 -1.74 -3.93 -22.16
CA SER B 57 -2.98 -4.67 -22.37
C SER B 57 -3.48 -5.25 -21.05
N ASP B 58 -2.55 -5.64 -20.19
CA ASP B 58 -2.90 -6.23 -18.90
C ASP B 58 -3.39 -5.14 -17.94
N TYR B 59 -3.72 -3.97 -18.49
CA TYR B 59 -4.20 -2.87 -17.68
C TYR B 59 -5.33 -2.12 -18.39
N ASN B 60 -5.79 -2.69 -19.50
CA ASN B 60 -6.86 -2.08 -20.27
C ASN B 60 -6.51 -0.65 -20.67
N ILE B 61 -5.21 -0.39 -20.84
CA ILE B 61 -4.75 0.93 -21.23
C ILE B 61 -4.91 1.13 -22.73
N GLN B 62 -5.97 1.83 -23.12
CA GLN B 62 -6.22 2.08 -24.54
C GLN B 62 -5.42 3.28 -25.02
N ARG B 63 -5.88 3.91 -26.10
CA ARG B 63 -5.19 5.07 -26.67
C ARG B 63 -5.60 6.34 -25.93
N GLU B 64 -4.78 7.38 -26.08
CA GLU B 64 -5.06 8.65 -25.43
C GLU B 64 -5.24 8.45 -23.92
N SER B 65 -4.78 7.31 -23.42
CA SER B 65 -4.89 7.01 -22.00
C SER B 65 -3.78 7.71 -21.22
N THR B 66 -4.16 8.34 -20.11
CA THR B 66 -3.19 9.04 -19.27
C THR B 66 -2.47 8.07 -18.35
N LEU B 67 -1.26 8.44 -17.94
CA LEU B 67 -0.46 7.60 -17.04
C LEU B 67 0.24 8.45 -16.00
N HIS B 68 -0.12 8.27 -14.73
CA HIS B 68 0.48 9.04 -13.66
C HIS B 68 1.93 8.62 -13.45
N LEU B 69 2.86 9.54 -13.67
CA LEU B 69 4.28 9.26 -13.51
C LEU B 69 4.76 9.69 -12.13
N VAL B 70 5.40 8.77 -11.42
CA VAL B 70 5.91 9.07 -10.08
C VAL B 70 7.31 8.51 -9.92
N LEU B 71 8.18 9.26 -9.24
CA LEU B 71 9.56 8.85 -9.03
C LEU B 71 9.68 8.09 -7.72
N ARG B 72 10.43 6.98 -7.75
CA ARG B 72 10.63 6.17 -6.55
C ARG B 72 11.87 6.65 -5.80
N LEU B 73 11.65 7.46 -4.77
CA LEU B 73 12.77 7.98 -3.97
C LEU B 73 13.53 6.84 -3.32
N ARG B 74 14.85 6.84 -3.49
CA ARG B 74 15.69 5.80 -2.91
C ARG B 74 15.85 6.02 -1.41
N GLY B 75 15.85 4.93 -0.65
CA GLY B 75 16.00 5.02 0.80
C GLY B 75 15.80 3.65 1.45
N GLY B 76 16.42 3.45 2.61
CA GLY B 76 16.30 2.20 3.32
C GLY B 76 16.47 1.01 2.37
N MET C 1 14.59 -9.40 4.08
CA MET C 1 14.11 -8.00 4.31
C MET C 1 13.35 -7.95 5.64
N GLN C 2 13.70 -6.99 6.47
CA GLN C 2 13.05 -6.81 7.77
C GLN C 2 11.84 -5.90 7.65
N ILE C 3 10.65 -6.48 7.81
CA ILE C 3 9.42 -5.69 7.72
C ILE C 3 8.85 -5.44 9.11
N PHE C 4 8.15 -4.31 9.26
CA PHE C 4 7.55 -3.95 10.54
C PHE C 4 6.10 -4.41 10.59
N VAL C 5 5.63 -4.72 11.79
CA VAL C 5 4.24 -5.17 11.97
C VAL C 5 3.62 -4.49 13.19
N LYS C 6 2.73 -3.54 12.93
CA LYS C 6 2.06 -2.82 14.01
C LYS C 6 0.75 -3.51 14.38
N THR C 7 0.46 -3.54 15.68
CA THR C 7 -0.77 -4.17 16.17
C THR C 7 -1.90 -3.14 16.22
N LEU C 8 -3.00 -3.50 16.87
CA LEU C 8 -4.14 -2.60 16.97
C LEU C 8 -3.98 -1.68 18.17
N THR C 9 -2.73 -1.49 18.61
CA THR C 9 -2.45 -0.63 19.76
C THR C 9 -1.24 0.25 19.47
N GLY C 10 -0.24 -0.31 18.80
CA GLY C 10 0.96 0.44 18.46
C GLY C 10 2.20 -0.44 18.60
N LYS C 11 1.99 -1.70 19.00
CA LYS C 11 3.10 -2.63 19.16
C LYS C 11 3.69 -3.01 17.81
N THR C 12 4.92 -2.57 17.56
CA THR C 12 5.60 -2.86 16.30
C THR C 12 6.54 -4.05 16.47
N ILE C 13 6.60 -4.89 15.43
CA ILE C 13 7.46 -6.07 15.47
C ILE C 13 8.27 -6.18 14.19
N THR C 14 9.58 -6.30 14.32
CA THR C 14 10.46 -6.44 13.17
C THR C 14 10.67 -7.91 12.83
N LEU C 15 10.15 -8.33 11.68
CA LEU C 15 10.28 -9.72 11.26
C LEU C 15 11.19 -9.84 10.04
N GLU C 16 12.18 -10.73 10.13
CA GLU C 16 13.11 -10.94 9.03
C GLU C 16 12.53 -11.94 8.03
N VAL C 17 12.19 -11.46 6.83
CA VAL C 17 11.60 -12.32 5.81
C VAL C 17 12.22 -12.03 4.44
N GLU C 18 11.52 -12.47 3.40
CA GLU C 18 11.99 -12.27 2.03
C GLU C 18 10.79 -11.94 1.13
N PRO C 19 11.04 -11.54 -0.10
CA PRO C 19 9.95 -11.19 -1.05
C PRO C 19 9.23 -12.42 -1.59
N SER C 20 9.82 -13.60 -1.40
CA SER C 20 9.21 -14.83 -1.89
C SER C 20 8.50 -15.58 -0.76
N ASP C 21 8.73 -15.13 0.47
CA ASP C 21 8.12 -15.77 1.63
C ASP C 21 6.60 -15.70 1.53
N THR C 22 5.93 -16.77 1.96
CA THR C 22 4.47 -16.83 1.91
C THR C 22 3.86 -16.16 3.14
N ILE C 23 2.84 -15.36 2.91
CA ILE C 23 2.16 -14.67 4.00
C ILE C 23 1.90 -15.63 5.15
N GLU C 24 1.33 -16.78 4.84
CA GLU C 24 1.03 -17.78 5.85
C GLU C 24 2.28 -18.05 6.70
N ASN C 25 3.44 -18.11 6.06
CA ASN C 25 4.68 -18.35 6.78
C ASN C 25 4.94 -17.20 7.75
N VAL C 26 4.60 -15.99 7.33
CA VAL C 26 4.79 -14.81 8.18
C VAL C 26 3.91 -14.92 9.42
N LYS C 27 2.63 -15.17 9.22
CA LYS C 27 1.70 -15.30 10.33
C LYS C 27 2.23 -16.30 11.34
N ALA C 28 2.85 -17.36 10.85
CA ALA C 28 3.40 -18.39 11.71
C ALA C 28 4.52 -17.81 12.57
N LYS C 29 5.38 -17.01 11.94
CA LYS C 29 6.50 -16.40 12.64
C LYS C 29 5.97 -15.55 13.80
N ILE C 30 4.87 -14.84 13.54
CA ILE C 30 4.26 -14.01 14.58
C ILE C 30 3.70 -14.87 15.70
N GLN C 31 3.20 -16.05 15.34
CA GLN C 31 2.64 -16.97 16.33
C GLN C 31 3.74 -17.43 17.28
N ASP C 32 4.96 -17.48 16.78
CA ASP C 32 6.10 -17.90 17.59
C ASP C 32 6.56 -16.76 18.49
N LYS C 33 6.40 -15.54 18.02
CA LYS C 33 6.81 -14.37 18.80
C LYS C 33 5.80 -14.07 19.90
N GLU C 34 4.57 -13.75 19.49
CA GLU C 34 3.51 -13.44 20.45
C GLU C 34 2.79 -14.71 20.90
N GLY C 35 1.57 -14.89 20.42
CA GLY C 35 0.79 -16.06 20.79
C GLY C 35 -0.50 -16.14 19.97
N ILE C 36 -0.54 -15.38 18.87
CA ILE C 36 -1.72 -15.37 18.01
C ILE C 36 -1.58 -16.42 16.90
N PRO C 37 -2.40 -17.45 16.91
CA PRO C 37 -2.32 -18.50 15.86
C PRO C 37 -2.63 -17.95 14.47
N PRO C 38 -2.10 -18.57 13.44
CA PRO C 38 -2.33 -18.12 12.04
C PRO C 38 -3.80 -17.85 11.75
N ASP C 39 -4.60 -18.91 11.79
CA ASP C 39 -6.03 -18.77 11.53
C ASP C 39 -6.60 -17.55 12.22
N GLN C 40 -5.88 -17.06 13.23
CA GLN C 40 -6.32 -15.87 13.98
C GLN C 40 -5.44 -14.68 13.66
N GLN C 41 -4.97 -14.61 12.42
CA GLN C 41 -4.11 -13.50 11.99
C GLN C 41 -4.56 -12.97 10.64
N ARG C 42 -4.10 -11.76 10.32
CA ARG C 42 -4.46 -11.12 9.06
C ARG C 42 -3.61 -9.86 8.86
N LEU C 43 -2.68 -9.93 7.91
CA LEU C 43 -1.80 -8.81 7.63
C LEU C 43 -2.37 -7.92 6.52
N ILE C 44 -2.27 -6.61 6.73
CA ILE C 44 -2.74 -5.64 5.75
C ILE C 44 -1.62 -4.67 5.38
N PHE C 45 -1.60 -4.23 4.12
CA PHE C 45 -0.56 -3.31 3.67
C PHE C 45 -1.15 -2.13 2.91
N ALA C 46 -1.80 -1.22 3.64
CA ALA C 46 -2.40 -0.04 3.02
C ALA C 46 -3.46 -0.44 2.00
N GLY C 47 -4.68 -0.61 2.48
CA GLY C 47 -5.79 -0.99 1.60
C GLY C 47 -5.43 -2.20 0.74
N LYS C 48 -4.70 -3.14 1.32
CA LYS C 48 -4.29 -4.33 0.59
C LYS C 48 -4.16 -5.53 1.54
N GLN C 49 -5.24 -6.28 1.68
CA GLN C 49 -5.23 -7.45 2.55
C GLN C 49 -4.36 -8.55 1.95
N LEU C 50 -3.32 -8.96 2.69
CA LEU C 50 -2.42 -10.00 2.19
C LEU C 50 -3.07 -11.37 2.31
N GLU C 51 -3.15 -12.08 1.19
CA GLU C 51 -3.75 -13.41 1.16
C GLU C 51 -2.80 -14.42 1.81
N ASP C 52 -3.35 -15.55 2.24
CA ASP C 52 -2.54 -16.58 2.88
C ASP C 52 -1.79 -17.41 1.84
N GLY C 53 -2.44 -17.66 0.70
CA GLY C 53 -1.82 -18.45 -0.36
C GLY C 53 -1.04 -17.57 -1.34
N ARG C 54 -0.36 -16.57 -0.80
CA ARG C 54 0.44 -15.66 -1.62
C ARG C 54 1.75 -15.33 -0.94
N THR C 55 2.58 -14.50 -1.59
CA THR C 55 3.87 -14.12 -1.02
C THR C 55 3.93 -12.61 -0.79
N LEU C 56 5.03 -12.16 -0.19
CA LEU C 56 5.20 -10.74 0.08
C LEU C 56 5.58 -9.99 -1.19
N SER C 57 5.65 -10.71 -2.31
CA SER C 57 6.01 -10.09 -3.58
C SER C 57 4.76 -9.68 -4.35
N ASP C 58 3.71 -10.48 -4.20
CA ASP C 58 2.44 -10.21 -4.88
C ASP C 58 1.77 -8.96 -4.31
N TYR C 59 2.53 -8.19 -3.53
CA TYR C 59 2.01 -6.97 -2.92
C TYR C 59 3.04 -5.87 -2.94
N ASN C 60 4.14 -6.10 -3.66
CA ASN C 60 5.20 -5.11 -3.76
C ASN C 60 5.63 -4.63 -2.38
N ILE C 61 5.67 -5.56 -1.42
CA ILE C 61 6.06 -5.22 -0.06
C ILE C 61 7.58 -5.26 0.07
N GLN C 62 8.19 -4.07 0.11
CA GLN C 62 9.64 -3.98 0.24
C GLN C 62 10.06 -4.13 1.69
N LYS C 63 11.26 -3.64 2.01
CA LYS C 63 11.77 -3.72 3.37
C LYS C 63 11.26 -2.55 4.22
N GLU C 64 11.26 -2.74 5.53
CA GLU C 64 10.80 -1.70 6.44
C GLU C 64 9.36 -1.30 6.13
N SER C 65 8.61 -2.24 5.56
CA SER C 65 7.21 -1.98 5.22
C SER C 65 6.32 -2.17 6.45
N THR C 66 5.37 -1.25 6.64
CA THR C 66 4.46 -1.32 7.77
C THR C 66 3.30 -2.26 7.46
N LEU C 67 3.17 -3.31 8.27
CA LEU C 67 2.09 -4.29 8.08
C LEU C 67 1.13 -4.25 9.27
N HIS C 68 -0.16 -4.09 8.98
CA HIS C 68 -1.17 -4.04 10.02
C HIS C 68 -1.60 -5.45 10.41
N LEU C 69 -1.36 -5.81 11.67
CA LEU C 69 -1.72 -7.13 12.17
C LEU C 69 -3.10 -7.09 12.82
N VAL C 70 -4.04 -7.84 12.24
CA VAL C 70 -5.41 -7.89 12.76
C VAL C 70 -5.80 -9.33 13.08
N LEU C 71 -6.40 -9.52 14.26
CA LEU C 71 -6.82 -10.87 14.67
C LEU C 71 -8.06 -11.29 13.90
N ARG C 72 -7.89 -12.24 12.98
CA ARG C 72 -8.99 -12.74 12.19
C ARG C 72 -9.98 -13.52 13.07
N LEU C 73 -11.07 -12.86 13.44
CA LEU C 73 -12.08 -13.49 14.28
C LEU C 73 -12.97 -14.40 13.45
N ARG C 74 -12.60 -15.67 13.35
CA ARG C 74 -13.38 -16.64 12.58
C ARG C 74 -14.62 -17.08 13.38
N GLY C 75 -15.78 -16.54 13.02
CA GLY C 75 -17.02 -16.89 13.69
C GLY C 75 -17.53 -18.24 13.23
N CYS C 76 -18.01 -19.04 14.17
CA CYS C 76 -18.54 -20.37 13.84
C CYS C 76 -17.49 -21.18 13.08
N GLY D 1 -11.45 11.14 19.19
CA GLY D 1 -10.41 10.42 19.92
C GLY D 1 -10.96 9.84 21.22
N THR D 2 -11.36 10.72 22.12
CA THR D 2 -11.91 10.28 23.41
C THR D 2 -13.33 9.78 23.23
N LYS D 3 -13.58 9.14 22.10
CA LYS D 3 -14.90 8.60 21.81
C LYS D 3 -14.87 7.75 20.54
N LYS D 4 -14.94 6.44 20.71
CA LYS D 4 -14.93 5.53 19.57
C LYS D 4 -16.24 5.60 18.80
N TYR D 5 -16.41 4.69 17.84
CA TYR D 5 -17.63 4.67 17.03
C TYR D 5 -18.67 3.75 17.67
N ASP D 6 -19.94 4.13 17.55
CA ASP D 6 -21.02 3.33 18.12
C ASP D 6 -21.35 2.15 17.21
N LEU D 7 -20.72 1.01 17.49
CA LEU D 7 -20.95 -0.19 16.70
C LEU D 7 -21.82 -1.18 17.45
N SER D 8 -22.73 -0.64 18.28
CA SER D 8 -23.62 -1.49 19.07
C SER D 8 -24.82 -1.92 18.23
N LYS D 9 -24.68 -1.81 16.91
CA LYS D 9 -25.77 -2.19 16.01
C LYS D 9 -25.22 -2.78 14.72
N TRP D 10 -24.17 -3.60 14.84
CA TRP D 10 -23.55 -4.23 13.68
C TRP D 10 -23.86 -5.72 13.64
N LYS D 11 -23.44 -6.39 12.57
CA LYS D 11 -23.68 -7.82 12.42
C LYS D 11 -22.35 -8.58 12.35
N TYR D 12 -22.43 -9.90 12.48
CA TYR D 12 -21.23 -10.73 12.44
C TYR D 12 -20.53 -10.58 11.08
N ALA D 13 -21.30 -10.68 10.01
CA ALA D 13 -20.74 -10.56 8.67
C ALA D 13 -20.21 -9.16 8.42
N GLU D 14 -20.97 -8.16 8.88
CA GLU D 14 -20.57 -6.77 8.69
C GLU D 14 -19.21 -6.51 9.31
N LEU D 15 -19.03 -6.94 10.56
CA LEU D 15 -17.77 -6.74 11.25
C LEU D 15 -16.66 -7.54 10.57
N ARG D 16 -16.86 -8.85 10.46
CA ARG D 16 -15.86 -9.71 9.83
C ARG D 16 -15.48 -9.18 8.45
N ASP D 17 -16.49 -8.78 7.68
CA ASP D 17 -16.25 -8.26 6.35
C ASP D 17 -15.36 -7.03 6.42
N THR D 18 -15.73 -6.09 7.27
CA THR D 18 -14.96 -4.86 7.43
C THR D 18 -13.49 -5.19 7.72
N ILE D 19 -13.27 -6.14 8.60
CA ILE D 19 -11.91 -6.54 8.96
C ILE D 19 -11.29 -7.37 7.84
N ASN D 20 -12.13 -8.08 7.10
CA ASN D 20 -11.65 -8.91 6.00
C ASN D 20 -11.64 -8.14 4.68
N THR D 21 -12.08 -6.89 4.72
CA THR D 21 -12.13 -6.06 3.52
C THR D 21 -11.54 -4.68 3.78
N SER D 22 -11.94 -4.06 4.88
CA SER D 22 -11.45 -2.73 5.22
C SER D 22 -9.99 -2.77 5.66
N CYS D 23 -9.40 -1.59 5.80
CA CYS D 23 -8.01 -1.48 6.19
C CYS D 23 -7.79 -0.22 7.02
N ASP D 24 -8.74 0.06 7.90
CA ASP D 24 -8.64 1.25 8.76
C ASP D 24 -8.35 0.84 10.20
N ILE D 25 -7.08 0.95 10.59
CA ILE D 25 -6.67 0.59 11.94
C ILE D 25 -7.72 1.04 12.96
N GLU D 26 -8.31 2.20 12.72
CA GLU D 26 -9.33 2.72 13.62
C GLU D 26 -10.52 1.77 13.68
N LEU D 27 -11.13 1.52 12.52
CA LEU D 27 -12.28 0.62 12.46
C LEU D 27 -11.88 -0.77 12.94
N LEU D 28 -10.78 -1.29 12.41
CA LEU D 28 -10.30 -2.61 12.80
C LEU D 28 -10.23 -2.73 14.32
N ALA D 29 -9.69 -1.70 14.96
CA ALA D 29 -9.57 -1.70 16.42
C ALA D 29 -10.95 -1.70 17.07
N ALA D 30 -11.82 -0.79 16.61
CA ALA D 30 -13.16 -0.69 17.16
C ALA D 30 -13.92 -2.00 16.93
N CYS D 31 -13.80 -2.54 15.72
CA CYS D 31 -14.47 -3.78 15.38
C CYS D 31 -14.07 -4.88 16.35
N ARG D 32 -12.77 -5.09 16.50
CA ARG D 32 -12.26 -6.12 17.40
C ARG D 32 -12.80 -5.89 18.81
N GLU D 33 -12.79 -4.64 19.25
CA GLU D 33 -13.28 -4.30 20.59
C GLU D 33 -14.71 -4.80 20.80
N GLU D 34 -15.62 -4.36 19.95
CA GLU D 34 -17.02 -4.78 20.07
C GLU D 34 -17.16 -6.28 19.85
N PHE D 35 -16.34 -6.83 18.96
CA PHE D 35 -16.39 -8.25 18.67
C PHE D 35 -16.02 -9.07 19.91
N HIS D 36 -14.99 -8.63 20.62
CA HIS D 36 -14.55 -9.32 21.82
C HIS D 36 -15.60 -9.18 22.93
N ARG D 37 -16.05 -7.95 23.15
CA ARG D 37 -17.06 -7.70 24.17
C ARG D 37 -18.25 -8.63 23.99
N ARG D 38 -18.82 -8.62 22.79
CA ARG D 38 -19.97 -9.46 22.49
C ARG D 38 -19.72 -10.89 22.99
N LEU D 39 -18.48 -11.34 22.88
CA LEU D 39 -18.13 -12.69 23.33
C LEU D 39 -18.01 -12.74 24.84
N LYS D 40 -17.19 -11.85 25.39
CA LYS D 40 -16.99 -11.80 26.84
C LYS D 40 -18.34 -11.86 27.57
N VAL D 41 -19.23 -10.95 27.22
CA VAL D 41 -20.55 -10.91 27.85
C VAL D 41 -21.46 -11.99 27.25
N TYR D 42 -22.66 -11.60 26.86
CA TYR D 42 -23.60 -12.55 26.27
C TYR D 42 -24.61 -11.83 25.37
N HIS D 43 -24.19 -10.70 24.82
CA HIS D 43 -25.06 -9.92 23.95
C HIS D 43 -25.12 -10.55 22.56
N GLY A 1 -13.86 17.34 -2.22
CA GLY A 1 -12.64 17.09 -1.45
C GLY A 1 -11.42 17.55 -2.23
N THR A 2 -10.85 18.67 -1.82
CA THR A 2 -9.67 19.22 -2.48
C THR A 2 -8.86 20.07 -1.52
N LYS A 3 -7.92 19.45 -0.82
CA LYS A 3 -7.08 20.18 0.13
C LYS A 3 -5.73 19.48 0.29
N LYS A 4 -4.73 20.23 0.74
CA LYS A 4 -3.40 19.68 0.93
C LYS A 4 -3.38 18.71 2.10
N TYR A 5 -2.19 18.30 2.53
CA TYR A 5 -2.05 17.39 3.64
C TYR A 5 -0.88 17.80 4.54
N ASP A 6 -1.13 17.85 5.84
CA ASP A 6 -0.09 18.24 6.79
C ASP A 6 0.84 17.07 7.07
N LEU A 7 1.93 16.99 6.32
CA LEU A 7 2.90 15.92 6.50
C LEU A 7 4.07 16.39 7.37
N SER A 8 3.74 17.08 8.46
CA SER A 8 4.76 17.58 9.36
C SER A 8 5.21 16.48 10.34
N LYS A 9 4.89 15.24 10.02
CA LYS A 9 5.26 14.12 10.87
C LYS A 9 4.96 12.79 10.19
N TRP A 10 5.87 12.36 9.32
CA TRP A 10 5.71 11.10 8.61
C TRP A 10 6.98 10.27 8.69
N LYS A 11 6.85 8.97 8.43
CA LYS A 11 7.99 8.06 8.49
C LYS A 11 8.41 7.62 7.09
N TYR A 12 9.57 7.00 7.00
CA TYR A 12 10.08 6.52 5.72
C TYR A 12 9.19 5.42 5.16
N ALA A 13 8.85 4.45 6.01
CA ALA A 13 8.00 3.34 5.59
C ALA A 13 6.63 3.85 5.15
N GLU A 14 6.15 4.89 5.81
CA GLU A 14 4.85 5.47 5.48
C GLU A 14 4.89 6.14 4.11
N LEU A 15 5.82 7.06 3.94
CA LEU A 15 5.95 7.77 2.67
C LEU A 15 6.18 6.79 1.53
N ARG A 16 7.22 5.98 1.66
CA ARG A 16 7.54 4.99 0.63
C ARG A 16 6.33 4.11 0.35
N ASP A 17 5.73 3.58 1.40
CA ASP A 17 4.56 2.72 1.25
C ASP A 17 3.45 3.45 0.51
N THR A 18 3.15 4.66 0.98
CA THR A 18 2.10 5.46 0.35
C THR A 18 2.34 5.58 -1.15
N ILE A 19 3.59 5.83 -1.53
CA ILE A 19 3.93 5.97 -2.94
C ILE A 19 3.97 4.61 -3.62
N ASN A 20 4.19 3.56 -2.83
CA ASN A 20 4.26 2.20 -3.37
C ASN A 20 2.94 1.48 -3.18
N THR A 21 1.96 2.15 -2.59
CA THR A 21 0.66 1.54 -2.34
C THR A 21 -0.47 2.48 -2.77
N SER A 22 -0.19 3.78 -2.79
CA SER A 22 -1.19 4.77 -3.18
C SER A 22 -0.95 5.27 -4.60
N CYS A 23 -2.01 5.79 -5.22
CA CYS A 23 -1.91 6.31 -6.58
C CYS A 23 -2.49 7.72 -6.65
N ASP A 24 -2.40 8.45 -5.55
CA ASP A 24 -2.93 9.81 -5.49
C ASP A 24 -1.85 10.81 -5.88
N ILE A 25 -1.82 11.15 -7.16
CA ILE A 25 -0.84 12.10 -7.68
C ILE A 25 -0.59 13.23 -6.68
N GLU A 26 -1.67 13.69 -6.05
CA GLU A 26 -1.56 14.77 -5.07
C GLU A 26 -0.60 14.37 -3.95
N LEU A 27 -0.93 13.27 -3.27
CA LEU A 27 -0.10 12.78 -2.18
C LEU A 27 1.31 12.50 -2.69
N LEU A 28 1.40 11.87 -3.86
CA LEU A 28 2.69 11.54 -4.45
C LEU A 28 3.56 12.79 -4.53
N ALA A 29 2.95 13.90 -4.95
CA ALA A 29 3.69 15.16 -5.06
C ALA A 29 4.11 15.65 -3.69
N ALA A 30 3.16 15.66 -2.75
CA ALA A 30 3.45 16.11 -1.39
C ALA A 30 4.53 15.24 -0.76
N CYS A 31 4.41 13.93 -0.95
CA CYS A 31 5.39 13.00 -0.40
C CYS A 31 6.76 13.26 -1.00
N ARG A 32 6.84 13.29 -2.32
CA ARG A 32 8.11 13.55 -2.99
C ARG A 32 8.72 14.84 -2.48
N GLU A 33 7.88 15.84 -2.25
CA GLU A 33 8.35 17.13 -1.76
C GLU A 33 9.03 16.97 -0.40
N GLU A 34 8.28 16.48 0.59
CA GLU A 34 8.84 16.30 1.92
C GLU A 34 9.98 15.29 1.90
N PHE A 35 9.84 14.26 1.06
CA PHE A 35 10.87 13.24 0.95
C PHE A 35 12.19 13.86 0.52
N HIS A 36 12.12 14.79 -0.41
CA HIS A 36 13.33 15.46 -0.90
C HIS A 36 13.87 16.43 0.14
N ARG A 37 13.01 17.34 0.59
CA ARG A 37 13.42 18.33 1.59
C ARG A 37 14.17 17.66 2.73
N ARG A 38 13.63 16.53 3.19
CA ARG A 38 14.27 15.80 4.29
C ARG A 38 15.72 15.52 3.97
N LEU A 39 16.02 15.32 2.68
CA LEU A 39 17.39 15.05 2.25
C LEU A 39 18.13 16.35 2.00
N LYS A 40 17.41 17.36 1.52
CA LYS A 40 18.01 18.66 1.24
C LYS A 40 18.16 19.48 2.52
N VAL A 41 17.04 19.97 3.04
CA VAL A 41 17.06 20.75 4.27
C VAL A 41 16.86 19.86 5.48
N TYR A 42 16.91 20.47 6.67
CA TYR A 42 16.75 19.72 7.92
C TYR A 42 17.41 18.36 7.83
N HIS A 43 18.74 18.37 7.70
CA HIS A 43 19.51 17.13 7.60
C HIS A 43 20.75 17.19 8.47
N MET B 1 -2.79 2.51 -29.52
CA MET B 1 -3.67 3.48 -28.79
C MET B 1 -2.80 4.52 -28.09
N GLN B 2 -3.31 5.74 -28.01
CA GLN B 2 -2.58 6.83 -27.36
C GLN B 2 -2.93 6.90 -25.88
N ILE B 3 -1.91 6.73 -25.04
CA ILE B 3 -2.11 6.79 -23.59
C ILE B 3 -1.56 8.08 -23.01
N PHE B 4 -2.20 8.56 -21.93
CA PHE B 4 -1.76 9.79 -21.29
C PHE B 4 -0.96 9.48 -20.02
N VAL B 5 0.02 10.33 -19.73
CA VAL B 5 0.85 10.14 -18.54
C VAL B 5 0.93 11.45 -17.76
N LYS B 6 0.23 11.50 -16.62
CA LYS B 6 0.23 12.70 -15.78
C LYS B 6 1.27 12.58 -14.68
N THR B 7 2.08 13.63 -14.53
CA THR B 7 3.12 13.64 -13.50
C THR B 7 2.62 14.36 -12.25
N LEU B 8 3.54 14.98 -11.52
CA LEU B 8 3.17 15.69 -10.30
C LEU B 8 2.73 17.11 -10.62
N THR B 9 3.50 17.79 -11.47
CA THR B 9 3.18 19.16 -11.86
C THR B 9 1.94 19.18 -12.75
N GLY B 10 1.24 18.05 -12.83
CA GLY B 10 0.04 17.96 -13.65
C GLY B 10 0.39 17.89 -15.13
N LYS B 11 1.68 17.67 -15.41
CA LYS B 11 2.14 17.59 -16.79
C LYS B 11 1.68 16.28 -17.43
N THR B 12 0.89 16.40 -18.50
CA THR B 12 0.38 15.22 -19.20
C THR B 12 1.22 14.95 -20.45
N ILE B 13 1.43 13.66 -20.75
CA ILE B 13 2.21 13.27 -21.92
C ILE B 13 1.49 12.17 -22.70
N THR B 14 1.26 12.42 -23.98
CA THR B 14 0.59 11.45 -24.84
C THR B 14 1.62 10.59 -25.57
N LEU B 15 1.49 9.27 -25.42
CA LEU B 15 2.43 8.35 -26.06
C LEU B 15 1.67 7.25 -26.81
N GLU B 16 2.06 7.04 -28.07
CA GLU B 16 1.41 6.00 -28.89
C GLU B 16 1.93 4.62 -28.48
N VAL B 17 1.02 3.75 -28.08
CA VAL B 17 1.41 2.40 -27.66
C VAL B 17 0.32 1.40 -28.01
N GLU B 18 0.53 0.15 -27.59
CA GLU B 18 -0.44 -0.91 -27.85
C GLU B 18 -0.54 -1.86 -26.65
N PRO B 19 -1.68 -2.47 -26.44
CA PRO B 19 -1.89 -3.40 -25.29
C PRO B 19 -0.74 -4.42 -25.14
N SER B 20 0.15 -4.46 -26.13
CA SER B 20 1.27 -5.40 -26.10
C SER B 20 2.52 -4.72 -25.56
N ASP B 21 2.65 -3.42 -25.81
CA ASP B 21 3.82 -2.67 -25.35
C ASP B 21 4.16 -3.05 -23.91
N THR B 22 5.46 -3.17 -23.64
CA THR B 22 5.93 -3.52 -22.31
C THR B 22 6.11 -2.27 -21.46
N ILE B 23 5.70 -2.34 -20.20
CA ILE B 23 5.83 -1.21 -19.30
C ILE B 23 7.23 -0.61 -19.39
N GLU B 24 8.24 -1.47 -19.41
CA GLU B 24 9.61 -1.01 -19.51
C GLU B 24 9.81 -0.15 -20.76
N ASN B 25 9.15 -0.54 -21.85
CA ASN B 25 9.25 0.22 -23.09
C ASN B 25 8.66 1.61 -22.90
N VAL B 26 7.54 1.68 -22.20
CA VAL B 26 6.89 2.97 -21.95
C VAL B 26 7.82 3.87 -21.14
N LYS B 27 8.45 3.29 -20.12
CA LYS B 27 9.37 4.04 -19.28
C LYS B 27 10.47 4.66 -20.14
N ALA B 28 10.95 3.89 -21.10
CA ALA B 28 12.01 4.37 -21.99
C ALA B 28 11.52 5.57 -22.79
N LYS B 29 10.30 5.48 -23.29
CA LYS B 29 9.72 6.58 -24.08
C LYS B 29 9.69 7.86 -23.26
N ILE B 30 9.16 7.77 -22.04
CA ILE B 30 9.08 8.93 -21.16
C ILE B 30 10.47 9.52 -20.94
N GLN B 31 11.42 8.67 -20.60
CA GLN B 31 12.79 9.12 -20.36
C GLN B 31 13.29 9.92 -21.55
N ASP B 32 12.81 9.58 -22.75
CA ASP B 32 13.21 10.28 -23.95
C ASP B 32 12.63 11.69 -23.98
N LYS B 33 11.36 11.81 -23.59
CA LYS B 33 10.70 13.10 -23.57
C LYS B 33 11.28 13.99 -22.46
N GLU B 34 11.11 13.55 -21.22
CA GLU B 34 11.63 14.30 -20.08
C GLU B 34 13.13 14.10 -19.94
N GLY B 35 13.52 13.07 -19.17
CA GLY B 35 14.93 12.78 -18.97
C GLY B 35 15.13 11.90 -17.74
N ILE B 36 14.02 11.46 -17.15
CA ILE B 36 14.09 10.61 -15.96
C ILE B 36 14.49 9.19 -16.36
N PRO B 37 15.49 8.62 -15.73
CA PRO B 37 15.95 7.25 -16.06
C PRO B 37 14.81 6.23 -15.94
N PRO B 38 14.84 5.17 -16.72
CA PRO B 38 13.79 4.13 -16.69
C PRO B 38 13.50 3.64 -15.27
N ASP B 39 14.56 3.50 -14.48
CA ASP B 39 14.41 3.03 -13.11
C ASP B 39 13.66 4.06 -12.26
N GLN B 40 14.02 5.33 -12.41
CA GLN B 40 13.38 6.39 -11.65
C GLN B 40 12.04 6.77 -12.28
N GLN B 41 11.37 5.78 -12.88
CA GLN B 41 10.08 6.02 -13.51
C GLN B 41 9.06 4.98 -13.05
N ARG B 42 8.47 5.22 -11.89
CA ARG B 42 7.48 4.31 -11.33
C ARG B 42 6.07 4.68 -11.80
N LEU B 43 5.47 3.81 -12.60
CA LEU B 43 4.13 4.06 -13.13
C LEU B 43 3.08 3.41 -12.24
N ILE B 44 2.06 4.18 -11.87
CA ILE B 44 0.98 3.67 -11.02
C ILE B 44 -0.37 3.86 -11.69
N PHE B 45 -1.27 2.89 -11.51
CA PHE B 45 -2.59 2.96 -12.11
C PHE B 45 -3.53 1.95 -11.47
N ALA B 46 -4.82 2.29 -11.40
CA ALA B 46 -5.81 1.40 -10.82
C ALA B 46 -5.51 1.13 -9.34
N GLY B 47 -4.71 1.99 -8.73
CA GLY B 47 -4.35 1.83 -7.33
C GLY B 47 -3.32 0.72 -7.16
N LYS B 48 -2.51 0.50 -8.20
CA LYS B 48 -1.49 -0.54 -8.15
C LYS B 48 -0.26 -0.12 -8.96
N GLN B 49 0.92 -0.57 -8.52
CA GLN B 49 2.16 -0.24 -9.21
C GLN B 49 2.37 -1.18 -10.39
N LEU B 50 2.67 -0.60 -11.55
CA LEU B 50 2.90 -1.41 -12.76
C LEU B 50 4.30 -2.02 -12.74
N GLU B 51 4.37 -3.29 -13.13
CA GLU B 51 5.65 -3.99 -13.15
C GLU B 51 6.40 -3.68 -14.45
N ASP B 52 7.70 -3.96 -14.44
CA ASP B 52 8.53 -3.69 -15.62
C ASP B 52 8.47 -4.86 -16.60
N GLY B 53 8.50 -6.08 -16.06
CA GLY B 53 8.46 -7.28 -16.91
C GLY B 53 7.03 -7.64 -17.28
N ARG B 54 6.21 -6.63 -17.59
CA ARG B 54 4.82 -6.87 -17.96
C ARG B 54 4.43 -5.95 -19.12
N THR B 55 3.16 -6.07 -19.55
CA THR B 55 2.67 -5.24 -20.65
C THR B 55 1.49 -4.39 -20.20
N LEU B 56 1.10 -3.43 -21.03
CA LEU B 56 -0.01 -2.55 -20.70
C LEU B 56 -1.31 -3.35 -20.55
N SER B 57 -1.50 -4.34 -21.43
CA SER B 57 -2.69 -5.17 -21.39
C SER B 57 -2.83 -5.86 -20.04
N ASP B 58 -1.71 -6.37 -19.53
CA ASP B 58 -1.72 -7.06 -18.24
C ASP B 58 -2.32 -6.18 -17.15
N TYR B 59 -2.63 -4.93 -17.50
CA TYR B 59 -3.22 -3.99 -16.55
C TYR B 59 -4.52 -3.43 -17.09
N ASN B 60 -5.12 -4.12 -18.05
CA ASN B 60 -6.37 -3.68 -18.64
C ASN B 60 -6.32 -2.20 -18.99
N ILE B 61 -5.12 -1.72 -19.34
CA ILE B 61 -4.94 -0.31 -19.69
C ILE B 61 -5.39 -0.08 -21.13
N GLN B 62 -6.58 0.50 -21.29
CA GLN B 62 -7.12 0.77 -22.62
C GLN B 62 -6.50 2.04 -23.19
N ARG B 63 -7.20 2.67 -24.14
CA ARG B 63 -6.72 3.88 -24.77
C ARG B 63 -7.11 5.11 -23.94
N GLU B 64 -6.35 6.20 -24.11
CA GLU B 64 -6.63 7.42 -23.38
C GLU B 64 -6.62 7.18 -21.88
N SER B 65 -5.76 6.25 -21.43
CA SER B 65 -5.66 5.93 -20.02
C SER B 65 -4.73 6.91 -19.31
N THR B 66 -5.15 7.39 -18.14
CA THR B 66 -4.35 8.34 -17.37
C THR B 66 -3.41 7.59 -16.42
N LEU B 67 -2.13 7.55 -16.77
CA LEU B 67 -1.13 6.87 -15.96
C LEU B 67 -0.49 7.84 -14.97
N HIS B 68 -0.46 7.45 -13.70
CA HIS B 68 0.14 8.29 -12.66
C HIS B 68 1.64 8.04 -12.58
N LEU B 69 2.41 8.96 -13.17
CA LEU B 69 3.87 8.83 -13.15
C LEU B 69 4.45 9.33 -11.84
N VAL B 70 5.48 8.63 -11.34
CA VAL B 70 6.12 9.01 -10.10
C VAL B 70 7.62 8.75 -10.16
N LEU B 71 8.39 9.42 -9.32
CA LEU B 71 9.84 9.25 -9.28
C LEU B 71 10.24 8.32 -8.16
N ARG B 72 10.62 7.09 -8.50
CA ARG B 72 11.02 6.11 -7.50
C ARG B 72 12.12 6.68 -6.61
N LEU B 73 11.85 6.74 -5.31
CA LEU B 73 12.82 7.26 -4.35
C LEU B 73 13.56 6.13 -3.65
N ARG B 74 14.78 5.85 -4.11
CA ARG B 74 15.58 4.77 -3.52
C ARG B 74 14.77 3.48 -3.47
N GLY B 75 15.26 2.52 -2.69
CA GLY B 75 14.57 1.24 -2.55
C GLY B 75 15.51 0.17 -2.00
N GLY B 76 16.20 0.50 -0.92
CA GLY B 76 17.15 -0.43 -0.30
C GLY B 76 16.42 -1.36 0.66
N MET C 1 15.85 -9.35 5.48
CA MET C 1 15.44 -7.95 5.80
C MET C 1 14.52 -7.94 7.00
N GLN C 2 14.61 -6.88 7.81
CA GLN C 2 13.78 -6.76 9.00
C GLN C 2 12.53 -5.95 8.69
N ILE C 3 11.36 -6.51 9.02
CA ILE C 3 10.09 -5.83 8.77
C ILE C 3 9.38 -5.54 10.09
N PHE C 4 8.60 -4.46 10.10
CA PHE C 4 7.87 -4.06 11.30
C PHE C 4 6.42 -4.54 11.22
N VAL C 5 5.89 -4.99 12.36
CA VAL C 5 4.51 -5.46 12.41
C VAL C 5 3.77 -4.80 13.56
N LYS C 6 2.84 -3.91 13.23
CA LYS C 6 2.05 -3.22 14.24
C LYS C 6 0.74 -3.92 14.49
N THR C 7 0.40 -4.11 15.77
CA THR C 7 -0.85 -4.78 16.13
C THR C 7 -1.98 -3.77 16.21
N LEU C 8 -3.01 -4.09 17.00
CA LEU C 8 -4.15 -3.20 17.15
C LEU C 8 -3.87 -2.15 18.22
N THR C 9 -3.16 -2.56 19.28
CA THR C 9 -2.83 -1.64 20.37
C THR C 9 -1.66 -0.75 19.98
N GLY C 10 -1.09 -1.02 18.80
CA GLY C 10 0.05 -0.23 18.32
C GLY C 10 1.37 -0.89 18.70
N LYS C 11 1.32 -2.19 18.95
CA LYS C 11 2.52 -2.94 19.32
C LYS C 11 3.33 -3.30 18.08
N THR C 12 4.50 -2.70 17.93
CA THR C 12 5.36 -2.96 16.79
C THR C 12 6.31 -4.11 17.08
N ILE C 13 6.56 -4.95 16.07
CA ILE C 13 7.46 -6.08 16.23
C ILE C 13 8.37 -6.22 15.02
N THR C 14 9.68 -6.26 15.27
CA THR C 14 10.66 -6.39 14.19
C THR C 14 10.98 -7.86 13.94
N LEU C 15 10.55 -8.37 12.79
CA LEU C 15 10.78 -9.77 12.44
C LEU C 15 11.69 -9.88 11.22
N GLU C 16 12.70 -10.75 11.31
CA GLU C 16 13.63 -10.94 10.21
C GLU C 16 13.02 -11.88 9.17
N VAL C 17 12.92 -11.41 7.93
CA VAL C 17 12.34 -12.22 6.86
C VAL C 17 13.02 -11.91 5.52
N GLU C 18 12.73 -12.74 4.52
CA GLU C 18 13.31 -12.56 3.20
C GLU C 18 12.19 -12.47 2.15
N PRO C 19 12.40 -11.74 1.09
CA PRO C 19 11.38 -11.58 0.01
C PRO C 19 10.77 -12.92 -0.41
N SER C 20 11.51 -14.01 -0.21
CA SER C 20 11.03 -15.33 -0.59
C SER C 20 10.31 -16.01 0.57
N ASP C 21 10.05 -15.25 1.64
CA ASP C 21 9.36 -15.81 2.80
C ASP C 21 7.85 -15.81 2.57
N THR C 22 7.21 -16.92 2.93
CA THR C 22 5.77 -17.04 2.75
C THR C 22 5.02 -16.40 3.92
N ILE C 23 3.97 -15.66 3.60
CA ILE C 23 3.17 -15.00 4.63
C ILE C 23 2.88 -15.97 5.78
N GLU C 24 2.49 -17.19 5.43
CA GLU C 24 2.19 -18.20 6.43
C GLU C 24 3.39 -18.39 7.36
N ASN C 25 4.60 -18.31 6.78
CA ASN C 25 5.81 -18.46 7.57
C ASN C 25 5.94 -17.32 8.57
N VAL C 26 5.58 -16.11 8.14
CA VAL C 26 5.64 -14.95 9.01
C VAL C 26 4.66 -15.12 10.17
N LYS C 27 3.40 -15.37 9.84
CA LYS C 27 2.37 -15.55 10.85
C LYS C 27 2.87 -16.53 11.92
N ALA C 28 3.53 -17.58 11.47
CA ALA C 28 4.05 -18.59 12.40
C ALA C 28 5.07 -17.96 13.34
N LYS C 29 5.98 -17.16 12.78
CA LYS C 29 6.99 -16.50 13.60
C LYS C 29 6.33 -15.67 14.70
N ILE C 30 5.24 -14.99 14.35
CA ILE C 30 4.52 -14.17 15.31
C ILE C 30 3.94 -15.04 16.43
N GLN C 31 3.27 -16.13 16.02
CA GLN C 31 2.68 -17.03 17.00
C GLN C 31 3.73 -17.48 18.01
N ASP C 32 4.98 -17.52 17.57
CA ASP C 32 6.07 -17.93 18.44
C ASP C 32 6.47 -16.81 19.38
N LYS C 33 6.30 -15.57 18.93
CA LYS C 33 6.64 -14.41 19.75
C LYS C 33 5.53 -14.10 20.74
N GLU C 34 4.38 -13.69 20.22
CA GLU C 34 3.25 -13.37 21.08
C GLU C 34 2.51 -14.63 21.50
N GLY C 35 1.31 -14.83 20.95
CA GLY C 35 0.51 -16.01 21.28
C GLY C 35 -0.73 -16.06 20.40
N ILE C 36 -0.74 -15.29 19.33
CA ILE C 36 -1.87 -15.25 18.41
C ILE C 36 -1.74 -16.36 17.37
N PRO C 37 -2.64 -17.33 17.37
CA PRO C 37 -2.58 -18.45 16.39
C PRO C 37 -2.74 -17.95 14.95
N PRO C 38 -2.13 -18.61 14.00
CA PRO C 38 -2.21 -18.21 12.57
C PRO C 38 -3.65 -17.93 12.14
N ASP C 39 -4.51 -18.94 12.25
CA ASP C 39 -5.91 -18.79 11.87
C ASP C 39 -6.47 -17.47 12.38
N GLN C 40 -5.82 -16.91 13.41
CA GLN C 40 -6.25 -15.65 14.00
C GLN C 40 -5.28 -14.53 13.65
N GLN C 41 -4.75 -14.56 12.43
CA GLN C 41 -3.81 -13.54 11.98
C GLN C 41 -4.17 -13.06 10.58
N ARG C 42 -3.67 -11.87 10.23
CA ARG C 42 -3.95 -11.29 8.92
C ARG C 42 -3.09 -10.06 8.70
N LEU C 43 -2.12 -10.18 7.78
CA LEU C 43 -1.23 -9.06 7.49
C LEU C 43 -1.80 -8.17 6.39
N ILE C 44 -1.80 -6.87 6.65
CA ILE C 44 -2.31 -5.90 5.69
C ILE C 44 -1.29 -4.78 5.47
N PHE C 45 -0.88 -4.59 4.22
CA PHE C 45 0.11 -3.56 3.89
C PHE C 45 -0.55 -2.38 3.17
N ALA C 46 -1.14 -1.48 3.95
CA ALA C 46 -1.79 -0.30 3.39
C ALA C 46 -2.77 -0.71 2.29
N GLY C 47 -3.96 -1.14 2.70
CA GLY C 47 -4.99 -1.55 1.74
C GLY C 47 -4.51 -2.70 0.87
N LYS C 48 -3.85 -3.69 1.48
CA LYS C 48 -3.35 -4.84 0.75
C LYS C 48 -3.31 -6.08 1.64
N GLN C 49 -4.37 -6.87 1.60
CA GLN C 49 -4.44 -8.09 2.41
C GLN C 49 -3.53 -9.16 1.81
N LEU C 50 -2.54 -9.60 2.59
CA LEU C 50 -1.61 -10.62 2.12
C LEU C 50 -2.21 -12.01 2.29
N GLU C 51 -2.07 -12.84 1.27
CA GLU C 51 -2.59 -14.21 1.31
C GLU C 51 -1.63 -15.12 2.07
N ASP C 52 -2.14 -16.26 2.51
CA ASP C 52 -1.33 -17.21 3.27
C ASP C 52 -0.48 -18.07 2.33
N GLY C 53 -0.89 -18.15 1.06
CA GLY C 53 -0.16 -18.95 0.08
C GLY C 53 0.63 -18.06 -0.88
N ARG C 54 1.24 -17.01 -0.34
CA ARG C 54 2.05 -16.10 -1.14
C ARG C 54 3.31 -15.69 -0.39
N THR C 55 4.17 -14.94 -1.06
CA THR C 55 5.42 -14.49 -0.44
C THR C 55 5.42 -12.97 -0.27
N LEU C 56 6.35 -12.47 0.54
CA LEU C 56 6.45 -11.04 0.79
C LEU C 56 6.70 -10.29 -0.52
N SER C 57 7.68 -10.77 -1.30
CA SER C 57 8.02 -10.14 -2.57
C SER C 57 6.78 -9.98 -3.45
N ASP C 58 5.91 -11.00 -3.42
CA ASP C 58 4.69 -10.96 -4.23
C ASP C 58 3.89 -9.70 -3.93
N TYR C 59 4.35 -8.93 -2.95
CA TYR C 59 3.66 -7.69 -2.58
C TYR C 59 4.64 -6.52 -2.54
N ASN C 60 5.75 -6.66 -3.25
CA ASN C 60 6.76 -5.61 -3.30
C ASN C 60 7.10 -5.13 -1.90
N ILE C 61 6.96 -6.02 -0.92
CA ILE C 61 7.27 -5.68 0.47
C ILE C 61 8.78 -5.73 0.72
N GLN C 62 9.42 -4.57 0.68
CA GLN C 62 10.86 -4.49 0.91
C GLN C 62 11.17 -4.52 2.40
N LYS C 63 12.35 -4.01 2.76
CA LYS C 63 12.77 -3.99 4.15
C LYS C 63 12.14 -2.80 4.88
N GLU C 64 12.12 -2.88 6.21
CA GLU C 64 11.56 -1.81 7.03
C GLU C 64 10.12 -1.52 6.61
N SER C 65 9.41 -2.56 6.21
CA SER C 65 8.02 -2.40 5.78
C SER C 65 7.08 -2.52 6.98
N THR C 66 6.16 -1.57 7.11
CA THR C 66 5.21 -1.59 8.21
C THR C 66 3.94 -2.35 7.82
N LEU C 67 3.66 -3.43 8.53
CA LEU C 67 2.49 -4.26 8.25
C LEU C 67 1.49 -4.15 9.40
N HIS C 68 0.20 -4.35 9.10
CA HIS C 68 -0.84 -4.28 10.11
C HIS C 68 -1.40 -5.67 10.39
N LEU C 69 -1.28 -6.11 11.65
CA LEU C 69 -1.77 -7.44 12.04
C LEU C 69 -3.19 -7.36 12.57
N VAL C 70 -4.09 -8.12 11.95
CA VAL C 70 -5.49 -8.15 12.37
C VAL C 70 -5.93 -9.58 12.62
N LEU C 71 -6.66 -9.79 13.72
CA LEU C 71 -7.13 -11.12 14.07
C LEU C 71 -8.36 -11.49 13.23
N ARG C 72 -8.36 -12.71 12.69
CA ARG C 72 -9.47 -13.18 11.88
C ARG C 72 -10.67 -13.48 12.76
N LEU C 73 -11.86 -13.12 12.28
CA LEU C 73 -13.09 -13.37 13.04
C LEU C 73 -14.00 -14.34 12.29
N ARG C 74 -13.49 -15.55 12.06
CA ARG C 74 -14.26 -16.56 11.36
C ARG C 74 -15.39 -17.09 12.24
N GLY C 75 -16.03 -16.19 12.98
CA GLY C 75 -17.11 -16.57 13.87
C GLY C 75 -16.64 -17.57 14.92
N CYS C 76 -17.29 -18.73 14.98
CA CYS C 76 -16.92 -19.75 15.95
C CYS C 76 -15.42 -20.01 15.91
N GLY D 1 -7.33 10.55 24.60
CA GLY D 1 -7.11 10.01 23.25
C GLY D 1 -8.23 9.06 22.85
N THR D 2 -9.25 8.97 23.71
CA THR D 2 -10.39 8.10 23.42
C THR D 2 -11.25 8.68 22.30
N LYS D 3 -10.95 8.28 21.07
CA LYS D 3 -11.70 8.77 19.91
C LYS D 3 -11.96 7.63 18.93
N LYS D 4 -13.22 7.17 18.87
CA LYS D 4 -13.60 6.09 17.98
C LYS D 4 -14.81 6.49 17.13
N TYR D 5 -15.30 5.56 16.32
CA TYR D 5 -16.46 5.83 15.48
C TYR D 5 -17.69 5.11 16.02
N ASP D 6 -18.86 5.70 15.78
CA ASP D 6 -20.11 5.11 16.25
C ASP D 6 -20.56 3.99 15.32
N LEU D 7 -20.17 2.77 15.64
CA LEU D 7 -20.53 1.61 14.83
C LEU D 7 -21.75 0.90 15.42
N SER D 8 -22.69 1.67 15.93
CA SER D 8 -23.89 1.10 16.52
C SER D 8 -24.90 0.71 15.45
N LYS D 9 -24.49 0.83 14.19
CA LYS D 9 -25.37 0.49 13.08
C LYS D 9 -24.56 -0.07 11.91
N TRP D 10 -24.07 -1.29 12.07
CA TRP D 10 -23.28 -1.94 11.02
C TRP D 10 -23.78 -3.36 10.78
N LYS D 11 -23.35 -3.95 9.67
CA LYS D 11 -23.75 -5.31 9.32
C LYS D 11 -22.57 -6.27 9.47
N TYR D 12 -22.88 -7.55 9.63
CA TYR D 12 -21.85 -8.57 9.78
C TYR D 12 -20.89 -8.54 8.60
N ALA D 13 -21.44 -8.60 7.39
CA ALA D 13 -20.62 -8.58 6.18
C ALA D 13 -19.83 -7.28 6.09
N GLU D 14 -20.48 -6.16 6.36
CA GLU D 14 -19.83 -4.86 6.30
C GLU D 14 -18.57 -4.86 7.16
N LEU D 15 -18.71 -5.27 8.42
CA LEU D 15 -17.57 -5.31 9.32
C LEU D 15 -16.48 -6.23 8.78
N ARG D 16 -16.84 -7.49 8.56
CA ARG D 16 -15.90 -8.47 8.04
C ARG D 16 -15.23 -7.96 6.77
N ASP D 17 -16.04 -7.55 5.80
CA ASP D 17 -15.53 -7.04 4.54
C ASP D 17 -14.58 -5.87 4.78
N THR D 18 -15.04 -4.91 5.59
CA THR D 18 -14.23 -3.73 5.89
C THR D 18 -12.83 -4.15 6.36
N ILE D 19 -12.78 -5.14 7.24
CA ILE D 19 -11.50 -5.62 7.76
C ILE D 19 -10.72 -6.34 6.66
N ASN D 20 -11.43 -7.01 5.77
CA ASN D 20 -10.79 -7.73 4.68
C ASN D 20 -10.69 -6.86 3.43
N THR D 21 -11.15 -5.62 3.53
CA THR D 21 -11.12 -4.70 2.40
C THR D 21 -10.51 -3.36 2.81
N SER D 22 -10.31 -3.17 4.11
CA SER D 22 -9.74 -1.92 4.61
C SER D 22 -8.43 -2.18 5.35
N CYS D 23 -7.72 -1.10 5.67
CA CYS D 23 -6.44 -1.21 6.37
C CYS D 23 -6.32 -0.11 7.41
N ASP D 24 -7.47 0.40 7.87
CA ASP D 24 -7.47 1.46 8.87
C ASP D 24 -7.43 0.87 10.28
N ILE D 25 -6.23 0.82 10.84
CA ILE D 25 -6.05 0.27 12.18
C ILE D 25 -7.20 0.66 13.09
N GLU D 26 -7.57 1.94 13.06
CA GLU D 26 -8.66 2.43 13.89
C GLU D 26 -9.92 1.61 13.67
N LEU D 27 -10.39 1.59 12.43
CA LEU D 27 -11.58 0.82 12.10
C LEU D 27 -11.41 -0.64 12.50
N LEU D 28 -10.21 -1.17 12.27
CA LEU D 28 -9.92 -2.55 12.60
C LEU D 28 -10.12 -2.79 14.10
N ALA D 29 -9.64 -1.84 14.91
CA ALA D 29 -9.78 -1.95 16.36
C ALA D 29 -11.24 -1.81 16.77
N ALA D 30 -11.89 -0.77 16.26
CA ALA D 30 -13.30 -0.54 16.58
C ALA D 30 -14.16 -1.68 16.05
N CYS D 31 -13.86 -2.14 14.85
CA CYS D 31 -14.62 -3.24 14.25
C CYS D 31 -14.50 -4.48 15.13
N ARG D 32 -13.27 -4.88 15.44
CA ARG D 32 -13.05 -6.06 16.27
C ARG D 32 -13.80 -5.90 17.59
N GLU D 33 -13.74 -4.71 18.17
CA GLU D 33 -14.42 -4.44 19.42
C GLU D 33 -15.90 -4.78 19.34
N GLU D 34 -16.59 -4.14 18.38
CA GLU D 34 -18.02 -4.38 18.22
C GLU D 34 -18.28 -5.80 17.71
N PHE D 35 -17.42 -6.27 16.81
CA PHE D 35 -17.57 -7.61 16.27
C PHE D 35 -17.55 -8.65 17.38
N HIS D 36 -16.77 -8.37 18.43
CA HIS D 36 -16.67 -9.30 19.55
C HIS D 36 -17.79 -9.03 20.55
N ARG D 37 -17.93 -7.78 20.97
CA ARG D 37 -18.96 -7.40 21.91
C ARG D 37 -20.31 -7.98 21.48
N ARG D 38 -20.52 -8.05 20.17
CA ARG D 38 -21.78 -8.57 19.64
C ARG D 38 -21.90 -10.06 19.93
N LEU D 39 -20.76 -10.75 19.98
CA LEU D 39 -20.77 -12.18 20.27
C LEU D 39 -20.67 -12.43 21.77
N LYS D 40 -19.78 -11.70 22.44
CA LYS D 40 -19.60 -11.86 23.87
C LYS D 40 -20.85 -11.42 24.62
N VAL D 41 -21.43 -10.30 24.20
CA VAL D 41 -22.64 -9.78 24.84
C VAL D 41 -22.53 -9.92 26.36
N TYR D 42 -23.56 -10.48 26.98
CA TYR D 42 -23.59 -10.65 28.42
C TYR D 42 -22.87 -9.50 29.13
N HIS D 43 -22.94 -8.31 28.53
CA HIS D 43 -22.30 -7.14 29.12
C HIS D 43 -22.95 -6.77 30.43
N GLY A 1 -11.33 22.18 -5.02
CA GLY A 1 -10.05 21.71 -5.53
C GLY A 1 -8.97 21.82 -4.47
N THR A 2 -7.72 21.98 -4.92
CA THR A 2 -6.60 22.11 -4.01
C THR A 2 -6.79 21.25 -2.76
N LYS A 3 -7.04 19.96 -2.98
CA LYS A 3 -7.23 19.04 -1.87
C LYS A 3 -5.90 18.62 -1.26
N LYS A 4 -5.16 19.60 -0.75
CA LYS A 4 -3.87 19.32 -0.14
C LYS A 4 -4.03 18.43 1.08
N TYR A 5 -2.94 18.21 1.81
CA TYR A 5 -2.97 17.38 3.00
C TYR A 5 -1.89 17.81 3.99
N ASP A 6 -2.23 17.79 5.27
CA ASP A 6 -1.29 18.18 6.31
C ASP A 6 -0.37 17.02 6.68
N LEU A 7 0.78 16.95 6.02
CA LEU A 7 1.74 15.89 6.27
C LEU A 7 2.83 16.37 7.22
N SER A 8 2.42 17.06 8.29
CA SER A 8 3.38 17.56 9.27
C SER A 8 3.72 16.50 10.30
N LYS A 9 3.40 15.24 9.97
CA LYS A 9 3.69 14.13 10.88
C LYS A 9 3.47 12.80 10.18
N TRP A 10 4.49 12.34 9.46
CA TRP A 10 4.41 11.07 8.74
C TRP A 10 5.69 10.26 8.96
N LYS A 11 5.66 9.01 8.52
CA LYS A 11 6.81 8.13 8.67
C LYS A 11 7.38 7.73 7.31
N TYR A 12 8.60 7.22 7.31
CA TYR A 12 9.24 6.80 6.06
C TYR A 12 8.48 5.64 5.42
N ALA A 13 8.19 4.62 6.23
CA ALA A 13 7.46 3.46 5.72
C ALA A 13 6.07 3.87 5.23
N GLU A 14 5.46 4.82 5.92
CA GLU A 14 4.13 5.29 5.55
C GLU A 14 4.17 5.98 4.18
N LEU A 15 5.01 7.00 4.07
CA LEU A 15 5.14 7.72 2.81
C LEU A 15 5.48 6.78 1.66
N ARG A 16 6.57 6.05 1.83
CA ARG A 16 7.01 5.11 0.80
C ARG A 16 5.87 4.15 0.44
N ASP A 17 5.13 3.72 1.46
CA ASP A 17 4.02 2.80 1.25
C ASP A 17 2.92 3.49 0.43
N THR A 18 2.56 4.70 0.84
CA THR A 18 1.53 5.46 0.15
C THR A 18 1.85 5.58 -1.33
N ILE A 19 3.12 5.87 -1.63
CA ILE A 19 3.53 6.02 -3.03
C ILE A 19 3.68 4.65 -3.70
N ASN A 20 3.95 3.64 -2.90
CA ASN A 20 4.13 2.28 -3.42
C ASN A 20 2.80 1.53 -3.42
N THR A 21 1.75 2.15 -2.87
CA THR A 21 0.44 1.51 -2.81
C THR A 21 -0.64 2.45 -3.33
N SER A 22 -0.58 3.72 -2.92
CA SER A 22 -1.57 4.70 -3.35
C SER A 22 -1.29 5.18 -4.76
N CYS A 23 -2.35 5.53 -5.49
CA CYS A 23 -2.23 6.02 -6.86
C CYS A 23 -2.86 7.41 -6.98
N ASP A 24 -2.82 8.16 -5.89
CA ASP A 24 -3.40 9.51 -5.88
C ASP A 24 -2.34 10.54 -6.21
N ILE A 25 -2.24 10.88 -7.50
CA ILE A 25 -1.27 11.86 -7.96
C ILE A 25 -1.12 13.00 -6.95
N GLU A 26 -2.25 13.45 -6.41
CA GLU A 26 -2.23 14.53 -5.43
C GLU A 26 -1.34 14.16 -4.24
N LEU A 27 -1.69 13.07 -3.57
CA LEU A 27 -0.91 12.62 -2.42
C LEU A 27 0.54 12.37 -2.84
N LEU A 28 0.72 11.82 -4.03
CA LEU A 28 2.06 11.54 -4.53
C LEU A 28 2.87 12.82 -4.59
N ALA A 29 2.25 13.89 -5.10
CA ALA A 29 2.92 15.18 -5.20
C ALA A 29 3.29 15.69 -3.81
N ALA A 30 2.32 15.66 -2.90
CA ALA A 30 2.55 16.12 -1.54
C ALA A 30 3.56 15.21 -0.83
N CYS A 31 3.43 13.91 -1.05
CA CYS A 31 4.33 12.96 -0.45
C CYS A 31 5.75 13.17 -0.98
N ARG A 32 5.86 13.33 -2.28
CA ARG A 32 7.16 13.55 -2.92
C ARG A 32 7.78 14.86 -2.46
N GLU A 33 6.98 15.92 -2.38
CA GLU A 33 7.50 17.23 -1.97
C GLU A 33 8.03 17.17 -0.54
N GLU A 34 7.28 16.56 0.36
CA GLU A 34 7.73 16.47 1.75
C GLU A 34 8.95 15.55 1.85
N PHE A 35 8.97 14.51 1.03
CA PHE A 35 10.08 13.58 1.02
C PHE A 35 11.38 14.30 0.66
N HIS A 36 11.31 15.13 -0.38
CA HIS A 36 12.47 15.88 -0.83
C HIS A 36 12.89 16.89 0.24
N ARG A 37 11.94 17.69 0.69
CA ARG A 37 12.21 18.69 1.71
C ARG A 37 13.02 18.08 2.85
N ARG A 38 12.48 17.00 3.43
CA ARG A 38 13.16 16.31 4.52
C ARG A 38 14.63 16.12 4.20
N LEU A 39 14.92 15.74 2.95
CA LEU A 39 16.30 15.52 2.54
C LEU A 39 17.04 16.85 2.42
N LYS A 40 16.33 17.88 1.98
CA LYS A 40 16.94 19.20 1.83
C LYS A 40 17.19 19.83 3.19
N VAL A 41 16.12 20.27 3.84
CA VAL A 41 16.24 20.89 5.15
C VAL A 41 15.97 19.88 6.26
N TYR A 42 16.12 20.30 7.50
CA TYR A 42 15.89 19.42 8.65
C TYR A 42 14.41 19.39 9.01
N HIS A 43 13.55 19.55 8.01
CA HIS A 43 12.11 19.54 8.25
C HIS A 43 11.74 20.59 9.29
N MET B 1 -0.17 2.27 -30.04
CA MET B 1 -1.21 2.44 -28.98
C MET B 1 -0.88 3.69 -28.17
N GLN B 2 -1.55 4.79 -28.49
CA GLN B 2 -1.33 6.04 -27.78
C GLN B 2 -1.85 5.95 -26.35
N ILE B 3 -1.02 6.34 -25.39
CA ILE B 3 -1.42 6.29 -23.98
C ILE B 3 -1.09 7.61 -23.29
N PHE B 4 -1.96 8.03 -22.38
CA PHE B 4 -1.76 9.27 -21.64
C PHE B 4 -1.04 9.01 -20.33
N VAL B 5 0.05 9.74 -20.10
CA VAL B 5 0.83 9.58 -18.87
C VAL B 5 0.74 10.85 -18.03
N LYS B 6 0.00 10.78 -16.94
CA LYS B 6 -0.15 11.93 -16.05
C LYS B 6 1.06 12.06 -15.15
N THR B 7 1.74 13.20 -15.24
CA THR B 7 2.92 13.45 -14.42
C THR B 7 2.53 14.07 -13.08
N LEU B 8 3.51 14.67 -12.41
CA LEU B 8 3.25 15.30 -11.11
C LEU B 8 2.57 16.65 -11.31
N THR B 9 3.23 17.55 -12.02
CA THR B 9 2.68 18.87 -12.27
C THR B 9 1.33 18.76 -12.97
N GLY B 10 0.92 17.53 -13.28
CA GLY B 10 -0.35 17.30 -13.95
C GLY B 10 -0.17 17.27 -15.47
N LYS B 11 1.07 17.31 -15.91
CA LYS B 11 1.37 17.29 -17.34
C LYS B 11 1.05 15.91 -17.93
N THR B 12 0.06 15.87 -18.83
CA THR B 12 -0.32 14.61 -19.45
C THR B 12 0.43 14.40 -20.76
N ILE B 13 1.33 13.43 -20.77
CA ILE B 13 2.12 13.13 -21.96
C ILE B 13 1.50 11.99 -22.75
N THR B 14 1.66 12.02 -24.07
CA THR B 14 1.11 10.98 -24.94
C THR B 14 2.23 10.09 -25.46
N LEU B 15 2.43 8.93 -24.83
CA LEU B 15 3.47 8.01 -25.24
C LEU B 15 2.91 6.97 -26.22
N GLU B 16 3.60 6.80 -27.34
CA GLU B 16 3.17 5.83 -28.35
C GLU B 16 3.82 4.49 -28.08
N VAL B 17 3.00 3.48 -27.80
CA VAL B 17 3.52 2.15 -27.50
C VAL B 17 2.55 1.06 -27.99
N GLU B 18 2.73 -0.14 -27.46
CA GLU B 18 1.87 -1.27 -27.82
C GLU B 18 1.76 -2.23 -26.64
N PRO B 19 0.67 -2.96 -26.55
CA PRO B 19 0.44 -3.92 -25.43
C PRO B 19 1.65 -4.79 -25.13
N SER B 20 2.30 -5.30 -26.18
CA SER B 20 3.45 -6.17 -26.00
C SER B 20 4.71 -5.37 -25.65
N ASP B 21 4.52 -4.12 -25.22
CA ASP B 21 5.66 -3.28 -24.85
C ASP B 21 5.96 -3.42 -23.36
N THR B 22 7.24 -3.49 -23.03
CA THR B 22 7.66 -3.62 -21.63
C THR B 22 7.67 -2.27 -20.94
N ILE B 23 7.19 -2.25 -19.70
CA ILE B 23 7.15 -1.01 -18.92
C ILE B 23 8.51 -0.31 -19.01
N GLU B 24 9.57 -1.04 -18.69
CA GLU B 24 10.90 -0.47 -18.73
C GLU B 24 11.11 0.31 -20.03
N ASN B 25 10.66 -0.27 -21.13
CA ASN B 25 10.79 0.39 -22.42
C ASN B 25 10.04 1.72 -22.42
N VAL B 26 8.87 1.74 -21.79
CA VAL B 26 8.07 2.95 -21.71
C VAL B 26 8.83 4.03 -20.94
N LYS B 27 9.37 3.64 -19.78
CA LYS B 27 10.12 4.58 -18.96
C LYS B 27 11.23 5.23 -19.78
N ALA B 28 11.85 4.44 -20.65
CA ALA B 28 12.93 4.94 -21.48
C ALA B 28 12.40 5.99 -22.45
N LYS B 29 11.20 5.75 -22.99
CA LYS B 29 10.59 6.68 -23.93
C LYS B 29 10.35 8.03 -23.25
N ILE B 30 9.84 7.98 -22.03
CA ILE B 30 9.57 9.20 -21.26
C ILE B 30 10.88 9.96 -21.01
N GLN B 31 11.86 9.26 -20.47
CA GLN B 31 13.15 9.87 -20.17
C GLN B 31 13.69 10.60 -21.41
N ASP B 32 13.38 10.07 -22.58
CA ASP B 32 13.82 10.68 -23.83
C ASP B 32 13.02 11.94 -24.12
N LYS B 33 11.80 11.99 -23.61
CA LYS B 33 10.93 13.15 -23.82
C LYS B 33 11.29 14.27 -22.84
N GLU B 34 11.10 14.00 -21.55
CA GLU B 34 11.40 14.99 -20.52
C GLU B 34 12.88 14.93 -20.14
N GLY B 35 13.15 14.44 -18.93
CA GLY B 35 14.51 14.33 -18.45
C GLY B 35 14.57 13.51 -17.16
N ILE B 36 13.50 12.77 -16.90
CA ILE B 36 13.43 11.94 -15.69
C ILE B 36 14.12 10.59 -15.93
N PRO B 37 15.21 10.32 -15.24
CA PRO B 37 15.94 9.03 -15.42
C PRO B 37 15.07 7.84 -14.99
N PRO B 38 15.24 6.71 -15.62
CA PRO B 38 14.45 5.49 -15.29
C PRO B 38 14.43 5.21 -13.78
N ASP B 39 15.60 4.96 -13.22
CA ASP B 39 15.71 4.69 -11.78
C ASP B 39 14.77 5.59 -10.98
N GLN B 40 14.45 6.75 -11.56
CA GLN B 40 13.56 7.70 -10.89
C GLN B 40 12.18 7.69 -11.54
N GLN B 41 11.67 6.49 -11.83
CA GLN B 41 10.36 6.35 -12.45
C GLN B 41 9.55 5.26 -11.74
N ARG B 42 8.23 5.38 -11.84
CA ARG B 42 7.34 4.41 -11.22
C ARG B 42 5.91 4.63 -11.68
N LEU B 43 5.44 3.80 -12.61
CA LEU B 43 4.10 3.94 -13.14
C LEU B 43 3.09 3.23 -12.25
N ILE B 44 1.99 3.93 -11.96
CA ILE B 44 0.94 3.37 -11.10
C ILE B 44 -0.41 3.49 -11.81
N PHE B 45 -1.26 2.48 -11.66
CA PHE B 45 -2.57 2.48 -12.28
C PHE B 45 -3.60 1.77 -11.41
N ALA B 46 -4.45 2.55 -10.75
CA ALA B 46 -5.47 1.99 -9.88
C ALA B 46 -4.84 1.29 -8.67
N GLY B 47 -4.27 2.08 -7.78
CA GLY B 47 -3.64 1.52 -6.58
C GLY B 47 -2.85 0.26 -6.91
N LYS B 48 -2.05 0.33 -7.97
CA LYS B 48 -1.25 -0.82 -8.38
C LYS B 48 0.03 -0.37 -9.08
N GLN B 49 1.17 -0.74 -8.53
CA GLN B 49 2.45 -0.37 -9.10
C GLN B 49 2.83 -1.34 -10.22
N LEU B 50 3.13 -0.79 -11.40
CA LEU B 50 3.50 -1.62 -12.54
C LEU B 50 4.97 -2.03 -12.45
N GLU B 51 5.22 -3.33 -12.55
CA GLU B 51 6.58 -3.84 -12.48
C GLU B 51 7.36 -3.45 -13.72
N ASP B 52 8.68 -3.52 -13.64
CA ASP B 52 9.54 -3.17 -14.76
C ASP B 52 9.70 -4.33 -15.72
N GLY B 53 9.71 -5.55 -15.17
CA GLY B 53 9.86 -6.75 -16.00
C GLY B 53 8.52 -7.28 -16.47
N ARG B 54 7.64 -6.37 -16.88
CA ARG B 54 6.32 -6.76 -17.36
C ARG B 54 5.92 -5.92 -18.57
N THR B 55 4.76 -6.22 -19.16
CA THR B 55 4.29 -5.49 -20.32
C THR B 55 2.98 -4.76 -20.00
N LEU B 56 2.63 -3.81 -20.85
CA LEU B 56 1.39 -3.04 -20.66
C LEU B 56 0.18 -3.97 -20.68
N SER B 57 0.23 -4.97 -21.56
CA SER B 57 -0.87 -5.91 -21.69
C SER B 57 -1.09 -6.66 -20.38
N ASP B 58 0.00 -6.90 -19.65
CA ASP B 58 -0.09 -7.61 -18.38
C ASP B 58 -0.75 -6.74 -17.31
N TYR B 59 -1.40 -5.66 -17.75
CA TYR B 59 -2.07 -4.75 -16.83
C TYR B 59 -3.40 -4.28 -17.42
N ASN B 60 -3.78 -4.86 -18.56
CA ASN B 60 -5.02 -4.48 -19.21
C ASN B 60 -5.02 -3.00 -19.57
N ILE B 61 -3.84 -2.45 -19.80
CA ILE B 61 -3.72 -1.04 -20.15
C ILE B 61 -4.02 -0.82 -21.64
N GLN B 62 -5.25 -0.40 -21.93
CA GLN B 62 -5.65 -0.17 -23.31
C GLN B 62 -5.13 1.18 -23.79
N ARG B 63 -5.79 1.73 -24.82
CA ARG B 63 -5.38 3.02 -25.37
C ARG B 63 -5.99 4.16 -24.57
N GLU B 64 -5.38 5.34 -24.67
CA GLU B 64 -5.86 6.51 -23.96
C GLU B 64 -5.94 6.23 -22.45
N SER B 65 -5.04 5.39 -21.97
CA SER B 65 -5.00 5.05 -20.54
C SER B 65 -4.22 6.10 -19.76
N THR B 66 -4.75 6.50 -18.60
CA THR B 66 -4.09 7.49 -17.76
C THR B 66 -3.17 6.80 -16.76
N LEU B 67 -1.86 6.84 -17.03
CA LEU B 67 -0.89 6.22 -16.14
C LEU B 67 -0.31 7.25 -15.18
N HIS B 68 -0.48 7.00 -13.88
CA HIS B 68 0.04 7.90 -12.86
C HIS B 68 1.55 7.72 -12.69
N LEU B 69 2.33 8.57 -13.36
CA LEU B 69 3.78 8.47 -13.28
C LEU B 69 4.30 9.14 -12.01
N VAL B 70 5.19 8.45 -11.30
CA VAL B 70 5.76 8.98 -10.07
C VAL B 70 7.28 8.84 -10.09
N LEU B 71 7.96 9.61 -9.24
CA LEU B 71 9.41 9.56 -9.17
C LEU B 71 9.88 8.66 -8.04
N ARG B 72 10.44 7.51 -8.39
CA ARG B 72 10.93 6.57 -7.39
C ARG B 72 12.09 7.17 -6.61
N LEU B 73 11.81 7.61 -5.38
CA LEU B 73 12.84 8.20 -4.54
C LEU B 73 13.72 7.11 -3.93
N ARG B 74 14.84 7.54 -3.35
CA ARG B 74 15.76 6.59 -2.72
C ARG B 74 15.27 6.19 -1.34
N GLY B 75 15.81 5.10 -0.82
CA GLY B 75 15.41 4.62 0.51
C GLY B 75 16.31 3.49 0.98
N GLY B 76 15.86 2.75 1.98
CA GLY B 76 16.63 1.64 2.52
C GLY B 76 16.57 0.44 1.57
N MET C 1 14.97 -10.61 4.55
CA MET C 1 14.27 -9.31 4.48
C MET C 1 13.54 -9.04 5.78
N GLN C 2 13.93 -7.96 6.46
CA GLN C 2 13.31 -7.61 7.74
C GLN C 2 12.09 -6.70 7.52
N ILE C 3 10.92 -7.24 7.78
CA ILE C 3 9.67 -6.48 7.61
C ILE C 3 9.08 -6.11 8.97
N PHE C 4 8.44 -4.96 9.05
CA PHE C 4 7.84 -4.50 10.29
C PHE C 4 6.35 -4.81 10.32
N VAL C 5 5.88 -5.32 11.45
CA VAL C 5 4.46 -5.64 11.61
C VAL C 5 3.88 -4.92 12.82
N LYS C 6 3.01 -3.95 12.56
CA LYS C 6 2.41 -3.18 13.64
C LYS C 6 1.04 -3.74 14.02
N THR C 7 0.78 -3.82 15.32
CA THR C 7 -0.49 -4.35 15.81
C THR C 7 -1.50 -3.21 15.94
N LEU C 8 -2.54 -3.44 16.74
CA LEU C 8 -3.57 -2.43 16.94
C LEU C 8 -3.36 -1.72 18.28
N THR C 9 -2.13 -1.76 18.78
CA THR C 9 -1.81 -1.12 20.05
C THR C 9 -0.49 -0.36 19.94
N GLY C 10 0.12 -0.40 18.76
CA GLY C 10 1.38 0.29 18.54
C GLY C 10 2.56 -0.64 18.80
N LYS C 11 2.36 -1.94 18.57
CA LYS C 11 3.40 -2.92 18.79
C LYS C 11 4.00 -3.37 17.45
N THR C 12 5.25 -2.97 17.21
CA THR C 12 5.94 -3.33 15.97
C THR C 12 6.76 -4.60 16.15
N ILE C 13 6.86 -5.40 15.09
CA ILE C 13 7.62 -6.64 15.15
C ILE C 13 8.44 -6.83 13.88
N THR C 14 9.74 -7.06 14.05
CA THR C 14 10.64 -7.26 12.92
C THR C 14 10.74 -8.74 12.59
N LEU C 15 10.28 -9.12 11.40
CA LEU C 15 10.32 -10.51 10.97
C LEU C 15 11.20 -10.68 9.73
N GLU C 16 12.21 -11.54 9.84
CA GLU C 16 13.11 -11.79 8.72
C GLU C 16 12.47 -12.78 7.75
N VAL C 17 12.30 -12.36 6.49
CA VAL C 17 11.70 -13.22 5.48
C VAL C 17 12.27 -12.92 4.10
N GLU C 18 11.59 -13.43 3.07
CA GLU C 18 12.01 -13.22 1.69
C GLU C 18 10.78 -13.04 0.80
N PRO C 19 10.88 -12.26 -0.24
CA PRO C 19 9.74 -12.00 -1.17
C PRO C 19 9.00 -13.29 -1.56
N SER C 20 9.70 -14.42 -1.50
CA SER C 20 9.09 -15.70 -1.84
C SER C 20 8.25 -16.24 -0.69
N ASP C 21 8.63 -15.89 0.54
CA ASP C 21 7.91 -16.36 1.71
C ASP C 21 6.41 -16.22 1.51
N THR C 22 5.66 -17.25 1.92
CA THR C 22 4.21 -17.24 1.79
C THR C 22 3.57 -16.57 3.00
N ILE C 23 2.56 -15.74 2.74
CA ILE C 23 1.86 -15.05 3.82
C ILE C 23 1.63 -16.00 5.01
N GLU C 24 1.02 -17.15 4.72
CA GLU C 24 0.75 -18.13 5.77
C GLU C 24 2.01 -18.42 6.58
N ASN C 25 3.15 -18.43 5.90
CA ASN C 25 4.42 -18.69 6.58
C ASN C 25 4.72 -17.56 7.56
N VAL C 26 4.46 -16.33 7.13
CA VAL C 26 4.71 -15.17 7.99
C VAL C 26 3.83 -15.25 9.23
N LYS C 27 2.56 -15.57 9.02
CA LYS C 27 1.62 -15.69 10.14
C LYS C 27 2.15 -16.68 11.16
N ALA C 28 2.69 -17.78 10.67
CA ALA C 28 3.24 -18.81 11.56
C ALA C 28 4.38 -18.22 12.40
N LYS C 29 5.27 -17.48 11.75
CA LYS C 29 6.38 -16.87 12.45
C LYS C 29 5.88 -15.99 13.60
N ILE C 30 4.87 -15.18 13.31
CA ILE C 30 4.30 -14.31 14.33
C ILE C 30 3.76 -15.13 15.49
N GLN C 31 3.12 -16.25 15.17
CA GLN C 31 2.57 -17.12 16.20
C GLN C 31 3.68 -17.58 17.14
N ASP C 32 4.86 -17.80 16.60
CA ASP C 32 6.00 -18.24 17.40
C ASP C 32 6.50 -17.10 18.28
N LYS C 33 6.25 -15.87 17.85
CA LYS C 33 6.68 -14.70 18.62
C LYS C 33 5.69 -14.39 19.74
N GLU C 34 4.46 -14.08 19.35
CA GLU C 34 3.42 -13.76 20.34
C GLU C 34 2.71 -15.03 20.79
N GLY C 35 1.48 -15.21 20.32
CA GLY C 35 0.69 -16.37 20.68
C GLY C 35 -0.61 -16.43 19.88
N ILE C 36 -0.70 -15.58 18.87
CA ILE C 36 -1.89 -15.54 18.02
C ILE C 36 -1.82 -16.60 16.93
N PRO C 37 -2.71 -17.58 16.94
CA PRO C 37 -2.69 -18.65 15.91
C PRO C 37 -2.90 -18.08 14.50
N PRO C 38 -2.36 -18.74 13.50
CA PRO C 38 -2.48 -18.28 12.09
C PRO C 38 -3.93 -17.94 11.73
N ASP C 39 -4.80 -18.93 11.80
CA ASP C 39 -6.21 -18.72 11.48
C ASP C 39 -6.72 -17.42 12.09
N GLN C 40 -6.02 -16.95 13.13
CA GLN C 40 -6.41 -15.72 13.81
C GLN C 40 -5.44 -14.58 13.44
N GLN C 41 -4.95 -14.62 12.21
CA GLN C 41 -4.01 -13.58 11.74
C GLN C 41 -4.40 -13.09 10.36
N ARG C 42 -4.18 -11.81 10.11
CA ARG C 42 -4.51 -11.21 8.81
C ARG C 42 -3.66 -9.97 8.58
N LEU C 43 -2.83 -10.01 7.54
CA LEU C 43 -1.96 -8.89 7.23
C LEU C 43 -2.58 -7.98 6.16
N ILE C 44 -2.48 -6.67 6.40
CA ILE C 44 -3.01 -5.68 5.47
C ILE C 44 -1.95 -4.63 5.16
N PHE C 45 -1.60 -4.50 3.89
CA PHE C 45 -0.58 -3.53 3.47
C PHE C 45 -1.22 -2.34 2.76
N ALA C 46 -1.85 -1.46 3.54
CA ALA C 46 -2.49 -0.28 2.97
C ALA C 46 -3.46 -0.66 1.86
N GLY C 47 -4.71 -0.93 2.25
CA GLY C 47 -5.74 -1.31 1.28
C GLY C 47 -5.30 -2.51 0.46
N LYS C 48 -4.67 -3.49 1.13
CA LYS C 48 -4.22 -4.69 0.45
C LYS C 48 -4.23 -5.88 1.40
N GLN C 49 -5.35 -6.61 1.42
CA GLN C 49 -5.48 -7.77 2.28
C GLN C 49 -4.67 -8.94 1.71
N LEU C 50 -3.61 -9.32 2.41
CA LEU C 50 -2.77 -10.42 1.95
C LEU C 50 -3.47 -11.75 2.14
N GLU C 51 -3.49 -12.56 1.08
CA GLU C 51 -4.12 -13.87 1.13
C GLU C 51 -3.20 -14.89 1.80
N ASP C 52 -3.76 -15.97 2.30
CA ASP C 52 -2.98 -17.01 2.96
C ASP C 52 -2.33 -17.94 1.94
N GLY C 53 -2.61 -17.69 0.66
CA GLY C 53 -2.06 -18.53 -0.40
C GLY C 53 -1.26 -17.70 -1.40
N ARG C 54 -0.55 -16.69 -0.90
CA ARG C 54 0.26 -15.83 -1.74
C ARG C 54 1.64 -15.61 -1.13
N THR C 55 2.47 -14.80 -1.78
CA THR C 55 3.82 -14.52 -1.28
C THR C 55 3.99 -13.02 -1.07
N LEU C 56 4.97 -12.66 -0.23
CA LEU C 56 5.24 -11.26 0.04
C LEU C 56 5.63 -10.52 -1.23
N SER C 57 5.69 -11.25 -2.34
CA SER C 57 6.05 -10.65 -3.62
C SER C 57 4.80 -10.29 -4.42
N ASP C 58 3.72 -11.04 -4.22
CA ASP C 58 2.48 -10.79 -4.93
C ASP C 58 1.84 -9.49 -4.42
N TYR C 59 2.60 -8.71 -3.67
CA TYR C 59 2.10 -7.44 -3.14
C TYR C 59 3.17 -6.37 -3.20
N ASN C 60 4.35 -6.74 -3.69
CA ASN C 60 5.46 -5.79 -3.80
C ASN C 60 5.84 -5.27 -2.42
N ILE C 61 6.13 -6.18 -1.50
CA ILE C 61 6.51 -5.80 -0.15
C ILE C 61 8.03 -5.84 0.01
N GLN C 62 8.64 -4.66 0.04
CA GLN C 62 10.10 -4.57 0.17
C GLN C 62 10.51 -4.64 1.64
N LYS C 63 11.77 -4.33 1.91
CA LYS C 63 12.29 -4.37 3.28
C LYS C 63 11.75 -3.20 4.09
N GLU C 64 11.80 -3.34 5.41
CA GLU C 64 11.32 -2.29 6.31
C GLU C 64 9.90 -1.88 5.94
N SER C 65 9.13 -2.82 5.43
CA SER C 65 7.75 -2.54 5.04
C SER C 65 6.81 -2.70 6.23
N THR C 66 5.95 -1.70 6.44
CA THR C 66 5.01 -1.74 7.55
C THR C 66 3.75 -2.50 7.16
N LEU C 67 3.36 -3.47 8.00
CA LEU C 67 2.18 -4.28 7.75
C LEU C 67 1.21 -4.19 8.91
N HIS C 68 -0.07 -3.96 8.60
CA HIS C 68 -1.09 -3.86 9.63
C HIS C 68 -1.61 -5.25 10.00
N LEU C 69 -1.31 -5.69 11.22
CA LEU C 69 -1.74 -7.00 11.68
C LEU C 69 -3.12 -6.92 12.32
N VAL C 70 -4.00 -7.84 11.94
CA VAL C 70 -5.36 -7.87 12.49
C VAL C 70 -5.73 -9.29 12.91
N LEU C 71 -6.42 -9.40 14.03
CA LEU C 71 -6.83 -10.71 14.54
C LEU C 71 -8.12 -11.17 13.85
N ARG C 72 -7.97 -12.05 12.87
CA ARG C 72 -9.12 -12.56 12.13
C ARG C 72 -10.14 -13.19 13.09
N LEU C 73 -11.28 -12.52 13.24
CA LEU C 73 -12.33 -13.01 14.13
C LEU C 73 -13.03 -14.20 13.51
N ARG C 74 -12.58 -15.40 13.86
CA ARG C 74 -13.18 -16.62 13.33
C ARG C 74 -14.35 -17.07 14.20
N GLY C 75 -15.56 -16.94 13.67
CA GLY C 75 -16.76 -17.32 14.42
C GLY C 75 -16.56 -18.66 15.12
N CYS C 76 -16.20 -19.68 14.34
CA CYS C 76 -15.98 -21.01 14.90
C CYS C 76 -14.78 -21.01 15.85
N GLY D 1 -10.01 12.98 18.79
CA GLY D 1 -8.61 12.92 18.36
C GLY D 1 -8.51 12.85 16.83
N THR D 2 -7.90 11.77 16.34
CA THR D 2 -7.75 11.59 14.90
C THR D 2 -9.06 11.14 14.27
N LYS D 3 -10.08 11.99 14.33
CA LYS D 3 -11.37 11.67 13.77
C LYS D 3 -11.72 10.20 14.00
N LYS D 4 -12.25 9.90 15.19
CA LYS D 4 -12.61 8.53 15.52
C LYS D 4 -13.82 8.09 14.71
N TYR D 5 -14.52 7.07 15.21
CA TYR D 5 -15.70 6.56 14.52
C TYR D 5 -16.70 5.98 15.52
N ASP D 6 -17.92 6.51 15.50
CA ASP D 6 -18.95 6.04 16.41
C ASP D 6 -19.59 4.76 15.89
N LEU D 7 -19.04 3.62 16.34
CA LEU D 7 -19.56 2.32 15.91
C LEU D 7 -20.63 1.83 16.87
N SER D 8 -21.53 2.73 17.26
CA SER D 8 -22.60 2.38 18.19
C SER D 8 -23.78 1.76 17.42
N LYS D 9 -23.52 1.30 16.21
CA LYS D 9 -24.57 0.69 15.39
C LYS D 9 -23.98 0.09 14.13
N TRP D 10 -23.48 -1.13 14.25
CA TRP D 10 -22.88 -1.83 13.10
C TRP D 10 -23.41 -3.26 13.02
N LYS D 11 -23.10 -3.94 11.92
CA LYS D 11 -23.55 -5.32 11.72
C LYS D 11 -22.35 -6.25 11.58
N TYR D 12 -22.62 -7.56 11.68
CA TYR D 12 -21.57 -8.56 11.55
C TYR D 12 -20.90 -8.48 10.18
N ALA D 13 -21.72 -8.43 9.14
CA ALA D 13 -21.21 -8.35 7.77
C ALA D 13 -20.36 -7.10 7.59
N GLU D 14 -20.89 -5.96 8.01
CA GLU D 14 -20.17 -4.70 7.88
C GLU D 14 -18.80 -4.78 8.53
N LEU D 15 -18.78 -5.11 9.83
CA LEU D 15 -17.52 -5.20 10.56
C LEU D 15 -16.59 -6.21 9.89
N ARG D 16 -17.07 -7.43 9.71
CA ARG D 16 -16.27 -8.48 9.08
C ARG D 16 -15.72 -7.99 7.73
N ASP D 17 -16.60 -7.42 6.92
CA ASP D 17 -16.20 -6.93 5.62
C ASP D 17 -15.18 -5.79 5.77
N THR D 18 -15.48 -4.85 6.65
CA THR D 18 -14.58 -3.72 6.89
C THR D 18 -13.17 -4.21 7.21
N ILE D 19 -13.08 -5.21 8.08
CA ILE D 19 -11.80 -5.76 8.48
C ILE D 19 -11.23 -6.65 7.37
N ASN D 20 -12.11 -7.19 6.55
CA ASN D 20 -11.68 -8.07 5.46
C ASN D 20 -11.54 -7.30 4.15
N THR D 21 -11.85 -6.00 4.20
CA THR D 21 -11.76 -5.16 3.00
C THR D 21 -11.08 -3.83 3.30
N SER D 22 -11.45 -3.22 4.43
CA SER D 22 -10.87 -1.93 4.81
C SER D 22 -9.45 -2.09 5.33
N CYS D 23 -8.72 -0.98 5.38
CA CYS D 23 -7.34 -0.99 5.86
C CYS D 23 -7.06 0.25 6.69
N ASP D 24 -7.33 0.16 7.99
CA ASP D 24 -7.11 1.28 8.88
C ASP D 24 -7.02 0.80 10.33
N ILE D 25 -5.80 0.65 10.82
CA ILE D 25 -5.57 0.19 12.18
C ILE D 25 -6.59 0.79 13.13
N GLU D 26 -6.85 2.09 12.98
CA GLU D 26 -7.81 2.77 13.84
C GLU D 26 -9.16 2.05 13.80
N LEU D 27 -9.73 1.95 12.61
CA LEU D 27 -11.01 1.28 12.44
C LEU D 27 -10.91 -0.18 12.89
N LEU D 28 -9.91 -0.88 12.37
CA LEU D 28 -9.70 -2.28 12.73
C LEU D 28 -9.71 -2.45 14.24
N ALA D 29 -8.99 -1.58 14.93
CA ALA D 29 -8.93 -1.65 16.40
C ALA D 29 -10.32 -1.46 17.00
N ALA D 30 -11.03 -0.43 16.53
CA ALA D 30 -12.36 -0.15 17.03
C ALA D 30 -13.34 -1.24 16.59
N CYS D 31 -13.09 -1.80 15.41
CA CYS D 31 -13.94 -2.86 14.89
C CYS D 31 -13.85 -4.09 15.78
N ARG D 32 -12.62 -4.46 16.13
CA ARG D 32 -12.40 -5.64 16.98
C ARG D 32 -12.93 -5.40 18.40
N GLU D 33 -12.67 -4.21 18.94
CA GLU D 33 -13.12 -3.91 20.30
C GLU D 33 -14.63 -3.99 20.39
N GLU D 34 -15.33 -3.40 19.44
CA GLU D 34 -16.79 -3.42 19.46
C GLU D 34 -17.29 -4.84 19.20
N PHE D 35 -16.62 -5.56 18.30
CA PHE D 35 -17.00 -6.92 17.98
C PHE D 35 -17.00 -7.77 19.25
N HIS D 36 -15.88 -7.75 19.96
CA HIS D 36 -15.76 -8.52 21.19
C HIS D 36 -16.82 -8.07 22.20
N ARG D 37 -16.87 -6.77 22.45
CA ARG D 37 -17.85 -6.24 23.40
C ARG D 37 -19.24 -6.81 23.12
N ARG D 38 -19.57 -6.93 21.83
CA ARG D 38 -20.87 -7.47 21.44
C ARG D 38 -20.96 -8.95 21.81
N LEU D 39 -19.93 -9.71 21.48
CA LEU D 39 -19.92 -11.14 21.80
C LEU D 39 -19.59 -11.35 23.27
N LYS D 40 -19.13 -10.29 23.94
CA LYS D 40 -18.79 -10.38 25.36
C LYS D 40 -20.04 -10.19 26.21
N VAL D 41 -20.56 -8.97 26.24
CA VAL D 41 -21.75 -8.67 27.03
C VAL D 41 -23.00 -8.84 26.19
N TYR D 42 -24.16 -8.61 26.80
CA TYR D 42 -25.43 -8.75 26.10
C TYR D 42 -26.49 -7.84 26.73
N HIS D 43 -26.04 -6.70 27.26
CA HIS D 43 -26.96 -5.75 27.88
C HIS D 43 -28.02 -6.49 28.70
N GLY A 1 -11.93 26.91 -1.51
CA GLY A 1 -11.49 25.67 -2.13
C GLY A 1 -10.15 25.21 -1.54
N THR A 2 -9.79 25.79 -0.40
CA THR A 2 -8.53 25.43 0.26
C THR A 2 -8.69 24.13 1.02
N LYS A 3 -8.29 23.03 0.39
CA LYS A 3 -8.39 21.71 1.02
C LYS A 3 -7.16 20.87 0.69
N LYS A 4 -6.00 21.37 1.09
CA LYS A 4 -4.74 20.66 0.85
C LYS A 4 -4.43 19.71 2.00
N TYR A 5 -3.33 18.96 1.86
CA TYR A 5 -2.92 18.02 2.90
C TYR A 5 -1.69 18.55 3.66
N ASP A 6 -1.86 18.78 4.95
CA ASP A 6 -0.76 19.29 5.77
C ASP A 6 0.16 18.16 6.18
N LEU A 7 1.20 17.93 5.39
CA LEU A 7 2.16 16.87 5.69
C LEU A 7 3.29 17.40 6.58
N SER A 8 2.92 18.19 7.58
CA SER A 8 3.90 18.76 8.49
C SER A 8 4.31 17.74 9.55
N LYS A 9 4.03 16.46 9.28
CA LYS A 9 4.39 15.40 10.22
C LYS A 9 4.15 14.03 9.60
N TRP A 10 5.12 13.57 8.80
CA TRP A 10 5.02 12.27 8.16
C TRP A 10 6.31 11.48 8.35
N LYS A 11 6.26 10.19 8.04
CA LYS A 11 7.43 9.33 8.19
C LYS A 11 7.84 8.75 6.84
N TYR A 12 9.05 8.17 6.79
CA TYR A 12 9.55 7.58 5.57
C TYR A 12 8.66 6.42 5.12
N ALA A 13 8.33 5.54 6.04
CA ALA A 13 7.48 4.39 5.72
C ALA A 13 6.12 4.85 5.23
N GLU A 14 5.61 5.93 5.81
CA GLU A 14 4.31 6.46 5.42
C GLU A 14 4.36 7.03 4.01
N LEU A 15 5.29 7.95 3.77
CA LEU A 15 5.43 8.57 2.45
C LEU A 15 5.68 7.50 1.39
N ARG A 16 6.74 6.73 1.57
CA ARG A 16 7.08 5.68 0.62
C ARG A 16 5.88 4.77 0.39
N ASP A 17 5.32 4.24 1.48
CA ASP A 17 4.17 3.36 1.37
C ASP A 17 3.06 4.03 0.57
N THR A 18 2.72 5.26 0.95
CA THR A 18 1.67 6.00 0.25
C THR A 18 1.93 6.00 -1.25
N ILE A 19 3.13 6.43 -1.64
CA ILE A 19 3.48 6.48 -3.06
C ILE A 19 3.54 5.07 -3.65
N ASN A 20 3.69 4.07 -2.77
CA ASN A 20 3.77 2.68 -3.23
C ASN A 20 2.46 1.94 -2.98
N THR A 21 1.49 2.62 -2.38
CA THR A 21 0.19 1.99 -2.11
C THR A 21 -0.96 2.95 -2.38
N SER A 22 -0.63 4.18 -2.79
CA SER A 22 -1.65 5.18 -3.08
C SER A 22 -1.64 5.57 -4.54
N CYS A 23 -2.68 6.29 -4.96
CA CYS A 23 -2.80 6.73 -6.35
C CYS A 23 -3.50 8.09 -6.43
N ASP A 24 -2.72 9.15 -6.28
CA ASP A 24 -3.29 10.49 -6.33
C ASP A 24 -2.20 11.53 -6.63
N ILE A 25 -2.19 12.01 -7.87
CA ILE A 25 -1.20 13.01 -8.27
C ILE A 25 -0.99 14.04 -7.17
N GLU A 26 -2.09 14.48 -6.57
CA GLU A 26 -2.01 15.46 -5.50
C GLU A 26 -1.10 14.96 -4.38
N LEU A 27 -1.43 13.79 -3.85
CA LEU A 27 -0.63 13.20 -2.77
C LEU A 27 0.77 12.90 -3.26
N LEU A 28 0.86 12.22 -4.40
CA LEU A 28 2.16 11.86 -4.98
C LEU A 28 3.03 13.10 -5.10
N ALA A 29 2.46 14.19 -5.61
CA ALA A 29 3.20 15.43 -5.77
C ALA A 29 3.62 16.00 -4.42
N ALA A 30 2.68 16.08 -3.49
CA ALA A 30 2.96 16.61 -2.16
C ALA A 30 4.00 15.74 -1.46
N CYS A 31 3.82 14.43 -1.55
CA CYS A 31 4.75 13.50 -0.91
C CYS A 31 6.16 13.72 -1.43
N ARG A 32 6.33 13.69 -2.75
CA ARG A 32 7.64 13.90 -3.35
C ARG A 32 8.22 15.24 -2.91
N GLU A 33 7.37 16.26 -2.88
CA GLU A 33 7.82 17.59 -2.47
C GLU A 33 8.46 17.56 -1.09
N GLU A 34 7.71 17.12 -0.10
CA GLU A 34 8.25 17.06 1.27
C GLU A 34 9.41 16.08 1.35
N PHE A 35 9.32 14.98 0.60
CA PHE A 35 10.37 13.99 0.61
C PHE A 35 11.71 14.61 0.19
N HIS A 36 11.66 15.48 -0.81
CA HIS A 36 12.86 16.14 -1.29
C HIS A 36 13.33 17.19 -0.28
N ARG A 37 12.42 18.07 0.12
CA ARG A 37 12.74 19.11 1.09
C ARG A 37 13.54 18.52 2.25
N ARG A 38 13.04 17.42 2.80
CA ARG A 38 13.71 16.76 3.92
C ARG A 38 15.16 16.48 3.57
N LEU A 39 15.42 16.19 2.30
CA LEU A 39 16.78 15.91 1.85
C LEU A 39 17.54 17.21 1.61
N LYS A 40 16.93 18.12 0.86
CA LYS A 40 17.57 19.40 0.56
C LYS A 40 17.99 20.09 1.86
N VAL A 41 17.02 20.50 2.65
CA VAL A 41 17.30 21.19 3.91
C VAL A 41 18.21 22.38 3.68
N TYR A 42 17.64 23.58 3.77
CA TYR A 42 18.42 24.80 3.57
C TYR A 42 19.24 25.12 4.81
N HIS A 43 20.46 24.62 4.87
CA HIS A 43 21.34 24.86 6.00
C HIS A 43 22.00 26.23 5.89
N MET B 1 -0.70 1.46 -29.64
CA MET B 1 -1.68 2.56 -29.39
C MET B 1 -0.96 3.72 -28.72
N GLN B 2 -1.60 4.90 -28.76
CA GLN B 2 -1.03 6.10 -28.16
C GLN B 2 -1.59 6.29 -26.75
N ILE B 3 -0.73 6.72 -25.82
CA ILE B 3 -1.16 6.94 -24.45
C ILE B 3 -0.62 8.27 -23.92
N PHE B 4 -1.30 8.80 -22.91
CA PHE B 4 -0.89 10.08 -22.30
C PHE B 4 -0.37 9.84 -20.89
N VAL B 5 0.83 10.35 -20.62
CA VAL B 5 1.44 10.19 -19.29
C VAL B 5 1.56 11.55 -18.61
N LYS B 6 0.77 11.76 -17.56
CA LYS B 6 0.79 13.01 -16.82
C LYS B 6 1.69 12.91 -15.60
N THR B 7 2.54 13.91 -15.41
CA THR B 7 3.46 13.93 -14.28
C THR B 7 2.83 14.67 -13.10
N LEU B 8 3.66 15.06 -12.14
CA LEU B 8 3.18 15.77 -10.97
C LEU B 8 3.06 17.27 -11.26
N THR B 9 3.83 17.73 -12.24
CA THR B 9 3.82 19.13 -12.62
C THR B 9 2.67 19.42 -13.58
N GLY B 10 1.88 18.39 -13.87
CA GLY B 10 0.75 18.54 -14.78
C GLY B 10 1.21 18.44 -16.23
N LYS B 11 2.44 17.99 -16.43
CA LYS B 11 2.99 17.84 -17.78
C LYS B 11 2.53 16.54 -18.41
N THR B 12 1.87 16.64 -19.57
CA THR B 12 1.38 15.46 -20.27
C THR B 12 2.33 15.08 -21.40
N ILE B 13 2.64 13.78 -21.49
CA ILE B 13 3.53 13.29 -22.54
C ILE B 13 2.84 12.22 -23.38
N THR B 14 2.89 12.38 -24.70
CA THR B 14 2.28 11.42 -25.61
C THR B 14 3.25 10.30 -25.95
N LEU B 15 3.08 9.16 -25.30
CA LEU B 15 3.96 8.01 -25.55
C LEU B 15 3.32 7.02 -26.51
N GLU B 16 4.03 6.70 -27.59
CA GLU B 16 3.53 5.75 -28.58
C GLU B 16 3.93 4.34 -28.16
N VAL B 17 2.94 3.49 -27.91
CA VAL B 17 3.22 2.12 -27.48
C VAL B 17 2.25 1.13 -28.09
N GLU B 18 2.14 -0.02 -27.45
CA GLU B 18 1.24 -1.09 -27.90
C GLU B 18 0.69 -1.83 -26.69
N PRO B 19 -0.28 -2.70 -26.88
CA PRO B 19 -0.88 -3.47 -25.77
C PRO B 19 0.02 -4.61 -25.29
N SER B 20 1.01 -4.97 -26.11
CA SER B 20 1.94 -6.04 -25.75
C SER B 20 3.26 -5.47 -25.24
N ASP B 21 3.29 -4.15 -25.06
CA ASP B 21 4.51 -3.50 -24.57
C ASP B 21 4.63 -3.67 -23.06
N THR B 22 5.86 -3.87 -22.60
CA THR B 22 6.10 -4.06 -21.17
C THR B 22 6.26 -2.72 -20.47
N ILE B 23 5.74 -2.63 -19.24
CA ILE B 23 5.85 -1.40 -18.47
C ILE B 23 7.29 -0.91 -18.43
N GLU B 24 8.21 -1.83 -18.15
CA GLU B 24 9.63 -1.49 -18.09
C GLU B 24 10.05 -0.79 -19.39
N ASN B 25 9.55 -1.28 -20.51
CA ASN B 25 9.88 -0.69 -21.80
C ASN B 25 9.39 0.75 -21.87
N VAL B 26 8.20 0.99 -21.29
CA VAL B 26 7.63 2.32 -21.28
C VAL B 26 8.51 3.27 -20.47
N LYS B 27 8.86 2.85 -19.27
CA LYS B 27 9.71 3.66 -18.40
C LYS B 27 10.97 4.07 -19.14
N ALA B 28 11.50 3.15 -19.94
CA ALA B 28 12.72 3.42 -20.71
C ALA B 28 12.46 4.52 -21.73
N LYS B 29 11.30 4.46 -22.38
CA LYS B 29 10.95 5.46 -23.37
C LYS B 29 10.91 6.85 -22.75
N ILE B 30 10.31 6.94 -21.57
CA ILE B 30 10.22 8.21 -20.86
C ILE B 30 11.61 8.72 -20.51
N GLN B 31 12.47 7.82 -20.03
CA GLN B 31 13.83 8.19 -19.67
C GLN B 31 14.58 8.75 -20.88
N ASP B 32 14.15 8.35 -22.07
CA ASP B 32 14.79 8.82 -23.30
C ASP B 32 14.21 10.16 -23.72
N LYS B 33 13.02 10.49 -23.22
CA LYS B 33 12.37 11.76 -23.57
C LYS B 33 12.78 12.85 -22.59
N GLU B 34 12.54 12.61 -21.30
CA GLU B 34 12.89 13.59 -20.27
C GLU B 34 14.30 13.36 -19.75
N GLY B 35 14.40 12.83 -18.55
CA GLY B 35 15.70 12.57 -17.94
C GLY B 35 15.55 11.80 -16.63
N ILE B 36 14.42 11.12 -16.49
CA ILE B 36 14.15 10.34 -15.27
C ILE B 36 14.54 8.88 -15.48
N PRO B 37 15.58 8.40 -14.82
CA PRO B 37 16.01 6.99 -14.97
C PRO B 37 14.94 6.01 -14.49
N PRO B 38 14.93 4.81 -15.03
CA PRO B 38 13.93 3.77 -14.65
C PRO B 38 13.77 3.66 -13.14
N ASP B 39 14.84 3.23 -12.46
CA ASP B 39 14.81 3.09 -11.02
C ASP B 39 14.10 4.28 -10.36
N GLN B 40 14.03 5.38 -11.10
CA GLN B 40 13.39 6.59 -10.59
C GLN B 40 12.10 6.88 -11.35
N GLN B 41 11.39 5.82 -11.73
CA GLN B 41 10.14 5.97 -12.47
C GLN B 41 9.06 5.07 -11.89
N ARG B 42 7.80 5.39 -12.18
CA ARG B 42 6.68 4.61 -11.69
C ARG B 42 5.39 5.05 -12.38
N LEU B 43 4.55 4.09 -12.73
CA LEU B 43 3.29 4.40 -13.40
C LEU B 43 2.09 3.92 -12.58
N ILE B 44 1.07 4.76 -12.53
CA ILE B 44 -0.15 4.42 -11.78
C ILE B 44 -1.38 4.64 -12.66
N PHE B 45 -2.17 3.59 -12.83
CA PHE B 45 -3.38 3.69 -13.65
C PHE B 45 -4.51 2.88 -13.03
N ALA B 46 -5.75 3.37 -13.20
CA ALA B 46 -6.91 2.68 -12.64
C ALA B 46 -6.83 2.63 -11.11
N GLY B 47 -6.03 3.53 -10.53
CA GLY B 47 -5.87 3.58 -9.09
C GLY B 47 -5.02 2.42 -8.59
N LYS B 48 -4.09 1.97 -9.44
CA LYS B 48 -3.21 0.87 -9.07
C LYS B 48 -1.83 1.05 -9.71
N GLN B 49 -0.79 0.66 -8.97
CA GLN B 49 0.58 0.79 -9.46
C GLN B 49 0.88 -0.33 -10.46
N LEU B 50 1.49 0.02 -11.58
CA LEU B 50 1.84 -0.96 -12.60
C LEU B 50 3.17 -1.62 -12.29
N GLU B 51 3.24 -2.93 -12.45
CA GLU B 51 4.47 -3.67 -12.19
C GLU B 51 5.42 -3.56 -13.37
N ASP B 52 6.70 -3.82 -13.13
CA ASP B 52 7.70 -3.74 -14.19
C ASP B 52 7.69 -5.01 -15.05
N GLY B 53 7.31 -6.13 -14.43
CA GLY B 53 7.26 -7.41 -15.13
C GLY B 53 5.88 -7.67 -15.72
N ARG B 54 5.26 -6.64 -16.26
CA ARG B 54 3.93 -6.77 -16.85
C ARG B 54 3.83 -5.95 -18.14
N THR B 55 2.67 -6.01 -18.79
CA THR B 55 2.46 -5.27 -20.03
C THR B 55 1.30 -4.29 -19.87
N LEU B 56 1.03 -3.53 -20.94
CA LEU B 56 -0.05 -2.56 -20.91
C LEU B 56 -1.40 -3.24 -21.13
N SER B 57 -1.37 -4.48 -21.57
CA SER B 57 -2.60 -5.23 -21.81
C SER B 57 -3.07 -5.94 -20.55
N ASP B 58 -2.18 -6.02 -19.56
CA ASP B 58 -2.50 -6.68 -18.30
C ASP B 58 -3.24 -5.72 -17.37
N TYR B 59 -3.28 -4.45 -17.75
CA TYR B 59 -3.95 -3.43 -16.95
C TYR B 59 -5.10 -2.80 -17.73
N ASN B 60 -5.50 -3.45 -18.81
CA ASN B 60 -6.59 -2.94 -19.64
C ASN B 60 -6.32 -1.52 -20.10
N ILE B 61 -5.06 -1.10 -20.02
CA ILE B 61 -4.68 0.24 -20.44
C ILE B 61 -4.88 0.41 -21.94
N GLN B 62 -6.07 0.87 -22.32
CA GLN B 62 -6.39 1.07 -23.73
C GLN B 62 -5.67 2.31 -24.27
N ARG B 63 -6.21 2.87 -25.35
CA ARG B 63 -5.62 4.05 -25.97
C ARG B 63 -6.11 5.31 -25.28
N GLU B 64 -5.32 6.38 -25.39
CA GLU B 64 -5.68 7.65 -24.77
C GLU B 64 -5.81 7.49 -23.26
N SER B 65 -5.00 6.61 -22.69
CA SER B 65 -5.04 6.37 -21.24
C SER B 65 -4.17 7.38 -20.51
N THR B 66 -4.71 7.99 -19.46
CA THR B 66 -3.96 8.97 -18.69
C THR B 66 -3.27 8.31 -17.49
N LEU B 67 -1.99 7.98 -17.66
CA LEU B 67 -1.23 7.34 -16.60
C LEU B 67 -0.59 8.38 -15.69
N HIS B 68 -0.33 8.00 -14.45
CA HIS B 68 0.29 8.91 -13.48
C HIS B 68 1.77 8.55 -13.29
N LEU B 69 2.65 9.44 -13.72
CA LEU B 69 4.09 9.19 -13.60
C LEU B 69 4.61 9.75 -12.28
N VAL B 70 5.25 8.88 -11.48
CA VAL B 70 5.79 9.28 -10.20
C VAL B 70 7.26 8.89 -10.09
N LEU B 71 8.08 9.78 -9.55
CA LEU B 71 9.51 9.51 -9.41
C LEU B 71 9.77 8.58 -8.22
N ARG B 72 10.03 7.31 -8.53
CA ARG B 72 10.30 6.34 -7.49
C ARG B 72 11.53 6.74 -6.68
N LEU B 73 11.30 7.42 -5.57
CA LEU B 73 12.41 7.86 -4.71
C LEU B 73 13.18 6.66 -4.17
N ARG B 74 14.50 6.71 -4.31
CA ARG B 74 15.35 5.62 -3.83
C ARG B 74 15.54 5.71 -2.32
N GLY B 75 15.67 4.55 -1.68
CA GLY B 75 15.87 4.52 -0.23
C GLY B 75 15.37 3.20 0.35
N GLY B 76 14.95 3.24 1.61
CA GLY B 76 14.44 2.04 2.27
C GLY B 76 15.58 1.20 2.84
N MET C 1 15.32 -9.93 5.37
CA MET C 1 14.57 -8.65 5.14
C MET C 1 13.72 -8.34 6.36
N GLN C 2 14.10 -7.30 7.09
CA GLN C 2 13.36 -6.89 8.28
C GLN C 2 12.06 -6.18 7.90
N ILE C 3 11.01 -6.39 8.68
CA ILE C 3 9.73 -5.77 8.42
C ILE C 3 9.00 -5.49 9.73
N PHE C 4 8.31 -4.34 9.79
CA PHE C 4 7.59 -3.96 10.99
C PHE C 4 6.13 -4.41 10.90
N VAL C 5 5.60 -4.88 12.02
CA VAL C 5 4.21 -5.33 12.08
C VAL C 5 3.48 -4.67 13.24
N LYS C 6 2.55 -3.78 12.92
CA LYS C 6 1.79 -3.06 13.96
C LYS C 6 0.50 -3.80 14.27
N THR C 7 0.24 -4.02 15.55
CA THR C 7 -0.97 -4.70 15.98
C THR C 7 -2.10 -3.71 16.19
N LEU C 8 -3.09 -4.11 16.98
CA LEU C 8 -4.23 -3.24 17.26
C LEU C 8 -3.89 -2.26 18.38
N THR C 9 -3.07 -2.71 19.32
CA THR C 9 -2.67 -1.86 20.44
C THR C 9 -1.52 -0.95 20.03
N GLY C 10 -1.05 -1.11 18.79
CA GLY C 10 0.05 -0.30 18.29
C GLY C 10 1.40 -0.96 18.56
N LYS C 11 1.37 -2.27 18.80
CA LYS C 11 2.59 -3.01 19.07
C LYS C 11 3.32 -3.33 17.77
N THR C 12 4.53 -2.79 17.63
CA THR C 12 5.32 -3.02 16.42
C THR C 12 6.29 -4.19 16.63
N ILE C 13 6.41 -5.05 15.62
CA ILE C 13 7.30 -6.20 15.70
C ILE C 13 8.20 -6.27 14.47
N THR C 14 9.52 -6.39 14.71
CA THR C 14 10.48 -6.46 13.61
C THR C 14 10.79 -7.93 13.29
N LEU C 15 10.13 -8.45 12.25
CA LEU C 15 10.33 -9.84 11.86
C LEU C 15 11.28 -9.93 10.66
N GLU C 16 12.21 -10.88 10.72
CA GLU C 16 13.16 -11.07 9.64
C GLU C 16 12.63 -12.10 8.64
N VAL C 17 12.49 -11.68 7.38
CA VAL C 17 11.97 -12.57 6.35
C VAL C 17 12.64 -12.30 5.02
N GLU C 18 12.02 -12.79 3.94
CA GLU C 18 12.55 -12.59 2.60
C GLU C 18 11.40 -12.31 1.62
N PRO C 19 11.70 -11.94 0.40
CA PRO C 19 10.65 -11.64 -0.61
C PRO C 19 9.98 -12.91 -1.13
N SER C 20 10.72 -14.00 -1.18
CA SER C 20 10.18 -15.27 -1.67
C SER C 20 9.42 -15.97 -0.54
N ASP C 21 9.35 -15.33 0.63
CA ASP C 21 8.65 -15.91 1.76
C ASP C 21 7.14 -15.81 1.57
N THR C 22 6.42 -16.86 1.93
CA THR C 22 4.97 -16.89 1.79
C THR C 22 4.30 -16.30 3.01
N ILE C 23 3.24 -15.51 2.79
CA ILE C 23 2.51 -14.89 3.89
C ILE C 23 2.23 -15.92 4.97
N GLU C 24 1.93 -17.14 4.57
CA GLU C 24 1.64 -18.20 5.52
C GLU C 24 2.82 -18.41 6.45
N ASN C 25 4.02 -18.45 5.88
CA ASN C 25 5.23 -18.63 6.68
C ASN C 25 5.38 -17.49 7.67
N VAL C 26 5.05 -16.29 7.23
CA VAL C 26 5.14 -15.11 8.08
C VAL C 26 4.21 -15.25 9.27
N LYS C 27 2.98 -15.70 9.01
CA LYS C 27 1.99 -15.88 10.06
C LYS C 27 2.52 -16.84 11.11
N ALA C 28 3.21 -17.88 10.66
CA ALA C 28 3.77 -18.88 11.57
C ALA C 28 4.81 -18.22 12.48
N LYS C 29 5.64 -17.36 11.91
CA LYS C 29 6.66 -16.66 12.68
C LYS C 29 6.02 -15.82 13.78
N ILE C 30 5.00 -15.06 13.40
CA ILE C 30 4.30 -14.22 14.36
C ILE C 30 3.66 -15.07 15.46
N GLN C 31 3.30 -16.31 15.10
CA GLN C 31 2.67 -17.21 16.06
C GLN C 31 3.70 -17.61 17.13
N ASP C 32 4.93 -17.84 16.69
CA ASP C 32 5.99 -18.21 17.62
C ASP C 32 6.35 -17.05 18.54
N LYS C 33 6.10 -15.83 18.06
CA LYS C 33 6.40 -14.64 18.84
C LYS C 33 5.28 -14.37 19.84
N GLU C 34 4.07 -14.15 19.34
CA GLU C 34 2.92 -13.88 20.20
C GLU C 34 2.25 -15.19 20.62
N GLY C 35 1.11 -15.49 19.99
CA GLY C 35 0.38 -16.71 20.30
C GLY C 35 -0.90 -16.82 19.49
N ILE C 36 -1.00 -15.97 18.46
CA ILE C 36 -2.18 -15.98 17.60
C ILE C 36 -2.06 -17.08 16.54
N PRO C 37 -3.00 -17.99 16.46
CA PRO C 37 -2.95 -19.08 15.44
C PRO C 37 -2.88 -18.53 14.02
N PRO C 38 -2.19 -19.21 13.14
CA PRO C 38 -2.06 -18.76 11.72
C PRO C 38 -3.41 -18.46 11.08
N ASP C 39 -4.37 -19.36 11.30
CA ASP C 39 -5.71 -19.19 10.73
C ASP C 39 -6.43 -18.03 11.41
N GLN C 40 -5.68 -17.21 12.14
CA GLN C 40 -6.26 -16.06 12.83
C GLN C 40 -5.32 -14.86 12.76
N GLN C 41 -4.58 -14.75 11.66
CA GLN C 41 -3.64 -13.64 11.49
C GLN C 41 -3.76 -13.04 10.10
N ARG C 42 -4.63 -12.05 9.94
CA ARG C 42 -4.82 -11.39 8.66
C ARG C 42 -3.87 -10.21 8.53
N LEU C 43 -3.14 -10.14 7.41
CA LEU C 43 -2.20 -9.05 7.20
C LEU C 43 -2.70 -8.11 6.10
N ILE C 44 -2.74 -6.82 6.43
CA ILE C 44 -3.19 -5.80 5.49
C ILE C 44 -2.10 -4.75 5.30
N PHE C 45 -1.73 -4.50 4.05
CA PHE C 45 -0.69 -3.51 3.74
C PHE C 45 -1.25 -2.34 2.95
N ALA C 46 -1.98 -1.46 3.63
CA ALA C 46 -2.58 -0.30 2.99
C ALA C 46 -3.41 -0.70 1.78
N GLY C 47 -4.69 -0.98 2.02
CA GLY C 47 -5.60 -1.37 0.95
C GLY C 47 -5.06 -2.57 0.18
N LYS C 48 -4.48 -3.52 0.91
CA LYS C 48 -3.95 -4.71 0.28
C LYS C 48 -4.01 -5.90 1.26
N GLN C 49 -5.11 -6.64 1.20
CA GLN C 49 -5.28 -7.79 2.07
C GLN C 49 -4.41 -8.94 1.58
N LEU C 50 -3.23 -9.09 2.17
CA LEU C 50 -2.32 -10.16 1.77
C LEU C 50 -2.99 -11.52 1.90
N GLU C 51 -2.80 -12.36 0.90
CA GLU C 51 -3.38 -13.70 0.90
C GLU C 51 -2.40 -14.70 1.51
N ASP C 52 -2.92 -15.84 1.93
CA ASP C 52 -2.07 -16.87 2.53
C ASP C 52 -1.28 -17.63 1.46
N GLY C 53 -1.81 -17.62 0.24
CA GLY C 53 -1.16 -18.32 -0.87
C GLY C 53 -0.37 -17.35 -1.75
N ARG C 54 0.33 -16.41 -1.12
CA ARG C 54 1.12 -15.42 -1.85
C ARG C 54 2.45 -15.18 -1.13
N THR C 55 3.30 -14.34 -1.72
CA THR C 55 4.59 -14.03 -1.13
C THR C 55 4.72 -12.54 -0.85
N LEU C 56 5.64 -12.18 0.05
CA LEU C 56 5.84 -10.78 0.39
C LEU C 56 6.26 -9.98 -0.83
N SER C 57 6.86 -10.66 -1.81
CA SER C 57 7.30 -10.00 -3.03
C SER C 57 6.11 -9.65 -3.92
N ASP C 58 5.07 -10.48 -3.85
CA ASP C 58 3.87 -10.25 -4.65
C ASP C 58 3.09 -9.05 -4.15
N TYR C 59 3.75 -8.23 -3.33
CA TYR C 59 3.11 -7.04 -2.78
C TYR C 59 4.09 -5.87 -2.73
N ASN C 60 5.28 -6.08 -3.31
CA ASN C 60 6.29 -5.03 -3.33
C ASN C 60 6.68 -4.64 -1.91
N ILE C 61 6.54 -5.56 -0.97
CA ILE C 61 6.88 -5.28 0.41
C ILE C 61 8.39 -5.38 0.61
N GLN C 62 9.04 -4.21 0.65
CA GLN C 62 10.49 -4.16 0.83
C GLN C 62 10.85 -4.26 2.31
N LYS C 63 12.04 -3.78 2.65
CA LYS C 63 12.50 -3.81 4.04
C LYS C 63 11.93 -2.64 4.82
N GLU C 64 11.96 -2.75 6.15
CA GLU C 64 11.44 -1.70 7.01
C GLU C 64 10.02 -1.31 6.59
N SER C 65 9.29 -2.27 6.02
CA SER C 65 7.93 -2.01 5.58
C SER C 65 6.94 -2.30 6.69
N THR C 66 5.97 -1.39 6.87
CA THR C 66 4.97 -1.55 7.91
C THR C 66 3.88 -2.52 7.47
N LEU C 67 3.27 -3.21 8.42
CA LEU C 67 2.21 -4.17 8.11
C LEU C 67 1.11 -4.10 9.16
N HIS C 68 -0.12 -3.84 8.71
CA HIS C 68 -1.26 -3.76 9.61
C HIS C 68 -1.78 -5.16 9.94
N LEU C 69 -1.48 -5.63 11.14
CA LEU C 69 -1.91 -6.96 11.56
C LEU C 69 -3.30 -6.91 12.18
N VAL C 70 -4.16 -7.83 11.77
CA VAL C 70 -5.53 -7.90 12.29
C VAL C 70 -5.86 -9.32 12.72
N LEU C 71 -6.81 -9.45 13.65
CA LEU C 71 -7.21 -10.77 14.14
C LEU C 71 -8.38 -11.31 13.32
N ARG C 72 -8.10 -12.35 12.53
CA ARG C 72 -9.14 -12.96 11.70
C ARG C 72 -9.93 -13.98 12.51
N LEU C 73 -11.21 -13.71 12.70
CA LEU C 73 -12.07 -14.62 13.47
C LEU C 73 -12.90 -15.49 12.52
N ARG C 74 -13.79 -16.31 13.09
CA ARG C 74 -14.64 -17.17 12.30
C ARG C 74 -15.93 -17.48 13.04
N GLY C 75 -17.05 -17.00 12.48
CA GLY C 75 -18.35 -17.22 13.09
C GLY C 75 -18.76 -18.70 13.00
N CYS C 76 -18.62 -19.41 14.12
CA CYS C 76 -18.97 -20.82 14.15
C CYS C 76 -20.49 -20.99 14.29
N GLY D 1 -9.98 16.88 20.85
CA GLY D 1 -10.02 15.90 19.78
C GLY D 1 -10.74 14.63 20.22
N THR D 2 -10.03 13.50 20.18
CA THR D 2 -10.60 12.22 20.58
C THR D 2 -11.96 12.02 19.92
N LYS D 3 -11.99 11.26 18.84
CA LYS D 3 -13.23 10.99 18.12
C LYS D 3 -13.19 9.61 17.47
N LYS D 4 -13.69 8.61 18.17
CA LYS D 4 -13.71 7.24 17.66
C LYS D 4 -15.01 6.97 16.92
N TYR D 5 -15.16 5.73 16.43
CA TYR D 5 -16.36 5.36 15.71
C TYR D 5 -17.41 4.79 16.66
N ASP D 6 -18.65 5.24 16.50
CA ASP D 6 -19.74 4.77 17.36
C ASP D 6 -20.22 3.39 16.90
N LEU D 7 -19.65 2.35 17.50
CA LEU D 7 -20.02 0.98 17.16
C LEU D 7 -21.02 0.43 18.18
N SER D 8 -22.02 1.24 18.51
CA SER D 8 -23.03 0.83 19.48
C SER D 8 -23.98 -0.21 18.88
N LYS D 9 -24.02 -0.25 17.55
CA LYS D 9 -24.90 -1.21 16.86
C LYS D 9 -24.38 -1.48 15.45
N TRP D 10 -23.72 -2.63 15.28
CA TRP D 10 -23.19 -3.01 13.98
C TRP D 10 -23.63 -4.43 13.62
N LYS D 11 -23.50 -4.79 12.35
CA LYS D 11 -23.88 -6.13 11.89
C LYS D 11 -22.65 -7.02 11.74
N TYR D 12 -22.88 -8.33 11.73
CA TYR D 12 -21.79 -9.29 11.59
C TYR D 12 -21.04 -9.07 10.28
N ALA D 13 -21.80 -9.00 9.18
CA ALA D 13 -21.20 -8.80 7.87
C ALA D 13 -20.49 -7.45 7.79
N GLU D 14 -21.11 -6.43 8.36
CA GLU D 14 -20.52 -5.09 8.35
C GLU D 14 -19.15 -5.10 9.00
N LEU D 15 -19.07 -5.65 10.21
CA LEU D 15 -17.80 -5.72 10.92
C LEU D 15 -16.77 -6.53 10.13
N ARG D 16 -17.14 -7.76 9.78
CA ARG D 16 -16.24 -8.62 9.02
C ARG D 16 -15.85 -7.95 7.71
N ASP D 17 -16.85 -7.53 6.94
CA ASP D 17 -16.60 -6.89 5.66
C ASP D 17 -15.63 -5.73 5.84
N THR D 18 -15.93 -4.85 6.79
CA THR D 18 -15.07 -3.69 7.05
C THR D 18 -13.64 -4.15 7.30
N ILE D 19 -13.50 -5.22 8.08
CA ILE D 19 -12.17 -5.74 8.39
C ILE D 19 -11.59 -6.48 7.18
N ASN D 20 -12.47 -6.93 6.30
CA ASN D 20 -12.04 -7.65 5.11
C ASN D 20 -12.04 -6.72 3.90
N THR D 21 -12.40 -5.46 4.11
CA THR D 21 -12.45 -4.49 3.02
C THR D 21 -11.76 -3.18 3.41
N SER D 22 -11.61 -2.97 4.72
CA SER D 22 -10.97 -1.74 5.21
C SER D 22 -9.56 -2.03 5.71
N CYS D 23 -8.84 -0.95 6.04
CA CYS D 23 -7.48 -1.07 6.53
C CYS D 23 -7.19 0.00 7.57
N ASP D 24 -8.23 0.42 8.29
CA ASP D 24 -8.07 1.44 9.32
C ASP D 24 -7.83 0.79 10.68
N ILE D 25 -6.56 0.67 11.05
CA ILE D 25 -6.19 0.07 12.32
C ILE D 25 -7.17 0.48 13.41
N GLU D 26 -7.55 1.75 13.41
CA GLU D 26 -8.49 2.25 14.41
C GLU D 26 -9.77 1.43 14.39
N LEU D 27 -10.40 1.37 13.22
CA LEU D 27 -11.63 0.60 13.08
C LEU D 27 -11.37 -0.87 13.38
N LEU D 28 -10.35 -1.42 12.73
CA LEU D 28 -10.00 -2.81 12.94
C LEU D 28 -9.88 -3.14 14.42
N ALA D 29 -9.19 -2.27 15.16
CA ALA D 29 -9.01 -2.46 16.59
C ALA D 29 -10.36 -2.35 17.30
N ALA D 30 -11.09 -1.28 17.02
CA ALA D 30 -12.39 -1.07 17.64
C ALA D 30 -13.32 -2.24 17.34
N CYS D 31 -13.29 -2.70 16.10
CA CYS D 31 -14.13 -3.84 15.71
C CYS D 31 -13.76 -5.07 16.52
N ARG D 32 -12.48 -5.42 16.51
CA ARG D 32 -12.02 -6.58 17.26
C ARG D 32 -12.51 -6.49 18.70
N GLU D 33 -12.45 -5.29 19.27
CA GLU D 33 -12.89 -5.09 20.64
C GLU D 33 -14.37 -5.46 20.79
N GLU D 34 -15.21 -4.90 19.92
CA GLU D 34 -16.64 -5.20 19.97
C GLU D 34 -16.92 -6.63 19.52
N PHE D 35 -16.12 -7.11 18.56
CA PHE D 35 -16.30 -8.46 18.05
C PHE D 35 -15.97 -9.49 19.12
N HIS D 36 -14.87 -9.26 19.84
CA HIS D 36 -14.47 -10.19 20.89
C HIS D 36 -15.44 -10.11 22.06
N ARG D 37 -15.70 -8.90 22.53
CA ARG D 37 -16.62 -8.70 23.65
C ARG D 37 -17.96 -9.38 23.36
N ARG D 38 -18.52 -9.08 22.19
CA ARG D 38 -19.80 -9.66 21.81
C ARG D 38 -19.77 -11.18 21.98
N LEU D 39 -18.64 -11.80 21.68
CA LEU D 39 -18.51 -13.24 21.81
C LEU D 39 -18.45 -13.63 23.28
N LYS D 40 -17.42 -13.17 23.97
CA LYS D 40 -17.26 -13.49 25.38
C LYS D 40 -18.55 -13.18 26.14
N VAL D 41 -19.01 -11.93 26.04
CA VAL D 41 -20.23 -11.51 26.72
C VAL D 41 -21.45 -11.74 25.83
N TYR D 42 -22.40 -12.51 26.32
CA TYR D 42 -23.62 -12.79 25.55
C TYR D 42 -24.52 -11.57 25.51
N HIS D 43 -24.19 -10.64 24.63
CA HIS D 43 -24.98 -9.42 24.49
C HIS D 43 -26.37 -9.74 23.96
N GLY A 1 -10.09 25.48 -4.98
CA GLY A 1 -10.96 25.02 -3.91
C GLY A 1 -10.37 23.78 -3.24
N THR A 2 -9.07 23.83 -2.95
CA THR A 2 -8.41 22.70 -2.31
C THR A 2 -6.97 23.07 -1.93
N LYS A 3 -6.62 22.88 -0.66
CA LYS A 3 -5.28 23.20 -0.19
C LYS A 3 -4.38 21.98 -0.26
N LYS A 4 -3.23 22.06 0.41
CA LYS A 4 -2.29 20.94 0.41
C LYS A 4 -2.47 20.10 1.68
N TYR A 5 -1.49 19.24 1.96
CA TYR A 5 -1.55 18.38 3.14
C TYR A 5 -0.24 18.45 3.91
N ASP A 6 -0.35 18.72 5.22
CA ASP A 6 0.83 18.81 6.07
C ASP A 6 1.35 17.42 6.40
N LEU A 7 2.30 16.93 5.60
CA LEU A 7 2.87 15.61 5.82
C LEU A 7 4.09 15.70 6.73
N SER A 8 4.00 16.51 7.78
CA SER A 8 5.10 16.68 8.71
C SER A 8 5.05 15.63 9.81
N LYS A 9 3.84 15.16 10.11
CA LYS A 9 3.67 14.14 11.15
C LYS A 9 3.60 12.75 10.53
N TRP A 10 4.26 12.57 9.40
CA TRP A 10 4.26 11.28 8.72
C TRP A 10 5.61 10.58 8.89
N LYS A 11 5.67 9.31 8.51
CA LYS A 11 6.89 8.53 8.63
C LYS A 11 7.38 8.08 7.26
N TYR A 12 8.61 7.57 7.23
CA TYR A 12 9.20 7.10 5.96
C TYR A 12 8.35 5.97 5.38
N ALA A 13 8.00 5.00 6.21
CA ALA A 13 7.20 3.86 5.75
C ALA A 13 5.86 4.33 5.20
N GLU A 14 5.18 5.18 5.96
CA GLU A 14 3.87 5.70 5.54
C GLU A 14 3.98 6.36 4.16
N LEU A 15 4.85 7.36 4.06
CA LEU A 15 5.03 8.07 2.80
C LEU A 15 5.31 7.09 1.67
N ARG A 16 6.39 6.33 1.81
CA ARG A 16 6.77 5.35 0.79
C ARG A 16 5.59 4.43 0.48
N ASP A 17 4.90 3.99 1.52
CA ASP A 17 3.75 3.11 1.34
C ASP A 17 2.66 3.80 0.54
N THR A 18 2.34 5.04 0.93
CA THR A 18 1.31 5.80 0.25
C THR A 18 1.60 5.89 -1.26
N ILE A 19 2.85 6.20 -1.59
CA ILE A 19 3.24 6.32 -2.99
C ILE A 19 3.29 4.94 -3.65
N ASN A 20 3.61 3.92 -2.87
CA ASN A 20 3.69 2.56 -3.39
C ASN A 20 2.32 1.90 -3.45
N THR A 21 1.39 2.37 -2.62
CA THR A 21 0.04 1.80 -2.60
C THR A 21 -0.97 2.75 -3.22
N SER A 22 -0.86 4.04 -2.89
CA SER A 22 -1.77 5.04 -3.43
C SER A 22 -1.40 5.43 -4.86
N CYS A 23 -2.26 6.22 -5.48
CA CYS A 23 -2.02 6.67 -6.85
C CYS A 23 -2.53 8.09 -7.03
N ASP A 24 -2.81 8.74 -5.90
CA ASP A 24 -3.32 10.11 -5.93
C ASP A 24 -2.20 11.08 -6.29
N ILE A 25 -2.13 11.42 -7.57
CA ILE A 25 -1.11 12.34 -8.05
C ILE A 25 -0.87 13.47 -7.05
N GLU A 26 -1.96 13.98 -6.48
CA GLU A 26 -1.87 15.06 -5.50
C GLU A 26 -0.96 14.63 -4.34
N LEU A 27 -1.34 13.54 -3.68
CA LEU A 27 -0.55 13.04 -2.56
C LEU A 27 0.87 12.71 -3.03
N LEU A 28 0.97 12.08 -4.19
CA LEU A 28 2.28 11.73 -4.73
C LEU A 28 3.20 12.94 -4.73
N ALA A 29 2.66 14.08 -5.14
CA ALA A 29 3.43 15.32 -5.17
C ALA A 29 3.77 15.74 -3.74
N ALA A 30 2.76 15.76 -2.87
CA ALA A 30 2.98 16.14 -1.49
C ALA A 30 4.02 15.24 -0.84
N CYS A 31 3.87 13.94 -1.05
CA CYS A 31 4.82 12.97 -0.48
C CYS A 31 6.21 13.20 -1.06
N ARG A 32 6.27 13.41 -2.37
CA ARG A 32 7.54 13.65 -3.05
C ARG A 32 8.18 14.94 -2.53
N GLU A 33 7.34 15.87 -2.09
CA GLU A 33 7.84 17.15 -1.59
C GLU A 33 8.47 16.95 -0.21
N GLU A 34 7.67 16.51 0.75
CA GLU A 34 8.17 16.28 2.09
C GLU A 34 9.41 15.40 2.05
N PHE A 35 9.42 14.44 1.12
CA PHE A 35 10.57 13.55 1.00
C PHE A 35 11.79 14.33 0.52
N HIS A 36 11.64 15.05 -0.58
CA HIS A 36 12.74 15.85 -1.12
C HIS A 36 13.21 16.87 -0.09
N ARG A 37 12.24 17.53 0.53
CA ARG A 37 12.55 18.54 1.54
C ARG A 37 13.43 17.93 2.64
N ARG A 38 12.95 16.87 3.25
CA ARG A 38 13.69 16.20 4.31
C ARG A 38 15.13 15.94 3.88
N LEU A 39 15.31 15.58 2.61
CA LEU A 39 16.65 15.32 2.09
C LEU A 39 17.35 16.63 1.75
N LYS A 40 16.57 17.68 1.56
CA LYS A 40 17.12 18.99 1.23
C LYS A 40 17.63 19.69 2.50
N VAL A 41 16.97 19.43 3.61
CA VAL A 41 17.36 20.03 4.88
C VAL A 41 18.10 19.02 5.75
N TYR A 42 19.08 19.49 6.50
CA TYR A 42 19.85 18.61 7.38
C TYR A 42 20.54 17.52 6.57
N HIS A 43 20.87 17.84 5.32
CA HIS A 43 21.54 16.88 4.45
C HIS A 43 22.87 16.44 5.05
N MET B 1 -0.73 1.44 -29.61
CA MET B 1 -1.75 2.41 -29.12
C MET B 1 -1.05 3.57 -28.42
N GLN B 2 -1.68 4.74 -28.45
CA GLN B 2 -1.13 5.93 -27.81
C GLN B 2 -1.69 6.10 -26.41
N ILE B 3 -0.81 5.96 -25.40
CA ILE B 3 -1.22 6.12 -24.01
C ILE B 3 -0.82 7.48 -23.48
N PHE B 4 -1.58 7.99 -22.50
CA PHE B 4 -1.30 9.29 -21.90
C PHE B 4 -0.66 9.12 -20.53
N VAL B 5 0.47 9.80 -20.32
CA VAL B 5 1.18 9.73 -19.05
C VAL B 5 1.20 11.11 -18.37
N LYS B 6 0.52 11.21 -17.23
CA LYS B 6 0.46 12.46 -16.50
C LYS B 6 1.68 12.61 -15.60
N THR B 7 2.37 13.75 -15.72
CA THR B 7 3.54 14.02 -14.92
C THR B 7 3.15 14.42 -13.50
N LEU B 8 4.14 14.77 -12.69
CA LEU B 8 3.87 15.16 -11.32
C LEU B 8 3.25 16.55 -11.26
N THR B 9 3.59 17.39 -12.24
CA THR B 9 3.06 18.74 -12.30
C THR B 9 1.65 18.74 -12.89
N GLY B 10 1.46 17.96 -13.95
CA GLY B 10 0.17 17.86 -14.60
C GLY B 10 0.32 17.83 -16.12
N LYS B 11 1.56 17.73 -16.58
CA LYS B 11 1.85 17.69 -18.01
C LYS B 11 1.63 16.29 -18.56
N THR B 12 0.69 16.17 -19.50
CA THR B 12 0.40 14.87 -20.10
C THR B 12 1.34 14.59 -21.26
N ILE B 13 1.68 13.31 -21.44
CA ILE B 13 2.59 12.92 -22.53
C ILE B 13 2.02 11.73 -23.30
N THR B 14 1.91 11.89 -24.61
CA THR B 14 1.38 10.82 -25.45
C THR B 14 2.52 9.92 -25.93
N LEU B 15 2.53 8.67 -25.46
CA LEU B 15 3.57 7.74 -25.85
C LEU B 15 2.99 6.55 -26.62
N GLU B 16 3.57 6.26 -27.78
CA GLU B 16 3.11 5.15 -28.60
C GLU B 16 3.63 3.83 -28.04
N VAL B 17 2.73 2.92 -27.69
CA VAL B 17 3.12 1.64 -27.14
C VAL B 17 2.15 0.54 -27.56
N GLU B 18 2.38 -0.67 -27.06
CA GLU B 18 1.53 -1.80 -27.37
C GLU B 18 1.37 -2.69 -26.14
N PRO B 19 0.27 -3.39 -26.02
CA PRO B 19 0.00 -4.28 -24.85
C PRO B 19 1.19 -5.17 -24.51
N SER B 20 2.00 -5.48 -25.52
CA SER B 20 3.17 -6.34 -25.31
C SER B 20 4.40 -5.52 -24.90
N ASP B 21 4.18 -4.25 -24.55
CA ASP B 21 5.28 -3.39 -24.13
C ASP B 21 5.53 -3.54 -22.64
N THR B 22 6.80 -3.67 -22.28
CA THR B 22 7.17 -3.83 -20.87
C THR B 22 7.27 -2.48 -20.18
N ILE B 23 6.71 -2.38 -18.99
CA ILE B 23 6.74 -1.14 -18.22
C ILE B 23 8.13 -0.52 -18.29
N GLU B 24 9.15 -1.33 -18.03
CA GLU B 24 10.52 -0.84 -18.07
C GLU B 24 10.79 -0.12 -19.40
N ASN B 25 10.22 -0.67 -20.48
CA ASN B 25 10.39 -0.07 -21.79
C ASN B 25 9.75 1.31 -21.82
N VAL B 26 8.61 1.45 -21.15
CA VAL B 26 7.91 2.72 -21.10
C VAL B 26 8.75 3.75 -20.35
N LYS B 27 9.30 3.34 -19.22
CA LYS B 27 10.14 4.23 -18.42
C LYS B 27 11.29 4.77 -19.25
N ALA B 28 11.82 3.91 -20.12
CA ALA B 28 12.93 4.30 -20.99
C ALA B 28 12.47 5.38 -21.97
N LYS B 29 11.32 5.15 -22.60
CA LYS B 29 10.79 6.11 -23.56
C LYS B 29 10.65 7.49 -22.91
N ILE B 30 10.02 7.53 -21.74
CA ILE B 30 9.84 8.79 -21.03
C ILE B 30 11.18 9.44 -20.76
N GLN B 31 12.08 8.69 -20.13
CA GLN B 31 13.40 9.21 -19.80
C GLN B 31 14.00 9.91 -21.03
N ASP B 32 13.65 9.42 -22.21
CA ASP B 32 14.15 10.01 -23.44
C ASP B 32 13.43 11.32 -23.75
N LYS B 33 12.19 11.43 -23.27
CA LYS B 33 11.41 12.64 -23.49
C LYS B 33 11.80 13.72 -22.49
N GLU B 34 11.65 13.43 -21.21
CA GLU B 34 11.99 14.39 -20.16
C GLU B 34 13.47 14.28 -19.80
N GLY B 35 13.75 13.58 -18.71
CA GLY B 35 15.13 13.41 -18.26
C GLY B 35 15.19 12.60 -16.97
N ILE B 36 14.05 12.03 -16.59
CA ILE B 36 13.97 11.24 -15.37
C ILE B 36 14.52 9.82 -15.63
N PRO B 37 15.56 9.42 -14.95
CA PRO B 37 16.15 8.06 -15.14
C PRO B 37 15.13 6.96 -14.83
N PRO B 38 15.26 5.82 -15.46
CA PRO B 38 14.34 4.67 -15.25
C PRO B 38 14.12 4.38 -13.76
N ASP B 39 15.23 4.32 -13.01
CA ASP B 39 15.15 4.04 -11.58
C ASP B 39 14.49 5.19 -10.83
N GLN B 40 13.82 6.08 -11.58
CA GLN B 40 13.14 7.22 -10.97
C GLN B 40 11.81 7.49 -11.67
N GLN B 41 11.22 6.44 -12.23
CA GLN B 41 9.94 6.58 -12.93
C GLN B 41 8.97 5.47 -12.51
N ARG B 42 8.25 5.70 -11.42
CA ARG B 42 7.29 4.72 -10.93
C ARG B 42 5.92 4.98 -11.55
N LEU B 43 5.45 4.02 -12.35
CA LEU B 43 4.15 4.15 -13.00
C LEU B 43 3.05 3.54 -12.14
N ILE B 44 1.98 4.30 -11.93
CA ILE B 44 0.85 3.83 -11.13
C ILE B 44 -0.46 4.02 -11.88
N PHE B 45 -1.37 3.06 -11.72
CA PHE B 45 -2.66 3.12 -12.40
C PHE B 45 -3.78 2.63 -11.47
N ALA B 46 -4.39 3.56 -10.74
CA ALA B 46 -5.48 3.22 -9.83
C ALA B 46 -4.95 2.37 -8.68
N GLY B 47 -4.35 3.03 -7.68
CA GLY B 47 -3.82 2.32 -6.52
C GLY B 47 -3.16 1.00 -6.92
N LYS B 48 -2.38 1.03 -7.99
CA LYS B 48 -1.71 -0.18 -8.46
C LYS B 48 -0.39 0.17 -9.13
N GLN B 49 0.72 -0.22 -8.51
CA GLN B 49 2.04 0.06 -9.06
C GLN B 49 2.37 -0.95 -10.16
N LEU B 50 2.76 -0.44 -11.32
CA LEU B 50 3.10 -1.31 -12.45
C LEU B 50 4.52 -1.85 -12.31
N GLU B 51 4.64 -3.15 -12.15
CA GLU B 51 5.95 -3.78 -12.00
C GLU B 51 6.84 -3.43 -13.19
N ASP B 52 8.16 -3.55 -13.00
CA ASP B 52 9.11 -3.24 -14.05
C ASP B 52 9.34 -4.46 -14.95
N GLY B 53 8.97 -5.64 -14.44
CA GLY B 53 9.15 -6.87 -15.20
C GLY B 53 7.82 -7.40 -15.71
N ARG B 54 6.94 -6.50 -16.14
CA ARG B 54 5.63 -6.88 -16.65
C ARG B 54 5.26 -6.04 -17.87
N THR B 55 4.16 -6.40 -18.53
CA THR B 55 3.71 -5.67 -19.71
C THR B 55 2.43 -4.90 -19.42
N LEU B 56 2.11 -3.95 -20.29
CA LEU B 56 0.90 -3.15 -20.12
C LEU B 56 -0.34 -4.04 -20.11
N SER B 57 -0.36 -5.03 -21.00
CA SER B 57 -1.49 -5.94 -21.09
C SER B 57 -1.80 -6.57 -19.73
N ASP B 58 -0.76 -6.78 -18.93
CA ASP B 58 -0.94 -7.37 -17.61
C ASP B 58 -1.60 -6.38 -16.66
N TYR B 59 -2.20 -5.33 -17.22
CA TYR B 59 -2.87 -4.31 -16.41
C TYR B 59 -4.16 -3.86 -17.09
N ASN B 60 -4.49 -4.48 -18.22
CA ASN B 60 -5.70 -4.14 -18.95
C ASN B 60 -5.65 -2.68 -19.40
N ILE B 61 -4.45 -2.17 -19.59
CA ILE B 61 -4.29 -0.78 -20.04
C ILE B 61 -4.52 -0.67 -21.54
N GLN B 62 -5.68 -0.12 -21.91
CA GLN B 62 -6.02 0.03 -23.32
C GLN B 62 -5.38 1.30 -23.89
N ARG B 63 -5.91 1.76 -25.02
CA ARG B 63 -5.39 2.97 -25.66
C ARG B 63 -5.96 4.22 -25.01
N GLU B 64 -5.31 5.34 -25.25
CA GLU B 64 -5.77 6.62 -24.68
C GLU B 64 -5.97 6.48 -23.18
N SER B 65 -5.31 5.50 -22.58
CA SER B 65 -5.43 5.27 -21.14
C SER B 65 -4.53 6.24 -20.37
N THR B 66 -5.04 6.76 -19.27
CA THR B 66 -4.27 7.70 -18.45
C THR B 66 -3.39 6.94 -17.46
N LEU B 67 -2.22 7.50 -17.17
CA LEU B 67 -1.28 6.88 -16.24
C LEU B 67 -0.72 7.91 -15.28
N HIS B 68 -0.46 7.49 -14.04
CA HIS B 68 0.08 8.39 -13.02
C HIS B 68 1.58 8.18 -12.87
N LEU B 69 2.36 9.14 -13.36
CA LEU B 69 3.82 9.05 -13.27
C LEU B 69 4.31 9.56 -11.92
N VAL B 70 5.35 8.92 -11.40
CA VAL B 70 5.91 9.32 -10.10
C VAL B 70 7.42 9.17 -10.10
N LEU B 71 8.07 9.75 -9.09
CA LEU B 71 9.53 9.66 -8.97
C LEU B 71 9.91 8.65 -7.90
N ARG B 72 10.30 7.46 -8.33
CA ARG B 72 10.69 6.41 -7.38
C ARG B 72 11.89 6.86 -6.54
N LEU B 73 11.64 7.17 -5.28
CA LEU B 73 12.70 7.61 -4.39
C LEU B 73 13.45 6.41 -3.83
N ARG B 74 14.68 6.66 -3.36
CA ARG B 74 15.50 5.59 -2.80
C ARG B 74 14.80 4.97 -1.59
N GLY B 75 14.73 3.64 -1.58
CA GLY B 75 14.09 2.93 -0.48
C GLY B 75 14.20 1.42 -0.67
N GLY B 76 15.33 0.97 -1.21
CA GLY B 76 15.55 -0.45 -1.44
C GLY B 76 16.14 -1.12 -0.21
N MET C 1 14.80 -9.68 4.21
CA MET C 1 14.28 -8.28 4.26
C MET C 1 13.49 -8.08 5.55
N GLN C 2 14.03 -7.24 6.43
CA GLN C 2 13.37 -6.96 7.70
C GLN C 2 12.11 -6.11 7.50
N ILE C 3 10.95 -6.73 7.64
CA ILE C 3 9.69 -6.02 7.47
C ILE C 3 9.05 -5.73 8.83
N PHE C 4 8.39 -4.58 8.94
CA PHE C 4 7.75 -4.19 10.18
C PHE C 4 6.25 -4.51 10.13
N VAL C 5 5.76 -5.19 11.16
CA VAL C 5 4.34 -5.54 11.23
C VAL C 5 3.67 -4.81 12.38
N LYS C 6 2.80 -3.86 12.04
CA LYS C 6 2.10 -3.08 13.06
C LYS C 6 0.88 -3.84 13.57
N THR C 7 0.53 -3.61 14.83
CA THR C 7 -0.61 -4.27 15.44
C THR C 7 -1.55 -3.24 16.07
N LEU C 8 -2.77 -3.67 16.37
CA LEU C 8 -3.76 -2.77 16.97
C LEU C 8 -3.13 -1.97 18.11
N THR C 9 -2.60 -2.69 19.10
CA THR C 9 -1.98 -2.04 20.24
C THR C 9 -0.86 -1.10 19.79
N GLY C 10 -0.59 -1.10 18.49
CA GLY C 10 0.45 -0.24 17.94
C GLY C 10 1.81 -0.93 18.00
N LYS C 11 1.83 -2.11 18.61
CA LYS C 11 3.08 -2.87 18.73
C LYS C 11 3.60 -3.26 17.35
N THR C 12 4.87 -2.95 17.09
CA THR C 12 5.49 -3.27 15.81
C THR C 12 6.43 -4.46 15.95
N ILE C 13 6.44 -5.34 14.95
CA ILE C 13 7.30 -6.52 14.97
C ILE C 13 8.16 -6.57 13.71
N THR C 14 9.47 -6.77 13.91
CA THR C 14 10.40 -6.83 12.78
C THR C 14 10.70 -8.28 12.42
N LEU C 15 10.13 -8.74 11.31
CA LEU C 15 10.35 -10.12 10.88
C LEU C 15 11.42 -10.18 9.78
N GLU C 16 12.38 -11.09 9.93
CA GLU C 16 13.44 -11.24 8.96
C GLU C 16 13.02 -12.23 7.87
N VAL C 17 12.15 -11.77 6.97
CA VAL C 17 11.66 -12.63 5.89
C VAL C 17 12.41 -12.35 4.58
N GLU C 18 11.80 -12.75 3.48
CA GLU C 18 12.38 -12.56 2.16
C GLU C 18 11.26 -12.36 1.13
N PRO C 19 11.60 -11.97 -0.08
CA PRO C 19 10.58 -11.75 -1.15
C PRO C 19 10.00 -13.06 -1.69
N SER C 20 10.64 -14.17 -1.34
CA SER C 20 10.16 -15.49 -1.79
C SER C 20 9.44 -16.21 -0.67
N ASP C 21 9.21 -15.51 0.45
CA ASP C 21 8.53 -16.09 1.58
C ASP C 21 7.02 -16.02 1.40
N THR C 22 6.32 -17.10 1.76
CA THR C 22 4.88 -17.15 1.63
C THR C 22 4.20 -16.52 2.84
N ILE C 23 3.14 -15.76 2.58
CA ILE C 23 2.39 -15.11 3.65
C ILE C 23 2.13 -16.08 4.80
N GLU C 24 1.82 -17.33 4.44
CA GLU C 24 1.55 -18.34 5.45
C GLU C 24 2.74 -18.51 6.37
N ASN C 25 3.93 -18.56 5.79
CA ASN C 25 5.15 -18.71 6.58
C ASN C 25 5.31 -17.52 7.54
N VAL C 26 4.98 -16.33 7.04
CA VAL C 26 5.08 -15.14 7.85
C VAL C 26 4.14 -15.24 9.05
N LYS C 27 2.92 -15.71 8.80
CA LYS C 27 1.94 -15.87 9.87
C LYS C 27 2.50 -16.77 10.96
N ALA C 28 3.19 -17.83 10.55
CA ALA C 28 3.78 -18.77 11.51
C ALA C 28 4.82 -18.05 12.37
N LYS C 29 5.61 -17.19 11.74
CA LYS C 29 6.65 -16.46 12.46
C LYS C 29 6.03 -15.58 13.54
N ILE C 30 5.03 -14.80 13.16
CA ILE C 30 4.35 -13.91 14.11
C ILE C 30 3.78 -14.72 15.27
N GLN C 31 3.12 -15.82 14.94
CA GLN C 31 2.52 -16.67 15.96
C GLN C 31 3.58 -17.14 16.95
N ASP C 32 4.82 -17.26 16.47
CA ASP C 32 5.91 -17.69 17.33
C ASP C 32 6.30 -16.58 18.30
N LYS C 33 6.30 -15.34 17.81
CA LYS C 33 6.64 -14.20 18.65
C LYS C 33 5.54 -13.94 19.66
N GLU C 34 4.35 -13.62 19.17
CA GLU C 34 3.21 -13.35 20.04
C GLU C 34 2.58 -14.65 20.53
N GLY C 35 1.45 -15.02 19.93
CA GLY C 35 0.76 -16.24 20.33
C GLY C 35 -0.52 -16.43 19.53
N ILE C 36 -0.77 -15.50 18.60
CA ILE C 36 -1.97 -15.56 17.77
C ILE C 36 -1.84 -16.67 16.72
N PRO C 37 -2.74 -17.62 16.68
CA PRO C 37 -2.68 -18.72 15.70
C PRO C 37 -2.67 -18.19 14.26
N PRO C 38 -2.09 -18.93 13.34
CA PRO C 38 -2.01 -18.51 11.92
C PRO C 38 -3.37 -18.06 11.38
N ASP C 39 -4.30 -19.01 11.26
CA ASP C 39 -5.64 -18.71 10.75
C ASP C 39 -6.17 -17.41 11.35
N GLN C 40 -5.63 -17.04 12.52
CA GLN C 40 -6.06 -15.81 13.18
C GLN C 40 -5.06 -14.69 12.95
N GLN C 41 -4.41 -14.70 11.80
CA GLN C 41 -3.41 -13.67 11.47
C GLN C 41 -3.62 -13.15 10.05
N ARG C 42 -4.55 -12.21 9.90
CA ARG C 42 -4.82 -11.63 8.59
C ARG C 42 -3.93 -10.41 8.35
N LEU C 43 -3.13 -10.47 7.29
CA LEU C 43 -2.21 -9.37 6.97
C LEU C 43 -2.82 -8.47 5.90
N ILE C 44 -2.81 -7.16 6.19
CA ILE C 44 -3.35 -6.18 5.25
C ILE C 44 -2.32 -5.08 4.99
N PHE C 45 -1.92 -4.92 3.74
CA PHE C 45 -0.93 -3.91 3.38
C PHE C 45 -1.60 -2.68 2.78
N ALA C 46 -2.17 -1.84 3.64
CA ALA C 46 -2.85 -0.64 3.17
C ALA C 46 -3.90 -0.96 2.12
N GLY C 47 -5.06 -1.41 2.58
CA GLY C 47 -6.16 -1.75 1.67
C GLY C 47 -5.74 -2.85 0.71
N LYS C 48 -5.03 -3.86 1.22
CA LYS C 48 -4.59 -4.97 0.39
C LYS C 48 -4.47 -6.25 1.22
N GLN C 49 -5.55 -7.03 1.24
CA GLN C 49 -5.55 -8.27 1.99
C GLN C 49 -4.62 -9.28 1.33
N LEU C 50 -3.59 -9.71 2.05
CA LEU C 50 -2.64 -10.67 1.52
C LEU C 50 -3.19 -12.09 1.59
N GLU C 51 -2.98 -12.87 0.53
CA GLU C 51 -3.46 -14.24 0.47
C GLU C 51 -2.49 -15.17 1.21
N ASP C 52 -2.99 -16.33 1.61
CA ASP C 52 -2.17 -17.30 2.34
C ASP C 52 -1.42 -18.21 1.36
N GLY C 53 -1.71 -18.05 0.07
CA GLY C 53 -1.07 -18.87 -0.95
C GLY C 53 -0.25 -18.01 -1.92
N ARG C 54 0.36 -16.96 -1.39
CA ARG C 54 1.18 -16.06 -2.21
C ARG C 54 2.44 -15.66 -1.46
N THR C 55 3.37 -15.00 -2.16
CA THR C 55 4.62 -14.57 -1.54
C THR C 55 4.64 -13.06 -1.36
N LEU C 56 5.56 -12.57 -0.53
CA LEU C 56 5.67 -11.14 -0.28
C LEU C 56 6.02 -10.39 -1.56
N SER C 57 6.81 -11.04 -2.41
CA SER C 57 7.23 -10.42 -3.67
C SER C 57 6.01 -10.12 -4.55
N ASP C 58 5.08 -11.05 -4.61
CA ASP C 58 3.88 -10.87 -5.41
C ASP C 58 3.23 -9.53 -5.11
N TYR C 59 3.19 -9.16 -3.84
CA TYR C 59 2.60 -7.89 -3.43
C TYR C 59 3.61 -6.76 -3.54
N ASN C 60 4.81 -7.09 -3.99
CA ASN C 60 5.86 -6.09 -4.15
C ASN C 60 6.20 -5.44 -2.80
N ILE C 61 5.97 -6.19 -1.72
CA ILE C 61 6.27 -5.67 -0.39
C ILE C 61 7.78 -5.56 -0.19
N GLN C 62 8.28 -4.33 -0.14
CA GLN C 62 9.71 -4.11 0.04
C GLN C 62 10.10 -4.26 1.51
N LYS C 63 11.34 -3.89 1.83
CA LYS C 63 11.84 -3.98 3.20
C LYS C 63 11.36 -2.80 4.02
N GLU C 64 11.41 -2.96 5.35
CA GLU C 64 10.98 -1.90 6.25
C GLU C 64 9.55 -1.47 5.96
N SER C 65 8.76 -2.40 5.43
CA SER C 65 7.36 -2.13 5.11
C SER C 65 6.49 -2.28 6.34
N THR C 66 5.62 -1.30 6.59
CA THR C 66 4.73 -1.35 7.74
C THR C 66 3.41 -2.03 7.36
N LEU C 67 3.28 -3.29 7.74
CA LEU C 67 2.07 -4.06 7.43
C LEU C 67 1.03 -3.84 8.53
N HIS C 68 -0.21 -4.22 8.23
CA HIS C 68 -1.30 -4.07 9.19
C HIS C 68 -1.83 -5.44 9.60
N LEU C 69 -1.41 -5.90 10.78
CA LEU C 69 -1.84 -7.20 11.28
C LEU C 69 -3.23 -7.11 11.91
N VAL C 70 -4.03 -8.16 11.70
CA VAL C 70 -5.38 -8.19 12.26
C VAL C 70 -5.73 -9.61 12.71
N LEU C 71 -6.68 -9.72 13.63
CA LEU C 71 -7.10 -11.01 14.15
C LEU C 71 -8.38 -11.48 13.44
N ARG C 72 -8.22 -12.34 12.44
CA ARG C 72 -9.36 -12.84 11.70
C ARG C 72 -10.41 -13.41 12.66
N LEU C 73 -11.46 -12.63 12.90
CA LEU C 73 -12.52 -13.06 13.79
C LEU C 73 -13.41 -14.09 13.11
N ARG C 74 -13.89 -15.07 13.87
CA ARG C 74 -14.75 -16.10 13.32
C ARG C 74 -15.23 -17.04 14.43
N GLY C 75 -16.13 -17.96 14.07
CA GLY C 75 -16.66 -18.91 15.04
C GLY C 75 -17.84 -19.67 14.47
N CYS C 76 -18.51 -19.07 13.49
CA CYS C 76 -19.67 -19.69 12.86
C CYS C 76 -19.27 -21.00 12.19
N GLY D 1 -9.58 17.87 13.50
CA GLY D 1 -8.93 16.70 12.93
C GLY D 1 -8.85 15.58 13.95
N THR D 2 -9.94 15.36 14.68
CA THR D 2 -9.98 14.31 15.69
C THR D 2 -11.43 13.87 15.94
N LYS D 3 -11.81 12.77 15.31
CA LYS D 3 -13.17 12.24 15.47
C LYS D 3 -13.15 10.72 15.50
N LYS D 4 -13.69 10.14 16.57
CA LYS D 4 -13.73 8.69 16.71
C LYS D 4 -14.85 8.11 15.84
N TYR D 5 -14.87 6.78 15.73
CA TYR D 5 -15.88 6.10 14.94
C TYR D 5 -17.09 5.74 15.82
N ASP D 6 -18.27 6.19 15.39
CA ASP D 6 -19.48 5.91 16.15
C ASP D 6 -19.98 4.49 15.85
N LEU D 7 -19.57 3.54 16.68
CA LEU D 7 -19.97 2.15 16.52
C LEU D 7 -20.97 1.76 17.59
N SER D 8 -21.96 2.62 17.82
CA SER D 8 -22.97 2.35 18.83
C SER D 8 -23.81 1.13 18.46
N LYS D 9 -23.96 0.89 17.17
CA LYS D 9 -24.74 -0.25 16.70
C LYS D 9 -24.36 -0.62 15.27
N TRP D 10 -23.63 -1.73 15.14
CA TRP D 10 -23.20 -2.20 13.82
C TRP D 10 -23.71 -3.62 13.57
N LYS D 11 -23.31 -4.20 12.45
CA LYS D 11 -23.74 -5.56 12.10
C LYS D 11 -22.53 -6.46 11.90
N TYR D 12 -22.77 -7.77 11.91
CA TYR D 12 -21.69 -8.74 11.72
C TYR D 12 -21.08 -8.60 10.33
N ALA D 13 -21.94 -8.58 9.32
CA ALA D 13 -21.47 -8.44 7.94
C ALA D 13 -20.74 -7.12 7.74
N GLU D 14 -21.21 -6.08 8.42
CA GLU D 14 -20.60 -4.76 8.31
C GLU D 14 -19.21 -4.76 8.94
N LEU D 15 -19.13 -5.16 10.19
CA LEU D 15 -17.85 -5.20 10.89
C LEU D 15 -16.86 -6.11 10.16
N ARG D 16 -17.26 -7.36 9.96
CA ARG D 16 -16.40 -8.32 9.28
C ARG D 16 -15.96 -7.77 7.93
N ASP D 17 -16.92 -7.26 7.16
CA ASP D 17 -16.62 -6.71 5.85
C ASP D 17 -15.63 -5.55 5.96
N THR D 18 -15.90 -4.63 6.87
CA THR D 18 -15.02 -3.48 7.07
C THR D 18 -13.59 -3.93 7.28
N ILE D 19 -13.41 -4.90 8.17
CA ILE D 19 -12.07 -5.41 8.47
C ILE D 19 -11.51 -6.17 7.27
N ASN D 20 -12.39 -6.80 6.50
CA ASN D 20 -11.97 -7.57 5.33
C ASN D 20 -11.90 -6.69 4.09
N THR D 21 -12.47 -5.49 4.18
CA THR D 21 -12.47 -4.57 3.05
C THR D 21 -11.67 -3.31 3.36
N SER D 22 -11.40 -3.09 4.65
CA SER D 22 -10.65 -1.92 5.08
C SER D 22 -9.27 -2.32 5.59
N CYS D 23 -8.50 -1.32 6.03
CA CYS D 23 -7.16 -1.56 6.54
C CYS D 23 -6.81 -0.52 7.60
N ASP D 24 -7.81 0.26 7.98
CA ASP D 24 -7.61 1.31 8.98
C ASP D 24 -7.39 0.70 10.35
N ILE D 25 -6.12 0.51 10.70
CA ILE D 25 -5.78 -0.08 11.99
C ILE D 25 -6.71 0.43 13.09
N GLU D 26 -7.01 1.73 13.04
CA GLU D 26 -7.89 2.33 14.03
C GLU D 26 -9.23 1.59 14.07
N LEU D 27 -9.86 1.48 12.90
CA LEU D 27 -11.14 0.79 12.81
C LEU D 27 -10.98 -0.68 13.20
N LEU D 28 -9.86 -1.27 12.80
CA LEU D 28 -9.59 -2.67 13.12
C LEU D 28 -9.65 -2.88 14.62
N ALA D 29 -9.03 -1.97 15.37
CA ALA D 29 -9.02 -2.07 16.82
C ALA D 29 -10.42 -1.84 17.39
N ALA D 30 -11.07 -0.77 16.94
CA ALA D 30 -12.42 -0.46 17.41
C ALA D 30 -13.38 -1.58 17.04
N CYS D 31 -13.29 -2.06 15.80
CA CYS D 31 -14.15 -3.14 15.34
C CYS D 31 -13.91 -4.39 16.17
N ARG D 32 -12.65 -4.81 16.25
CA ARG D 32 -12.30 -6.00 17.01
C ARG D 32 -12.84 -5.89 18.44
N GLU D 33 -12.77 -4.69 19.00
CA GLU D 33 -13.26 -4.46 20.36
C GLU D 33 -14.76 -4.73 20.43
N GLU D 34 -15.55 -3.96 19.70
CA GLU D 34 -16.99 -4.14 19.71
C GLU D 34 -17.37 -5.56 19.27
N PHE D 35 -16.59 -6.10 18.33
CA PHE D 35 -16.85 -7.44 17.84
C PHE D 35 -16.79 -8.46 18.97
N HIS D 36 -15.72 -8.40 19.76
CA HIS D 36 -15.55 -9.32 20.88
C HIS D 36 -16.51 -8.97 22.01
N ARG D 37 -16.48 -7.71 22.45
CA ARG D 37 -17.35 -7.27 23.52
C ARG D 37 -18.77 -7.76 23.30
N ARG D 38 -19.24 -7.64 22.06
CA ARG D 38 -20.59 -8.07 21.73
C ARG D 38 -20.77 -9.55 22.04
N LEU D 39 -19.68 -10.30 22.00
CA LEU D 39 -19.73 -11.73 22.29
C LEU D 39 -19.46 -11.99 23.77
N LYS D 40 -18.42 -11.34 24.30
CA LYS D 40 -18.06 -11.51 25.71
C LYS D 40 -19.19 -11.00 26.60
N VAL D 41 -19.52 -9.72 26.44
CA VAL D 41 -20.59 -9.11 27.23
C VAL D 41 -21.94 -9.72 26.88
N TYR D 42 -22.61 -10.27 27.88
CA TYR D 42 -23.92 -10.89 27.66
C TYR D 42 -24.98 -9.81 27.41
N HIS D 43 -24.59 -8.76 26.70
CA HIS D 43 -25.51 -7.67 26.40
C HIS D 43 -26.85 -8.22 25.91
#